data_3OBA
#
_entry.id   3OBA
#
_cell.length_a   140.030
_cell.length_b   153.340
_cell.length_c   216.160
_cell.angle_alpha   90.000
_cell.angle_beta   90.000
_cell.angle_gamma   90.000
#
_symmetry.space_group_name_H-M   'P 21 21 21'
#
loop_
_entity.id
_entity.type
_entity.pdbx_description
1 polymer Beta-galactosidase
2 non-polymer 'MANGANESE (III) ION'
3 non-polymer GLYCEROL
4 water water
#
_entity_poly.entity_id   1
_entity_poly.type   'polypeptide(L)'
_entity_poly.pdbx_seq_one_letter_code
;DYKDDDDKSCLIPENLRNPKKVHENRLPTRAYYYDQDIFESLNGPWAFALFDAPLDAPDAKNLDWETAKKWSTISVPSHW
ELQEDWKYGKPIYTNVQYPIPIDIPNPPTVNPTGVYARTFELDSKSIESFEHRLRFEGVDNCYELYVNGQYVGFNKGSRN
GAEFDIQKYVSEGENLVVVKVFKWSDSTYIEDQDQWWLSGIYRDVSLLKLPKKAHIEDVRVTTTFVDSQYQDAELSVKVD
VQGSSYDHINFTLYEPEDGSKVYDASSLLNEENGNTTFSTKEFISFSTKKNEETAFKINVKAPEHWTAENPTLYKYQLDL
IGSDGSVIQSIKHHVGFRQVELKDGNITVNGKDILFRGVNRHDHHPRFGRAVPLDFVVRDLILMKKFNINAVRNSHYPNH
PKVYDLFDKLGFWVIDEADLETHGVQEPFNRHTNLEAEYPDTKNKLYDVNAHYLSDNPEYEVAYLDRASQLVLRDVNHPS
IIIWSLGNEACYGRNHKAMYKLIKQLDPTRLVHYEGDLNALSADIFSFMYPTFEIMERWRKNHTDENGKFEKPLILCEYG
HAMGNGPGSLKEYQELFYKEKFYQGGFIWEWANHGIEFEDVSTADGKLHKAYAYGGDFKEEVHDGVFIMDGLCNSEHNPT
PGLVEYKKVIEPVHIKIAHGSVTITNKHDFITTDHLLFIDKDTGKTIDVPSLKPEESVTIPSDTTYVVAVLKDDAGVLKA
GHEIAWGQAELPLKVPDFVTETAEKAAKINDGKRYVSVESSGLHFILDKLLGKIESLKVKGKEISSKFEGSSITFWRPPT
NNDEPRDFKNWKKYNIDLMKQNIHGVSVEKGSNGSLAVVTVNSRISPVVFYYGFETVQKYTIFANKINLNTSMKLTGEYQ
PPDFPRVGYEFWLGDSYESFEWLGRGPGESYPDKKESQRFGLYDSKDVEEFVYDYPQENGNHTDTHFLNIKFEGAGKLSI
FQKEKPFNFKISDEYGVDEAAHACDVKRYGRHYLRLDHAIHGVGSEACGPAVLDQYRLKAQDFNFEFDLAFE
;
_entity_poly.pdbx_strand_id   A,C,D,B
#
# COMPACT_ATOMS: atom_id res chain seq x y z
N SER A 9 4.98 46.81 -34.84
CA SER A 9 4.23 45.52 -34.76
C SER A 9 2.74 45.83 -34.64
N CYS A 10 2.03 45.80 -35.75
CA CYS A 10 0.60 46.02 -35.75
C CYS A 10 -0.23 44.77 -35.42
N LEU A 11 0.41 43.60 -35.32
CA LEU A 11 -0.31 42.38 -34.92
C LEU A 11 -0.30 42.15 -33.41
N ILE A 12 0.39 43.04 -32.71
CA ILE A 12 0.39 43.09 -31.25
C ILE A 12 -0.07 44.48 -30.84
N PRO A 13 -1.16 44.56 -30.06
CA PRO A 13 -1.69 45.86 -29.62
C PRO A 13 -0.62 46.68 -28.91
N GLU A 14 -0.69 47.99 -29.12
CA GLU A 14 0.31 48.94 -28.62
C GLU A 14 0.52 48.88 -27.11
N ASN A 15 -0.56 48.68 -26.36
CA ASN A 15 -0.48 48.75 -24.89
C ASN A 15 0.13 47.51 -24.22
N LEU A 16 0.24 46.42 -24.98
CA LEU A 16 0.83 45.19 -24.47
C LEU A 16 2.33 45.13 -24.77
N ARG A 17 2.83 46.16 -25.45
CA ARG A 17 4.24 46.25 -25.79
C ARG A 17 4.77 47.65 -25.53
N ASN A 18 4.20 48.30 -24.53
CA ASN A 18 4.66 49.61 -24.09
C ASN A 18 4.96 49.59 -22.60
N PRO A 19 6.25 49.59 -22.24
CA PRO A 19 6.69 49.52 -20.84
C PRO A 19 6.26 50.74 -20.05
N LYS A 20 6.01 51.85 -20.74
CA LYS A 20 5.55 53.08 -20.08
C LYS A 20 4.05 53.12 -19.81
N LYS A 21 3.27 52.34 -20.56
CA LYS A 21 1.82 52.23 -20.34
C LYS A 21 1.54 51.34 -19.16
N VAL A 22 1.88 51.86 -17.99
CA VAL A 22 1.68 51.16 -16.73
C VAL A 22 0.19 51.06 -16.37
N HIS A 23 -0.56 52.10 -16.73
CA HIS A 23 -2.01 52.12 -16.57
C HIS A 23 -2.59 53.23 -17.45
N GLU A 24 -3.91 53.21 -17.60
CA GLU A 24 -4.60 54.37 -18.13
C GLU A 24 -5.81 54.64 -17.25
N ASN A 25 -5.88 55.85 -16.70
CA ASN A 25 -6.98 56.30 -15.82
C ASN A 25 -7.10 55.64 -14.44
N ARG A 26 -6.06 54.94 -14.00
CA ARG A 26 -6.05 54.39 -12.64
C ARG A 26 -5.94 55.53 -11.63
N LEU A 27 -6.73 55.47 -10.57
CA LEU A 27 -6.63 56.44 -9.49
C LEU A 27 -5.28 56.30 -8.74
N PRO A 28 -4.81 57.39 -8.11
CA PRO A 28 -3.59 57.29 -7.32
C PRO A 28 -3.76 56.27 -6.19
N THR A 29 -2.73 55.49 -5.92
CA THR A 29 -2.73 54.52 -4.83
C THR A 29 -2.93 55.23 -3.48
N ARG A 30 -3.79 54.65 -2.64
CA ARG A 30 -4.07 55.15 -1.31
C ARG A 30 -3.98 54.03 -0.29
N ALA A 31 -3.93 54.37 0.99
CA ALA A 31 -3.88 53.35 2.03
C ALA A 31 -5.15 52.49 1.99
N TYR A 32 -4.99 51.18 2.07
CA TYR A 32 -6.12 50.28 1.99
C TYR A 32 -6.86 50.17 3.31
N TYR A 33 -8.17 50.42 3.25
CA TYR A 33 -9.07 50.13 4.36
C TYR A 33 -10.33 49.48 3.81
N TYR A 34 -10.66 48.31 4.33
CA TYR A 34 -11.92 47.68 3.99
C TYR A 34 -13.04 48.28 4.83
N ASP A 35 -14.11 48.69 4.16
CA ASP A 35 -15.30 49.20 4.81
C ASP A 35 -16.53 48.57 4.20
N GLN A 36 -17.28 47.85 5.02
CA GLN A 36 -18.44 47.08 4.60
C GLN A 36 -19.52 47.96 3.96
N ASP A 37 -19.68 49.18 4.46
CA ASP A 37 -20.66 50.14 3.92
C ASP A 37 -20.24 50.71 2.56
N ILE A 38 -18.94 50.70 2.27
CA ILE A 38 -18.43 51.23 1.01
C ILE A 38 -18.21 50.11 -0.02
N PHE A 39 -17.66 48.99 0.44
CA PHE A 39 -17.32 47.88 -0.45
C PHE A 39 -18.50 46.97 -0.72
N GLU A 40 -18.72 46.70 -1.99
CA GLU A 40 -19.79 45.84 -2.44
C GLU A 40 -19.16 44.83 -3.40
N SER A 41 -19.23 43.56 -3.04
CA SER A 41 -18.53 42.50 -3.78
C SER A 41 -19.17 42.23 -5.12
N LEU A 42 -18.32 42.14 -6.15
CA LEU A 42 -18.77 41.72 -7.47
C LEU A 42 -18.24 40.33 -7.82
N ASN A 43 -17.81 39.60 -6.79
CA ASN A 43 -17.39 38.22 -6.93
C ASN A 43 -18.55 37.32 -7.31
N GLY A 44 -18.25 36.18 -7.93
CA GLY A 44 -19.30 35.27 -8.36
C GLY A 44 -19.13 34.88 -9.81
N PRO A 45 -20.22 34.38 -10.43
CA PRO A 45 -20.12 33.93 -11.82
C PRO A 45 -20.19 35.09 -12.81
N TRP A 46 -19.22 35.13 -13.72
CA TRP A 46 -19.16 36.12 -14.77
C TRP A 46 -19.23 35.40 -16.11
N ALA A 47 -19.85 36.03 -17.10
CA ALA A 47 -19.73 35.55 -18.49
C ALA A 47 -18.25 35.59 -18.88
N PHE A 48 -17.79 34.53 -19.52
CA PHE A 48 -16.38 34.45 -19.89
C PHE A 48 -16.15 33.70 -21.19
N ALA A 49 -15.26 34.25 -22.02
CA ALA A 49 -14.81 33.56 -23.23
C ALA A 49 -13.32 33.78 -23.42
N LEU A 50 -12.63 32.74 -23.87
CA LEU A 50 -11.20 32.80 -24.11
C LEU A 50 -10.89 32.85 -25.60
N PHE A 51 -9.96 33.70 -25.98
CA PHE A 51 -9.56 33.85 -27.38
C PHE A 51 -8.06 33.64 -27.58
N ASP A 52 -7.68 33.16 -28.76
CA ASP A 52 -6.28 32.86 -29.09
C ASP A 52 -5.35 34.06 -28.95
N ALA A 53 -5.85 35.24 -29.31
CA ALA A 53 -5.07 36.48 -29.27
C ALA A 53 -6.02 37.67 -29.26
N PRO A 54 -5.50 38.88 -28.92
CA PRO A 54 -6.32 40.10 -28.91
C PRO A 54 -7.22 40.29 -30.13
N LEU A 55 -6.70 39.97 -31.32
CA LEU A 55 -7.42 40.24 -32.56
C LEU A 55 -8.67 39.38 -32.78
N ASP A 56 -8.80 38.29 -32.02
CA ASP A 56 -9.97 37.42 -32.07
C ASP A 56 -11.03 37.83 -31.05
N ALA A 57 -10.64 38.66 -30.08
CA ALA A 57 -11.58 39.12 -29.06
C ALA A 57 -12.54 40.19 -29.63
N PRO A 58 -13.80 40.22 -29.16
CA PRO A 58 -14.73 41.23 -29.66
C PRO A 58 -14.31 42.64 -29.24
N ASP A 59 -14.81 43.62 -29.98
CA ASP A 59 -14.68 45.02 -29.58
C ASP A 59 -15.64 45.24 -28.43
N ALA A 60 -15.10 45.58 -27.27
CA ALA A 60 -15.92 45.75 -26.07
C ALA A 60 -16.82 46.99 -26.11
N LYS A 61 -16.52 47.90 -27.04
CA LYS A 61 -17.36 49.07 -27.26
C LYS A 61 -18.67 48.68 -27.93
N ASN A 62 -18.75 47.44 -28.43
CA ASN A 62 -19.94 46.95 -29.12
C ASN A 62 -20.52 45.66 -28.53
N LEU A 63 -19.97 45.22 -27.41
CA LEU A 63 -20.45 44.02 -26.76
C LEU A 63 -21.69 44.27 -25.89
N ASP A 64 -22.82 43.69 -26.31
CA ASP A 64 -24.08 43.69 -25.55
C ASP A 64 -23.97 42.72 -24.39
N TRP A 65 -24.77 42.95 -23.35
CA TRP A 65 -25.02 41.92 -22.35
C TRP A 65 -25.85 40.81 -22.97
N GLU A 66 -26.71 41.16 -23.93
CA GLU A 66 -27.53 40.18 -24.65
C GLU A 66 -26.64 39.15 -25.40
N THR A 67 -25.49 39.60 -25.88
CA THR A 67 -24.51 38.71 -26.52
C THR A 67 -23.70 37.92 -25.50
N ALA A 68 -23.18 38.60 -24.48
CA ALA A 68 -22.34 37.97 -23.43
C ALA A 68 -23.13 36.99 -22.55
N LYS A 69 -24.41 37.26 -22.33
CA LYS A 69 -25.30 36.33 -21.62
C LYS A 69 -25.15 34.88 -22.09
N LYS A 70 -24.85 34.70 -23.37
CA LYS A 70 -24.85 33.38 -24.00
C LYS A 70 -23.55 32.59 -23.77
N TRP A 71 -22.51 33.24 -23.26
CA TRP A 71 -21.25 32.56 -22.98
C TRP A 71 -21.34 31.67 -21.73
N SER A 72 -20.39 30.74 -21.61
CA SER A 72 -20.17 30.00 -20.38
C SER A 72 -19.75 30.96 -19.27
N THR A 73 -19.89 30.52 -18.02
CA THR A 73 -19.49 31.37 -16.91
C THR A 73 -18.23 30.84 -16.23
N ILE A 74 -17.48 31.75 -15.61
CA ILE A 74 -16.34 31.41 -14.79
C ILE A 74 -16.56 32.13 -13.47
N SER A 75 -15.99 31.62 -12.39
CA SER A 75 -16.24 32.26 -11.11
C SER A 75 -15.05 33.16 -10.74
N VAL A 76 -15.37 34.39 -10.33
CA VAL A 76 -14.40 35.37 -9.90
C VAL A 76 -14.44 35.40 -8.37
N PRO A 77 -13.27 35.27 -7.72
CA PRO A 77 -11.95 35.16 -8.32
C PRO A 77 -11.48 33.73 -8.55
N SER A 78 -10.73 33.52 -9.63
CA SER A 78 -10.06 32.25 -9.92
C SER A 78 -9.12 32.40 -11.11
N HIS A 79 -8.11 31.52 -11.20
CA HIS A 79 -7.23 31.45 -12.36
C HIS A 79 -7.88 30.61 -13.42
N TRP A 80 -7.67 30.96 -14.67
CA TRP A 80 -8.35 30.21 -15.70
C TRP A 80 -7.64 28.91 -16.09
N GLU A 81 -6.42 28.73 -15.59
CA GLU A 81 -5.70 27.47 -15.75
C GLU A 81 -6.04 26.46 -14.64
N LEU A 82 -6.98 26.81 -13.77
CA LEU A 82 -7.37 25.95 -12.65
C LEU A 82 -8.88 25.70 -12.60
N GLN A 83 -9.44 25.33 -13.74
CA GLN A 83 -10.88 25.08 -13.84
C GLN A 83 -11.18 23.59 -13.94
N GLU A 84 -12.41 23.20 -13.60
CA GLU A 84 -12.92 21.85 -13.85
C GLU A 84 -12.48 21.36 -15.23
N ASP A 85 -11.83 20.19 -15.25
CA ASP A 85 -11.39 19.52 -16.49
C ASP A 85 -10.37 20.28 -17.32
N TRP A 86 -9.63 21.18 -16.67
CA TRP A 86 -8.58 21.98 -17.34
C TRP A 86 -9.11 22.66 -18.60
N LYS A 87 -10.34 23.16 -18.49
CA LYS A 87 -11.09 23.71 -19.60
C LYS A 87 -10.33 24.79 -20.39
N TYR A 88 -9.61 25.66 -19.67
CA TYR A 88 -8.91 26.76 -20.30
C TYR A 88 -7.39 26.66 -20.16
N GLY A 89 -6.91 25.42 -20.21
CA GLY A 89 -5.47 25.15 -20.15
C GLY A 89 -4.99 24.71 -18.76
N LYS A 90 -3.70 24.42 -18.69
CA LYS A 90 -3.08 23.94 -17.46
C LYS A 90 -1.97 24.90 -17.00
N PRO A 91 -1.64 24.89 -15.70
CA PRO A 91 -0.54 25.70 -15.15
C PRO A 91 0.80 25.40 -15.79
N ILE A 92 1.67 26.40 -15.85
CA ILE A 92 3.04 26.22 -16.35
C ILE A 92 4.01 26.60 -15.25
N TYR A 93 4.95 25.71 -14.96
CA TYR A 93 5.99 26.02 -13.99
C TYR A 93 7.35 26.30 -14.63
N THR A 94 7.84 27.53 -14.48
CA THR A 94 9.24 27.80 -14.76
C THR A 94 9.86 28.48 -13.55
N ASN A 95 11.12 28.17 -13.30
CA ASN A 95 11.88 28.80 -12.24
C ASN A 95 12.57 30.08 -12.71
N VAL A 96 13.67 29.93 -13.44
CA VAL A 96 14.42 31.07 -13.95
C VAL A 96 13.96 31.44 -15.37
N GLN A 97 14.03 30.46 -16.29
CA GLN A 97 13.73 30.68 -17.71
C GLN A 97 12.37 31.33 -17.95
N TYR A 98 12.33 32.28 -18.88
CA TYR A 98 11.06 32.80 -19.37
C TYR A 98 10.39 31.74 -20.22
N PRO A 99 9.04 31.65 -20.16
CA PRO A 99 8.30 30.69 -20.99
C PRO A 99 7.96 31.27 -22.35
N ILE A 100 8.46 32.47 -22.62
CA ILE A 100 8.28 33.16 -23.89
C ILE A 100 9.66 33.43 -24.51
N PRO A 101 9.71 33.76 -25.83
CA PRO A 101 10.99 34.25 -26.37
C PRO A 101 11.29 35.62 -25.79
N ILE A 102 12.57 35.95 -25.62
CA ILE A 102 12.95 37.31 -25.17
C ILE A 102 13.14 38.26 -26.35
N ASP A 103 12.17 39.16 -26.52
CA ASP A 103 12.22 40.20 -27.54
C ASP A 103 11.67 41.49 -26.94
N ILE A 104 12.37 42.01 -25.93
CA ILE A 104 11.90 43.16 -25.16
C ILE A 104 11.60 44.36 -26.08
N PRO A 105 10.40 44.96 -25.95
CA PRO A 105 9.36 44.66 -24.95
C PRO A 105 8.16 43.85 -25.49
N ASN A 106 8.32 43.14 -26.60
CA ASN A 106 7.20 42.44 -27.22
C ASN A 106 6.81 41.17 -26.47
N PRO A 107 5.50 40.97 -26.22
CA PRO A 107 4.98 39.69 -25.80
C PRO A 107 4.82 38.80 -27.04
N PRO A 108 4.51 37.49 -26.87
CA PRO A 108 4.25 36.70 -28.06
C PRO A 108 2.97 37.18 -28.74
N THR A 109 2.91 37.00 -30.06
CA THR A 109 1.75 37.39 -30.84
C THR A 109 0.52 36.56 -30.44
N VAL A 110 0.69 35.24 -30.34
CA VAL A 110 -0.37 34.38 -29.81
C VAL A 110 -0.41 34.57 -28.29
N ASN A 111 -1.39 35.32 -27.84
CA ASN A 111 -1.44 35.82 -26.48
C ASN A 111 -2.86 35.58 -25.93
N PRO A 112 -3.04 34.51 -25.14
CA PRO A 112 -4.36 34.16 -24.61
C PRO A 112 -5.07 35.36 -24.00
N THR A 113 -6.27 35.63 -24.49
CA THR A 113 -7.06 36.79 -24.12
C THR A 113 -8.42 36.34 -23.57
N GLY A 114 -8.69 36.68 -22.33
CA GLY A 114 -9.95 36.29 -21.71
C GLY A 114 -10.86 37.49 -21.49
N VAL A 115 -12.08 37.40 -22.01
CA VAL A 115 -13.04 38.47 -21.84
C VAL A 115 -14.08 38.11 -20.77
N TYR A 116 -14.13 38.92 -19.72
CA TYR A 116 -15.09 38.76 -18.64
C TYR A 116 -16.21 39.77 -18.80
N ALA A 117 -17.42 39.38 -18.41
CA ALA A 117 -18.56 40.28 -18.45
C ALA A 117 -19.60 39.90 -17.39
N ARG A 118 -20.12 40.93 -16.71
CA ARG A 118 -21.26 40.77 -15.80
C ARG A 118 -21.99 42.10 -15.66
N THR A 119 -23.15 42.08 -14.99
CA THR A 119 -23.92 43.29 -14.78
C THR A 119 -24.12 43.54 -13.29
N PHE A 120 -24.48 44.79 -12.97
CA PHE A 120 -24.91 45.16 -11.62
C PHE A 120 -25.98 46.26 -11.66
N GLU A 121 -26.79 46.32 -10.62
CA GLU A 121 -27.94 47.23 -10.55
C GLU A 121 -27.58 48.54 -9.86
N LEU A 122 -28.09 49.64 -10.41
CA LEU A 122 -27.93 50.94 -9.78
C LEU A 122 -29.23 51.70 -9.63
N ASP A 123 -29.43 52.22 -8.42
CA ASP A 123 -30.60 52.96 -8.02
C ASP A 123 -30.58 54.40 -8.53
N SER A 124 -31.75 55.02 -8.50
CA SER A 124 -31.86 56.45 -8.68
C SER A 124 -31.08 57.23 -7.60
N LYS A 125 -31.32 56.86 -6.34
CA LYS A 125 -30.66 57.50 -5.21
C LYS A 125 -29.15 57.27 -5.18
N SER A 126 -28.74 56.09 -5.63
CA SER A 126 -27.34 55.68 -5.59
C SER A 126 -26.41 56.64 -6.33
N ILE A 127 -26.75 56.95 -7.58
CA ILE A 127 -25.92 57.82 -8.42
C ILE A 127 -25.86 59.23 -7.84
N GLU A 128 -26.94 59.64 -7.19
CA GLU A 128 -27.03 60.94 -6.54
C GLU A 128 -26.21 60.99 -5.24
N SER A 129 -26.25 59.90 -4.48
CA SER A 129 -25.64 59.86 -3.15
C SER A 129 -24.14 59.56 -3.14
N PHE A 130 -23.68 58.82 -4.14
CA PHE A 130 -22.31 58.27 -4.09
C PHE A 130 -21.41 58.51 -5.30
N GLU A 131 -20.11 58.50 -5.04
CA GLU A 131 -19.08 58.37 -6.05
C GLU A 131 -18.82 56.88 -6.25
N HIS A 132 -18.88 56.43 -7.51
CA HIS A 132 -18.77 55.01 -7.83
C HIS A 132 -17.41 54.65 -8.43
N ARG A 133 -16.77 53.65 -7.85
CA ARG A 133 -15.48 53.16 -8.33
C ARG A 133 -15.50 51.65 -8.49
N LEU A 134 -14.63 51.14 -9.35
CA LEU A 134 -14.32 49.71 -9.37
C LEU A 134 -12.92 49.47 -8.84
N ARG A 135 -12.80 48.58 -7.87
CA ARG A 135 -11.50 48.18 -7.32
C ARG A 135 -11.21 46.71 -7.61
N PHE A 136 -10.09 46.47 -8.28
CA PHE A 136 -9.63 45.13 -8.62
C PHE A 136 -8.41 44.83 -7.75
N GLU A 137 -8.49 43.80 -6.93
CA GLU A 137 -7.40 43.47 -6.01
C GLU A 137 -6.21 42.80 -6.68
N GLY A 138 -6.43 42.18 -7.83
CA GLY A 138 -5.37 41.50 -8.57
C GLY A 138 -5.86 40.83 -9.84
N VAL A 139 -5.21 41.14 -10.96
CA VAL A 139 -5.49 40.55 -12.26
C VAL A 139 -4.18 40.31 -13.02
N ASP A 140 -4.01 39.10 -13.56
CA ASP A 140 -2.76 38.65 -14.18
C ASP A 140 -3.00 38.31 -15.65
N ASN A 141 -2.31 38.93 -16.61
CA ASN A 141 -1.18 39.86 -16.43
C ASN A 141 -1.56 41.34 -16.42
N CYS A 142 -2.56 41.69 -17.23
CA CYS A 142 -3.02 43.06 -17.37
C CYS A 142 -4.38 43.07 -18.06
N TYR A 143 -5.03 44.23 -18.06
CA TYR A 143 -6.40 44.31 -18.54
C TYR A 143 -6.84 45.69 -18.96
N GLU A 144 -7.76 45.76 -19.91
CA GLU A 144 -8.53 46.97 -20.15
C GLU A 144 -9.98 46.82 -19.65
N LEU A 145 -10.57 47.92 -19.20
CA LEU A 145 -11.84 47.91 -18.49
C LEU A 145 -12.90 48.76 -19.20
N TYR A 146 -14.10 48.20 -19.33
CA TYR A 146 -15.20 48.86 -20.02
C TYR A 146 -16.45 48.85 -19.15
N VAL A 147 -17.15 49.98 -19.13
CA VAL A 147 -18.47 50.07 -18.47
C VAL A 147 -19.49 50.62 -19.45
N ASN A 148 -20.59 49.87 -19.62
CA ASN A 148 -21.67 50.24 -20.55
C ASN A 148 -21.17 50.55 -21.96
N GLY A 149 -20.24 49.74 -22.44
CA GLY A 149 -19.68 49.89 -23.78
C GLY A 149 -18.71 51.04 -23.93
N GLN A 150 -18.25 51.61 -22.82
CA GLN A 150 -17.31 52.72 -22.87
C GLN A 150 -15.99 52.36 -22.20
N TYR A 151 -14.89 52.63 -22.89
CA TYR A 151 -13.55 52.39 -22.33
C TYR A 151 -13.34 53.21 -21.06
N VAL A 152 -12.95 52.54 -19.99
CA VAL A 152 -12.66 53.23 -18.74
C VAL A 152 -11.15 53.42 -18.59
N GLY A 153 -10.40 52.33 -18.74
CA GLY A 153 -8.95 52.40 -18.59
C GLY A 153 -8.21 51.08 -18.71
N PHE A 154 -6.94 51.12 -18.35
CA PHE A 154 -6.00 50.02 -18.54
C PHE A 154 -5.16 49.89 -17.27
N ASN A 155 -4.62 48.70 -17.01
CA ASN A 155 -3.81 48.48 -15.83
C ASN A 155 -2.82 47.32 -15.96
N LYS A 156 -1.61 47.54 -15.44
CA LYS A 156 -0.58 46.51 -15.33
C LYS A 156 -0.10 46.40 -13.90
N GLY A 157 0.41 45.23 -13.52
CA GLY A 157 0.88 44.98 -12.15
C GLY A 157 -0.01 43.97 -11.46
N SER A 158 0.32 42.69 -11.66
CA SER A 158 -0.57 41.57 -11.34
C SER A 158 -0.94 41.41 -9.87
N ARG A 159 0.00 41.70 -8.99
CA ARG A 159 -0.22 41.52 -7.57
C ARG A 159 -0.52 42.85 -6.84
N ASN A 160 -0.70 43.89 -7.63
CA ASN A 160 -1.07 45.19 -7.13
C ASN A 160 -2.57 45.42 -7.33
N GLY A 161 -3.11 46.41 -6.63
CA GLY A 161 -4.51 46.76 -6.78
C GLY A 161 -4.71 47.84 -7.83
N ALA A 162 -5.96 48.23 -8.04
CA ALA A 162 -6.30 49.29 -8.98
C ALA A 162 -7.72 49.76 -8.72
N GLU A 163 -7.90 51.08 -8.67
CA GLU A 163 -9.22 51.70 -8.60
C GLU A 163 -9.46 52.60 -9.80
N PHE A 164 -10.68 52.55 -10.32
CA PHE A 164 -11.09 53.38 -11.45
C PHE A 164 -12.38 54.12 -11.13
N ASP A 165 -12.42 55.41 -11.47
CA ASP A 165 -13.62 56.23 -11.31
C ASP A 165 -14.61 55.86 -12.41
N ILE A 166 -15.83 55.53 -11.98
CA ILE A 166 -16.85 54.90 -12.81
C ILE A 166 -18.09 55.80 -12.96
N GLN A 167 -18.10 56.90 -12.21
CA GLN A 167 -19.23 57.83 -12.15
C GLN A 167 -19.78 58.32 -13.50
N LYS A 168 -18.89 58.70 -14.42
CA LYS A 168 -19.27 59.21 -15.73
C LYS A 168 -20.05 58.20 -16.55
N TYR A 169 -19.83 56.92 -16.27
CA TYR A 169 -20.26 55.84 -17.17
C TYR A 169 -21.52 55.11 -16.76
N VAL A 170 -21.91 55.27 -15.50
CA VAL A 170 -23.00 54.47 -14.95
C VAL A 170 -24.39 55.01 -15.26
N SER A 171 -25.34 54.09 -15.43
CA SER A 171 -26.75 54.41 -15.66
C SER A 171 -27.62 53.84 -14.55
N GLU A 172 -28.83 54.39 -14.45
CA GLU A 172 -29.86 53.79 -13.62
C GLU A 172 -30.27 52.46 -14.26
N GLY A 173 -30.51 51.45 -13.43
CA GLY A 173 -30.84 50.11 -13.92
C GLY A 173 -29.63 49.22 -14.06
N GLU A 174 -29.62 48.39 -15.10
CA GLU A 174 -28.49 47.50 -15.41
C GLU A 174 -27.23 48.24 -15.89
N ASN A 175 -26.09 47.85 -15.32
CA ASN A 175 -24.79 48.33 -15.77
C ASN A 175 -23.90 47.17 -16.21
N LEU A 176 -23.21 47.32 -17.34
CA LEU A 176 -22.39 46.25 -17.90
C LEU A 176 -20.89 46.50 -17.68
N VAL A 177 -20.23 45.56 -16.99
CA VAL A 177 -18.79 45.62 -16.80
C VAL A 177 -18.15 44.58 -17.69
N VAL A 178 -17.20 45.01 -18.53
CA VAL A 178 -16.45 44.07 -19.35
C VAL A 178 -14.97 44.26 -19.13
N VAL A 179 -14.29 43.17 -18.77
CA VAL A 179 -12.86 43.20 -18.54
C VAL A 179 -12.16 42.33 -19.57
N LYS A 180 -11.24 42.94 -20.31
CA LYS A 180 -10.41 42.20 -21.24
C LYS A 180 -9.07 41.92 -20.58
N VAL A 181 -8.79 40.64 -20.34
CA VAL A 181 -7.57 40.24 -19.62
C VAL A 181 -6.58 39.54 -20.57
N PHE A 182 -5.32 39.95 -20.51
CA PHE A 182 -4.28 39.43 -21.38
C PHE A 182 -3.23 38.66 -20.57
N LYS A 183 -2.76 37.55 -21.13
CA LYS A 183 -1.84 36.67 -20.42
C LYS A 183 -0.42 37.24 -20.39
N TRP A 184 0.02 37.78 -21.52
CA TRP A 184 1.37 38.30 -21.66
C TRP A 184 1.35 39.80 -21.99
N SER A 185 2.42 40.49 -21.60
CA SER A 185 2.68 41.87 -22.03
C SER A 185 4.14 42.21 -21.73
N ASP A 186 4.56 43.42 -22.08
CA ASP A 186 5.90 43.92 -21.73
C ASP A 186 6.14 43.79 -20.23
N SER A 187 5.06 43.67 -19.48
CA SER A 187 5.07 43.54 -18.04
C SER A 187 5.56 42.14 -17.62
N THR A 188 5.34 41.16 -18.49
CA THR A 188 5.76 39.78 -18.24
C THR A 188 7.25 39.74 -17.90
N TYR A 189 8.02 40.58 -18.59
CA TYR A 189 9.46 40.62 -18.40
C TYR A 189 9.88 40.92 -16.96
N ILE A 190 9.05 41.63 -16.23
CA ILE A 190 9.37 41.98 -14.85
C ILE A 190 8.55 41.18 -13.83
N GLU A 191 7.88 40.12 -14.29
CA GLU A 191 7.05 39.27 -13.43
C GLU A 191 7.47 37.81 -13.53
N ASP A 192 8.78 37.59 -13.48
CA ASP A 192 9.36 36.26 -13.67
C ASP A 192 9.70 35.54 -12.37
N GLN A 193 8.80 35.56 -11.40
CA GLN A 193 9.02 34.87 -10.14
C GLN A 193 9.07 33.36 -10.36
N ASP A 194 9.90 32.67 -9.57
CA ASP A 194 9.98 31.21 -9.58
C ASP A 194 8.70 30.65 -8.95
N GLN A 195 7.68 30.43 -9.80
CA GLN A 195 6.34 30.03 -9.38
C GLN A 195 5.53 29.55 -10.59
N TRP A 196 4.25 29.24 -10.38
CA TRP A 196 3.37 28.85 -11.49
C TRP A 196 2.97 30.07 -12.27
N TRP A 197 2.93 29.93 -13.59
CA TRP A 197 2.31 30.93 -14.45
C TRP A 197 0.81 30.66 -14.45
N LEU A 198 0.05 31.62 -13.95
CA LEU A 198 -1.41 31.52 -13.86
C LEU A 198 -2.06 32.86 -14.22
N SER A 199 -3.19 32.82 -14.93
CA SER A 199 -3.80 34.04 -15.45
C SER A 199 -5.20 34.28 -14.92
N GLY A 200 -5.72 35.49 -15.16
CA GLY A 200 -7.11 35.81 -14.84
C GLY A 200 -7.31 36.79 -13.70
N ILE A 201 -8.58 37.05 -13.40
CA ILE A 201 -8.99 37.82 -12.24
C ILE A 201 -8.97 36.86 -11.05
N TYR A 202 -7.83 36.82 -10.36
CA TYR A 202 -7.59 35.85 -9.30
C TYR A 202 -7.78 36.47 -7.89
N ARG A 203 -8.12 37.75 -7.82
CA ARG A 203 -8.46 38.38 -6.53
C ARG A 203 -9.79 39.12 -6.62
N ASP A 204 -10.31 39.56 -5.47
CA ASP A 204 -11.60 40.22 -5.35
C ASP A 204 -11.81 41.37 -6.34
N VAL A 205 -13.07 41.53 -6.77
CA VAL A 205 -13.52 42.71 -7.50
C VAL A 205 -14.62 43.37 -6.68
N SER A 206 -14.56 44.68 -6.51
CA SER A 206 -15.55 45.40 -5.74
C SER A 206 -16.08 46.65 -6.43
N LEU A 207 -17.33 46.97 -6.12
CA LEU A 207 -17.92 48.26 -6.43
C LEU A 207 -17.87 49.11 -5.16
N LEU A 208 -17.19 50.25 -5.25
CA LEU A 208 -17.08 51.15 -4.09
C LEU A 208 -18.05 52.29 -4.22
N LYS A 209 -18.76 52.54 -3.12
CA LYS A 209 -19.68 53.67 -3.03
C LYS A 209 -19.22 54.62 -1.94
N LEU A 210 -18.54 55.69 -2.34
CA LEU A 210 -18.04 56.71 -1.43
C LEU A 210 -19.05 57.85 -1.35
N PRO A 211 -19.19 58.48 -0.16
CA PRO A 211 -20.05 59.65 -0.02
C PRO A 211 -19.66 60.75 -1.00
N LYS A 212 -20.63 61.31 -1.70
CA LYS A 212 -20.37 62.09 -2.91
C LYS A 212 -19.77 63.48 -2.71
N LYS A 213 -20.36 64.27 -1.81
CA LYS A 213 -19.96 65.66 -1.65
C LYS A 213 -18.61 65.81 -0.93
N ALA A 214 -18.33 64.87 -0.02
CA ALA A 214 -17.01 64.78 0.62
C ALA A 214 -16.78 63.36 1.16
N HIS A 215 -15.52 62.92 1.09
CA HIS A 215 -15.11 61.60 1.60
C HIS A 215 -13.62 61.59 1.93
N ILE A 216 -13.22 60.60 2.73
CA ILE A 216 -11.82 60.40 3.06
C ILE A 216 -11.16 59.58 1.97
N GLU A 217 -10.13 60.16 1.33
CA GLU A 217 -9.42 59.49 0.26
C GLU A 217 -8.23 58.70 0.80
N ASP A 218 -7.44 59.32 1.65
CA ASP A 218 -6.21 58.70 2.13
C ASP A 218 -5.91 59.09 3.57
N VAL A 219 -5.18 58.22 4.25
CA VAL A 219 -4.76 58.46 5.64
C VAL A 219 -3.29 58.07 5.79
N ARG A 220 -2.53 58.87 6.50
CA ARG A 220 -1.18 58.51 6.89
C ARG A 220 -1.03 58.54 8.41
N VAL A 221 -0.55 57.43 8.95
CA VAL A 221 -0.35 57.27 10.39
C VAL A 221 1.10 56.92 10.64
N THR A 222 1.79 57.75 11.43
CA THR A 222 3.16 57.45 11.85
C THR A 222 3.29 57.58 13.36
N THR A 223 4.18 56.78 13.94
CA THR A 223 4.49 56.85 15.36
C THR A 223 5.99 56.99 15.53
N THR A 224 6.42 58.16 15.99
CA THR A 224 7.83 58.43 16.22
C THR A 224 8.08 58.67 17.70
N PHE A 225 9.01 57.93 18.28
CA PHE A 225 9.41 58.17 19.66
C PHE A 225 10.18 59.50 19.74
N VAL A 226 9.89 60.28 20.78
CA VAL A 226 10.47 61.61 20.91
C VAL A 226 11.88 61.54 21.45
N ASP A 227 12.23 60.36 21.98
CA ASP A 227 13.33 60.23 22.91
C ASP A 227 14.17 58.98 22.63
N SER A 228 15.43 59.01 23.05
CA SER A 228 16.31 57.86 22.92
C SER A 228 16.00 56.74 23.91
N GLN A 229 15.08 56.98 24.85
CA GLN A 229 14.70 55.94 25.81
C GLN A 229 13.34 55.34 25.46
N TYR A 230 12.82 55.75 24.32
CA TYR A 230 11.63 55.15 23.72
C TYR A 230 10.47 55.06 24.71
N GLN A 231 10.11 56.21 25.26
CA GLN A 231 8.96 56.30 26.16
C GLN A 231 7.82 57.08 25.53
N ASP A 232 7.89 58.40 25.58
CA ASP A 232 6.85 59.24 24.97
C ASP A 232 6.99 59.21 23.46
N ALA A 233 5.88 59.25 22.76
CA ALA A 233 5.89 59.20 21.30
C ALA A 233 4.94 60.22 20.68
N GLU A 234 5.30 60.67 19.48
CA GLU A 234 4.43 61.53 18.68
C GLU A 234 3.62 60.70 17.70
N LEU A 235 2.29 60.78 17.83
CA LEU A 235 1.37 60.16 16.90
C LEU A 235 0.96 61.20 15.87
N SER A 236 1.29 60.94 14.61
CA SER A 236 0.96 61.83 13.52
C SER A 236 -0.08 61.21 12.59
N VAL A 237 -1.22 61.88 12.47
CA VAL A 237 -2.30 61.42 11.61
C VAL A 237 -2.60 62.50 10.60
N LYS A 238 -2.30 62.22 9.33
CA LYS A 238 -2.59 63.14 8.25
C LYS A 238 -3.68 62.56 7.32
N VAL A 239 -4.74 63.35 7.09
CA VAL A 239 -5.87 62.90 6.29
C VAL A 239 -6.01 63.72 5.00
N ASP A 240 -6.27 63.02 3.90
CA ASP A 240 -6.58 63.66 2.63
C ASP A 240 -8.09 63.54 2.38
N VAL A 241 -8.78 64.65 2.51
CA VAL A 241 -10.22 64.73 2.31
C VAL A 241 -10.52 65.32 0.93
N GLN A 242 -11.39 64.65 0.18
CA GLN A 242 -11.73 65.06 -1.18
C GLN A 242 -13.15 65.64 -1.21
N GLY A 243 -13.28 66.87 -1.72
CA GLY A 243 -14.56 67.58 -1.75
C GLY A 243 -14.62 68.76 -0.78
N SER A 244 -15.65 69.59 -0.92
CA SER A 244 -15.80 70.81 -0.13
C SER A 244 -16.72 70.68 1.08
N SER A 245 -17.78 69.88 0.94
CA SER A 245 -18.87 69.85 1.92
C SER A 245 -18.57 69.03 3.18
N TYR A 246 -17.64 69.53 4.00
CA TYR A 246 -17.33 68.96 5.30
C TYR A 246 -16.92 70.09 6.24
N ASP A 247 -17.02 69.84 7.54
CA ASP A 247 -16.62 70.84 8.53
C ASP A 247 -15.21 70.57 9.04
N HIS A 248 -15.02 69.42 9.69
CA HIS A 248 -13.75 69.05 10.29
C HIS A 248 -13.63 67.53 10.45
N ILE A 249 -12.55 67.07 11.07
CA ILE A 249 -12.39 65.66 11.42
C ILE A 249 -12.27 65.45 12.93
N ASN A 250 -12.83 64.34 13.41
CA ASN A 250 -12.63 63.91 14.79
C ASN A 250 -11.72 62.69 14.81
N PHE A 251 -11.03 62.50 15.93
CA PHE A 251 -10.15 61.35 16.08
C PHE A 251 -10.18 60.86 17.52
N THR A 252 -10.42 59.57 17.67
CA THR A 252 -10.44 58.95 18.98
C THR A 252 -9.49 57.76 18.98
N LEU A 253 -8.54 57.79 19.91
CA LEU A 253 -7.67 56.66 20.17
C LEU A 253 -8.17 55.95 21.41
N TYR A 254 -8.25 54.63 21.35
CA TYR A 254 -8.78 53.87 22.47
C TYR A 254 -7.67 53.22 23.29
N GLU A 255 -8.00 52.82 24.52
CA GLU A 255 -7.07 52.13 25.39
C GLU A 255 -6.56 50.85 24.73
N PRO A 256 -5.26 50.56 24.89
CA PRO A 256 -4.63 49.46 24.16
C PRO A 256 -5.17 48.08 24.54
N GLU A 257 -5.15 47.17 23.58
CA GLU A 257 -5.38 45.76 23.85
C GLU A 257 -4.05 45.04 23.69
N ASP A 258 -3.59 44.43 24.79
CA ASP A 258 -2.29 43.78 24.83
C ASP A 258 -2.15 42.73 23.74
N GLY A 259 -0.91 42.59 23.22
CA GLY A 259 -0.63 41.61 22.18
C GLY A 259 -0.92 40.14 22.54
N SER A 260 -1.14 39.88 23.83
CA SER A 260 -1.48 38.53 24.30
C SER A 260 -2.95 38.21 24.03
N LYS A 261 -3.63 39.11 23.33
CA LYS A 261 -5.04 38.94 22.95
C LYS A 261 -5.29 37.61 22.21
N VAL A 262 -6.37 36.94 22.56
CA VAL A 262 -6.75 35.68 21.96
C VAL A 262 -7.57 35.91 20.68
N TYR A 263 -7.12 35.28 19.60
CA TYR A 263 -7.81 35.34 18.31
C TYR A 263 -8.10 33.94 17.81
N ASP A 264 -9.08 33.83 16.91
CA ASP A 264 -9.21 32.66 16.04
C ASP A 264 -9.57 33.13 14.63
N ALA A 265 -9.73 32.19 13.70
CA ALA A 265 -10.00 32.52 12.30
C ALA A 265 -11.24 33.38 12.15
N SER A 266 -12.26 33.07 12.94
CA SER A 266 -13.52 33.79 12.90
C SER A 266 -13.38 35.26 13.31
N SER A 267 -12.70 35.50 14.44
CA SER A 267 -12.55 36.87 14.94
C SER A 267 -11.52 37.67 14.14
N LEU A 268 -10.52 36.99 13.59
CA LEU A 268 -9.54 37.66 12.73
C LEU A 268 -10.16 38.11 11.42
N LEU A 269 -11.14 37.35 10.93
CA LEU A 269 -11.75 37.60 9.63
C LEU A 269 -13.08 38.34 9.69
N ASN A 270 -13.63 38.53 10.88
CA ASN A 270 -14.85 39.29 11.07
C ASN A 270 -14.74 40.70 10.46
N GLU A 271 -15.65 41.02 9.54
CA GLU A 271 -15.57 42.25 8.76
C GLU A 271 -16.59 43.32 9.15
N GLU A 272 -17.48 42.96 10.08
CA GLU A 272 -18.56 43.82 10.54
C GLU A 272 -18.05 45.06 11.30
N ASN A 273 -18.75 46.20 11.29
CA ASN A 273 -20.08 46.45 10.69
C ASN A 273 -20.48 47.92 10.88
N GLY A 274 -21.58 48.32 10.25
CA GLY A 274 -22.07 49.70 10.30
C GLY A 274 -22.50 50.18 11.67
N ASN A 275 -23.47 49.47 12.27
CA ASN A 275 -24.05 49.83 13.58
C ASN A 275 -23.22 49.32 14.76
N THR A 276 -22.18 48.56 14.45
CA THR A 276 -21.25 48.01 15.45
C THR A 276 -20.40 49.11 16.08
N THR A 277 -20.45 49.21 17.41
CA THR A 277 -19.69 50.20 18.15
C THR A 277 -18.25 49.73 18.31
N PHE A 278 -17.33 50.32 17.53
CA PHE A 278 -15.93 49.89 17.43
C PHE A 278 -15.30 49.67 18.81
N SER A 279 -15.25 50.73 19.60
CA SER A 279 -14.79 50.67 20.97
C SER A 279 -15.38 51.83 21.77
N THR A 280 -15.24 51.80 23.09
CA THR A 280 -15.71 52.90 23.95
C THR A 280 -14.77 53.21 25.11
N LYS A 281 -13.60 52.56 25.15
CA LYS A 281 -12.61 52.78 26.19
C LYS A 281 -11.68 53.89 25.75
N GLU A 282 -12.19 55.12 25.73
CA GLU A 282 -11.48 56.26 25.19
C GLU A 282 -10.21 56.60 25.93
N PHE A 283 -9.21 57.06 25.19
CA PHE A 283 -7.91 57.36 25.75
C PHE A 283 -7.51 58.79 25.38
N ILE A 284 -7.53 59.11 24.09
CA ILE A 284 -7.28 60.45 23.59
C ILE A 284 -8.35 60.84 22.57
N SER A 285 -8.75 62.10 22.60
CA SER A 285 -9.65 62.66 21.59
C SER A 285 -9.13 63.96 21.01
N PHE A 286 -9.29 64.12 19.71
CA PHE A 286 -8.87 65.33 19.03
C PHE A 286 -9.92 65.72 18.02
N SER A 287 -10.15 67.03 17.91
CA SER A 287 -11.01 67.57 16.86
C SER A 287 -10.24 68.62 16.07
N THR A 288 -10.49 68.66 14.78
CA THR A 288 -9.97 69.69 13.90
C THR A 288 -10.97 70.84 13.90
N LYS A 289 -10.51 72.04 13.51
CA LYS A 289 -11.42 73.18 13.36
C LYS A 289 -11.76 73.46 11.91
N LYS A 290 -12.96 73.99 11.68
CA LYS A 290 -13.42 74.41 10.36
C LYS A 290 -12.36 75.25 9.63
N ASN A 291 -12.12 74.90 8.37
CA ASN A 291 -11.15 75.59 7.49
C ASN A 291 -9.67 75.40 7.85
N GLU A 292 -9.39 74.47 8.77
CA GLU A 292 -8.02 74.17 9.12
C GLU A 292 -7.58 72.81 8.60
N GLU A 293 -6.26 72.69 8.40
CA GLU A 293 -5.59 71.45 7.99
C GLU A 293 -6.23 70.21 8.61
N THR A 294 -6.57 69.23 7.77
CA THR A 294 -7.14 67.98 8.26
C THR A 294 -6.01 67.00 8.61
N ALA A 295 -5.17 67.43 9.54
CA ALA A 295 -4.02 66.64 10.03
C ALA A 295 -3.68 67.13 11.43
N PHE A 296 -2.89 66.35 12.17
CA PHE A 296 -2.45 66.75 13.51
C PHE A 296 -1.34 65.88 14.06
N LYS A 297 -0.64 66.42 15.06
CA LYS A 297 0.37 65.70 15.81
C LYS A 297 0.03 65.72 17.30
N ILE A 298 0.03 64.55 17.92
CA ILE A 298 -0.36 64.39 19.32
C ILE A 298 0.80 63.80 20.11
N ASN A 299 1.04 64.33 21.31
CA ASN A 299 1.99 63.69 22.20
C ASN A 299 1.30 62.61 23.01
N VAL A 300 1.87 61.41 23.02
CA VAL A 300 1.29 60.29 23.72
C VAL A 300 2.21 59.83 24.85
N LYS A 301 1.72 59.89 26.09
CA LYS A 301 2.48 59.48 27.26
C LYS A 301 2.78 57.99 27.25
N ALA A 302 4.06 57.65 27.26
CA ALA A 302 4.54 56.26 27.43
C ALA A 302 3.57 55.18 26.94
N PRO A 303 3.30 55.14 25.62
CA PRO A 303 2.41 54.11 25.09
C PRO A 303 3.03 52.71 25.11
N GLU A 304 2.17 51.70 25.07
CA GLU A 304 2.58 50.32 24.94
C GLU A 304 3.17 50.10 23.55
N HIS A 305 4.35 49.49 23.50
CA HIS A 305 5.05 49.26 22.24
C HIS A 305 4.39 48.14 21.43
N TRP A 306 4.36 48.30 20.10
CA TRP A 306 4.05 47.18 19.21
C TRP A 306 5.31 46.45 18.85
N THR A 307 5.28 45.14 19.03
CA THR A 307 6.40 44.27 18.76
C THR A 307 5.84 42.97 18.16
N ALA A 308 6.64 42.25 17.38
CA ALA A 308 6.17 40.99 16.79
C ALA A 308 5.93 39.90 17.85
N GLU A 309 6.69 39.97 18.94
CA GLU A 309 6.52 39.07 20.07
C GLU A 309 5.29 39.45 20.92
N ASN A 310 4.91 40.72 20.89
CA ASN A 310 3.75 41.22 21.61
C ASN A 310 3.05 42.31 20.78
N PRO A 311 2.15 41.91 19.87
CA PRO A 311 1.55 42.85 18.92
C PRO A 311 0.45 43.72 19.54
N THR A 312 0.83 44.58 20.49
CA THR A 312 -0.12 45.44 21.19
C THR A 312 -0.63 46.55 20.27
N LEU A 313 -1.95 46.66 20.17
CA LEU A 313 -2.56 47.64 19.28
C LEU A 313 -3.52 48.59 19.99
N TYR A 314 -3.48 49.85 19.57
CA TYR A 314 -4.46 50.85 19.98
C TYR A 314 -5.45 51.01 18.83
N LYS A 315 -6.70 50.64 19.07
CA LYS A 315 -7.76 50.90 18.09
C LYS A 315 -8.02 52.39 18.01
N TYR A 316 -8.42 52.85 16.84
CA TYR A 316 -8.80 54.24 16.67
C TYR A 316 -9.97 54.39 15.73
N GLN A 317 -10.68 55.50 15.86
CA GLN A 317 -11.76 55.82 14.93
C GLN A 317 -11.57 57.24 14.43
N LEU A 318 -11.57 57.38 13.11
CA LEU A 318 -11.43 58.68 12.47
C LEU A 318 -12.76 59.03 11.81
N ASP A 319 -13.31 60.18 12.16
CA ASP A 319 -14.63 60.60 11.67
C ASP A 319 -14.57 61.87 10.82
N LEU A 320 -15.17 61.81 9.64
CA LEU A 320 -15.39 63.01 8.83
C LEU A 320 -16.75 63.59 9.15
N ILE A 321 -16.78 64.88 9.45
CA ILE A 321 -17.99 65.50 9.99
C ILE A 321 -18.46 66.70 9.20
N GLY A 322 -19.76 66.72 8.88
CA GLY A 322 -20.37 67.78 8.09
C GLY A 322 -20.75 69.00 8.92
N SER A 323 -21.43 69.95 8.28
CA SER A 323 -21.86 71.18 8.94
C SER A 323 -22.88 70.91 10.04
N ASP A 324 -23.84 70.03 9.75
CA ASP A 324 -24.87 69.66 10.69
C ASP A 324 -24.35 68.75 11.82
N GLY A 325 -23.03 68.55 11.87
CA GLY A 325 -22.40 67.75 12.91
C GLY A 325 -22.57 66.25 12.81
N SER A 326 -23.10 65.78 11.68
CA SER A 326 -23.29 64.35 11.45
C SER A 326 -22.03 63.72 10.84
N VAL A 327 -21.93 62.41 11.01
CA VAL A 327 -20.78 61.64 10.53
C VAL A 327 -20.96 61.27 9.06
N ILE A 328 -20.12 61.85 8.20
CA ILE A 328 -20.10 61.55 6.76
C ILE A 328 -19.46 60.19 6.47
N GLN A 329 -18.32 59.93 7.11
CA GLN A 329 -17.56 58.69 6.90
C GLN A 329 -16.69 58.39 8.12
N SER A 330 -16.52 57.09 8.41
CA SER A 330 -15.66 56.67 9.51
C SER A 330 -14.60 55.70 9.01
N ILE A 331 -13.39 55.84 9.56
CA ILE A 331 -12.39 54.80 9.42
C ILE A 331 -12.10 54.22 10.80
N LYS A 332 -12.27 52.91 10.92
CA LYS A 332 -11.94 52.19 12.13
C LYS A 332 -10.74 51.29 11.83
N HIS A 333 -9.59 51.63 12.41
CA HIS A 333 -8.39 50.83 12.25
C HIS A 333 -7.59 50.81 13.56
N HIS A 334 -6.29 50.58 13.48
CA HIS A 334 -5.46 50.49 14.67
C HIS A 334 -4.12 51.22 14.50
N VAL A 335 -3.48 51.54 15.63
CA VAL A 335 -2.13 52.09 15.66
C VAL A 335 -1.23 51.14 16.44
N GLY A 336 -0.05 50.86 15.88
CA GLY A 336 0.97 50.08 16.58
C GLY A 336 2.15 50.99 16.84
N PHE A 337 2.45 51.23 18.11
CA PHE A 337 3.54 52.13 18.49
C PHE A 337 4.89 51.46 18.35
N ARG A 338 5.58 51.80 17.27
CA ARG A 338 6.79 51.12 16.85
C ARG A 338 7.63 52.06 16.00
N GLN A 339 8.95 52.03 16.19
CA GLN A 339 9.85 52.78 15.31
C GLN A 339 11.00 51.92 14.82
N VAL A 340 11.15 51.86 13.50
CA VAL A 340 12.27 51.14 12.88
C VAL A 340 13.34 52.13 12.45
N GLU A 341 14.60 51.81 12.77
CA GLU A 341 15.75 52.64 12.40
C GLU A 341 16.92 51.78 11.95
N LEU A 342 17.83 52.41 11.21
CA LEU A 342 19.17 51.88 11.02
C LEU A 342 20.04 52.56 12.07
N LYS A 343 20.46 51.81 13.09
CA LYS A 343 21.11 52.40 14.25
C LYS A 343 22.37 51.63 14.63
N ASP A 344 23.51 52.31 14.54
CA ASP A 344 24.83 51.72 14.81
C ASP A 344 25.04 50.45 13.99
N GLY A 345 24.57 50.51 12.75
CA GLY A 345 24.73 49.41 11.79
C GLY A 345 23.71 48.29 11.88
N ASN A 346 22.70 48.41 12.75
CA ASN A 346 21.68 47.37 12.89
C ASN A 346 20.28 47.84 12.52
N ILE A 347 19.48 46.90 12.01
CA ILE A 347 18.03 47.10 11.90
C ILE A 347 17.49 47.08 13.30
N THR A 348 16.86 48.17 13.67
CA THR A 348 16.47 48.41 15.04
C THR A 348 14.98 48.73 15.08
N VAL A 349 14.28 48.06 15.99
CA VAL A 349 12.87 48.39 16.27
C VAL A 349 12.77 48.76 17.74
N ASN A 350 12.31 49.97 18.00
CA ASN A 350 12.25 50.59 19.29
C ASN A 350 13.58 50.49 19.95
N GLY A 351 14.66 50.65 19.29
CA GLY A 351 16.01 50.69 19.85
C GLY A 351 16.70 49.36 19.91
N LYS A 352 15.93 48.30 19.69
CA LYS A 352 16.44 46.95 19.80
C LYS A 352 16.76 46.39 18.44
N ASP A 353 17.97 45.89 18.34
CA ASP A 353 18.47 45.10 17.25
C ASP A 353 17.83 43.69 17.22
N ILE A 354 16.86 43.54 16.33
CA ILE A 354 16.01 42.35 16.30
C ILE A 354 16.62 41.18 15.54
N LEU A 355 16.07 39.98 15.78
CA LEU A 355 16.47 38.79 15.07
C LEU A 355 15.31 38.22 14.28
N PHE A 356 15.54 38.03 13.08
CA PHE A 356 14.52 37.49 12.24
C PHE A 356 14.52 36.02 12.35
N ARG A 357 13.41 35.42 12.70
CA ARG A 357 13.14 33.98 12.67
C ARG A 357 12.08 33.79 11.60
N GLY A 358 12.51 33.78 10.34
CA GLY A 358 11.57 34.01 9.25
C GLY A 358 11.41 32.96 8.18
N VAL A 359 10.39 33.15 7.34
CA VAL A 359 10.17 32.38 6.12
C VAL A 359 9.79 33.30 4.98
N ASN A 360 10.02 32.82 3.74
CA ASN A 360 9.37 33.38 2.57
C ASN A 360 8.02 32.69 2.38
N ARG A 361 6.96 33.47 2.22
CA ARG A 361 5.64 32.91 1.94
C ARG A 361 5.12 33.45 0.61
N HIS A 362 5.01 32.56 -0.36
CA HIS A 362 4.28 32.85 -1.58
C HIS A 362 2.77 32.72 -1.31
N ASP A 363 1.96 33.33 -2.17
CA ASP A 363 0.54 32.98 -2.23
C ASP A 363 0.44 31.66 -2.98
N HIS A 364 -0.08 30.64 -2.31
CA HIS A 364 -0.33 29.35 -2.94
C HIS A 364 -1.38 28.55 -2.21
N HIS A 365 -2.22 27.91 -3.00
CA HIS A 365 -3.22 26.96 -2.51
C HIS A 365 -3.23 25.79 -3.50
N PRO A 366 -3.29 24.54 -3.00
CA PRO A 366 -3.13 23.38 -3.89
C PRO A 366 -4.23 23.20 -4.93
N ARG A 367 -5.35 23.88 -4.76
CA ARG A 367 -6.45 23.82 -5.72
C ARG A 367 -6.73 25.17 -6.39
N PHE A 368 -6.60 26.28 -5.66
CA PHE A 368 -6.99 27.59 -6.18
C PHE A 368 -5.81 28.43 -6.69
N GLY A 369 -4.60 27.96 -6.43
CA GLY A 369 -3.40 28.66 -6.86
C GLY A 369 -3.11 29.92 -6.05
N ARG A 370 -3.06 31.06 -6.73
CA ARG A 370 -2.70 32.32 -6.10
C ARG A 370 -3.97 33.04 -5.58
N ALA A 371 -5.13 32.47 -5.92
CA ALA A 371 -6.43 32.94 -5.44
C ALA A 371 -6.74 32.29 -4.09
N VAL A 372 -6.01 32.73 -3.07
CA VAL A 372 -6.04 32.07 -1.77
C VAL A 372 -7.16 32.64 -0.89
N PRO A 373 -8.07 31.77 -0.43
CA PRO A 373 -9.04 32.22 0.56
C PRO A 373 -8.32 32.76 1.80
N LEU A 374 -8.82 33.85 2.36
CA LEU A 374 -8.21 34.43 3.55
C LEU A 374 -8.12 33.44 4.70
N ASP A 375 -9.18 32.65 4.84
CA ASP A 375 -9.24 31.53 5.76
C ASP A 375 -7.94 30.72 5.72
N PHE A 376 -7.47 30.41 4.51
CA PHE A 376 -6.27 29.62 4.31
C PHE A 376 -4.99 30.36 4.72
N VAL A 377 -4.95 31.67 4.46
CA VAL A 377 -3.81 32.49 4.85
C VAL A 377 -3.70 32.51 6.37
N VAL A 378 -4.83 32.68 7.04
CA VAL A 378 -4.88 32.63 8.50
C VAL A 378 -4.29 31.31 8.99
N ARG A 379 -4.72 30.21 8.36
CA ARG A 379 -4.19 28.87 8.65
C ARG A 379 -2.66 28.86 8.61
N ASP A 380 -2.10 29.41 7.53
CA ASP A 380 -0.64 29.56 7.37
C ASP A 380 0.02 30.22 8.58
N LEU A 381 -0.49 31.37 8.97
CA LEU A 381 0.13 32.21 9.99
C LEU A 381 0.04 31.61 11.40
N ILE A 382 -1.11 30.98 11.69
CA ILE A 382 -1.30 30.28 12.97
C ILE A 382 -0.26 29.17 13.10
N LEU A 383 -0.06 28.43 12.02
CA LEU A 383 0.95 27.39 11.95
C LEU A 383 2.36 27.96 12.15
N MET A 384 2.65 29.09 11.52
CA MET A 384 3.94 29.77 11.67
C MET A 384 4.22 30.09 13.13
N LYS A 385 3.22 30.68 13.78
CA LYS A 385 3.30 31.03 15.19
C LYS A 385 3.47 29.81 16.07
N LYS A 386 2.76 28.73 15.72
CA LYS A 386 2.86 27.47 16.44
C LYS A 386 4.27 26.86 16.32
N PHE A 387 5.06 27.36 15.38
CA PHE A 387 6.41 26.80 15.15
C PHE A 387 7.54 27.83 15.32
N ASN A 388 7.30 28.84 16.16
CA ASN A 388 8.32 29.80 16.60
C ASN A 388 8.82 30.82 15.57
N ILE A 389 8.12 30.91 14.43
CA ILE A 389 8.46 31.89 13.40
C ILE A 389 7.98 33.26 13.83
N ASN A 390 8.80 34.29 13.62
CA ASN A 390 8.44 35.66 13.99
C ASN A 390 8.46 36.69 12.85
N ALA A 391 8.72 36.23 11.63
CA ALA A 391 8.86 37.15 10.51
C ALA A 391 8.48 36.48 9.20
N VAL A 392 7.90 37.23 8.28
CA VAL A 392 7.68 36.73 6.92
C VAL A 392 8.06 37.71 5.83
N ARG A 393 8.67 37.17 4.78
CA ARG A 393 8.99 37.93 3.58
C ARG A 393 7.92 37.62 2.54
N ASN A 394 7.29 38.67 2.00
CA ASN A 394 6.28 38.53 0.96
C ASN A 394 6.92 38.25 -0.39
N SER A 395 7.49 37.07 -0.53
CA SER A 395 8.13 36.64 -1.77
C SER A 395 7.09 36.34 -2.83
N HIS A 396 7.13 37.01 -3.98
CA HIS A 396 7.99 38.18 -4.23
C HIS A 396 7.08 39.28 -4.77
N TYR A 397 6.12 39.69 -3.95
CA TYR A 397 5.04 40.60 -4.37
C TYR A 397 4.14 40.88 -3.16
N PRO A 398 3.33 41.97 -3.21
CA PRO A 398 2.38 42.15 -2.11
C PRO A 398 1.24 41.13 -2.20
N ASN A 399 0.74 40.72 -1.05
CA ASN A 399 -0.38 39.78 -1.00
C ASN A 399 -1.72 40.53 -1.10
N HIS A 400 -2.82 39.80 -0.93
CA HIS A 400 -4.13 40.43 -0.79
C HIS A 400 -4.07 41.47 0.33
N PRO A 401 -4.65 42.66 0.10
CA PRO A 401 -4.48 43.76 1.06
C PRO A 401 -4.98 43.49 2.47
N LYS A 402 -5.96 42.58 2.60
CA LYS A 402 -6.52 42.21 3.91
C LYS A 402 -5.58 41.38 4.81
N VAL A 403 -4.52 40.86 4.22
CA VAL A 403 -3.58 39.98 4.91
C VAL A 403 -2.71 40.74 5.93
N TYR A 404 -2.55 42.04 5.71
CA TYR A 404 -1.62 42.83 6.51
C TYR A 404 -2.11 43.19 7.91
N ASP A 405 -3.42 43.26 8.08
CA ASP A 405 -4.01 43.30 9.41
C ASP A 405 -3.75 42.02 10.19
N LEU A 406 -3.64 40.91 9.47
CA LEU A 406 -3.34 39.63 10.10
C LEU A 406 -1.92 39.66 10.69
N PHE A 407 -0.96 40.17 9.92
CA PHE A 407 0.39 40.36 10.42
C PHE A 407 0.39 41.32 11.62
N ASP A 408 -0.32 42.45 11.48
CA ASP A 408 -0.47 43.44 12.55
C ASP A 408 -0.97 42.83 13.87
N LYS A 409 -1.95 41.93 13.78
CA LYS A 409 -2.66 41.42 14.95
C LYS A 409 -1.98 40.23 15.56
N LEU A 410 -1.35 39.40 14.73
CA LEU A 410 -0.66 38.21 15.21
C LEU A 410 0.78 38.50 15.59
N GLY A 411 1.39 39.50 14.95
CA GLY A 411 2.76 39.89 15.22
C GLY A 411 3.82 39.17 14.41
N PHE A 412 4.13 39.74 13.25
CA PHE A 412 5.23 39.27 12.41
C PHE A 412 6.05 40.47 11.97
N TRP A 413 7.37 40.33 11.95
CA TRP A 413 8.20 41.30 11.23
C TRP A 413 8.02 41.03 9.75
N VAL A 414 7.55 42.02 9.01
CA VAL A 414 7.21 41.79 7.61
C VAL A 414 8.09 42.58 6.64
N ILE A 415 8.60 41.86 5.63
CA ILE A 415 9.22 42.49 4.48
C ILE A 415 8.18 42.48 3.37
N ASP A 416 7.63 43.65 3.08
CA ASP A 416 6.68 43.79 1.98
C ASP A 416 7.49 44.08 0.72
N GLU A 417 7.25 43.31 -0.33
CA GLU A 417 8.14 43.30 -1.49
C GLU A 417 7.45 43.69 -2.79
N ALA A 418 8.09 44.54 -3.57
CA ALA A 418 7.59 44.95 -4.89
C ALA A 418 7.41 43.74 -5.81
N ASP A 419 6.35 43.77 -6.63
CA ASP A 419 6.11 42.76 -7.67
C ASP A 419 7.05 42.99 -8.85
N LEU A 420 8.29 42.53 -8.72
CA LEU A 420 9.31 42.78 -9.75
C LEU A 420 10.45 41.76 -9.73
N GLU A 421 10.42 40.80 -10.65
CA GLU A 421 11.53 39.86 -10.85
C GLU A 421 11.91 39.75 -12.32
N THR A 422 13.21 39.71 -12.57
CA THR A 422 13.76 39.81 -13.92
C THR A 422 14.67 38.62 -14.23
N HIS A 423 14.74 37.67 -13.29
CA HIS A 423 15.71 36.56 -13.32
C HIS A 423 16.02 35.96 -14.68
N GLY A 424 14.99 35.75 -15.49
CA GLY A 424 15.12 35.09 -16.79
C GLY A 424 16.11 35.64 -17.80
N VAL A 425 16.50 36.90 -17.64
CA VAL A 425 17.50 37.52 -18.50
C VAL A 425 18.84 36.79 -18.42
N GLN A 426 19.05 36.06 -17.33
CA GLN A 426 20.31 35.34 -17.10
C GLN A 426 20.38 33.99 -17.79
N GLU A 427 19.24 33.35 -18.00
CA GLU A 427 19.24 31.96 -18.47
C GLU A 427 20.02 31.73 -19.76
N PRO A 428 19.81 32.55 -20.81
CA PRO A 428 20.62 32.32 -22.01
C PRO A 428 22.09 32.51 -21.75
N PHE A 429 22.42 33.48 -20.90
CA PHE A 429 23.80 33.76 -20.49
C PHE A 429 24.40 32.55 -19.75
N ASN A 430 23.65 32.00 -18.80
CA ASN A 430 24.10 30.83 -18.04
C ASN A 430 24.42 29.64 -18.92
N ARG A 431 23.56 29.38 -19.90
CA ARG A 431 23.72 28.27 -20.82
C ARG A 431 24.86 28.50 -21.83
N HIS A 432 24.97 29.74 -22.32
CA HIS A 432 25.99 30.09 -23.31
C HIS A 432 27.40 30.00 -22.73
N THR A 433 27.53 30.34 -21.45
CA THR A 433 28.84 30.36 -20.79
C THR A 433 29.07 29.10 -19.95
N ASN A 434 28.11 28.17 -19.97
CA ASN A 434 28.16 26.92 -19.19
C ASN A 434 28.42 27.14 -17.70
N LEU A 435 27.78 28.16 -17.13
CA LEU A 435 27.95 28.52 -15.73
C LEU A 435 27.46 27.40 -14.81
N GLU A 436 28.32 26.99 -13.89
CA GLU A 436 28.04 25.90 -12.96
C GLU A 436 27.47 26.40 -11.63
N ALA A 437 28.00 27.51 -11.13
CA ALA A 437 27.62 28.01 -9.80
C ALA A 437 27.65 29.53 -9.65
N GLU A 438 26.71 30.03 -8.85
CA GLU A 438 26.66 31.43 -8.43
C GLU A 438 26.90 31.53 -6.93
N TYR A 439 27.70 32.51 -6.52
CA TYR A 439 28.01 32.71 -5.10
C TYR A 439 27.63 34.12 -4.67
N PRO A 440 27.04 34.27 -3.47
CA PRO A 440 26.49 35.55 -3.02
C PRO A 440 27.47 36.72 -3.09
N ASP A 441 28.76 36.44 -2.92
CA ASP A 441 29.79 37.47 -2.91
C ASP A 441 30.26 37.91 -4.30
N THR A 442 30.04 37.09 -5.33
CA THR A 442 30.56 37.37 -6.66
C THR A 442 29.53 37.37 -7.80
N LYS A 443 28.35 36.81 -7.57
CA LYS A 443 27.36 36.61 -8.64
C LYS A 443 26.83 37.90 -9.27
N ASN A 444 26.94 39.01 -8.55
CA ASN A 444 26.47 40.30 -9.06
C ASN A 444 27.14 40.74 -10.36
N LYS A 445 28.40 40.33 -10.55
CA LYS A 445 29.15 40.63 -11.77
C LYS A 445 28.55 39.93 -13.00
N LEU A 446 27.91 38.79 -12.77
CA LEU A 446 27.24 38.02 -13.81
C LEU A 446 25.93 38.70 -14.22
N TYR A 447 25.20 39.21 -13.24
CA TYR A 447 23.92 39.89 -13.46
C TYR A 447 24.13 41.28 -14.08
N ASP A 448 25.24 41.91 -13.73
CA ASP A 448 25.65 43.21 -14.29
C ASP A 448 25.69 43.20 -15.82
N VAL A 449 26.03 42.03 -16.39
CA VAL A 449 26.15 41.85 -17.83
C VAL A 449 24.83 42.11 -18.55
N ASN A 450 23.72 41.74 -17.91
CA ASN A 450 22.43 41.79 -18.57
C ASN A 450 21.46 42.81 -17.99
N ALA A 451 21.92 43.62 -17.05
CA ALA A 451 21.07 44.60 -16.37
C ALA A 451 20.50 45.64 -17.34
N HIS A 452 21.24 45.91 -18.42
CA HIS A 452 20.85 46.89 -19.42
C HIS A 452 19.53 46.58 -20.13
N TYR A 453 19.14 45.31 -20.14
CA TYR A 453 17.90 44.89 -20.77
C TYR A 453 16.65 45.43 -20.09
N LEU A 454 16.66 45.47 -18.75
CA LEU A 454 15.48 45.86 -17.97
C LEU A 454 15.79 46.83 -16.81
N SER A 455 16.59 46.38 -15.84
CA SER A 455 16.81 47.17 -14.63
C SER A 455 17.71 48.39 -14.85
N ASP A 456 18.48 48.35 -15.91
CA ASP A 456 19.26 49.52 -16.29
C ASP A 456 18.76 50.08 -17.62
N ASN A 457 17.51 49.76 -17.93
CA ASN A 457 16.84 50.20 -19.16
C ASN A 457 15.90 51.36 -18.85
N PRO A 458 16.21 52.56 -19.38
CA PRO A 458 15.42 53.79 -19.11
C PRO A 458 13.94 53.67 -19.50
N GLU A 459 13.65 52.85 -20.51
CA GLU A 459 12.28 52.61 -20.95
C GLU A 459 11.40 51.98 -19.87
N TYR A 460 12.04 51.35 -18.86
CA TYR A 460 11.31 50.65 -17.81
C TYR A 460 11.23 51.41 -16.49
N GLU A 461 11.90 52.57 -16.41
CA GLU A 461 11.86 53.38 -15.19
C GLU A 461 10.45 53.62 -14.65
N VAL A 462 9.53 54.03 -15.52
CA VAL A 462 8.14 54.33 -15.13
C VAL A 462 7.48 53.09 -14.51
N ALA A 463 7.70 51.94 -15.14
CA ALA A 463 7.16 50.68 -14.66
C ALA A 463 7.74 50.31 -13.29
N TYR A 464 9.05 50.44 -13.14
CA TYR A 464 9.75 50.15 -11.89
C TYR A 464 9.29 51.05 -10.75
N LEU A 465 9.13 52.35 -11.04
CA LEU A 465 8.66 53.31 -10.05
C LEU A 465 7.23 53.00 -9.63
N ASP A 466 6.42 52.59 -10.60
CA ASP A 466 5.04 52.21 -10.35
C ASP A 466 4.94 51.03 -9.38
N ARG A 467 5.78 50.02 -9.58
CA ARG A 467 5.82 48.88 -8.65
C ARG A 467 6.17 49.34 -7.23
N ALA A 468 7.05 50.33 -7.11
CA ALA A 468 7.43 50.88 -5.81
C ALA A 468 6.30 51.67 -5.17
N SER A 469 5.77 52.59 -5.95
CA SER A 469 4.71 53.50 -5.51
C SER A 469 3.49 52.69 -5.04
N GLN A 470 3.13 51.69 -5.84
CA GLN A 470 1.99 50.82 -5.56
C GLN A 470 2.22 50.01 -4.30
N LEU A 471 3.42 49.44 -4.17
CA LEU A 471 3.80 48.69 -2.98
C LEU A 471 3.59 49.52 -1.71
N VAL A 472 4.24 50.67 -1.65
CA VAL A 472 4.32 51.46 -0.43
C VAL A 472 2.99 52.10 -0.07
N LEU A 473 2.36 52.73 -1.06
CA LEU A 473 1.19 53.54 -0.77
C LEU A 473 -0.03 52.74 -0.34
N ARG A 474 -0.11 51.48 -0.75
CA ARG A 474 -1.24 50.62 -0.36
C ARG A 474 -1.12 50.17 1.10
N ASP A 475 0.11 49.91 1.55
CA ASP A 475 0.34 49.26 2.85
C ASP A 475 1.07 50.11 3.91
N VAL A 476 1.25 51.41 3.67
CA VAL A 476 2.02 52.31 4.59
C VAL A 476 1.68 52.26 6.08
N ASN A 477 0.44 51.92 6.42
CA ASN A 477 -0.04 52.09 7.78
C ASN A 477 -0.02 50.84 8.66
N HIS A 478 0.66 49.79 8.21
CA HIS A 478 0.73 48.55 8.96
C HIS A 478 2.01 48.47 9.76
N PRO A 479 1.91 48.51 11.10
CA PRO A 479 3.08 48.42 11.98
C PRO A 479 3.92 47.18 11.74
N SER A 480 3.30 46.08 11.32
CA SER A 480 4.04 44.85 11.06
C SER A 480 5.10 45.00 9.98
N ILE A 481 4.84 45.85 8.98
CA ILE A 481 5.79 46.08 7.89
C ILE A 481 6.88 47.01 8.37
N ILE A 482 8.11 46.52 8.35
CA ILE A 482 9.28 47.29 8.80
C ILE A 482 10.26 47.53 7.66
N ILE A 483 10.19 46.68 6.62
CA ILE A 483 11.08 46.81 5.46
C ILE A 483 10.31 46.72 4.14
N TRP A 484 10.63 47.65 3.22
CA TRP A 484 10.18 47.58 1.83
C TRP A 484 11.30 46.95 1.01
N SER A 485 10.94 46.03 0.13
CA SER A 485 11.93 45.44 -0.76
C SER A 485 11.62 45.79 -2.21
N LEU A 486 12.66 46.13 -2.96
CA LEU A 486 12.54 46.62 -4.33
C LEU A 486 12.17 45.52 -5.33
N GLY A 487 12.03 44.30 -4.85
CA GLY A 487 11.72 43.17 -5.71
C GLY A 487 12.68 42.02 -5.45
N ASN A 488 12.92 41.20 -6.47
CA ASN A 488 13.80 40.05 -6.34
C ASN A 488 14.49 39.65 -7.64
N GLU A 489 15.80 39.37 -7.53
CA GLU A 489 16.61 38.83 -8.63
C GLU A 489 16.31 39.51 -9.96
N ALA A 490 16.46 40.83 -9.96
CA ALA A 490 16.19 41.64 -11.14
C ALA A 490 17.44 42.32 -11.65
N CYS A 491 18.62 41.82 -11.26
CA CYS A 491 19.89 42.49 -11.52
C CYS A 491 19.99 43.81 -10.74
N TYR A 492 20.93 44.66 -11.12
CA TYR A 492 21.03 45.98 -10.51
C TYR A 492 21.23 47.08 -11.55
N GLY A 493 20.47 48.15 -11.42
CA GLY A 493 20.52 49.26 -12.38
C GLY A 493 19.94 50.56 -11.86
N ARG A 494 19.96 51.58 -12.72
CA ARG A 494 19.48 52.92 -12.37
C ARG A 494 18.03 52.94 -11.89
N ASN A 495 17.20 52.07 -12.47
CA ASN A 495 15.80 51.96 -12.05
C ASN A 495 15.67 51.63 -10.56
N HIS A 496 16.55 50.77 -10.03
CA HIS A 496 16.55 50.46 -8.61
C HIS A 496 16.91 51.71 -7.77
N LYS A 497 17.90 52.46 -8.22
CA LYS A 497 18.25 53.71 -7.56
C LYS A 497 17.06 54.65 -7.51
N ALA A 498 16.34 54.74 -8.63
CA ALA A 498 15.13 55.56 -8.74
C ALA A 498 14.05 55.11 -7.76
N MET A 499 13.84 53.80 -7.66
CA MET A 499 12.89 53.23 -6.72
C MET A 499 13.24 53.58 -5.28
N TYR A 500 14.54 53.52 -4.96
CA TYR A 500 15.03 53.86 -3.62
C TYR A 500 14.75 55.31 -3.23
N LYS A 501 15.09 56.25 -4.13
CA LYS A 501 14.80 57.67 -3.90
C LYS A 501 13.30 57.88 -3.64
N LEU A 502 12.46 57.29 -4.49
CA LEU A 502 11.02 57.47 -4.40
C LEU A 502 10.44 56.94 -3.07
N ILE A 503 10.85 55.72 -2.69
CA ILE A 503 10.35 55.11 -1.47
C ILE A 503 10.71 55.91 -0.21
N LYS A 504 11.94 56.43 -0.15
CA LYS A 504 12.37 57.31 0.93
C LYS A 504 11.61 58.64 0.98
N GLN A 505 11.23 59.15 -0.20
CA GLN A 505 10.37 60.34 -0.28
C GLN A 505 8.95 60.03 0.19
N LEU A 506 8.41 58.93 -0.30
CA LEU A 506 7.06 58.49 0.05
C LEU A 506 6.92 58.10 1.53
N ASP A 507 7.89 57.33 2.04
CA ASP A 507 7.81 56.80 3.39
C ASP A 507 9.19 56.77 4.08
N PRO A 508 9.55 57.86 4.76
CA PRO A 508 10.86 57.91 5.45
C PRO A 508 10.97 56.97 6.66
N THR A 509 9.85 56.38 7.09
CA THR A 509 9.82 55.64 8.36
C THR A 509 10.36 54.21 8.32
N ARG A 510 10.56 53.66 7.13
CA ARG A 510 11.01 52.27 7.00
C ARG A 510 12.33 52.13 6.25
N LEU A 511 12.87 50.91 6.27
CA LEU A 511 14.15 50.62 5.60
C LEU A 511 13.92 49.90 4.28
N VAL A 512 14.90 49.99 3.38
CA VAL A 512 14.78 49.41 2.03
C VAL A 512 15.75 48.26 1.82
N HIS A 513 15.21 47.14 1.31
CA HIS A 513 15.97 45.92 1.03
C HIS A 513 15.97 45.66 -0.46
N TYR A 514 17.14 45.26 -0.98
CA TYR A 514 17.21 44.66 -2.31
C TYR A 514 18.49 43.84 -2.51
N GLU A 515 18.31 42.52 -2.50
CA GLU A 515 19.42 41.57 -2.54
C GLU A 515 20.27 41.68 -3.80
N GLY A 516 19.66 42.04 -4.93
CA GLY A 516 20.37 42.22 -6.21
C GLY A 516 21.43 43.31 -6.16
N ASP A 517 21.32 44.19 -5.15
CA ASP A 517 22.22 45.30 -4.89
C ASP A 517 23.20 44.85 -3.80
N LEU A 518 24.26 44.16 -4.22
CA LEU A 518 25.24 43.57 -3.31
C LEU A 518 25.81 44.57 -2.31
N ASN A 519 26.23 45.74 -2.81
CA ASN A 519 26.89 46.73 -1.97
C ASN A 519 25.93 47.72 -1.31
N ALA A 520 24.63 47.48 -1.50
CA ALA A 520 23.57 48.33 -0.95
C ALA A 520 23.79 49.82 -1.25
N LEU A 521 24.14 50.13 -2.50
CA LEU A 521 24.28 51.51 -2.95
C LEU A 521 22.95 52.26 -2.87
N SER A 522 21.85 51.54 -3.07
CA SER A 522 20.52 52.08 -2.89
C SER A 522 19.64 51.11 -2.07
N ALA A 523 20.19 50.66 -0.95
CA ALA A 523 19.49 49.88 0.07
C ALA A 523 20.10 50.19 1.43
N ASP A 524 19.36 49.92 2.49
CA ASP A 524 19.82 50.24 3.86
C ASP A 524 20.41 49.02 4.60
N ILE A 525 20.37 47.85 3.93
CA ILE A 525 20.63 46.55 4.55
C ILE A 525 21.45 45.75 3.55
N PHE A 526 22.31 44.86 4.05
CA PHE A 526 22.95 43.85 3.22
C PHE A 526 22.10 42.58 3.25
N SER A 527 22.13 41.82 2.16
CA SER A 527 21.33 40.60 2.08
C SER A 527 22.00 39.55 1.23
N PHE A 528 22.09 38.33 1.76
CA PHE A 528 22.56 37.20 0.98
C PHE A 528 21.46 36.17 0.82
N MET A 529 21.56 35.36 -0.23
CA MET A 529 20.76 34.12 -0.30
C MET A 529 21.64 32.86 -0.42
N TYR A 530 21.31 31.86 0.41
CA TYR A 530 21.99 30.57 0.47
C TYR A 530 23.51 30.65 0.64
N PRO A 531 24.00 31.55 1.52
CA PRO A 531 25.44 31.70 1.61
C PRO A 531 26.08 30.62 2.46
N THR A 532 27.33 30.34 2.14
CA THR A 532 28.19 29.49 2.93
C THR A 532 28.63 30.27 4.17
N PHE A 533 28.96 29.59 5.26
CA PHE A 533 29.42 30.29 6.47
C PHE A 533 30.67 31.13 6.17
N GLU A 534 31.62 30.55 5.44
CA GLU A 534 32.84 31.23 5.01
C GLU A 534 32.52 32.53 4.26
N ILE A 535 31.48 32.49 3.41
CA ILE A 535 31.08 33.66 2.63
C ILE A 535 30.44 34.74 3.51
N MET A 536 29.64 34.31 4.48
CA MET A 536 29.05 35.21 5.48
C MET A 536 30.14 35.92 6.26
N GLU A 537 31.12 35.14 6.71
CA GLU A 537 32.23 35.60 7.50
C GLU A 537 33.19 36.54 6.77
N ARG A 538 33.50 36.25 5.50
CA ARG A 538 34.27 37.17 4.64
C ARG A 538 33.60 38.53 4.60
N TRP A 539 32.28 38.52 4.39
CA TRP A 539 31.51 39.74 4.25
C TRP A 539 31.52 40.53 5.55
N ARG A 540 31.22 39.86 6.66
CA ARG A 540 31.23 40.46 7.98
C ARG A 540 32.55 41.19 8.22
N LYS A 541 33.66 40.48 8.03
CA LYS A 541 35.00 41.01 8.27
C LYS A 541 35.36 42.19 7.36
N ASN A 542 34.94 42.12 6.09
CA ASN A 542 35.21 43.20 5.15
C ASN A 542 34.33 44.43 5.34
N HIS A 543 33.35 44.35 6.24
CA HIS A 543 32.43 45.47 6.46
C HIS A 543 32.39 45.95 7.91
N THR A 544 33.18 45.29 8.76
CA THR A 544 33.43 45.74 10.12
C THR A 544 34.79 46.43 10.12
N ASP A 545 34.84 47.68 10.56
CA ASP A 545 36.11 48.40 10.60
C ASP A 545 36.95 47.99 11.83
N GLU A 546 38.13 48.61 11.97
CA GLU A 546 39.08 48.26 13.03
C GLU A 546 38.54 48.51 14.44
N ASN A 547 37.59 49.44 14.54
CA ASN A 547 36.89 49.72 15.79
C ASN A 547 35.76 48.73 16.15
N GLY A 548 35.38 47.88 15.21
CA GLY A 548 34.29 46.94 15.44
C GLY A 548 32.95 47.47 15.00
N LYS A 549 32.96 48.63 14.36
CA LYS A 549 31.73 49.25 13.86
C LYS A 549 31.42 48.77 12.46
N PHE A 550 30.15 48.51 12.21
CA PHE A 550 29.64 48.28 10.86
C PHE A 550 28.57 49.31 10.54
N GLU A 551 28.45 49.65 9.26
CA GLU A 551 27.52 50.68 8.81
C GLU A 551 26.11 50.11 8.55
N LYS A 552 26.06 48.85 8.10
CA LYS A 552 24.82 48.13 7.77
C LYS A 552 24.96 46.64 8.14
N PRO A 553 23.85 45.97 8.44
CA PRO A 553 23.92 44.57 8.87
C PRO A 553 23.65 43.56 7.75
N LEU A 554 23.71 42.27 8.08
CA LEU A 554 23.40 41.25 7.09
C LEU A 554 22.21 40.38 7.51
N ILE A 555 21.26 40.22 6.59
CA ILE A 555 20.21 39.22 6.75
C ILE A 555 20.31 38.20 5.63
N LEU A 556 19.70 37.04 5.83
CA LEU A 556 19.62 36.05 4.77
C LEU A 556 18.19 36.02 4.30
N CYS A 557 17.89 36.76 3.24
CA CYS A 557 16.52 36.85 2.73
C CYS A 557 16.01 35.49 2.23
N GLU A 558 16.92 34.63 1.82
CA GLU A 558 16.62 33.22 1.54
C GLU A 558 17.80 32.36 2.00
N TYR A 559 17.52 31.31 2.76
CA TYR A 559 18.56 30.35 3.18
C TYR A 559 17.91 29.05 3.61
N GLY A 560 18.73 28.01 3.82
CA GLY A 560 18.24 26.71 4.27
C GLY A 560 17.13 26.15 3.40
N HIS A 561 17.39 26.12 2.08
CA HIS A 561 16.45 25.62 1.07
C HIS A 561 15.76 24.36 1.57
N ALA A 562 14.44 24.44 1.76
CA ALA A 562 13.67 23.41 2.45
C ALA A 562 13.16 22.27 1.56
N MET A 563 13.74 22.13 0.36
CA MET A 563 13.27 21.14 -0.60
C MET A 563 13.47 19.71 -0.13
N GLY A 564 12.37 18.97 -0.02
CA GLY A 564 12.41 17.55 0.33
C GLY A 564 13.05 17.28 1.68
N ASN A 565 13.67 16.11 1.81
CA ASN A 565 14.33 15.72 3.04
C ASN A 565 15.46 16.71 3.36
N GLY A 566 15.23 17.52 4.39
CA GLY A 566 16.08 18.65 4.72
C GLY A 566 15.26 19.79 5.26
N PRO A 567 15.88 20.96 5.48
CA PRO A 567 17.29 21.24 5.22
C PRO A 567 18.20 20.81 6.38
N GLY A 568 19.41 20.38 6.03
CA GLY A 568 20.41 20.06 7.03
C GLY A 568 21.15 21.31 7.49
N SER A 569 21.68 21.24 8.70
CA SER A 569 22.57 22.28 9.26
C SER A 569 21.95 23.64 9.56
N LEU A 570 20.63 23.68 9.78
CA LEU A 570 19.97 24.87 10.33
C LEU A 570 20.64 25.29 11.63
N LYS A 571 21.10 24.28 12.38
CA LYS A 571 21.81 24.46 13.63
C LYS A 571 23.02 25.39 13.48
N GLU A 572 23.86 25.07 12.50
CA GLU A 572 25.11 25.79 12.31
C GLU A 572 24.89 27.24 11.84
N TYR A 573 23.86 27.46 11.03
CA TYR A 573 23.45 28.81 10.68
C TYR A 573 23.02 29.63 11.91
N GLN A 574 22.25 28.99 12.80
CA GLN A 574 21.74 29.65 13.99
C GLN A 574 22.85 30.05 14.95
N GLU A 575 23.79 29.13 15.18
CA GLU A 575 24.96 29.42 16.04
C GLU A 575 25.63 30.68 15.54
N LEU A 576 25.77 30.79 14.23
CA LEU A 576 26.35 31.96 13.61
C LEU A 576 25.51 33.22 13.88
N PHE A 577 24.18 33.10 13.74
CA PHE A 577 23.28 34.24 14.00
C PHE A 577 23.42 34.82 15.40
N TYR A 578 23.49 33.95 16.41
CA TYR A 578 23.57 34.36 17.80
C TYR A 578 24.93 34.94 18.18
N LYS A 579 25.97 34.51 17.47
CA LYS A 579 27.35 34.88 17.82
C LYS A 579 27.71 36.30 17.42
N GLU A 580 27.15 36.80 16.32
CA GLU A 580 27.53 38.11 15.78
C GLU A 580 26.36 39.08 15.68
N LYS A 581 26.55 40.26 16.26
CA LYS A 581 25.55 41.31 16.22
C LYS A 581 25.27 41.76 14.78
N PHE A 582 26.27 41.62 13.92
CA PHE A 582 26.21 41.94 12.49
C PHE A 582 25.19 41.09 11.72
N TYR A 583 25.03 39.83 12.09
CA TYR A 583 23.96 38.99 11.53
C TYR A 583 22.67 39.22 12.30
N GLN A 584 21.57 39.41 11.58
CA GLN A 584 20.28 39.59 12.23
C GLN A 584 19.24 38.54 11.82
N GLY A 585 19.71 37.38 11.41
CA GLY A 585 18.84 36.25 11.11
C GLY A 585 18.58 36.05 9.65
N GLY A 586 17.48 35.34 9.35
CA GLY A 586 17.16 34.98 7.98
C GLY A 586 15.75 34.51 7.77
N PHE A 587 15.41 34.30 6.50
CA PHE A 587 14.11 33.81 6.12
C PHE A 587 14.36 32.55 5.31
N ILE A 588 13.94 31.39 5.80
CA ILE A 588 14.17 30.18 5.01
C ILE A 588 13.25 30.17 3.78
N TRP A 589 13.74 29.55 2.71
CA TRP A 589 12.96 29.33 1.51
C TRP A 589 12.59 27.86 1.49
N GLU A 590 11.31 27.51 1.53
CA GLU A 590 10.17 28.40 1.39
C GLU A 590 9.16 27.96 2.45
N TRP A 591 8.01 28.63 2.55
CA TRP A 591 6.99 28.20 3.53
C TRP A 591 6.35 26.86 3.17
N ALA A 592 5.95 26.71 1.90
CA ALA A 592 5.21 25.51 1.48
C ALA A 592 5.49 25.13 0.03
N ASN A 593 5.45 23.82 -0.24
CA ASN A 593 5.44 23.28 -1.61
C ASN A 593 4.31 23.93 -2.43
N HIS A 594 4.59 24.21 -3.70
CA HIS A 594 3.61 24.79 -4.60
C HIS A 594 2.76 23.76 -5.36
N GLY A 595 2.61 22.56 -4.82
CA GLY A 595 1.92 21.49 -5.53
C GLY A 595 0.48 21.81 -5.87
N ILE A 596 0.08 21.45 -7.08
CA ILE A 596 -1.30 21.58 -7.51
C ILE A 596 -1.91 20.19 -7.52
N GLU A 597 -3.08 20.05 -6.92
CA GLU A 597 -3.79 18.77 -6.90
C GLU A 597 -4.24 18.37 -8.30
N PHE A 598 -4.04 17.10 -8.64
CA PHE A 598 -4.42 16.57 -9.94
C PHE A 598 -4.54 15.04 -9.87
N GLU A 599 -5.14 14.46 -10.91
CA GLU A 599 -5.28 13.02 -11.01
C GLU A 599 -4.07 12.42 -11.74
N ASP A 600 -3.40 11.50 -11.06
CA ASP A 600 -2.16 10.90 -11.54
C ASP A 600 -2.40 9.42 -11.84
N VAL A 601 -1.79 8.92 -12.92
CA VAL A 601 -1.82 7.48 -13.17
C VAL A 601 -0.65 6.83 -12.46
N SER A 602 -0.97 5.83 -11.65
CA SER A 602 0.03 5.22 -10.79
C SER A 602 0.95 4.25 -11.50
N THR A 603 2.22 4.39 -11.21
CA THR A 603 3.25 3.50 -11.69
C THR A 603 3.26 2.20 -10.89
N ALA A 604 2.72 2.24 -9.68
CA ALA A 604 2.65 1.08 -8.81
C ALA A 604 1.40 0.25 -9.09
N ASP A 605 0.34 0.93 -9.50
CA ASP A 605 -1.02 0.42 -9.43
C ASP A 605 -1.63 0.19 -10.82
N GLY A 606 -1.29 1.08 -11.75
CA GLY A 606 -1.95 1.15 -13.04
C GLY A 606 -3.27 1.85 -12.93
N LYS A 607 -3.53 2.49 -11.78
CA LYS A 607 -4.82 3.11 -11.51
C LYS A 607 -4.68 4.59 -11.21
N LEU A 608 -5.80 5.29 -11.16
CA LEU A 608 -5.83 6.74 -10.99
C LEU A 608 -5.89 7.12 -9.51
N HIS A 609 -5.03 8.07 -9.13
CA HIS A 609 -4.92 8.54 -7.75
C HIS A 609 -4.70 10.05 -7.69
N LYS A 610 -5.17 10.65 -6.60
CA LYS A 610 -4.88 12.05 -6.29
C LYS A 610 -3.38 12.24 -6.01
N ALA A 611 -2.79 13.27 -6.62
CA ALA A 611 -1.38 13.59 -6.39
C ALA A 611 -1.14 15.10 -6.44
N TYR A 612 0.10 15.53 -6.22
CA TYR A 612 0.43 16.95 -6.27
C TYR A 612 1.47 17.23 -7.34
N ALA A 613 1.07 18.04 -8.31
CA ALA A 613 1.85 18.29 -9.51
C ALA A 613 3.01 19.25 -9.29
N TYR A 614 4.11 18.94 -9.97
CA TYR A 614 5.22 19.86 -10.12
C TYR A 614 5.55 19.91 -11.62
N GLY A 615 6.58 20.65 -11.99
CA GLY A 615 6.95 20.82 -13.39
C GLY A 615 6.97 19.51 -14.14
N GLY A 616 6.37 19.49 -15.33
CA GLY A 616 6.35 18.29 -16.16
C GLY A 616 5.02 17.56 -16.17
N ASP A 617 4.32 17.57 -15.03
CA ASP A 617 3.05 16.88 -14.90
C ASP A 617 1.97 17.47 -15.80
N PHE A 618 2.04 18.78 -16.03
CA PHE A 618 1.10 19.47 -16.94
C PHE A 618 1.69 19.60 -18.34
N LYS A 619 2.77 18.87 -18.61
CA LYS A 619 3.36 18.72 -19.94
C LYS A 619 3.74 20.05 -20.59
N GLU A 620 4.50 20.85 -19.85
CA GLU A 620 5.03 22.11 -20.36
C GLU A 620 6.15 21.82 -21.36
N GLU A 621 6.28 22.69 -22.36
CA GLU A 621 7.43 22.64 -23.30
C GLU A 621 8.73 22.77 -22.52
N VAL A 622 8.79 23.82 -21.70
CA VAL A 622 9.90 24.06 -20.78
C VAL A 622 9.36 24.19 -19.36
N HIS A 623 10.03 23.54 -18.43
CA HIS A 623 9.64 23.58 -17.03
C HIS A 623 10.85 23.28 -16.16
N ASP A 624 10.70 23.46 -14.85
CA ASP A 624 11.80 23.22 -13.93
C ASP A 624 11.50 22.14 -12.87
N GLY A 625 10.67 21.18 -13.28
CA GLY A 625 10.47 19.94 -12.54
C GLY A 625 10.05 20.09 -11.09
N VAL A 626 10.80 19.43 -10.22
CA VAL A 626 10.42 19.25 -8.83
C VAL A 626 10.82 20.45 -7.92
N PHE A 627 11.41 21.49 -8.51
CA PHE A 627 11.77 22.68 -7.73
C PHE A 627 10.56 23.44 -7.20
N ILE A 628 9.38 23.01 -7.62
CA ILE A 628 8.11 23.46 -7.06
C ILE A 628 7.99 23.05 -5.60
N MET A 629 8.56 21.89 -5.26
CA MET A 629 8.36 21.27 -3.97
C MET A 629 9.49 21.62 -3.00
N ASP A 630 9.54 22.88 -2.59
CA ASP A 630 10.66 23.36 -1.77
C ASP A 630 10.25 24.01 -0.45
N GLY A 631 9.17 23.53 0.15
CA GLY A 631 8.67 24.13 1.37
C GLY A 631 8.97 23.41 2.67
N LEU A 632 8.87 24.15 3.77
CA LEU A 632 8.86 23.57 5.11
C LEU A 632 7.57 22.80 5.34
N CYS A 633 6.51 23.25 4.67
CA CYS A 633 5.25 22.53 4.65
C CYS A 633 5.01 21.93 3.27
N ASN A 634 4.23 20.86 3.21
CA ASN A 634 3.89 20.22 1.94
C ASN A 634 2.86 21.03 1.15
N SER A 635 2.41 20.48 0.03
CA SER A 635 1.48 21.18 -0.87
C SER A 635 0.14 21.47 -0.23
N GLU A 636 -0.21 20.66 0.77
CA GLU A 636 -1.46 20.83 1.49
C GLU A 636 -1.25 21.77 2.69
N HIS A 637 -0.05 22.37 2.73
CA HIS A 637 0.35 23.33 3.76
C HIS A 637 0.35 22.76 5.16
N ASN A 638 0.77 21.51 5.27
CA ASN A 638 0.98 20.84 6.55
C ASN A 638 2.47 20.64 6.82
N PRO A 639 2.88 20.67 8.10
CA PRO A 639 4.31 20.61 8.46
C PRO A 639 5.03 19.36 7.95
N THR A 640 6.24 19.55 7.42
CA THR A 640 7.15 18.45 7.14
C THR A 640 8.16 18.37 8.29
N PRO A 641 9.07 17.37 8.29
CA PRO A 641 10.15 17.35 9.29
C PRO A 641 11.03 18.58 9.24
N GLY A 642 11.06 19.27 8.10
CA GLY A 642 11.77 20.53 7.97
C GLY A 642 11.25 21.58 8.95
N LEU A 643 9.94 21.77 8.96
CA LEU A 643 9.34 22.74 9.86
C LEU A 643 9.59 22.34 11.30
N VAL A 644 9.44 21.06 11.58
CA VAL A 644 9.64 20.54 12.94
C VAL A 644 11.05 20.88 13.43
N GLU A 645 12.04 20.72 12.55
CA GLU A 645 13.42 21.00 12.91
C GLU A 645 13.64 22.50 13.11
N TYR A 646 13.12 23.31 12.20
CA TYR A 646 13.26 24.76 12.26
C TYR A 646 12.74 25.32 13.57
N LYS A 647 11.57 24.86 14.00
CA LYS A 647 10.97 25.30 15.26
C LYS A 647 11.93 25.13 16.43
N LYS A 648 12.64 24.01 16.44
CA LYS A 648 13.60 23.73 17.50
C LYS A 648 14.85 24.63 17.44
N VAL A 649 15.48 24.73 16.27
CA VAL A 649 16.72 25.51 16.20
C VAL A 649 16.50 26.99 16.49
N ILE A 650 15.30 27.50 16.22
CA ILE A 650 14.99 28.92 16.46
C ILE A 650 14.26 29.21 17.77
N GLU A 651 14.04 28.18 18.59
CA GLU A 651 13.33 28.35 19.88
C GLU A 651 13.90 29.55 20.65
N PRO A 652 13.01 30.45 21.11
CA PRO A 652 13.43 31.71 21.73
C PRO A 652 13.84 31.60 23.20
N VAL A 653 14.00 30.37 23.69
CA VAL A 653 14.54 30.11 25.03
C VAL A 653 15.50 28.90 24.97
N HIS A 654 16.69 29.05 25.52
CA HIS A 654 17.65 27.95 25.56
C HIS A 654 17.60 27.26 26.91
N ILE A 655 17.48 25.94 26.87
CA ILE A 655 17.48 25.14 28.09
C ILE A 655 18.61 24.12 28.00
N LYS A 656 19.64 24.32 28.82
CA LYS A 656 20.80 23.44 28.84
C LYS A 656 20.92 22.71 30.15
N ILE A 657 21.00 21.38 30.09
CA ILE A 657 21.09 20.55 31.28
C ILE A 657 22.41 19.79 31.33
N ALA A 658 23.23 20.13 32.32
CA ALA A 658 24.54 19.51 32.54
C ALA A 658 25.00 19.73 33.98
N HIS A 659 25.73 18.73 34.50
CA HIS A 659 26.34 18.77 35.84
C HIS A 659 25.36 19.17 36.92
N GLY A 660 24.21 18.49 36.97
CA GLY A 660 23.21 18.77 38.01
C GLY A 660 22.67 20.19 37.98
N SER A 661 22.73 20.82 36.81
CA SER A 661 22.26 22.19 36.62
C SER A 661 21.43 22.36 35.36
N VAL A 662 20.38 23.17 35.47
CA VAL A 662 19.61 23.62 34.32
C VAL A 662 19.91 25.10 34.09
N THR A 663 20.48 25.41 32.93
CA THR A 663 20.69 26.81 32.55
C THR A 663 19.64 27.22 31.53
N ILE A 664 18.89 28.26 31.86
CA ILE A 664 17.85 28.80 31.00
C ILE A 664 18.24 30.20 30.58
N THR A 665 18.29 30.44 29.26
CA THR A 665 18.62 31.76 28.71
C THR A 665 17.48 32.28 27.85
N ASN A 666 17.04 33.51 28.10
CA ASN A 666 16.01 34.12 27.30
C ASN A 666 16.58 34.67 26.00
N LYS A 667 16.08 34.15 24.88
CA LYS A 667 16.59 34.53 23.56
C LYS A 667 15.59 35.34 22.74
N HIS A 668 14.53 35.83 23.39
CA HIS A 668 13.60 36.75 22.77
C HIS A 668 14.27 38.09 22.53
N ASP A 669 13.67 38.92 21.69
CA ASP A 669 14.14 40.27 21.48
C ASP A 669 13.57 41.24 22.51
N PHE A 670 12.35 40.99 22.95
CA PHE A 670 11.63 41.97 23.76
C PHE A 670 10.96 41.40 25.00
N ILE A 671 10.22 40.32 24.82
CA ILE A 671 9.42 39.78 25.93
C ILE A 671 10.21 38.98 26.94
N THR A 672 9.60 38.89 28.11
CA THR A 672 10.09 38.19 29.27
C THR A 672 9.68 36.72 29.20
N THR A 673 10.14 35.91 30.15
CA THR A 673 9.79 34.50 30.23
C THR A 673 8.55 34.25 31.10
N ASP A 674 7.95 35.33 31.62
CA ASP A 674 6.84 35.24 32.58
C ASP A 674 5.64 34.44 32.11
N HIS A 675 5.39 34.50 30.81
CA HIS A 675 4.25 33.81 30.18
C HIS A 675 4.48 32.29 30.10
N LEU A 676 5.68 31.85 30.47
CA LEU A 676 6.07 30.45 30.32
C LEU A 676 6.06 29.67 31.62
N LEU A 677 5.54 28.45 31.55
CA LEU A 677 5.60 27.48 32.62
C LEU A 677 6.69 26.45 32.33
N PHE A 678 7.64 26.32 33.26
CA PHE A 678 8.73 25.37 33.11
C PHE A 678 8.44 24.10 33.91
N ILE A 679 8.34 22.98 33.21
CA ILE A 679 8.04 21.69 33.84
C ILE A 679 9.25 20.75 33.83
N ASP A 680 9.57 20.20 35.00
CA ASP A 680 10.56 19.13 35.14
C ASP A 680 9.86 17.86 34.70
N LYS A 681 10.21 17.37 33.52
CA LYS A 681 9.52 16.24 32.90
C LYS A 681 9.73 14.92 33.62
N ASP A 682 10.85 14.82 34.35
CA ASP A 682 11.18 13.63 35.11
C ASP A 682 10.26 13.44 36.32
N THR A 683 9.80 14.55 36.88
CA THR A 683 8.94 14.52 38.08
C THR A 683 7.51 14.99 37.81
N GLY A 684 7.34 15.88 36.83
CA GLY A 684 6.03 16.44 36.54
C GLY A 684 5.73 17.71 37.30
N LYS A 685 6.55 18.01 38.32
CA LYS A 685 6.38 19.23 39.08
C LYS A 685 7.06 20.40 38.36
N THR A 686 6.50 21.60 38.53
CA THR A 686 6.99 22.77 37.83
C THR A 686 8.23 23.36 38.51
N ILE A 687 9.01 24.10 37.75
CA ILE A 687 10.23 24.73 38.26
C ILE A 687 10.03 26.24 38.36
N ASP A 688 10.33 26.79 39.53
CA ASP A 688 10.29 28.22 39.75
C ASP A 688 11.40 28.92 39.02
N VAL A 689 11.07 29.53 37.89
CA VAL A 689 12.06 30.26 37.10
C VAL A 689 11.81 31.75 37.23
N PRO A 690 12.81 32.48 37.73
CA PRO A 690 12.78 33.95 37.83
C PRO A 690 12.47 34.59 36.47
N SER A 691 11.80 35.73 36.51
CA SER A 691 11.48 36.47 35.31
C SER A 691 12.76 36.91 34.58
N LEU A 692 12.97 36.37 33.38
CA LEU A 692 14.18 36.67 32.63
C LEU A 692 13.94 37.66 31.50
N LYS A 693 14.75 38.72 31.47
CA LYS A 693 14.72 39.69 30.37
C LYS A 693 15.47 39.14 29.16
N PRO A 694 15.29 39.74 27.98
CA PRO A 694 16.10 39.33 26.84
C PRO A 694 17.60 39.24 27.16
N GLU A 695 18.19 38.08 26.86
CA GLU A 695 19.63 37.79 27.06
C GLU A 695 20.05 37.46 28.49
N GLU A 696 19.13 37.56 29.44
CA GLU A 696 19.40 37.18 30.82
C GLU A 696 19.31 35.67 30.97
N SER A 697 20.11 35.10 31.86
CA SER A 697 20.04 33.68 32.13
C SER A 697 20.11 33.33 33.62
N VAL A 698 19.82 32.08 33.93
CA VAL A 698 19.81 31.60 35.30
C VAL A 698 20.21 30.13 35.33
N THR A 699 21.01 29.75 36.34
CA THR A 699 21.38 28.36 36.58
C THR A 699 20.64 27.87 37.82
N ILE A 700 19.90 26.78 37.69
CA ILE A 700 19.16 26.20 38.81
C ILE A 700 19.59 24.75 39.04
N PRO A 701 20.08 24.44 40.26
CA PRO A 701 20.48 23.08 40.59
C PRO A 701 19.30 22.12 40.54
N SER A 702 19.50 20.99 39.88
CA SER A 702 18.43 20.03 39.62
C SER A 702 18.98 18.67 39.20
N ASP A 703 18.23 17.62 39.51
CA ASP A 703 18.58 16.27 39.09
C ASP A 703 17.90 15.88 37.78
N THR A 704 17.23 16.85 37.14
CA THR A 704 16.38 16.58 35.98
C THR A 704 17.17 16.24 34.72
N THR A 705 16.47 15.53 33.83
CA THR A 705 17.03 15.04 32.58
C THR A 705 16.42 15.78 31.39
N TYR A 706 15.26 16.39 31.63
CA TYR A 706 14.39 16.80 30.57
C TYR A 706 13.48 17.91 31.09
N VAL A 707 13.66 19.12 30.55
CA VAL A 707 12.86 20.27 30.97
C VAL A 707 12.14 20.88 29.76
N VAL A 708 10.85 21.17 29.95
CA VAL A 708 10.00 21.73 28.90
C VAL A 708 9.53 23.15 29.26
N ALA A 709 9.52 24.04 28.27
CA ALA A 709 8.98 25.40 28.43
C ALA A 709 7.70 25.54 27.64
N VAL A 710 6.63 25.85 28.36
CA VAL A 710 5.27 25.73 27.86
C VAL A 710 4.46 26.97 28.19
N LEU A 711 3.46 27.26 27.36
CA LEU A 711 2.61 28.44 27.54
C LEU A 711 1.62 28.28 28.70
N LYS A 712 1.61 29.25 29.61
CA LYS A 712 0.71 29.21 30.77
C LYS A 712 -0.77 29.35 30.42
N ASP A 713 -1.09 30.26 29.50
CA ASP A 713 -2.45 30.58 29.14
C ASP A 713 -2.61 30.73 27.63
N ASP A 714 -3.83 30.54 27.13
CA ASP A 714 -4.14 30.89 25.75
C ASP A 714 -3.71 32.34 25.52
N ALA A 715 -2.90 32.55 24.49
CA ALA A 715 -2.44 33.88 24.12
C ALA A 715 -2.19 33.92 22.61
N GLY A 716 -2.69 34.96 21.95
CA GLY A 716 -2.67 35.05 20.49
C GLY A 716 -3.47 33.92 19.89
N VAL A 717 -2.81 33.12 19.06
CA VAL A 717 -3.45 31.97 18.43
C VAL A 717 -2.90 30.66 19.00
N LEU A 718 -2.20 30.77 20.12
CA LEU A 718 -1.61 29.61 20.80
C LEU A 718 -2.39 29.23 22.05
N LYS A 719 -2.39 27.93 22.35
CA LYS A 719 -3.13 27.37 23.48
C LYS A 719 -2.25 27.16 24.70
N ALA A 720 -2.86 27.22 25.88
CA ALA A 720 -2.17 26.86 27.11
C ALA A 720 -1.57 25.48 26.97
N GLY A 721 -0.31 25.34 27.37
CA GLY A 721 0.38 24.06 27.30
C GLY A 721 1.17 23.84 26.02
N HIS A 722 1.09 24.81 25.10
CA HIS A 722 1.83 24.75 23.85
C HIS A 722 3.33 24.88 24.11
N GLU A 723 4.11 23.97 23.52
CA GLU A 723 5.54 23.93 23.74
C GLU A 723 6.28 25.00 22.94
N ILE A 724 7.06 25.82 23.64
CA ILE A 724 7.86 26.87 23.02
C ILE A 724 9.33 26.43 22.90
N ALA A 725 9.84 25.83 23.97
CA ALA A 725 11.24 25.39 24.00
C ALA A 725 11.37 24.18 24.91
N TRP A 726 12.50 23.49 24.78
CA TRP A 726 12.82 22.36 25.66
C TRP A 726 14.32 22.06 25.67
N GLY A 727 14.76 21.29 26.67
CA GLY A 727 16.14 20.82 26.75
C GLY A 727 16.21 19.46 27.40
N GLN A 728 17.26 18.72 27.09
CA GLN A 728 17.52 17.43 27.69
C GLN A 728 18.99 17.32 28.05
N ALA A 729 19.28 16.59 29.12
CA ALA A 729 20.63 16.18 29.42
C ALA A 729 20.99 15.10 28.42
N GLU A 730 22.25 15.04 28.01
CA GLU A 730 22.66 14.03 27.06
C GLU A 730 22.58 12.66 27.71
N LEU A 731 22.14 11.69 26.92
CA LEU A 731 21.78 10.36 27.41
C LEU A 731 22.86 9.35 27.04
N PRO A 732 23.57 8.81 28.06
CA PRO A 732 24.62 7.81 27.83
C PRO A 732 24.02 6.53 27.24
N LEU A 733 24.78 5.86 26.39
CA LEU A 733 24.33 4.59 25.83
C LEU A 733 24.48 3.47 26.85
N LYS A 734 23.34 2.93 27.27
CA LYS A 734 23.32 1.84 28.23
C LYS A 734 22.99 0.52 27.51
N VAL A 735 23.79 -0.52 27.77
CA VAL A 735 23.50 -1.87 27.27
C VAL A 735 22.27 -2.40 27.99
N PRO A 736 21.26 -2.88 27.24
CA PRO A 736 20.10 -3.47 27.93
C PRO A 736 20.54 -4.64 28.80
N ASP A 737 19.70 -4.97 29.79
CA ASP A 737 20.02 -6.03 30.74
C ASP A 737 19.52 -7.38 30.25
N PHE A 738 19.76 -7.66 28.97
CA PHE A 738 19.38 -8.94 28.36
C PHE A 738 20.31 -10.05 28.84
N VAL A 739 19.72 -11.16 29.25
CA VAL A 739 20.50 -12.30 29.71
C VAL A 739 20.66 -13.30 28.58
N THR A 740 21.88 -13.39 28.07
CA THR A 740 22.25 -14.35 27.03
C THR A 740 22.33 -15.74 27.63
N GLU A 741 21.67 -16.70 26.99
CA GLU A 741 21.69 -18.07 27.45
C GLU A 741 23.00 -18.75 27.08
N THR A 742 23.89 -18.88 28.05
CA THR A 742 25.21 -19.48 27.85
C THR A 742 25.30 -20.91 28.40
N ALA A 743 24.16 -21.44 28.85
CA ALA A 743 24.07 -22.83 29.31
C ALA A 743 24.33 -23.76 28.14
N GLU A 744 24.84 -24.96 28.44
CA GLU A 744 25.17 -25.90 27.37
C GLU A 744 23.96 -26.66 26.85
N LYS A 745 23.57 -26.32 25.63
CA LYS A 745 22.50 -27.01 24.91
C LYS A 745 23.13 -27.82 23.78
N ALA A 746 22.66 -29.05 23.60
CA ALA A 746 23.06 -29.86 22.45
C ALA A 746 22.58 -29.19 21.16
N ALA A 747 23.48 -29.05 20.19
CA ALA A 747 23.15 -28.37 18.94
C ALA A 747 23.64 -29.14 17.72
N LYS A 748 22.73 -29.34 16.76
CA LYS A 748 23.09 -30.03 15.53
C LYS A 748 23.62 -29.06 14.48
N ILE A 749 24.86 -29.27 14.06
CA ILE A 749 25.48 -28.44 13.04
C ILE A 749 25.64 -29.24 11.75
N ASN A 750 25.00 -28.77 10.69
CA ASN A 750 25.06 -29.43 9.40
C ASN A 750 25.71 -28.54 8.33
N ASP A 751 26.99 -28.79 8.06
CA ASP A 751 27.75 -27.98 7.11
C ASP A 751 27.73 -28.66 5.75
N GLY A 752 26.70 -28.38 4.96
CA GLY A 752 26.53 -28.98 3.65
C GLY A 752 27.44 -28.38 2.58
N LYS A 753 27.19 -28.76 1.33
CA LYS A 753 27.99 -28.29 0.21
C LYS A 753 27.75 -26.80 -0.05
N ARG A 754 26.50 -26.38 -0.01
CA ARG A 754 26.12 -24.97 -0.20
C ARG A 754 25.56 -24.32 1.08
N TYR A 755 24.73 -25.06 1.82
CA TYR A 755 24.04 -24.50 2.98
C TYR A 755 24.59 -25.01 4.31
N VAL A 756 24.64 -24.11 5.29
CA VAL A 756 25.01 -24.48 6.65
C VAL A 756 23.84 -24.30 7.63
N SER A 757 23.51 -25.37 8.34
CA SER A 757 22.43 -25.38 9.34
C SER A 757 22.95 -25.43 10.76
N VAL A 758 22.35 -24.63 11.64
CA VAL A 758 22.57 -24.73 13.06
C VAL A 758 21.20 -24.85 13.70
N GLU A 759 20.93 -26.01 14.30
CA GLU A 759 19.64 -26.29 14.94
C GLU A 759 19.81 -26.59 16.42
N SER A 760 18.99 -25.96 17.24
CA SER A 760 18.94 -26.25 18.65
C SER A 760 17.50 -26.02 19.12
N SER A 761 17.23 -26.32 20.39
CA SER A 761 15.92 -26.08 20.97
C SER A 761 15.56 -24.59 20.81
N GLY A 762 14.49 -24.32 20.06
CA GLY A 762 14.03 -22.95 19.88
C GLY A 762 14.81 -22.11 18.89
N LEU A 763 15.72 -22.75 18.16
CA LEU A 763 16.61 -22.03 17.26
C LEU A 763 16.85 -22.75 15.93
N HIS A 764 16.86 -21.97 14.86
CA HIS A 764 17.07 -22.46 13.51
C HIS A 764 17.81 -21.39 12.72
N PHE A 765 19.03 -21.70 12.31
CA PHE A 765 19.87 -20.77 11.57
C PHE A 765 20.37 -21.43 10.29
N ILE A 766 19.98 -20.88 9.14
CA ILE A 766 20.43 -21.40 7.85
C ILE A 766 21.10 -20.29 7.05
N LEU A 767 22.31 -20.56 6.57
CA LEU A 767 23.04 -19.61 5.75
C LEU A 767 23.44 -20.24 4.42
N ASP A 768 23.19 -19.50 3.35
CA ASP A 768 23.66 -19.87 2.01
C ASP A 768 25.11 -19.42 1.89
N LYS A 769 26.02 -20.39 1.84
CA LYS A 769 27.46 -20.11 1.82
C LYS A 769 27.91 -19.49 0.50
N LEU A 770 27.19 -19.79 -0.57
CA LEU A 770 27.50 -19.24 -1.88
C LEU A 770 27.23 -17.75 -1.95
N LEU A 771 26.17 -17.31 -1.28
CA LEU A 771 25.72 -15.93 -1.35
C LEU A 771 26.10 -15.08 -0.14
N GLY A 772 26.23 -15.73 1.02
CA GLY A 772 26.43 -15.01 2.28
C GLY A 772 25.09 -14.53 2.81
N LYS A 773 24.05 -15.21 2.35
CA LYS A 773 22.67 -14.87 2.64
C LYS A 773 22.14 -15.71 3.80
N ILE A 774 21.43 -15.06 4.71
CA ILE A 774 20.68 -15.78 5.72
C ILE A 774 19.37 -16.21 5.08
N GLU A 775 19.21 -17.52 4.87
CA GLU A 775 18.00 -18.07 4.28
C GLU A 775 16.86 -17.91 5.26
N SER A 776 17.14 -18.21 6.52
CA SER A 776 16.15 -18.17 7.58
C SER A 776 16.86 -18.12 8.92
N LEU A 777 16.37 -17.25 9.80
CA LEU A 777 16.75 -17.25 11.19
C LEU A 777 15.48 -17.20 12.01
N LYS A 778 15.13 -18.33 12.63
CA LYS A 778 13.95 -18.44 13.47
C LYS A 778 14.36 -18.79 14.90
N VAL A 779 14.13 -17.85 15.81
CA VAL A 779 14.43 -18.06 17.23
C VAL A 779 13.18 -17.76 18.06
N LYS A 780 12.72 -18.77 18.79
CA LYS A 780 11.55 -18.67 19.66
C LYS A 780 10.31 -18.08 18.99
N GLY A 781 9.96 -18.62 17.83
CA GLY A 781 8.78 -18.17 17.10
C GLY A 781 8.93 -16.89 16.29
N LYS A 782 10.12 -16.29 16.35
CA LYS A 782 10.39 -15.03 15.66
C LYS A 782 11.38 -15.25 14.52
N GLU A 783 10.98 -14.90 13.30
CA GLU A 783 11.80 -15.15 12.12
C GLU A 783 12.22 -13.90 11.35
N ILE A 784 13.52 -13.83 11.02
CA ILE A 784 14.04 -12.89 10.04
C ILE A 784 14.87 -13.63 8.99
N SER A 785 15.16 -12.96 7.89
CA SER A 785 16.05 -13.47 6.85
C SER A 785 16.59 -12.26 6.10
N SER A 786 17.72 -12.42 5.41
CA SER A 786 18.26 -11.28 4.68
C SER A 786 17.46 -10.92 3.44
N LYS A 787 17.17 -9.62 3.32
CA LYS A 787 16.61 -9.04 2.11
C LYS A 787 17.77 -8.86 1.15
N PHE A 788 17.92 -9.82 0.25
CA PHE A 788 19.16 -9.98 -0.49
C PHE A 788 19.02 -9.69 -1.99
N GLU A 789 19.85 -8.77 -2.45
CA GLU A 789 20.01 -8.54 -3.87
C GLU A 789 21.45 -8.16 -4.11
N GLY A 790 22.26 -9.16 -4.42
CA GLY A 790 23.69 -8.94 -4.64
C GLY A 790 24.53 -8.96 -3.37
N SER A 791 24.02 -8.35 -2.29
CA SER A 791 24.82 -8.20 -1.08
C SER A 791 23.99 -8.23 0.21
N SER A 792 24.61 -8.72 1.29
CA SER A 792 23.96 -8.75 2.59
C SER A 792 24.20 -7.43 3.35
N ILE A 793 25.17 -6.67 2.89
CA ILE A 793 25.42 -5.31 3.38
C ILE A 793 25.23 -4.38 2.19
N THR A 794 24.37 -3.37 2.35
CA THR A 794 24.01 -2.48 1.23
C THR A 794 24.32 -1.04 1.58
N PHE A 795 24.30 -0.18 0.57
CA PHE A 795 24.84 1.18 0.72
C PHE A 795 23.94 2.28 0.15
N TRP A 796 22.99 1.89 -0.69
CA TRP A 796 22.15 2.82 -1.43
C TRP A 796 21.01 3.41 -0.60
N ARG A 797 20.57 4.59 -1.00
CA ARG A 797 19.30 5.14 -0.53
C ARG A 797 18.64 5.85 -1.70
N PRO A 798 17.29 5.90 -1.72
CA PRO A 798 16.63 6.67 -2.77
C PRO A 798 17.02 8.14 -2.62
N PRO A 799 17.67 8.71 -3.64
CA PRO A 799 18.28 10.03 -3.51
C PRO A 799 17.27 11.09 -3.08
N THR A 800 17.67 11.94 -2.13
CA THR A 800 16.86 13.10 -1.74
C THR A 800 16.98 14.15 -2.84
N ASN A 801 16.14 15.19 -2.76
CA ASN A 801 16.28 16.32 -3.65
C ASN A 801 17.66 16.95 -3.54
N ASN A 802 18.17 17.03 -2.31
CA ASN A 802 19.53 17.52 -2.04
C ASN A 802 20.67 16.63 -2.58
N ASP A 803 20.46 15.31 -2.55
CA ASP A 803 21.41 14.34 -3.11
C ASP A 803 21.60 14.52 -4.62
N GLU A 804 20.53 14.88 -5.31
CA GLU A 804 20.47 14.86 -6.79
C GLU A 804 21.60 15.60 -7.54
N PRO A 805 21.85 16.88 -7.20
CA PRO A 805 22.81 17.63 -8.02
C PRO A 805 24.26 17.13 -7.96
N ARG A 806 24.69 16.48 -6.89
CA ARG A 806 26.10 16.09 -6.79
C ARG A 806 26.36 14.72 -6.17
N ASP A 807 25.93 14.51 -4.93
CA ASP A 807 26.20 13.26 -4.22
C ASP A 807 25.66 12.04 -4.95
N PHE A 808 24.43 12.14 -5.43
CA PHE A 808 23.81 11.10 -6.25
C PHE A 808 24.61 10.82 -7.52
N LYS A 809 25.11 11.88 -8.16
CA LYS A 809 25.89 11.73 -9.40
C LYS A 809 27.13 10.92 -9.12
N ASN A 810 27.77 11.20 -7.98
CA ASN A 810 28.93 10.44 -7.53
C ASN A 810 28.59 9.00 -7.19
N TRP A 811 27.54 8.81 -6.39
CA TRP A 811 27.16 7.46 -5.98
C TRP A 811 26.74 6.57 -7.15
N LYS A 812 26.08 7.15 -8.15
CA LYS A 812 25.73 6.43 -9.36
C LYS A 812 26.99 6.14 -10.18
N LYS A 813 27.84 7.14 -10.31
CA LYS A 813 29.08 7.02 -11.08
C LYS A 813 29.95 5.86 -10.59
N TYR A 814 29.98 5.68 -9.26
CA TYR A 814 30.79 4.63 -8.63
C TYR A 814 29.99 3.35 -8.40
N ASN A 815 28.83 3.24 -9.06
CA ASN A 815 27.98 2.03 -9.00
C ASN A 815 27.64 1.51 -7.61
N ILE A 816 27.54 2.41 -6.64
CA ILE A 816 27.22 2.04 -5.27
C ILE A 816 25.91 1.26 -5.16
N ASP A 817 25.02 1.48 -6.12
CA ASP A 817 23.73 0.78 -6.17
C ASP A 817 23.90 -0.66 -6.65
N LEU A 818 25.09 -0.97 -7.16
CA LEU A 818 25.36 -2.29 -7.73
C LEU A 818 26.48 -3.01 -6.98
N MET A 819 26.62 -2.67 -5.70
CA MET A 819 27.56 -3.33 -4.82
C MET A 819 27.25 -4.83 -4.71
N LYS A 820 28.27 -5.66 -4.88
CA LYS A 820 28.10 -7.13 -4.85
C LYS A 820 28.93 -7.78 -3.75
N GLN A 821 28.38 -8.82 -3.14
CA GLN A 821 29.13 -9.61 -2.18
C GLN A 821 29.59 -10.90 -2.83
N ASN A 822 30.90 -11.08 -2.88
CA ASN A 822 31.50 -12.28 -3.44
C ASN A 822 32.20 -13.08 -2.35
N ILE A 823 31.63 -14.23 -2.02
CA ILE A 823 32.11 -15.00 -0.89
C ILE A 823 33.40 -15.72 -1.25
N HIS A 824 34.36 -15.67 -0.33
CA HIS A 824 35.64 -16.30 -0.58
C HIS A 824 35.81 -17.55 0.24
N GLY A 825 35.39 -17.50 1.50
CA GLY A 825 35.49 -18.65 2.38
C GLY A 825 34.49 -18.56 3.50
N VAL A 826 33.96 -19.72 3.88
CA VAL A 826 33.09 -19.82 5.05
C VAL A 826 33.64 -20.84 6.04
N SER A 827 33.67 -20.44 7.31
CA SER A 827 34.27 -21.23 8.36
C SER A 827 33.18 -21.60 9.36
N VAL A 828 33.09 -22.88 9.70
CA VAL A 828 32.07 -23.37 10.62
C VAL A 828 32.68 -24.15 11.76
N GLU A 829 32.57 -23.63 12.98
CA GLU A 829 33.10 -24.30 14.15
C GLU A 829 32.08 -24.41 15.28
N LYS A 830 32.23 -25.46 16.10
CA LYS A 830 31.40 -25.68 17.28
C LYS A 830 31.52 -24.54 18.28
N GLY A 831 30.50 -24.37 19.11
CA GLY A 831 30.45 -23.29 20.06
C GLY A 831 31.50 -23.39 21.14
N SER A 832 31.99 -22.25 21.59
CA SER A 832 32.90 -22.19 22.71
C SER A 832 32.15 -21.66 23.94
N ASN A 833 32.61 -20.55 24.51
CA ASN A 833 32.12 -20.00 25.80
C ASN A 833 30.62 -19.77 25.95
N GLY A 834 29.84 -20.84 25.97
CA GLY A 834 28.38 -20.74 26.08
C GLY A 834 27.73 -20.67 24.72
N SER A 835 28.58 -20.55 23.70
CA SER A 835 28.18 -20.43 22.32
C SER A 835 27.68 -21.78 21.78
N LEU A 836 26.72 -21.74 20.86
CA LEU A 836 26.27 -22.95 20.18
C LEU A 836 27.13 -23.29 18.97
N ALA A 837 27.51 -22.26 18.22
CA ALA A 837 28.29 -22.40 17.00
C ALA A 837 28.87 -21.04 16.61
N VAL A 838 29.95 -21.05 15.85
CA VAL A 838 30.48 -19.82 15.26
C VAL A 838 30.63 -20.02 13.75
N VAL A 839 29.91 -19.22 12.99
CA VAL A 839 30.01 -19.23 11.53
C VAL A 839 30.66 -17.93 11.07
N THR A 840 31.81 -18.06 10.41
CA THR A 840 32.55 -16.88 9.95
C THR A 840 32.61 -16.85 8.43
N VAL A 841 32.19 -15.72 7.86
CA VAL A 841 32.10 -15.54 6.41
C VAL A 841 33.10 -14.50 5.93
N ASN A 842 34.01 -14.92 5.05
CA ASN A 842 34.99 -14.02 4.42
C ASN A 842 34.58 -13.74 2.97
N SER A 843 34.50 -12.45 2.62
CA SER A 843 34.07 -12.04 1.30
C SER A 843 34.64 -10.68 0.89
N ARG A 844 34.51 -10.37 -0.39
CA ARG A 844 34.78 -9.03 -0.88
C ARG A 844 33.45 -8.38 -1.33
N ILE A 845 33.18 -7.20 -0.78
CA ILE A 845 31.98 -6.46 -1.16
C ILE A 845 32.40 -5.28 -2.03
N SER A 846 32.11 -5.41 -3.32
CA SER A 846 32.60 -4.50 -4.35
C SER A 846 31.58 -4.42 -5.48
N PRO A 847 31.45 -3.25 -6.13
CA PRO A 847 30.49 -3.18 -7.23
C PRO A 847 31.08 -3.67 -8.54
N VAL A 848 30.22 -4.11 -9.45
CA VAL A 848 30.66 -4.45 -10.81
C VAL A 848 31.32 -3.24 -11.46
N VAL A 849 32.24 -3.48 -12.39
CA VAL A 849 33.01 -2.43 -13.08
C VAL A 849 34.27 -1.97 -12.33
N PHE A 850 34.24 -2.08 -11.00
CA PHE A 850 35.23 -1.39 -10.14
C PHE A 850 36.23 -2.24 -9.35
N TYR A 851 37.37 -1.62 -9.01
CA TYR A 851 38.40 -2.23 -8.15
C TYR A 851 38.06 -2.10 -6.66
N TYR A 852 37.60 -0.91 -6.27
CA TYR A 852 37.39 -0.59 -4.86
C TYR A 852 36.33 -1.50 -4.25
N GLY A 853 36.47 -1.76 -2.96
CA GLY A 853 35.52 -2.61 -2.25
C GLY A 853 36.03 -2.89 -0.85
N PHE A 854 35.31 -3.74 -0.13
CA PHE A 854 35.64 -4.03 1.26
C PHE A 854 36.01 -5.48 1.44
N GLU A 855 37.21 -5.74 1.97
CA GLU A 855 37.54 -7.06 2.49
C GLU A 855 36.76 -7.25 3.77
N THR A 856 35.77 -8.13 3.71
CA THR A 856 34.75 -8.21 4.75
C THR A 856 34.81 -9.52 5.50
N VAL A 857 34.68 -9.41 6.82
CA VAL A 857 34.55 -10.57 7.70
C VAL A 857 33.26 -10.41 8.50
N GLN A 858 32.38 -11.38 8.38
CA GLN A 858 31.13 -11.41 9.16
C GLN A 858 31.14 -12.62 10.08
N LYS A 859 31.27 -12.37 11.39
CA LYS A 859 31.33 -13.45 12.37
C LYS A 859 29.98 -13.58 13.09
N TYR A 860 29.31 -14.70 12.85
CA TYR A 860 28.03 -14.99 13.49
C TYR A 860 28.26 -15.91 14.70
N THR A 861 28.17 -15.35 15.90
CA THR A 861 28.27 -16.14 17.11
C THR A 861 26.85 -16.42 17.59
N ILE A 862 26.47 -17.70 17.52
CA ILE A 862 25.11 -18.13 17.75
C ILE A 862 24.93 -18.67 19.16
N PHE A 863 24.05 -18.02 19.92
CA PHE A 863 23.61 -18.53 21.22
C PHE A 863 22.15 -18.95 21.09
N ALA A 864 21.63 -19.64 22.11
CA ALA A 864 20.25 -20.15 22.09
C ALA A 864 19.19 -19.08 21.92
N ASN A 865 19.40 -17.91 22.51
CA ASN A 865 18.42 -16.83 22.49
C ASN A 865 18.96 -15.52 21.93
N LYS A 866 20.15 -15.56 21.32
CA LYS A 866 20.81 -14.37 20.84
C LYS A 866 21.78 -14.68 19.70
N ILE A 867 21.90 -13.74 18.77
CA ILE A 867 22.91 -13.84 17.73
C ILE A 867 23.78 -12.59 17.66
N ASN A 868 25.06 -12.79 17.95
CA ASN A 868 26.04 -11.74 17.89
C ASN A 868 26.62 -11.67 16.48
N LEU A 869 26.49 -10.51 15.84
CA LEU A 869 27.01 -10.32 14.50
C LEU A 869 28.11 -9.25 14.47
N ASN A 870 29.34 -9.69 14.29
CA ASN A 870 30.47 -8.80 14.20
C ASN A 870 30.85 -8.57 12.75
N THR A 871 30.90 -7.30 12.35
CA THR A 871 31.19 -6.94 10.98
C THR A 871 32.46 -6.11 10.91
N SER A 872 33.36 -6.56 10.05
CA SER A 872 34.65 -5.93 9.83
C SER A 872 34.78 -5.67 8.33
N MET A 873 34.93 -4.40 7.97
CA MET A 873 34.91 -4.00 6.55
C MET A 873 36.10 -3.13 6.19
N LYS A 874 37.04 -3.72 5.45
CA LYS A 874 38.30 -3.07 5.16
C LYS A 874 38.31 -2.48 3.75
N LEU A 875 38.35 -1.15 3.67
CA LEU A 875 38.29 -0.47 2.38
C LEU A 875 39.58 -0.61 1.59
N THR A 876 39.46 -1.23 0.42
CA THR A 876 40.61 -1.60 -0.39
C THR A 876 40.40 -1.20 -1.85
N GLY A 877 41.51 -0.86 -2.53
CA GLY A 877 41.49 -0.67 -3.97
C GLY A 877 41.53 0.76 -4.45
N GLU A 878 41.90 0.92 -5.70
CA GLU A 878 42.04 2.23 -6.32
C GLU A 878 40.74 2.76 -6.89
N TYR A 879 40.66 4.08 -6.98
CA TYR A 879 39.51 4.79 -7.55
C TYR A 879 38.24 4.60 -6.72
N GLN A 880 38.27 5.21 -5.55
CA GLN A 880 37.21 5.07 -4.58
C GLN A 880 36.27 6.26 -4.64
N PRO A 881 35.03 6.07 -4.18
CA PRO A 881 34.09 7.17 -3.98
C PRO A 881 34.48 8.03 -2.80
N PRO A 882 33.98 9.28 -2.73
CA PRO A 882 34.29 10.12 -1.58
C PRO A 882 33.53 9.68 -0.32
N ASP A 883 32.29 9.22 -0.52
CA ASP A 883 31.33 8.98 0.55
C ASP A 883 30.29 7.98 0.10
N PHE A 884 29.50 7.48 1.04
CA PHE A 884 28.41 6.54 0.75
C PHE A 884 27.11 7.13 1.28
N PRO A 885 25.96 6.68 0.73
CA PRO A 885 24.70 7.13 1.27
C PRO A 885 24.38 6.55 2.64
N ARG A 886 25.00 5.42 2.99
CA ARG A 886 24.42 4.53 3.98
C ARG A 886 25.29 3.29 4.05
N VAL A 887 25.22 2.55 5.14
CA VAL A 887 25.89 1.24 5.23
C VAL A 887 25.21 0.39 6.31
N GLY A 888 24.79 -0.82 5.93
CA GLY A 888 24.13 -1.71 6.87
C GLY A 888 23.42 -2.89 6.24
N TYR A 889 22.70 -3.64 7.08
CA TYR A 889 21.99 -4.83 6.66
C TYR A 889 20.54 -4.53 6.29
N GLU A 890 19.97 -5.40 5.46
CA GLU A 890 18.54 -5.39 5.16
C GLU A 890 17.95 -6.75 5.47
N PHE A 891 16.93 -6.77 6.33
CA PHE A 891 16.31 -8.03 6.75
C PHE A 891 14.82 -8.06 6.46
N TRP A 892 14.35 -9.16 5.88
CA TRP A 892 12.90 -9.39 5.82
C TRP A 892 12.39 -9.76 7.20
N LEU A 893 11.26 -9.20 7.61
CA LEU A 893 10.65 -9.57 8.88
C LEU A 893 9.61 -10.65 8.65
N GLY A 894 9.50 -11.58 9.59
CA GLY A 894 8.54 -12.69 9.48
C GLY A 894 7.09 -12.24 9.37
N ASP A 895 6.22 -13.16 8.94
CA ASP A 895 4.79 -12.90 8.83
C ASP A 895 4.16 -12.42 10.15
N SER A 896 4.71 -12.90 11.26
CA SER A 896 4.27 -12.52 12.61
C SER A 896 4.41 -11.03 12.94
N TYR A 897 5.31 -10.34 12.25
CA TYR A 897 5.63 -8.95 12.56
C TYR A 897 4.39 -8.07 12.64
N GLU A 898 4.26 -7.32 13.73
CA GLU A 898 3.15 -6.37 13.83
C GLU A 898 3.54 -4.91 14.06
N SER A 899 4.52 -4.66 14.93
CA SER A 899 4.93 -3.28 15.25
C SER A 899 6.34 -3.20 15.81
N PHE A 900 6.78 -1.98 16.08
CA PHE A 900 8.07 -1.78 16.72
C PHE A 900 8.09 -0.66 17.75
N GLU A 901 9.17 -0.64 18.51
CA GLU A 901 9.35 0.31 19.60
C GLU A 901 10.85 0.53 19.73
N TRP A 902 11.26 1.77 20.00
CA TRP A 902 12.68 2.06 20.12
C TRP A 902 13.03 3.08 21.21
N LEU A 903 14.25 2.97 21.73
CA LEU A 903 14.82 4.01 22.57
C LEU A 903 15.80 4.80 21.72
N GLY A 904 15.57 6.10 21.63
CA GLY A 904 16.39 6.96 20.79
C GLY A 904 15.64 8.22 20.44
N ARG A 905 15.86 8.73 19.24
CA ARG A 905 15.27 9.98 18.81
C ARG A 905 13.91 9.76 18.16
N GLY A 906 12.97 10.66 18.42
CA GLY A 906 11.62 10.57 17.88
C GLY A 906 10.77 11.75 18.28
N PRO A 907 9.45 11.70 17.98
CA PRO A 907 8.77 10.56 17.38
C PRO A 907 9.04 10.37 15.87
N GLY A 908 9.44 11.45 15.20
CA GLY A 908 9.66 11.43 13.75
C GLY A 908 11.02 10.94 13.30
N GLU A 909 11.29 11.06 12.01
CA GLU A 909 12.57 10.67 11.42
C GLU A 909 13.71 11.60 11.88
N SER A 910 14.95 11.15 11.72
CA SER A 910 16.12 11.95 12.07
C SER A 910 17.35 11.54 11.27
N TYR A 911 18.16 12.54 10.94
CA TYR A 911 19.37 12.38 10.15
C TYR A 911 20.51 13.18 10.79
N PRO A 912 21.78 12.78 10.53
CA PRO A 912 22.93 13.39 11.17
C PRO A 912 22.86 14.91 11.33
N ASP A 913 22.52 15.64 10.27
CA ASP A 913 22.38 17.11 10.32
C ASP A 913 20.92 17.60 10.36
N LYS A 914 20.02 16.73 10.83
CA LYS A 914 18.59 17.05 10.96
C LYS A 914 17.99 16.11 11.99
N LYS A 915 18.30 16.34 13.27
CA LYS A 915 17.96 15.38 14.32
C LYS A 915 17.59 15.97 15.69
N GLU A 916 18.01 17.21 15.94
CA GLU A 916 17.93 17.76 17.29
C GLU A 916 16.53 18.07 17.80
N SER A 917 15.59 18.29 16.89
CA SER A 917 14.19 18.49 17.25
C SER A 917 13.56 17.20 17.77
N GLN A 918 14.17 16.08 17.39
CA GLN A 918 13.68 14.77 17.80
C GLN A 918 14.38 14.36 19.07
N ARG A 919 13.76 14.71 20.20
CA ARG A 919 14.27 14.41 21.53
C ARG A 919 14.34 12.91 21.81
N PHE A 920 15.16 12.56 22.79
CA PHE A 920 15.26 11.17 23.24
C PHE A 920 14.06 10.74 24.07
N GLY A 921 13.73 9.46 23.96
CA GLY A 921 12.62 8.87 24.68
C GLY A 921 12.33 7.48 24.17
N LEU A 922 11.32 6.85 24.75
CA LEU A 922 10.88 5.56 24.29
C LEU A 922 9.68 5.78 23.37
N TYR A 923 9.79 5.30 22.13
CA TYR A 923 8.76 5.56 21.14
C TYR A 923 8.16 4.27 20.60
N ASP A 924 6.87 4.34 20.28
CA ASP A 924 6.09 3.22 19.75
C ASP A 924 5.63 3.59 18.35
N SER A 925 5.88 2.71 17.38
CA SER A 925 5.49 2.95 15.99
C SER A 925 4.01 3.22 15.83
N LYS A 926 3.21 2.66 16.73
CA LYS A 926 1.75 2.84 16.73
C LYS A 926 1.32 4.27 17.02
N ASP A 927 2.17 5.05 17.67
CA ASP A 927 1.84 6.43 18.06
C ASP A 927 2.22 7.46 16.99
N VAL A 928 2.84 7.01 15.91
CA VAL A 928 3.45 7.91 14.95
C VAL A 928 2.85 7.78 13.57
N GLU A 929 2.37 8.90 13.02
CA GLU A 929 2.05 8.97 11.59
C GLU A 929 3.33 9.26 10.83
N GLU A 930 3.86 8.25 10.14
CA GLU A 930 5.11 8.45 9.40
C GLU A 930 4.89 9.36 8.20
N PHE A 931 5.84 10.27 8.00
CA PHE A 931 5.69 11.33 7.04
C PHE A 931 5.80 10.88 5.58
N VAL A 932 4.82 11.29 4.78
CA VAL A 932 4.80 11.00 3.35
C VAL A 932 5.25 12.24 2.59
N TYR A 933 6.39 12.13 1.91
CA TYR A 933 6.90 13.20 1.06
C TYR A 933 6.10 13.36 -0.23
N ASP A 934 5.85 14.60 -0.64
CA ASP A 934 5.17 14.88 -1.91
C ASP A 934 5.99 14.35 -3.10
N TYR A 935 7.31 14.40 -2.97
CA TYR A 935 8.22 13.75 -3.93
C TYR A 935 8.94 12.60 -3.22
N PRO A 936 8.69 11.36 -3.65
CA PRO A 936 9.26 10.20 -2.95
C PRO A 936 10.79 10.22 -2.93
N GLN A 937 11.35 10.01 -1.73
CA GLN A 937 12.79 10.01 -1.50
C GLN A 937 13.14 9.41 -0.14
N GLU A 938 14.43 9.29 0.15
CA GLU A 938 14.91 8.81 1.45
C GLU A 938 14.11 9.40 2.60
N ASN A 939 13.54 8.52 3.42
CA ASN A 939 12.69 8.91 4.54
C ASN A 939 12.71 7.83 5.61
N GLY A 940 12.31 8.20 6.81
CA GLY A 940 11.93 7.24 7.83
C GLY A 940 13.06 6.70 8.66
N ASN A 941 14.27 7.23 8.46
CA ASN A 941 15.41 6.81 9.26
C ASN A 941 15.30 7.37 10.67
N HIS A 942 15.82 6.61 11.64
CA HIS A 942 15.91 7.07 13.01
C HIS A 942 17.36 6.97 13.45
N THR A 943 17.96 8.13 13.71
CA THR A 943 19.37 8.20 14.08
C THR A 943 19.53 8.22 15.61
N ASP A 944 20.75 7.89 16.07
CA ASP A 944 21.08 7.83 17.49
C ASP A 944 20.16 6.88 18.25
N THR A 945 19.93 5.71 17.66
CA THR A 945 19.05 4.70 18.25
C THR A 945 19.83 3.85 19.25
N HIS A 946 19.37 3.85 20.50
CA HIS A 946 19.98 3.09 21.57
C HIS A 946 19.65 1.61 21.41
N PHE A 947 18.36 1.29 21.39
CA PHE A 947 17.92 -0.05 21.06
C PHE A 947 16.60 -0.05 20.32
N LEU A 948 16.32 -1.15 19.63
CA LEU A 948 15.11 -1.33 18.85
C LEU A 948 14.44 -2.66 19.19
N ASN A 949 13.17 -2.60 19.56
CA ASN A 949 12.37 -3.80 19.82
C ASN A 949 11.40 -4.05 18.69
N ILE A 950 11.49 -5.21 18.06
CA ILE A 950 10.54 -5.57 17.02
C ILE A 950 9.55 -6.59 17.57
N LYS A 951 8.27 -6.22 17.58
CA LYS A 951 7.23 -7.08 18.15
C LYS A 951 6.60 -8.02 17.12
N PHE A 952 6.62 -9.31 17.44
CA PHE A 952 6.00 -10.34 16.62
C PHE A 952 4.80 -10.87 17.37
N GLU A 953 3.68 -10.98 16.66
CA GLU A 953 2.44 -11.47 17.25
C GLU A 953 2.65 -12.85 17.86
N GLY A 954 2.24 -12.99 19.11
CA GLY A 954 2.24 -14.28 19.78
C GLY A 954 3.61 -14.81 20.14
N ALA A 955 4.66 -14.00 19.95
CA ALA A 955 6.02 -14.45 20.22
C ALA A 955 6.93 -13.40 20.88
N GLY A 956 6.36 -12.30 21.34
CA GLY A 956 7.13 -11.28 22.05
C GLY A 956 7.99 -10.44 21.13
N LYS A 957 9.18 -10.07 21.60
CA LYS A 957 10.01 -9.11 20.90
C LYS A 957 11.39 -9.63 20.52
N LEU A 958 11.94 -9.04 19.46
CA LEU A 958 13.34 -9.17 19.15
C LEU A 958 13.99 -7.83 19.46
N SER A 959 14.97 -7.84 20.36
CA SER A 959 15.72 -6.64 20.73
C SER A 959 17.01 -6.54 19.93
N ILE A 960 17.28 -5.35 19.41
CA ILE A 960 18.46 -5.12 18.60
C ILE A 960 19.23 -3.91 19.11
N PHE A 961 20.52 -4.10 19.37
CA PHE A 961 21.39 -3.01 19.81
C PHE A 961 22.80 -3.16 19.27
N GLN A 962 23.40 -2.01 18.96
CA GLN A 962 24.77 -1.94 18.47
C GLN A 962 25.71 -1.67 19.63
N LYS A 963 26.86 -2.31 19.59
CA LYS A 963 27.81 -2.16 20.68
C LYS A 963 28.54 -0.83 20.66
N GLU A 964 28.52 -0.16 21.81
CA GLU A 964 29.28 1.07 22.08
C GLU A 964 28.91 2.36 21.33
N LYS A 965 28.02 2.26 20.36
CA LYS A 965 27.53 3.43 19.63
C LYS A 965 26.07 3.27 19.29
N PRO A 966 25.32 4.39 19.30
CA PRO A 966 23.94 4.32 18.80
C PRO A 966 23.96 4.08 17.30
N PHE A 967 22.87 3.50 16.78
CA PHE A 967 22.80 3.14 15.37
C PHE A 967 21.63 3.81 14.63
N ASN A 968 21.46 3.45 13.36
CA ASN A 968 20.38 3.96 12.52
C ASN A 968 19.46 2.84 12.07
N PHE A 969 18.16 3.11 11.98
CA PHE A 969 17.23 2.11 11.46
C PHE A 969 16.01 2.67 10.73
N LYS A 970 15.45 1.85 9.84
CA LYS A 970 14.22 2.15 9.13
C LYS A 970 13.41 0.86 8.99
N ILE A 971 12.12 0.92 9.35
CA ILE A 971 11.26 -0.22 9.13
C ILE A 971 10.14 0.20 8.21
N SER A 972 10.06 -0.46 7.06
CA SER A 972 9.07 -0.12 6.06
C SER A 972 8.71 -1.28 5.13
N ASP A 973 7.98 -0.88 4.10
CA ASP A 973 7.08 -1.68 3.33
C ASP A 973 7.45 -1.47 1.88
N GLU A 974 8.17 -0.37 1.64
CA GLU A 974 8.18 0.34 0.38
C GLU A 974 9.40 0.05 -0.50
N TYR A 975 9.21 0.19 -1.81
CA TYR A 975 10.31 0.16 -2.77
C TYR A 975 9.86 0.88 -4.03
N GLY A 976 10.76 0.96 -5.01
CA GLY A 976 10.51 1.73 -6.21
C GLY A 976 10.45 3.21 -5.91
N VAL A 977 11.11 3.60 -4.83
CA VAL A 977 11.08 4.97 -4.35
C VAL A 977 11.88 5.90 -5.26
N ASP A 978 13.04 5.45 -5.73
CA ASP A 978 13.88 6.22 -6.65
C ASP A 978 13.12 6.75 -7.85
N GLU A 979 12.27 5.92 -8.44
CA GLU A 979 11.65 6.27 -9.71
C GLU A 979 10.15 6.63 -9.62
N ALA A 980 9.58 6.54 -8.42
CA ALA A 980 8.21 6.98 -8.19
C ALA A 980 8.14 8.50 -8.26
N ALA A 981 7.31 9.02 -9.15
CA ALA A 981 7.19 10.46 -9.33
C ALA A 981 6.37 11.12 -8.19
N HIS A 982 5.42 10.38 -7.64
CA HIS A 982 4.52 10.90 -6.62
C HIS A 982 4.25 9.81 -5.56
N ALA A 983 3.70 10.21 -4.42
CA ALA A 983 3.45 9.27 -3.32
C ALA A 983 2.69 8.02 -3.75
N CYS A 984 1.73 8.20 -4.64
CA CYS A 984 0.89 7.09 -5.11
C CYS A 984 1.62 6.14 -6.07
N ASP A 985 2.83 6.51 -6.49
CA ASP A 985 3.64 5.69 -7.40
C ASP A 985 4.56 4.74 -6.63
N VAL A 986 4.61 4.89 -5.31
CA VAL A 986 5.45 4.05 -4.46
C VAL A 986 4.88 2.63 -4.38
N LYS A 987 5.75 1.65 -4.68
CA LYS A 987 5.38 0.24 -4.60
C LYS A 987 5.52 -0.32 -3.20
N ARG A 988 4.79 -1.41 -2.92
CA ARG A 988 4.82 -2.02 -1.59
C ARG A 988 4.91 -3.54 -1.60
N TYR A 989 5.87 -4.07 -0.87
CA TYR A 989 6.04 -5.52 -0.68
C TYR A 989 4.90 -6.13 0.15
N GLY A 990 4.79 -7.45 0.12
CA GLY A 990 3.79 -8.16 0.94
C GLY A 990 4.27 -8.42 2.37
N ARG A 991 5.43 -7.88 2.70
CA ARG A 991 6.01 -8.00 4.03
C ARG A 991 6.92 -6.81 4.31
N HIS A 992 7.20 -6.55 5.59
CA HIS A 992 8.09 -5.46 5.99
C HIS A 992 9.55 -5.89 6.02
N TYR A 993 10.44 -4.90 5.96
CA TYR A 993 11.86 -5.16 6.11
C TYR A 993 12.45 -4.24 7.19
N LEU A 994 13.59 -4.63 7.73
CA LEU A 994 14.35 -3.77 8.58
C LEU A 994 15.60 -3.38 7.83
N ARG A 995 15.83 -2.08 7.74
CA ARG A 995 17.08 -1.55 7.27
C ARG A 995 17.88 -1.17 8.50
N LEU A 996 18.89 -1.98 8.82
CA LEU A 996 19.68 -1.81 10.05
C LEU A 996 21.07 -1.26 9.73
N ASP A 997 21.31 0.00 10.08
CA ASP A 997 22.48 0.73 9.59
C ASP A 997 23.50 1.17 10.62
N HIS A 998 24.76 0.96 10.31
CA HIS A 998 25.84 1.42 11.16
C HIS A 998 25.94 2.94 11.05
N ALA A 999 25.75 3.46 9.84
CA ALA A 999 25.94 4.87 9.58
C ALA A 999 25.15 5.33 8.37
N ILE A 1000 24.90 6.64 8.30
CA ILE A 1000 24.12 7.24 7.20
C ILE A 1000 24.65 8.63 6.84
N HIS A 1001 24.65 8.94 5.55
CA HIS A 1001 25.05 10.26 5.06
C HIS A 1001 24.08 11.32 5.55
N GLY A 1002 24.59 12.52 5.85
CA GLY A 1002 23.75 13.65 6.21
C GLY A 1002 22.86 14.07 5.05
N VAL A 1003 22.13 15.16 5.26
CA VAL A 1003 21.08 15.58 4.33
C VAL A 1003 21.36 16.92 3.62
N GLY A 1004 21.93 17.88 4.35
CA GLY A 1004 22.37 19.16 3.78
C GLY A 1004 21.29 20.02 3.14
N SER A 1005 21.69 20.88 2.21
CA SER A 1005 20.75 21.67 1.45
C SER A 1005 21.27 21.97 0.03
N GLU A 1006 21.91 20.98 -0.58
CA GLU A 1006 22.66 21.19 -1.83
C GLU A 1006 21.80 21.39 -3.08
N ALA A 1007 20.51 21.04 -3.03
CA ALA A 1007 19.62 21.33 -4.16
C ALA A 1007 19.67 22.83 -4.48
N CYS A 1008 19.86 23.65 -3.46
CA CYS A 1008 20.14 25.08 -3.61
C CYS A 1008 20.77 25.65 -2.34
N GLY A 1009 22.10 25.58 -2.28
CA GLY A 1009 22.83 25.94 -1.05
C GLY A 1009 23.99 25.00 -0.78
N PRO A 1010 24.54 25.04 0.45
CA PRO A 1010 25.75 24.27 0.74
C PRO A 1010 25.56 22.75 0.79
N ALA A 1011 26.60 22.04 0.35
CA ALA A 1011 26.71 20.60 0.48
C ALA A 1011 26.63 20.18 1.94
N VAL A 1012 26.27 18.92 2.20
CA VAL A 1012 26.31 18.35 3.54
C VAL A 1012 27.66 18.71 4.15
N LEU A 1013 27.65 19.29 5.35
CA LEU A 1013 28.89 19.67 6.02
C LEU A 1013 29.76 18.47 6.34
N ASP A 1014 31.05 18.73 6.39
CA ASP A 1014 32.07 17.72 6.57
C ASP A 1014 31.79 16.70 7.67
N GLN A 1015 31.47 17.20 8.87
CA GLN A 1015 31.25 16.33 10.04
C GLN A 1015 30.01 15.46 9.91
N TYR A 1016 29.20 15.69 8.88
CA TYR A 1016 27.98 14.91 8.70
C TYR A 1016 28.06 13.98 7.49
N ARG A 1017 29.16 14.09 6.75
CA ARG A 1017 29.33 13.27 5.55
C ARG A 1017 29.77 11.86 5.94
N LEU A 1018 29.20 10.85 5.27
CA LEU A 1018 29.62 9.47 5.49
C LEU A 1018 30.82 9.14 4.61
N LYS A 1019 31.98 9.65 5.02
CA LYS A 1019 33.25 9.47 4.28
C LYS A 1019 33.64 8.01 4.11
N ALA A 1020 34.20 7.71 2.93
CA ALA A 1020 34.76 6.41 2.63
C ALA A 1020 35.90 6.08 3.60
N GLN A 1021 35.77 4.92 4.26
CA GLN A 1021 36.63 4.51 5.36
C GLN A 1021 36.34 3.05 5.71
N ASP A 1022 37.16 2.45 6.57
CA ASP A 1022 36.86 1.13 7.12
C ASP A 1022 35.62 1.19 8.00
N PHE A 1023 34.84 0.11 8.01
CA PHE A 1023 33.72 0.00 8.92
C PHE A 1023 33.85 -1.21 9.83
N ASN A 1024 33.67 -0.99 11.13
CA ASN A 1024 33.72 -2.04 12.14
C ASN A 1024 32.62 -1.79 13.15
N PHE A 1025 31.71 -2.74 13.26
CA PHE A 1025 30.55 -2.61 14.13
C PHE A 1025 29.97 -3.96 14.52
N GLU A 1026 29.45 -4.02 15.73
CA GLU A 1026 28.91 -5.26 16.31
C GLU A 1026 27.44 -5.09 16.71
N PHE A 1027 26.60 -6.01 16.25
CA PHE A 1027 25.17 -5.99 16.60
C PHE A 1027 24.78 -7.24 17.38
N ASP A 1028 23.80 -7.09 18.26
CA ASP A 1028 23.21 -8.24 18.93
C ASP A 1028 21.76 -8.38 18.53
N LEU A 1029 21.37 -9.60 18.17
CA LEU A 1029 19.98 -9.89 17.89
C LEU A 1029 19.45 -10.75 19.03
N ALA A 1030 18.87 -10.08 20.01
CA ALA A 1030 18.42 -10.72 21.25
C ALA A 1030 16.95 -11.11 21.16
N PHE A 1031 16.65 -12.40 21.31
CA PHE A 1031 15.29 -12.89 21.20
C PHE A 1031 14.69 -13.20 22.57
N GLU A 1032 13.55 -12.59 22.87
CA GLU A 1032 12.87 -12.73 24.16
C GLU A 1032 12.52 -14.17 24.49
N SER B 9 40.79 -18.72 -1.65
CA SER B 9 39.33 -18.79 -1.98
C SER B 9 38.93 -20.20 -2.36
N CYS B 10 38.40 -20.94 -1.39
CA CYS B 10 37.96 -22.30 -1.61
C CYS B 10 36.53 -22.42 -2.15
N LEU B 11 35.81 -21.31 -2.26
CA LEU B 11 34.48 -21.30 -2.89
C LEU B 11 34.52 -21.00 -4.38
N ILE B 12 35.74 -20.75 -4.88
CA ILE B 12 36.02 -20.64 -6.29
C ILE B 12 37.08 -21.67 -6.63
N PRO B 13 36.77 -22.61 -7.55
CA PRO B 13 37.74 -23.61 -7.96
C PRO B 13 39.06 -22.98 -8.40
N GLU B 14 40.15 -23.67 -8.13
CA GLU B 14 41.50 -23.20 -8.39
C GLU B 14 41.80 -22.85 -9.86
N ASN B 15 41.24 -23.63 -10.78
CA ASN B 15 41.54 -23.45 -12.21
C ASN B 15 40.81 -22.28 -12.88
N LEU B 16 39.80 -21.73 -12.20
CA LEU B 16 39.07 -20.58 -12.69
C LEU B 16 39.66 -19.27 -12.17
N ARG B 17 40.68 -19.38 -11.33
CA ARG B 17 41.36 -18.22 -10.77
C ARG B 17 42.88 -18.37 -10.82
N ASN B 18 43.36 -19.06 -11.83
CA ASN B 18 44.78 -19.25 -12.05
C ASN B 18 45.11 -18.82 -13.46
N PRO B 19 45.75 -17.65 -13.61
CA PRO B 19 46.09 -17.11 -14.93
C PRO B 19 47.06 -18.01 -15.70
N LYS B 20 47.83 -18.81 -14.96
CA LYS B 20 48.82 -19.70 -15.55
C LYS B 20 48.22 -21.02 -16.05
N LYS B 21 47.08 -21.42 -15.49
CA LYS B 21 46.35 -22.60 -15.95
C LYS B 21 45.64 -22.30 -17.24
N VAL B 22 46.42 -22.19 -18.31
CA VAL B 22 45.92 -21.87 -19.63
C VAL B 22 45.20 -23.09 -20.24
N HIS B 23 45.70 -24.27 -19.90
CA HIS B 23 45.10 -25.54 -20.31
C HIS B 23 45.66 -26.66 -19.43
N GLU B 24 45.03 -27.83 -19.48
CA GLU B 24 45.65 -29.03 -19.00
C GLU B 24 45.47 -30.14 -20.02
N ASN B 25 46.58 -30.68 -20.49
CA ASN B 25 46.63 -31.77 -21.49
C ASN B 25 46.19 -31.43 -22.91
N ARG B 26 46.13 -30.14 -23.25
CA ARG B 26 45.86 -29.74 -24.63
C ARG B 26 47.08 -30.05 -25.48
N LEU B 27 46.84 -30.62 -26.65
CA LEU B 27 47.91 -30.90 -27.61
C LEU B 27 48.48 -29.59 -28.16
N PRO B 28 49.75 -29.62 -28.60
CA PRO B 28 50.33 -28.42 -29.21
C PRO B 28 49.52 -27.97 -30.43
N THR B 29 49.40 -26.65 -30.60
CA THR B 29 48.72 -26.10 -31.75
C THR B 29 49.45 -26.50 -33.04
N ARG B 30 48.68 -26.87 -34.05
CA ARG B 30 49.19 -27.23 -35.36
C ARG B 30 48.40 -26.49 -36.46
N ALA B 31 48.92 -26.49 -37.68
CA ALA B 31 48.21 -25.87 -38.79
C ALA B 31 46.89 -26.60 -39.02
N TYR B 32 45.82 -25.83 -39.18
CA TYR B 32 44.48 -26.38 -39.39
C TYR B 32 44.24 -26.84 -40.83
N TYR B 33 43.83 -28.10 -40.96
CA TYR B 33 43.35 -28.64 -42.22
C TYR B 33 42.13 -29.49 -41.94
N TYR B 34 41.02 -29.17 -42.60
CA TYR B 34 39.85 -30.02 -42.51
C TYR B 34 39.98 -31.20 -43.47
N ASP B 35 39.74 -32.40 -42.93
CA ASP B 35 39.78 -33.64 -43.71
C ASP B 35 38.57 -34.48 -43.36
N GLN B 36 37.71 -34.66 -44.36
CA GLN B 36 36.45 -35.39 -44.21
C GLN B 36 36.63 -36.83 -43.68
N ASP B 37 37.71 -37.49 -44.11
CA ASP B 37 38.05 -38.85 -43.65
C ASP B 37 38.52 -38.89 -42.19
N ILE B 38 39.07 -37.79 -41.70
CA ILE B 38 39.57 -37.72 -40.32
C ILE B 38 38.56 -37.09 -39.36
N PHE B 39 37.91 -36.01 -39.80
CA PHE B 39 36.92 -35.28 -38.98
C PHE B 39 35.53 -35.91 -39.00
N GLU B 40 35.00 -36.12 -37.81
CA GLU B 40 33.69 -36.71 -37.62
C GLU B 40 32.94 -35.78 -36.68
N SER B 41 31.85 -35.18 -37.18
CA SER B 41 31.13 -34.15 -36.43
C SER B 41 30.40 -34.73 -35.21
N LEU B 42 30.52 -34.03 -34.07
CA LEU B 42 29.75 -34.37 -32.88
C LEU B 42 28.73 -33.28 -32.57
N ASN B 43 28.43 -32.46 -33.58
CA ASN B 43 27.40 -31.44 -33.50
C ASN B 43 26.02 -32.08 -33.39
N GLY B 44 25.06 -31.32 -32.88
CA GLY B 44 23.71 -31.82 -32.71
C GLY B 44 23.23 -31.68 -31.28
N PRO B 45 22.18 -32.43 -30.90
CA PRO B 45 21.66 -32.29 -29.54
C PRO B 45 22.53 -32.99 -28.49
N TRP B 46 22.86 -32.25 -27.44
CA TRP B 46 23.57 -32.78 -26.28
C TRP B 46 22.69 -32.64 -25.05
N ALA B 47 22.81 -33.58 -24.12
CA ALA B 47 22.21 -33.41 -22.79
C ALA B 47 22.85 -32.18 -22.15
N PHE B 48 22.04 -31.32 -21.55
CA PHE B 48 22.54 -30.08 -20.98
C PHE B 48 21.81 -29.65 -19.72
N ALA B 49 22.56 -29.22 -18.72
CA ALA B 49 21.98 -28.63 -17.51
C ALA B 49 22.81 -27.44 -17.04
N LEU B 50 22.12 -26.40 -16.59
CA LEU B 50 22.78 -25.19 -16.12
C LEU B 50 22.71 -25.10 -14.60
N PHE B 51 23.83 -24.73 -13.99
CA PHE B 51 23.94 -24.62 -12.53
C PHE B 51 24.41 -23.21 -12.12
N ASP B 52 24.02 -22.78 -10.93
CA ASP B 52 24.34 -21.43 -10.41
C ASP B 52 25.84 -21.16 -10.29
N ALA B 53 26.59 -22.20 -9.93
CA ALA B 53 28.04 -22.10 -9.72
C ALA B 53 28.68 -23.49 -9.72
N PRO B 54 30.00 -23.58 -9.89
CA PRO B 54 30.69 -24.87 -9.95
C PRO B 54 30.29 -25.88 -8.86
N LEU B 55 30.03 -25.40 -7.65
CA LEU B 55 29.75 -26.29 -6.53
C LEU B 55 28.39 -26.99 -6.59
N ASP B 56 27.51 -26.52 -7.48
CA ASP B 56 26.20 -27.14 -7.68
C ASP B 56 26.21 -28.15 -8.81
N ALA B 57 27.25 -28.09 -9.64
CA ALA B 57 27.38 -29.03 -10.75
C ALA B 57 27.80 -30.42 -10.24
N PRO B 58 27.34 -31.49 -10.91
CA PRO B 58 27.74 -32.84 -10.50
C PRO B 58 29.22 -33.12 -10.73
N ASP B 59 29.76 -34.07 -9.98
CA ASP B 59 31.09 -34.58 -10.21
C ASP B 59 31.01 -35.40 -11.49
N ALA B 60 31.71 -34.96 -12.52
CA ALA B 60 31.69 -35.65 -13.81
C ALA B 60 32.39 -37.03 -13.79
N LYS B 61 33.17 -37.29 -12.75
CA LYS B 61 33.79 -38.60 -12.57
C LYS B 61 32.75 -39.64 -12.16
N ASN B 62 31.55 -39.18 -11.81
CA ASN B 62 30.45 -40.06 -11.36
C ASN B 62 29.15 -39.92 -12.15
N LEU B 63 29.18 -39.12 -13.21
CA LEU B 63 27.99 -38.89 -14.00
C LEU B 63 27.79 -40.00 -15.03
N ASP B 64 26.73 -40.79 -14.85
CA ASP B 64 26.27 -41.80 -15.81
C ASP B 64 25.67 -41.13 -17.03
N TRP B 65 25.67 -41.84 -18.15
CA TRP B 65 24.81 -41.45 -19.27
C TRP B 65 23.33 -41.69 -18.91
N GLU B 66 23.10 -42.72 -18.08
CA GLU B 66 21.75 -43.05 -17.58
C GLU B 66 21.15 -41.87 -16.80
N THR B 67 21.99 -41.12 -16.10
CA THR B 67 21.57 -39.90 -15.38
C THR B 67 21.38 -38.72 -16.35
N ALA B 68 22.39 -38.46 -17.18
CA ALA B 68 22.37 -37.34 -18.14
C ALA B 68 21.30 -37.46 -19.23
N LYS B 69 20.98 -38.70 -19.63
CA LYS B 69 19.88 -38.98 -20.54
C LYS B 69 18.60 -38.21 -20.19
N LYS B 70 18.38 -38.00 -18.90
CA LYS B 70 17.11 -37.44 -18.42
C LYS B 70 17.03 -35.91 -18.53
N TRP B 71 18.17 -35.28 -18.84
CA TRP B 71 18.21 -33.82 -18.95
C TRP B 71 17.59 -33.32 -20.26
N SER B 72 17.22 -32.04 -20.28
CA SER B 72 16.86 -31.37 -21.52
C SER B 72 18.08 -31.36 -22.43
N THR B 73 17.83 -31.14 -23.72
CA THR B 73 18.93 -31.07 -24.67
C THR B 73 19.15 -29.65 -25.16
N ILE B 74 20.38 -29.36 -25.56
CA ILE B 74 20.72 -28.12 -26.22
C ILE B 74 21.49 -28.50 -27.50
N SER B 75 21.43 -27.66 -28.52
CA SER B 75 22.10 -28.03 -29.76
C SER B 75 23.46 -27.37 -29.88
N VAL B 76 24.45 -28.20 -30.21
CA VAL B 76 25.83 -27.77 -30.38
C VAL B 76 26.07 -27.68 -31.88
N PRO B 77 26.56 -26.52 -32.36
CA PRO B 77 26.99 -25.37 -31.56
C PRO B 77 25.91 -24.31 -31.37
N SER B 78 25.92 -23.66 -30.21
CA SER B 78 25.06 -22.51 -29.94
C SER B 78 25.45 -21.88 -28.61
N HIS B 79 25.12 -20.59 -28.44
CA HIS B 79 25.27 -19.91 -27.14
C HIS B 79 24.06 -20.19 -26.29
N TRP B 80 24.27 -20.31 -24.98
CA TRP B 80 23.13 -20.64 -24.15
C TRP B 80 22.26 -19.44 -23.77
N GLU B 81 22.74 -18.24 -24.09
CA GLU B 81 21.94 -17.02 -23.94
C GLU B 81 21.07 -16.74 -25.16
N LEU B 82 21.09 -17.64 -26.16
CA LEU B 82 20.32 -17.46 -27.38
C LEU B 82 19.43 -18.65 -27.70
N GLN B 83 18.66 -19.09 -26.72
CA GLN B 83 17.79 -20.25 -26.84
C GLN B 83 16.32 -19.82 -26.91
N GLU B 84 15.47 -20.69 -27.47
CA GLU B 84 14.02 -20.52 -27.45
C GLU B 84 13.59 -20.02 -26.06
N ASP B 85 12.85 -18.90 -26.05
CA ASP B 85 12.26 -18.32 -24.83
C ASP B 85 13.27 -17.85 -23.79
N TRP B 86 14.51 -17.59 -24.22
CA TRP B 86 15.59 -17.11 -23.32
C TRP B 86 15.75 -18.02 -22.09
N LYS B 87 15.65 -19.33 -22.35
CA LYS B 87 15.60 -20.36 -21.32
C LYS B 87 16.76 -20.29 -20.33
N TYR B 88 17.96 -20.02 -20.85
CA TYR B 88 19.17 -19.99 -20.03
C TYR B 88 19.77 -18.59 -19.93
N GLY B 89 18.92 -17.57 -19.90
CA GLY B 89 19.38 -16.19 -19.76
C GLY B 89 19.40 -15.42 -21.06
N LYS B 90 19.73 -14.14 -20.95
CA LYS B 90 19.78 -13.25 -22.10
C LYS B 90 21.20 -12.69 -22.29
N PRO B 91 21.54 -12.23 -23.52
CA PRO B 91 22.84 -11.64 -23.80
C PRO B 91 23.07 -10.38 -22.99
N ILE B 92 24.34 -10.08 -22.71
CA ILE B 92 24.73 -8.86 -22.02
C ILE B 92 25.69 -8.06 -22.90
N TYR B 93 25.38 -6.78 -23.12
CA TYR B 93 26.27 -5.91 -23.88
C TYR B 93 27.04 -4.92 -23.02
N THR B 94 28.36 -5.07 -22.98
CA THR B 94 29.19 -4.00 -22.45
C THR B 94 30.28 -3.65 -23.45
N ASN B 95 30.62 -2.38 -23.51
CA ASN B 95 31.65 -1.91 -24.40
C ASN B 95 33.01 -1.96 -23.70
N VAL B 96 33.28 -0.99 -22.83
CA VAL B 96 34.53 -0.93 -22.10
C VAL B 96 34.43 -1.66 -20.75
N GLN B 97 33.45 -1.23 -19.94
CA GLN B 97 33.27 -1.73 -18.55
C GLN B 97 33.17 -3.26 -18.47
N TYR B 98 33.86 -3.83 -17.50
CA TYR B 98 33.67 -5.24 -17.17
C TYR B 98 32.31 -5.43 -16.52
N PRO B 99 31.61 -6.53 -16.84
CA PRO B 99 30.31 -6.82 -16.22
C PRO B 99 30.47 -7.53 -14.85
N ILE B 100 31.71 -7.68 -14.41
CA ILE B 100 32.01 -8.31 -13.13
C ILE B 100 32.79 -7.29 -12.28
N PRO B 101 32.91 -7.53 -10.96
CA PRO B 101 33.84 -6.70 -10.17
C PRO B 101 35.28 -7.03 -10.52
N ILE B 102 36.17 -6.05 -10.47
CA ILE B 102 37.59 -6.31 -10.75
C ILE B 102 38.31 -6.74 -9.46
N ASP B 103 38.64 -8.02 -9.38
CA ASP B 103 39.43 -8.55 -8.28
C ASP B 103 40.40 -9.58 -8.85
N ILE B 104 41.33 -9.11 -9.68
CA ILE B 104 42.25 -9.98 -10.42
C ILE B 104 43.01 -10.91 -9.46
N PRO B 105 43.02 -12.24 -9.74
CA PRO B 105 42.43 -12.90 -10.91
C PRO B 105 41.09 -13.62 -10.66
N ASN B 106 40.36 -13.25 -9.61
CA ASN B 106 39.14 -13.96 -9.23
C ASN B 106 37.96 -13.62 -10.12
N PRO B 107 37.26 -14.65 -10.61
CA PRO B 107 35.95 -14.45 -11.21
C PRO B 107 34.92 -14.26 -10.09
N PRO B 108 33.67 -13.89 -10.43
CA PRO B 108 32.67 -13.91 -9.36
C PRO B 108 32.41 -15.33 -8.85
N THR B 109 32.00 -15.42 -7.59
CA THR B 109 31.68 -16.71 -6.98
C THR B 109 30.46 -17.35 -7.61
N VAL B 110 29.40 -16.57 -7.82
CA VAL B 110 28.25 -17.03 -8.60
C VAL B 110 28.65 -17.00 -10.09
N ASN B 111 28.90 -18.18 -10.64
CA ASN B 111 29.52 -18.32 -11.94
C ASN B 111 28.78 -19.40 -12.72
N PRO B 112 27.85 -18.98 -13.62
CA PRO B 112 27.04 -19.93 -14.38
C PRO B 112 27.89 -21.07 -14.97
N THR B 113 27.49 -22.29 -14.67
CA THR B 113 28.20 -23.50 -15.08
C THR B 113 27.26 -24.41 -15.85
N GLY B 114 27.62 -24.70 -17.10
CA GLY B 114 26.80 -25.55 -17.94
C GLY B 114 27.48 -26.87 -18.19
N VAL B 115 26.78 -27.96 -17.91
CA VAL B 115 27.31 -29.30 -18.13
C VAL B 115 26.66 -29.90 -19.37
N TYR B 116 27.50 -30.24 -20.33
CA TYR B 116 27.10 -30.88 -21.58
C TYR B 116 27.46 -32.36 -21.52
N ALA B 117 26.64 -33.20 -22.15
CA ALA B 117 26.91 -34.63 -22.22
C ALA B 117 26.29 -35.24 -23.45
N ARG B 118 27.03 -36.13 -24.10
CA ARG B 118 26.51 -36.93 -25.20
C ARG B 118 27.36 -38.18 -25.35
N THR B 119 26.90 -39.11 -26.18
CA THR B 119 27.65 -40.35 -26.43
C THR B 119 28.04 -40.51 -27.89
N PHE B 120 29.02 -41.38 -28.14
CA PHE B 120 29.35 -41.79 -29.51
C PHE B 120 29.82 -43.25 -29.54
N GLU B 121 29.65 -43.89 -30.71
CA GLU B 121 29.94 -45.32 -30.87
C GLU B 121 31.34 -45.55 -31.39
N LEU B 122 32.00 -46.57 -30.84
CA LEU B 122 33.31 -46.98 -31.32
C LEU B 122 33.38 -48.47 -31.61
N ASP B 123 33.94 -48.76 -32.78
CA ASP B 123 34.12 -50.08 -33.31
C ASP B 123 35.31 -50.81 -32.68
N SER B 124 35.36 -52.12 -32.86
CA SER B 124 36.54 -52.93 -32.51
C SER B 124 37.74 -52.53 -33.37
N LYS B 125 37.52 -52.43 -34.68
CA LYS B 125 38.55 -52.03 -35.62
C LYS B 125 39.02 -50.59 -35.43
N SER B 126 38.11 -49.71 -35.01
CA SER B 126 38.40 -48.28 -34.86
C SER B 126 39.56 -47.98 -33.90
N ILE B 127 39.50 -48.56 -32.71
CA ILE B 127 40.51 -48.34 -31.67
C ILE B 127 41.87 -48.91 -32.10
N GLU B 128 41.84 -49.97 -32.88
CA GLU B 128 43.04 -50.59 -33.42
C GLU B 128 43.63 -49.76 -34.57
N SER B 129 42.77 -49.21 -35.42
CA SER B 129 43.20 -48.53 -36.64
C SER B 129 43.63 -47.09 -36.44
N PHE B 130 43.03 -46.41 -35.45
CA PHE B 130 43.17 -44.95 -35.32
C PHE B 130 43.61 -44.41 -33.96
N GLU B 131 44.26 -43.25 -34.00
CA GLU B 131 44.43 -42.37 -32.85
C GLU B 131 43.23 -41.46 -32.74
N HIS B 132 42.61 -41.44 -31.56
CA HIS B 132 41.37 -40.69 -31.35
C HIS B 132 41.60 -39.41 -30.57
N ARG B 133 41.09 -38.31 -31.11
CA ARG B 133 41.17 -37.00 -30.48
C ARG B 133 39.82 -36.31 -30.47
N LEU B 134 39.64 -35.38 -29.53
CA LEU B 134 38.51 -34.45 -29.58
C LEU B 134 39.01 -33.03 -29.91
N ARG B 135 38.38 -32.40 -30.89
CA ARG B 135 38.74 -31.03 -31.27
C ARG B 135 37.54 -30.10 -31.10
N PHE B 136 37.73 -29.08 -30.26
CA PHE B 136 36.72 -28.08 -29.97
C PHE B 136 37.14 -26.78 -30.63
N GLU B 137 36.32 -26.29 -31.55
CA GLU B 137 36.71 -25.10 -32.32
C GLU B 137 36.60 -23.81 -31.51
N GLY B 138 35.74 -23.83 -30.50
CA GLY B 138 35.51 -22.64 -29.66
C GLY B 138 34.50 -22.89 -28.56
N VAL B 139 34.88 -22.54 -27.33
CA VAL B 139 34.04 -22.67 -26.13
C VAL B 139 34.31 -21.49 -25.17
N ASP B 140 33.24 -20.84 -24.72
CA ASP B 140 33.31 -19.59 -23.97
C ASP B 140 32.69 -19.84 -22.58
N ASN B 141 33.40 -19.59 -21.47
CA ASN B 141 34.73 -18.99 -21.39
C ASN B 141 35.85 -20.02 -21.30
N CYS B 142 35.58 -21.14 -20.65
CA CYS B 142 36.56 -22.20 -20.47
C CYS B 142 35.86 -23.46 -20.02
N TYR B 143 36.57 -24.58 -20.03
CA TYR B 143 35.95 -25.87 -19.78
C TYR B 143 36.92 -26.95 -19.31
N GLU B 144 36.39 -27.90 -18.54
CA GLU B 144 37.08 -29.18 -18.31
C GLU B 144 36.35 -30.31 -19.06
N LEU B 145 37.13 -31.29 -19.51
CA LEU B 145 36.65 -32.35 -20.40
C LEU B 145 36.79 -33.74 -19.79
N TYR B 146 35.74 -34.54 -19.92
CA TYR B 146 35.72 -35.90 -19.36
C TYR B 146 35.27 -36.89 -20.41
N VAL B 147 35.94 -38.05 -20.43
CA VAL B 147 35.52 -39.15 -21.28
C VAL B 147 35.38 -40.42 -20.44
N ASN B 148 34.21 -41.05 -20.53
CA ASN B 148 33.88 -42.25 -19.77
C ASN B 148 34.15 -42.13 -18.26
N GLY B 149 33.82 -40.96 -17.71
CA GLY B 149 33.99 -40.68 -16.28
C GLY B 149 35.42 -40.39 -15.86
N GLN B 150 36.30 -40.15 -16.83
CA GLN B 150 37.70 -39.85 -16.54
C GLN B 150 38.08 -38.46 -17.02
N TYR B 151 38.75 -37.70 -16.14
CA TYR B 151 39.20 -36.35 -16.47
C TYR B 151 40.21 -36.41 -17.62
N VAL B 152 39.97 -35.64 -18.66
CA VAL B 152 40.90 -35.58 -19.79
C VAL B 152 41.76 -34.34 -19.67
N GLY B 153 41.14 -33.18 -19.49
CA GLY B 153 41.88 -31.93 -19.40
C GLY B 153 41.05 -30.68 -19.29
N PHE B 154 41.71 -29.54 -19.48
CA PHE B 154 41.15 -28.23 -19.22
C PHE B 154 41.63 -27.29 -20.32
N ASN B 155 40.86 -26.25 -20.59
CA ASN B 155 41.21 -25.30 -21.65
C ASN B 155 40.62 -23.91 -21.45
N LYS B 156 41.43 -22.90 -21.74
CA LYS B 156 41.01 -21.49 -21.79
C LYS B 156 41.35 -20.90 -23.15
N GLY B 157 40.63 -19.84 -23.54
CA GLY B 157 40.85 -19.17 -24.82
C GLY B 157 39.67 -19.40 -25.74
N SER B 158 38.66 -18.53 -25.62
CA SER B 158 37.32 -18.76 -26.18
C SER B 158 37.24 -18.87 -27.68
N ARG B 159 38.05 -18.07 -28.37
CA ARG B 159 38.02 -18.02 -29.83
C ARG B 159 39.18 -18.83 -30.44
N ASN B 160 39.91 -19.54 -29.59
CA ASN B 160 40.93 -20.46 -30.01
C ASN B 160 40.42 -21.91 -30.04
N GLY B 161 41.16 -22.79 -30.73
CA GLY B 161 40.80 -24.19 -30.81
C GLY B 161 41.51 -25.00 -29.72
N ALA B 162 41.21 -26.29 -29.66
CA ALA B 162 41.87 -27.19 -28.72
C ALA B 162 41.69 -28.63 -29.16
N GLU B 163 42.77 -29.40 -29.13
CA GLU B 163 42.69 -30.83 -29.35
C GLU B 163 43.17 -31.59 -28.11
N PHE B 164 42.49 -32.69 -27.81
CA PHE B 164 42.88 -33.56 -26.70
C PHE B 164 42.99 -35.02 -27.12
N ASP B 165 44.05 -35.68 -26.69
CA ASP B 165 44.25 -37.11 -26.96
C ASP B 165 43.30 -37.93 -26.09
N ILE B 166 42.51 -38.78 -26.74
CA ILE B 166 41.37 -39.46 -26.15
C ILE B 166 41.58 -40.99 -26.12
N GLN B 167 42.64 -41.43 -26.77
CA GLN B 167 42.98 -42.86 -26.92
C GLN B 167 42.96 -43.72 -25.64
N LYS B 168 43.55 -43.20 -24.57
CA LYS B 168 43.60 -43.91 -23.29
C LYS B 168 42.22 -44.20 -22.73
N TYR B 169 41.24 -43.37 -23.08
CA TYR B 169 39.97 -43.33 -22.35
C TYR B 169 38.82 -44.04 -23.03
N VAL B 170 38.97 -44.34 -24.31
CA VAL B 170 37.85 -44.86 -25.08
C VAL B 170 37.64 -46.36 -24.95
N SER B 171 36.38 -46.77 -25.03
CA SER B 171 36.00 -48.18 -25.02
C SER B 171 35.29 -48.56 -26.31
N GLU B 172 35.22 -49.87 -26.54
CA GLU B 172 34.35 -50.41 -27.59
C GLU B 172 32.90 -50.19 -27.15
N GLY B 173 32.03 -49.85 -28.09
CA GLY B 173 30.63 -49.57 -27.79
C GLY B 173 30.38 -48.10 -27.51
N GLU B 174 29.53 -47.82 -26.52
CA GLU B 174 29.20 -46.44 -26.12
C GLU B 174 30.35 -45.72 -25.43
N ASN B 175 30.59 -44.47 -25.82
CA ASN B 175 31.53 -43.61 -25.12
C ASN B 175 30.86 -42.32 -24.66
N LEU B 176 31.14 -41.90 -23.43
CA LEU B 176 30.50 -40.74 -22.83
C LEU B 176 31.42 -39.51 -22.78
N VAL B 177 31.00 -38.43 -23.44
CA VAL B 177 31.74 -37.17 -23.38
C VAL B 177 30.98 -36.21 -22.50
N VAL B 178 31.67 -35.67 -21.51
CA VAL B 178 31.07 -34.67 -20.64
C VAL B 178 31.94 -33.42 -20.63
N VAL B 179 31.33 -32.29 -20.99
CA VAL B 179 32.02 -31.01 -20.95
C VAL B 179 31.41 -30.08 -19.89
N LYS B 180 32.23 -29.63 -18.96
CA LYS B 180 31.82 -28.66 -17.97
C LYS B 180 32.28 -27.28 -18.43
N VAL B 181 31.33 -26.41 -18.76
CA VAL B 181 31.65 -25.08 -19.27
C VAL B 181 31.35 -23.99 -18.25
N PHE B 182 32.30 -23.09 -18.05
CA PHE B 182 32.19 -22.00 -17.07
C PHE B 182 32.12 -20.65 -17.75
N LYS B 183 31.28 -19.76 -17.23
CA LYS B 183 31.05 -18.47 -17.87
C LYS B 183 32.17 -17.48 -17.61
N TRP B 184 32.68 -17.46 -16.37
CA TRP B 184 33.74 -16.53 -15.97
C TRP B 184 34.99 -17.27 -15.48
N SER B 185 36.13 -16.63 -15.65
CA SER B 185 37.40 -17.10 -15.09
C SER B 185 38.41 -15.97 -15.15
N ASP B 186 39.61 -16.21 -14.63
CA ASP B 186 40.72 -15.26 -14.73
C ASP B 186 40.95 -14.82 -16.17
N SER B 187 40.49 -15.65 -17.10
CA SER B 187 40.59 -15.40 -18.52
C SER B 187 39.64 -14.28 -18.97
N THR B 188 38.53 -14.11 -18.24
CA THR B 188 37.55 -13.06 -18.54
C THR B 188 38.24 -11.71 -18.63
N TYR B 189 39.24 -11.50 -17.77
CA TYR B 189 39.93 -10.22 -17.70
C TYR B 189 40.61 -9.84 -19.00
N ILE B 190 40.98 -10.85 -19.79
CA ILE B 190 41.64 -10.62 -21.08
C ILE B 190 40.72 -10.86 -22.29
N GLU B 191 39.43 -11.01 -22.04
CA GLU B 191 38.42 -11.22 -23.10
C GLU B 191 37.32 -10.16 -23.05
N ASP B 192 37.75 -8.90 -22.94
CA ASP B 192 36.84 -7.78 -22.76
C ASP B 192 36.56 -6.98 -24.03
N GLN B 193 36.33 -7.69 -25.13
CA GLN B 193 35.99 -7.03 -26.39
C GLN B 193 34.66 -6.30 -26.29
N ASP B 194 34.56 -5.17 -27.00
CA ASP B 194 33.31 -4.43 -27.12
C ASP B 194 32.32 -5.23 -27.98
N GLN B 195 31.55 -6.10 -27.33
CA GLN B 195 30.65 -7.05 -28.00
C GLN B 195 29.67 -7.66 -26.98
N TRP B 196 28.84 -8.61 -27.42
CA TRP B 196 27.93 -9.31 -26.52
C TRP B 196 28.71 -10.32 -25.68
N TRP B 197 28.35 -10.42 -24.41
CA TRP B 197 28.82 -11.53 -23.58
C TRP B 197 27.91 -12.72 -23.83
N LEU B 198 28.48 -13.78 -24.38
CA LEU B 198 27.74 -14.99 -24.71
C LEU B 198 28.59 -16.21 -24.35
N SER B 199 27.93 -17.25 -23.85
CA SER B 199 28.63 -18.43 -23.34
C SER B 199 28.27 -19.73 -24.07
N GLY B 200 29.06 -20.77 -23.83
CA GLY B 200 28.75 -22.12 -24.31
C GLY B 200 29.69 -22.65 -25.38
N ILE B 201 29.36 -23.85 -25.86
CA ILE B 201 30.06 -24.45 -26.98
C ILE B 201 29.42 -23.88 -28.25
N TYR B 202 30.00 -22.79 -28.73
CA TYR B 202 29.42 -22.00 -29.82
C TYR B 202 30.07 -22.31 -31.18
N ARG B 203 31.07 -23.18 -31.19
CA ARG B 203 31.67 -23.65 -32.46
C ARG B 203 31.69 -25.18 -32.52
N ASP B 204 32.08 -25.72 -33.68
CA ASP B 204 32.07 -27.16 -33.95
C ASP B 204 32.82 -27.98 -32.93
N VAL B 205 32.33 -29.19 -32.68
CA VAL B 205 33.04 -30.23 -31.93
C VAL B 205 33.21 -31.44 -32.86
N SER B 206 34.41 -32.00 -32.89
CA SER B 206 34.72 -33.13 -33.76
C SER B 206 35.45 -34.25 -33.05
N LEU B 207 35.21 -35.48 -33.53
CA LEU B 207 36.04 -36.62 -33.17
C LEU B 207 37.00 -36.85 -34.33
N LEU B 208 38.30 -36.78 -34.05
CA LEU B 208 39.31 -36.98 -35.08
C LEU B 208 39.84 -38.41 -35.03
N LYS B 209 39.91 -39.05 -36.20
CA LYS B 209 40.50 -40.36 -36.33
C LYS B 209 41.70 -40.31 -37.25
N LEU B 210 42.89 -40.27 -36.64
CA LEU B 210 44.15 -40.22 -37.38
C LEU B 210 44.70 -41.63 -37.54
N PRO B 211 45.37 -41.92 -38.66
CA PRO B 211 46.02 -43.23 -38.84
C PRO B 211 47.01 -43.50 -37.72
N LYS B 212 46.95 -44.70 -37.15
CA LYS B 212 47.58 -44.97 -35.84
C LYS B 212 49.10 -45.06 -35.84
N LYS B 213 49.66 -45.85 -36.74
CA LYS B 213 51.10 -46.13 -36.70
C LYS B 213 51.96 -44.95 -37.19
N ALA B 214 51.41 -44.17 -38.12
CA ALA B 214 52.02 -42.90 -38.55
C ALA B 214 50.97 -41.96 -39.13
N HIS B 215 51.15 -40.66 -38.91
CA HIS B 215 50.27 -39.64 -39.46
C HIS B 215 50.98 -38.28 -39.56
N ILE B 216 50.40 -37.39 -40.36
CA ILE B 216 50.91 -36.02 -40.47
C ILE B 216 50.32 -35.17 -39.34
N GLU B 217 51.20 -34.61 -38.52
CA GLU B 217 50.78 -33.78 -37.40
C GLU B 217 50.68 -32.31 -37.80
N ASP B 218 51.73 -31.81 -38.47
CA ASP B 218 51.83 -30.41 -38.79
C ASP B 218 52.53 -30.18 -40.12
N VAL B 219 52.20 -29.06 -40.77
CA VAL B 219 52.80 -28.67 -42.03
C VAL B 219 53.16 -27.18 -41.99
N ARG B 220 54.34 -26.83 -42.48
CA ARG B 220 54.69 -25.43 -42.68
C ARG B 220 55.01 -25.15 -44.14
N VAL B 221 54.33 -24.15 -44.70
CA VAL B 221 54.51 -23.76 -46.09
C VAL B 221 54.91 -22.29 -46.16
N THR B 222 56.06 -22.02 -46.75
CA THR B 222 56.49 -20.65 -46.95
C THR B 222 56.88 -20.45 -48.42
N THR B 223 56.66 -19.23 -48.91
CA THR B 223 57.10 -18.83 -50.24
C THR B 223 57.94 -17.58 -50.13
N THR B 224 59.22 -17.70 -50.45
CA THR B 224 60.15 -16.57 -50.41
C THR B 224 60.70 -16.33 -51.81
N PHE B 225 60.56 -15.10 -52.31
CA PHE B 225 61.18 -14.73 -53.56
C PHE B 225 62.69 -14.64 -53.39
N VAL B 226 63.41 -15.20 -54.36
CA VAL B 226 64.86 -15.30 -54.30
C VAL B 226 65.52 -13.96 -54.65
N ASP B 227 64.73 -13.05 -55.21
CA ASP B 227 65.27 -11.92 -55.94
C ASP B 227 64.52 -10.64 -55.64
N SER B 228 65.19 -9.51 -55.85
CA SER B 228 64.57 -8.21 -55.67
C SER B 228 63.58 -7.83 -56.79
N GLN B 229 63.52 -8.63 -57.84
CA GLN B 229 62.59 -8.39 -58.94
C GLN B 229 61.37 -9.31 -58.87
N TYR B 230 61.31 -10.09 -57.79
CA TYR B 230 60.15 -10.92 -57.47
C TYR B 230 59.69 -11.78 -58.64
N GLN B 231 60.61 -12.62 -59.13
CA GLN B 231 60.31 -13.56 -60.19
C GLN B 231 60.36 -15.01 -59.69
N ASP B 232 61.57 -15.58 -59.63
CA ASP B 232 61.77 -16.92 -59.11
C ASP B 232 61.55 -16.94 -57.59
N ALA B 233 60.96 -18.02 -57.08
CA ALA B 233 60.69 -18.13 -55.65
C ALA B 233 61.06 -19.49 -55.09
N GLU B 234 61.51 -19.51 -53.84
CA GLU B 234 61.71 -20.76 -53.13
C GLU B 234 60.42 -21.16 -52.39
N LEU B 235 59.91 -22.35 -52.72
CA LEU B 235 58.82 -22.96 -51.99
C LEU B 235 59.38 -23.92 -50.94
N SER B 236 59.11 -23.62 -49.67
CA SER B 236 59.58 -24.46 -48.57
C SER B 236 58.41 -25.19 -47.92
N VAL B 237 58.47 -26.52 -47.92
CA VAL B 237 57.46 -27.34 -47.27
C VAL B 237 58.09 -28.23 -46.20
N LYS B 238 57.78 -27.94 -44.94
CA LYS B 238 58.30 -28.73 -43.83
C LYS B 238 57.17 -29.51 -43.17
N VAL B 239 57.33 -30.83 -43.06
CA VAL B 239 56.30 -31.68 -42.46
C VAL B 239 56.78 -32.31 -41.16
N ASP B 240 55.89 -32.31 -40.16
CA ASP B 240 56.10 -33.03 -38.91
C ASP B 240 55.27 -34.32 -38.93
N VAL B 241 55.96 -35.45 -39.08
CA VAL B 241 55.31 -36.76 -39.09
C VAL B 241 55.51 -37.45 -37.75
N GLN B 242 54.43 -38.00 -37.21
CA GLN B 242 54.43 -38.60 -35.89
C GLN B 242 54.28 -40.11 -36.03
N GLY B 243 55.21 -40.87 -35.46
CA GLY B 243 55.22 -42.32 -35.60
C GLY B 243 56.36 -42.82 -36.47
N SER B 244 56.62 -44.13 -36.39
CA SER B 244 57.76 -44.76 -37.09
C SER B 244 57.40 -45.38 -38.43
N SER B 245 56.19 -45.94 -38.53
CA SER B 245 55.81 -46.79 -39.67
C SER B 245 55.42 -46.02 -40.93
N TYR B 246 56.42 -45.38 -41.54
CA TYR B 246 56.25 -44.70 -42.81
C TYR B 246 57.57 -44.77 -43.58
N ASP B 247 57.51 -44.60 -44.90
CA ASP B 247 58.71 -44.62 -45.73
C ASP B 247 59.20 -43.22 -46.04
N HIS B 248 58.35 -42.44 -46.70
CA HIS B 248 58.71 -41.09 -47.15
C HIS B 248 57.45 -40.25 -47.43
N ILE B 249 57.65 -39.02 -47.88
CA ILE B 249 56.53 -38.18 -48.32
C ILE B 249 56.64 -37.84 -49.80
N ASN B 250 55.49 -37.74 -50.46
CA ASN B 250 55.42 -37.23 -51.82
C ASN B 250 54.75 -35.87 -51.82
N PHE B 251 55.11 -35.04 -52.79
CA PHE B 251 54.51 -33.71 -52.93
C PHE B 251 54.27 -33.36 -54.38
N THR B 252 53.05 -32.96 -54.68
CA THR B 252 52.68 -32.54 -56.01
C THR B 252 52.05 -31.16 -56.00
N LEU B 253 52.67 -30.24 -56.74
CA LEU B 253 52.13 -28.92 -56.95
C LEU B 253 51.46 -28.89 -58.32
N TYR B 254 50.26 -28.34 -58.38
CA TYR B 254 49.51 -28.31 -59.63
C TYR B 254 49.58 -26.94 -60.30
N GLU B 255 49.29 -26.92 -61.61
CA GLU B 255 49.26 -25.69 -62.39
C GLU B 255 48.25 -24.72 -61.80
N PRO B 256 48.62 -23.42 -61.76
CA PRO B 256 47.84 -22.41 -61.04
C PRO B 256 46.45 -22.20 -61.61
N GLU B 257 45.51 -21.86 -60.75
CA GLU B 257 44.20 -21.37 -61.19
C GLU B 257 44.16 -19.89 -60.88
N ASP B 258 44.03 -19.09 -61.95
CA ASP B 258 44.04 -17.63 -61.83
C ASP B 258 43.01 -17.11 -60.83
N GLY B 259 43.35 -16.02 -60.14
CA GLY B 259 42.48 -15.41 -59.15
C GLY B 259 41.12 -14.96 -59.65
N SER B 260 40.99 -14.86 -60.97
CA SER B 260 39.72 -14.50 -61.61
C SER B 260 38.74 -15.67 -61.63
N LYS B 261 39.11 -16.77 -60.97
CA LYS B 261 38.25 -17.96 -60.84
C LYS B 261 36.87 -17.62 -60.30
N VAL B 262 35.84 -18.21 -60.89
CA VAL B 262 34.47 -18.01 -60.44
C VAL B 262 34.11 -18.95 -59.28
N TYR B 263 33.59 -18.37 -58.21
CA TYR B 263 33.12 -19.12 -57.04
C TYR B 263 31.70 -18.74 -56.69
N ASP B 264 31.01 -19.63 -55.98
CA ASP B 264 29.79 -19.29 -55.25
C ASP B 264 29.79 -19.99 -53.89
N ALA B 265 28.74 -19.79 -53.09
CA ALA B 265 28.69 -20.31 -51.74
C ALA B 265 28.87 -21.83 -51.72
N SER B 266 28.24 -22.49 -52.68
CA SER B 266 28.29 -23.95 -52.78
C SER B 266 29.72 -24.46 -52.99
N SER B 267 30.41 -23.88 -53.98
CA SER B 267 31.76 -24.33 -54.35
C SER B 267 32.82 -23.90 -53.33
N LEU B 268 32.60 -22.76 -52.68
CA LEU B 268 33.49 -22.29 -51.62
C LEU B 268 33.41 -23.17 -50.39
N LEU B 269 32.22 -23.73 -50.14
CA LEU B 269 31.97 -24.54 -48.95
C LEU B 269 32.04 -26.06 -49.16
N ASN B 270 32.11 -26.50 -50.42
CA ASN B 270 32.25 -27.92 -50.74
C ASN B 270 33.45 -28.54 -50.00
N GLU B 271 33.17 -29.56 -49.18
CA GLU B 271 34.18 -30.16 -48.29
C GLU B 271 34.73 -31.53 -48.76
N GLU B 272 34.15 -32.04 -49.85
CA GLU B 272 34.48 -33.36 -50.42
C GLU B 272 35.91 -33.41 -51.00
N ASN B 273 36.57 -34.58 -51.01
CA ASN B 273 36.09 -35.91 -50.59
C ASN B 273 37.25 -36.94 -50.67
N GLY B 274 37.00 -38.16 -50.18
CA GLY B 274 38.00 -39.24 -50.18
C GLY B 274 38.44 -39.72 -51.56
N ASN B 275 37.47 -40.18 -52.35
CA ASN B 275 37.72 -40.70 -53.71
C ASN B 275 37.83 -39.61 -54.78
N THR B 276 37.58 -38.37 -54.37
CA THR B 276 37.68 -37.19 -55.25
C THR B 276 39.14 -36.91 -55.62
N THR B 277 39.41 -36.89 -56.93
CA THR B 277 40.76 -36.63 -57.45
C THR B 277 41.05 -35.11 -57.42
N PHE B 278 41.79 -34.67 -56.40
CA PHE B 278 42.04 -33.23 -56.16
C PHE B 278 42.34 -32.42 -57.43
N SER B 279 43.41 -32.80 -58.14
CA SER B 279 43.76 -32.21 -59.42
C SER B 279 44.64 -33.20 -60.19
N THR B 280 44.89 -32.92 -61.47
CA THR B 280 45.81 -33.74 -62.27
C THR B 280 46.68 -32.96 -63.25
N LYS B 281 46.62 -31.63 -63.16
CA LYS B 281 47.44 -30.76 -64.01
C LYS B 281 48.78 -30.51 -63.33
N GLU B 282 49.60 -31.55 -63.28
CA GLU B 282 50.85 -31.52 -62.52
C GLU B 282 51.81 -30.48 -63.02
N PHE B 283 52.55 -29.91 -62.09
CA PHE B 283 53.50 -28.85 -62.39
C PHE B 283 54.87 -29.24 -61.85
N ILE B 284 54.95 -29.53 -60.55
CA ILE B 284 56.17 -30.01 -59.92
C ILE B 284 55.86 -31.26 -59.10
N SER B 285 56.81 -32.19 -59.05
CA SER B 285 56.73 -33.34 -58.15
C SER B 285 58.02 -33.53 -57.36
N PHE B 286 57.88 -33.91 -56.11
CA PHE B 286 59.02 -34.17 -55.26
C PHE B 286 58.74 -35.40 -54.40
N SER B 287 59.77 -36.23 -54.22
CA SER B 287 59.71 -37.34 -53.27
C SER B 287 60.85 -37.24 -52.29
N THR B 288 60.58 -37.62 -51.06
CA THR B 288 61.58 -37.71 -50.03
C THR B 288 62.13 -39.14 -50.09
N LYS B 289 63.32 -39.35 -49.53
CA LYS B 289 63.88 -40.70 -49.43
C LYS B 289 63.75 -41.26 -48.02
N LYS B 290 63.65 -42.59 -47.93
CA LYS B 290 63.60 -43.33 -46.67
C LYS B 290 64.70 -42.86 -45.71
N ASN B 291 64.30 -42.61 -44.46
CA ASN B 291 65.21 -42.17 -43.38
C ASN B 291 65.77 -40.76 -43.53
N GLU B 292 65.19 -39.98 -44.43
CA GLU B 292 65.63 -38.61 -44.63
C GLU B 292 64.57 -37.61 -44.18
N GLU B 293 65.03 -36.44 -43.78
CA GLU B 293 64.21 -35.31 -43.36
C GLU B 293 62.91 -35.21 -44.18
N THR B 294 61.77 -35.12 -43.51
CA THR B 294 60.47 -35.00 -44.20
C THR B 294 60.16 -33.52 -44.48
N ALA B 295 61.05 -32.89 -45.22
CA ALA B 295 60.96 -31.48 -45.56
C ALA B 295 61.75 -31.27 -46.83
N PHE B 296 61.54 -30.14 -47.49
CA PHE B 296 62.33 -29.80 -48.68
C PHE B 296 62.14 -28.36 -49.16
N LYS B 297 63.09 -27.90 -49.97
CA LYS B 297 63.05 -26.58 -50.57
C LYS B 297 63.14 -26.74 -52.09
N ILE B 298 62.21 -26.13 -52.80
CA ILE B 298 62.12 -26.25 -54.26
C ILE B 298 62.23 -24.87 -54.91
N ASN B 299 63.00 -24.79 -55.99
CA ASN B 299 63.04 -23.57 -56.77
C ASN B 299 61.91 -23.58 -57.79
N VAL B 300 61.12 -22.50 -57.82
CA VAL B 300 59.97 -22.42 -58.69
C VAL B 300 60.14 -21.26 -59.69
N LYS B 301 60.16 -21.61 -60.97
CA LYS B 301 60.34 -20.63 -62.04
C LYS B 301 59.17 -19.67 -62.17
N ALA B 302 59.45 -18.37 -62.01
CA ALA B 302 58.48 -17.29 -62.18
C ALA B 302 57.00 -17.64 -61.93
N PRO B 303 56.66 -18.01 -60.68
CA PRO B 303 55.28 -18.38 -60.40
C PRO B 303 54.34 -17.17 -60.44
N GLU B 304 53.05 -17.44 -60.64
CA GLU B 304 51.99 -16.43 -60.55
C GLU B 304 51.81 -15.94 -59.11
N HIS B 305 51.79 -14.63 -58.93
CA HIS B 305 51.74 -14.03 -57.60
C HIS B 305 50.35 -14.15 -57.01
N TRP B 306 50.28 -14.41 -55.70
CA TRP B 306 49.02 -14.26 -54.97
C TRP B 306 48.92 -12.83 -54.48
N THR B 307 47.76 -12.25 -54.74
CA THR B 307 47.47 -10.87 -54.38
C THR B 307 45.99 -10.83 -53.98
N ALA B 308 45.59 -9.87 -53.15
CA ALA B 308 44.19 -9.72 -52.78
C ALA B 308 43.30 -9.31 -53.95
N GLU B 309 43.87 -8.58 -54.91
CA GLU B 309 43.16 -8.17 -56.12
C GLU B 309 43.07 -9.34 -57.14
N ASN B 310 44.00 -10.28 -57.03
CA ASN B 310 44.04 -11.47 -57.89
C ASN B 310 44.55 -12.67 -57.09
N PRO B 311 43.65 -13.35 -56.37
CA PRO B 311 44.06 -14.43 -55.46
C PRO B 311 44.41 -15.73 -56.17
N THR B 312 45.48 -15.72 -56.96
CA THR B 312 45.91 -16.89 -57.70
C THR B 312 46.49 -17.96 -56.77
N LEU B 313 45.97 -19.17 -56.90
CA LEU B 313 46.41 -20.27 -56.06
C LEU B 313 46.93 -21.49 -56.84
N TYR B 314 47.97 -22.10 -56.30
CA TYR B 314 48.47 -23.37 -56.78
C TYR B 314 47.95 -24.41 -55.79
N LYS B 315 47.12 -25.33 -56.25
CA LYS B 315 46.71 -26.46 -55.44
C LYS B 315 47.89 -27.41 -55.28
N TYR B 316 47.91 -28.12 -54.15
CA TYR B 316 48.95 -29.12 -53.93
C TYR B 316 48.39 -30.31 -53.19
N GLN B 317 49.05 -31.45 -53.35
CA GLN B 317 48.72 -32.63 -52.56
C GLN B 317 49.98 -33.18 -51.91
N LEU B 318 49.91 -33.37 -50.60
CA LEU B 318 51.01 -33.92 -49.83
C LEU B 318 50.59 -35.32 -49.38
N ASP B 319 51.40 -36.33 -49.70
CA ASP B 319 51.10 -37.73 -49.36
C ASP B 319 52.11 -38.36 -48.43
N LEU B 320 51.62 -38.97 -47.36
CA LEU B 320 52.44 -39.80 -46.50
C LEU B 320 52.36 -41.23 -47.03
N ILE B 321 53.52 -41.85 -47.20
CA ILE B 321 53.62 -43.15 -47.86
C ILE B 321 54.35 -44.22 -47.04
N GLY B 322 53.73 -45.39 -46.95
CA GLY B 322 54.26 -46.52 -46.19
C GLY B 322 55.29 -47.34 -46.95
N SER B 323 55.74 -48.42 -46.32
CA SER B 323 56.73 -49.32 -46.92
C SER B 323 56.19 -49.97 -48.20
N ASP B 324 54.93 -50.42 -48.14
CA ASP B 324 54.26 -51.04 -49.29
C ASP B 324 53.86 -50.06 -50.38
N GLY B 325 54.30 -48.81 -50.24
CA GLY B 325 54.04 -47.78 -51.25
C GLY B 325 52.62 -47.21 -51.28
N SER B 326 51.82 -47.58 -50.28
CA SER B 326 50.44 -47.10 -50.19
C SER B 326 50.35 -45.74 -49.47
N VAL B 327 49.26 -45.03 -49.72
CA VAL B 327 49.05 -43.71 -49.15
C VAL B 327 48.41 -43.81 -47.77
N ILE B 328 49.17 -43.43 -46.74
CA ILE B 328 48.71 -43.45 -45.36
C ILE B 328 47.76 -42.28 -45.08
N GLN B 329 48.12 -41.10 -45.57
CA GLN B 329 47.36 -39.88 -45.33
C GLN B 329 47.67 -38.84 -46.40
N SER B 330 46.65 -38.08 -46.79
CA SER B 330 46.81 -37.00 -47.76
C SER B 330 46.40 -35.64 -47.20
N ILE B 331 47.15 -34.60 -47.56
CA ILE B 331 46.69 -33.25 -47.33
C ILE B 331 46.51 -32.58 -48.68
N LYS B 332 45.31 -32.07 -48.91
CA LYS B 332 45.02 -31.32 -50.12
C LYS B 332 44.74 -29.89 -49.72
N HIS B 333 45.64 -28.97 -50.11
CA HIS B 333 45.47 -27.56 -49.81
C HIS B 333 46.00 -26.72 -50.97
N HIS B 334 46.38 -25.48 -50.69
CA HIS B 334 46.90 -24.59 -51.72
C HIS B 334 48.10 -23.77 -51.27
N VAL B 335 48.87 -23.28 -52.24
CA VAL B 335 49.97 -22.34 -52.02
C VAL B 335 49.64 -21.02 -52.71
N GLY B 336 49.84 -19.91 -52.00
CA GLY B 336 49.75 -18.58 -52.60
C GLY B 336 51.13 -17.96 -52.60
N PHE B 337 51.67 -17.71 -53.80
CA PHE B 337 53.01 -17.13 -53.91
C PHE B 337 53.02 -15.64 -53.60
N ARG B 338 53.49 -15.31 -52.41
CA ARG B 338 53.38 -13.96 -51.85
C ARG B 338 54.45 -13.76 -50.79
N GLN B 339 55.04 -12.57 -50.74
CA GLN B 339 55.98 -12.23 -49.67
C GLN B 339 55.67 -10.86 -49.08
N VAL B 340 55.50 -10.81 -47.77
CA VAL B 340 55.27 -9.57 -47.06
C VAL B 340 56.55 -9.15 -46.37
N GLU B 341 56.86 -7.85 -46.47
CA GLU B 341 58.07 -7.28 -45.88
C GLU B 341 57.79 -5.89 -45.30
N LEU B 342 58.67 -5.47 -44.40
CA LEU B 342 58.77 -4.06 -44.06
C LEU B 342 59.94 -3.52 -44.89
N LYS B 343 59.63 -2.71 -45.89
CA LYS B 343 60.62 -2.29 -46.87
C LYS B 343 60.59 -0.79 -47.13
N ASP B 344 61.68 -0.12 -46.78
CA ASP B 344 61.80 1.34 -46.90
C ASP B 344 60.66 2.04 -46.15
N GLY B 345 60.29 1.48 -45.01
CA GLY B 345 59.26 2.04 -44.15
C GLY B 345 57.83 1.69 -44.48
N ASN B 346 57.61 0.83 -45.48
CA ASN B 346 56.25 0.45 -45.87
C ASN B 346 55.97 -1.03 -45.73
N ILE B 347 54.71 -1.35 -45.44
CA ILE B 347 54.20 -2.71 -45.52
C ILE B 347 54.16 -3.05 -47.00
N THR B 348 54.91 -4.07 -47.35
CA THR B 348 55.15 -4.40 -48.73
C THR B 348 54.73 -5.84 -48.99
N VAL B 349 53.95 -6.04 -50.05
CA VAL B 349 53.65 -7.38 -50.54
C VAL B 349 54.19 -7.49 -51.96
N ASN B 350 55.08 -8.46 -52.17
CA ASN B 350 55.72 -8.65 -53.46
C ASN B 350 56.40 -7.38 -53.95
N GLY B 351 56.93 -6.61 -53.01
CA GLY B 351 57.67 -5.39 -53.32
C GLY B 351 56.82 -4.14 -53.40
N LYS B 352 55.51 -4.34 -53.40
CA LYS B 352 54.58 -3.25 -53.54
C LYS B 352 54.01 -2.85 -52.20
N ASP B 353 54.12 -1.55 -51.95
CA ASP B 353 53.48 -0.86 -50.88
C ASP B 353 51.95 -0.75 -51.08
N ILE B 354 51.24 -1.62 -50.38
CA ILE B 354 49.80 -1.80 -50.59
C ILE B 354 48.93 -0.80 -49.85
N LEU B 355 47.68 -0.69 -50.28
CA LEU B 355 46.70 0.16 -49.61
C LEU B 355 45.54 -0.67 -49.08
N PHE B 356 45.31 -0.57 -47.78
CA PHE B 356 44.20 -1.25 -47.15
C PHE B 356 42.90 -0.52 -47.41
N ARG B 357 41.98 -1.19 -48.08
CA ARG B 357 40.60 -0.75 -48.23
C ARG B 357 39.77 -1.70 -47.36
N GLY B 358 39.80 -1.46 -46.05
CA GLY B 358 39.41 -2.47 -45.08
C GLY B 358 38.22 -2.21 -44.18
N VAL B 359 37.76 -3.29 -43.53
CA VAL B 359 36.82 -3.24 -42.40
C VAL B 359 37.28 -4.14 -41.24
N ASN B 360 36.77 -3.84 -40.06
CA ASN B 360 36.81 -4.79 -38.95
C ASN B 360 35.56 -5.65 -39.05
N ARG B 361 35.73 -6.95 -39.00
CA ARG B 361 34.58 -7.86 -39.01
C ARG B 361 34.60 -8.71 -37.76
N HIS B 362 33.62 -8.50 -36.89
CA HIS B 362 33.38 -9.39 -35.77
C HIS B 362 32.62 -10.61 -36.27
N ASP B 363 32.65 -11.70 -35.52
CA ASP B 363 31.70 -12.78 -35.73
C ASP B 363 30.37 -12.34 -35.15
N HIS B 364 29.36 -12.21 -35.98
CA HIS B 364 28.02 -11.90 -35.51
C HIS B 364 26.93 -12.39 -36.46
N HIS B 365 25.86 -12.92 -35.88
CA HIS B 365 24.67 -13.29 -36.59
C HIS B 365 23.50 -12.83 -35.72
N PRO B 366 22.45 -12.24 -36.32
CA PRO B 366 21.35 -11.65 -35.52
C PRO B 366 20.56 -12.65 -34.68
N ARG B 367 20.66 -13.94 -34.99
CA ARG B 367 19.96 -14.96 -34.21
C ARG B 367 20.88 -15.91 -33.47
N PHE B 368 22.04 -16.22 -34.07
CA PHE B 368 22.95 -17.24 -33.52
C PHE B 368 24.14 -16.66 -32.77
N GLY B 369 24.33 -15.35 -32.86
CA GLY B 369 25.42 -14.67 -32.18
C GLY B 369 26.77 -14.92 -32.83
N ARG B 370 27.68 -15.50 -32.06
CA ARG B 370 29.05 -15.72 -32.50
C ARG B 370 29.18 -17.12 -33.12
N ALA B 371 28.10 -17.90 -33.03
CA ALA B 371 28.00 -19.22 -33.65
C ALA B 371 27.53 -19.07 -35.11
N VAL B 372 28.38 -18.47 -35.94
CA VAL B 372 27.99 -18.08 -37.28
C VAL B 372 28.11 -19.23 -38.26
N PRO B 373 27.00 -19.58 -38.94
CA PRO B 373 27.11 -20.54 -40.04
C PRO B 373 28.08 -20.04 -41.11
N LEU B 374 28.90 -20.92 -41.64
CA LEU B 374 29.87 -20.55 -42.67
C LEU B 374 29.21 -19.89 -43.87
N ASP B 375 28.08 -20.45 -44.26
CA ASP B 375 27.20 -19.87 -45.26
C ASP B 375 27.07 -18.35 -45.08
N PHE B 376 26.85 -17.93 -43.84
CA PHE B 376 26.65 -16.52 -43.51
C PHE B 376 27.95 -15.71 -43.59
N VAL B 377 29.07 -16.32 -43.22
CA VAL B 377 30.38 -15.68 -43.39
C VAL B 377 30.68 -15.43 -44.87
N VAL B 378 30.39 -16.44 -45.70
CA VAL B 378 30.55 -16.32 -47.14
C VAL B 378 29.75 -15.12 -47.66
N ARG B 379 28.50 -15.01 -47.20
CA ARG B 379 27.61 -13.89 -47.53
C ARG B 379 28.29 -12.55 -47.25
N ASP B 380 28.87 -12.43 -46.05
CA ASP B 380 29.62 -11.25 -45.64
C ASP B 380 30.69 -10.87 -46.67
N LEU B 381 31.54 -11.83 -47.02
CA LEU B 381 32.71 -11.56 -47.84
C LEU B 381 32.36 -11.23 -49.30
N ILE B 382 31.32 -11.88 -49.83
CA ILE B 382 30.82 -11.60 -51.17
C ILE B 382 30.37 -10.13 -51.23
N LEU B 383 29.66 -9.73 -50.19
CA LEU B 383 29.16 -8.37 -50.07
C LEU B 383 30.33 -7.40 -50.00
N MET B 384 31.36 -7.74 -49.22
CA MET B 384 32.56 -6.90 -49.09
C MET B 384 33.19 -6.67 -50.45
N LYS B 385 33.38 -7.77 -51.19
CA LYS B 385 33.92 -7.72 -52.55
C LYS B 385 33.06 -6.90 -53.50
N LYS B 386 31.74 -7.03 -53.36
CA LYS B 386 30.79 -6.27 -54.17
C LYS B 386 30.88 -4.77 -53.86
N PHE B 387 31.55 -4.41 -52.78
CA PHE B 387 31.64 -3.01 -52.37
C PHE B 387 33.09 -2.49 -52.27
N ASN B 388 33.99 -3.09 -53.03
CA ASN B 388 35.37 -2.60 -53.24
C ASN B 388 36.32 -2.75 -52.05
N ILE B 389 35.88 -3.49 -51.04
CA ILE B 389 36.75 -3.80 -49.89
C ILE B 389 37.82 -4.82 -50.27
N ASN B 390 39.05 -4.63 -49.81
CA ASN B 390 40.15 -5.52 -50.14
C ASN B 390 40.87 -6.09 -48.92
N ALA B 391 40.39 -5.76 -47.72
CA ALA B 391 41.05 -6.18 -46.51
C ALA B 391 40.09 -6.32 -45.34
N VAL B 392 40.35 -7.29 -44.46
CA VAL B 392 39.60 -7.37 -43.21
C VAL B 392 40.50 -7.58 -42.00
N ARG B 393 40.14 -6.93 -40.89
CA ARG B 393 40.78 -7.15 -39.61
C ARG B 393 39.86 -8.04 -38.78
N ASN B 394 40.43 -9.12 -38.25
CA ASN B 394 39.68 -10.06 -37.42
C ASN B 394 39.51 -9.52 -36.02
N SER B 395 38.68 -8.49 -35.89
CA SER B 395 38.42 -7.83 -34.62
C SER B 395 37.51 -8.69 -33.74
N HIS B 396 37.94 -9.09 -32.56
CA HIS B 396 39.32 -8.95 -32.08
C HIS B 396 39.78 -10.33 -31.59
N TYR B 397 39.84 -11.28 -32.51
CA TYR B 397 40.09 -12.68 -32.20
C TYR B 397 40.11 -13.49 -33.50
N PRO B 398 40.68 -14.72 -33.48
CA PRO B 398 40.58 -15.53 -34.68
C PRO B 398 39.15 -16.02 -34.88
N ASN B 399 38.75 -16.18 -36.13
CA ASN B 399 37.42 -16.70 -36.45
C ASN B 399 37.44 -18.22 -36.48
N HIS B 400 36.34 -18.83 -36.92
CA HIS B 400 36.31 -20.25 -37.19
C HIS B 400 37.43 -20.59 -38.21
N PRO B 401 38.19 -21.68 -37.96
CA PRO B 401 39.38 -21.97 -38.79
C PRO B 401 39.12 -22.11 -40.29
N LYS B 402 37.90 -22.53 -40.67
CA LYS B 402 37.50 -22.73 -42.07
C LYS B 402 37.35 -21.43 -42.86
N VAL B 403 37.31 -20.30 -42.15
CA VAL B 403 37.06 -18.98 -42.75
C VAL B 403 38.26 -18.49 -43.56
N TYR B 404 39.45 -18.97 -43.21
CA TYR B 404 40.67 -18.42 -43.76
C TYR B 404 40.95 -18.87 -45.18
N ASP B 405 40.40 -20.02 -45.57
CA ASP B 405 40.45 -20.46 -46.95
C ASP B 405 39.59 -19.54 -47.80
N LEU B 406 38.51 -19.03 -47.20
CA LEU B 406 37.64 -18.08 -47.90
C LEU B 406 38.39 -16.79 -48.22
N PHE B 407 39.19 -16.30 -47.26
CA PHE B 407 40.05 -15.14 -47.50
C PHE B 407 41.08 -15.47 -48.60
N ASP B 408 41.72 -16.62 -48.49
CA ASP B 408 42.68 -17.12 -49.50
C ASP B 408 42.11 -17.14 -50.91
N LYS B 409 40.86 -17.61 -51.04
CA LYS B 409 40.27 -17.85 -52.35
C LYS B 409 39.61 -16.61 -52.95
N LEU B 410 39.04 -15.76 -52.09
CA LEU B 410 38.38 -14.54 -52.56
C LEU B 410 39.34 -13.36 -52.68
N GLY B 411 40.38 -13.35 -51.85
CA GLY B 411 41.43 -12.33 -51.92
C GLY B 411 41.19 -11.16 -51.01
N PHE B 412 41.62 -11.30 -49.75
CA PHE B 412 41.60 -10.19 -48.79
C PHE B 412 42.97 -10.09 -48.11
N TRP B 413 43.44 -8.87 -47.89
CA TRP B 413 44.57 -8.67 -46.95
C TRP B 413 44.01 -8.85 -45.54
N VAL B 414 44.55 -9.81 -44.79
CA VAL B 414 43.98 -10.15 -43.50
C VAL B 414 44.91 -9.84 -42.34
N ILE B 415 44.36 -9.17 -41.32
CA ILE B 415 45.01 -9.03 -40.04
C ILE B 415 44.35 -10.04 -39.11
N ASP B 416 45.07 -11.11 -38.80
CA ASP B 416 44.59 -12.10 -37.86
C ASP B 416 45.03 -11.66 -36.47
N GLU B 417 44.09 -11.60 -35.54
CA GLU B 417 44.31 -10.94 -34.27
C GLU B 417 44.13 -11.86 -33.06
N ALA B 418 45.05 -11.76 -32.11
CA ALA B 418 44.98 -12.53 -30.88
C ALA B 418 43.72 -12.23 -30.09
N ASP B 419 43.18 -13.24 -29.41
CA ASP B 419 41.99 -13.09 -28.58
C ASP B 419 42.42 -12.50 -27.24
N LEU B 420 42.59 -11.17 -27.20
CA LEU B 420 43.10 -10.50 -26.00
C LEU B 420 42.74 -9.03 -25.93
N GLU B 421 41.72 -8.71 -25.13
CA GLU B 421 41.38 -7.32 -24.84
C GLU B 421 41.27 -7.08 -23.34
N THR B 422 41.78 -5.94 -22.90
CA THR B 422 41.91 -5.62 -21.49
C THR B 422 41.22 -4.30 -21.14
N HIS B 423 40.55 -3.71 -22.11
CA HIS B 423 40.00 -2.34 -22.04
C HIS B 423 39.42 -1.93 -20.67
N GLY B 424 38.62 -2.81 -20.08
CA GLY B 424 37.90 -2.51 -18.83
C GLY B 424 38.68 -2.00 -17.63
N VAL B 425 40.00 -2.23 -17.63
CA VAL B 425 40.87 -1.73 -16.55
C VAL B 425 40.86 -0.21 -16.49
N GLN B 426 40.50 0.41 -17.60
CA GLN B 426 40.46 1.88 -17.70
C GLN B 426 39.20 2.51 -17.10
N GLU B 427 38.08 1.78 -17.12
CA GLU B 427 36.79 2.38 -16.79
C GLU B 427 36.74 3.08 -15.42
N PRO B 428 37.18 2.40 -14.35
CA PRO B 428 37.19 3.09 -13.05
C PRO B 428 38.08 4.33 -13.07
N PHE B 429 39.22 4.24 -13.76
CA PHE B 429 40.14 5.37 -13.93
C PHE B 429 39.46 6.52 -14.66
N ASN B 430 38.79 6.23 -15.77
CA ASN B 430 38.08 7.25 -16.57
C ASN B 430 37.03 8.01 -15.75
N ARG B 431 36.27 7.26 -14.93
CA ARG B 431 35.23 7.83 -14.10
C ARG B 431 35.78 8.62 -12.92
N HIS B 432 36.84 8.09 -12.30
CA HIS B 432 37.45 8.73 -11.14
C HIS B 432 38.12 10.06 -11.50
N THR B 433 38.68 10.15 -12.71
CA THR B 433 39.39 11.36 -13.14
C THR B 433 38.52 12.24 -14.05
N ASN B 434 37.28 11.83 -14.25
CA ASN B 434 36.32 12.53 -15.11
C ASN B 434 36.85 12.80 -16.52
N LEU B 435 37.53 11.80 -17.08
CA LEU B 435 38.13 11.93 -18.41
C LEU B 435 37.08 12.12 -19.50
N GLU B 436 37.26 13.17 -20.29
CA GLU B 436 36.33 13.52 -21.36
C GLU B 436 36.71 12.93 -22.71
N ALA B 437 38.01 12.92 -23.02
CA ALA B 437 38.47 12.49 -24.35
C ALA B 437 39.83 11.81 -24.37
N GLU B 438 39.97 10.84 -25.26
CA GLU B 438 41.24 10.18 -25.55
C GLU B 438 41.67 10.50 -26.98
N TYR B 439 42.96 10.76 -27.15
CA TYR B 439 43.51 11.09 -28.47
C TYR B 439 44.64 10.14 -28.83
N PRO B 440 44.69 9.67 -30.09
CA PRO B 440 45.63 8.62 -30.51
C PRO B 440 47.09 8.92 -30.19
N ASP B 441 47.45 10.20 -30.17
CA ASP B 441 48.84 10.62 -29.91
C ASP B 441 49.24 10.70 -28.43
N THR B 442 48.25 10.80 -27.54
CA THR B 442 48.51 10.98 -26.10
C THR B 442 47.87 9.96 -25.16
N LYS B 443 46.88 9.21 -25.62
CA LYS B 443 46.09 8.31 -24.77
C LYS B 443 46.88 7.16 -24.11
N ASN B 444 48.01 6.81 -24.70
CA ASN B 444 48.85 5.73 -24.15
C ASN B 444 49.34 6.00 -22.74
N LYS B 445 49.52 7.27 -22.38
CA LYS B 445 49.93 7.68 -21.04
C LYS B 445 48.85 7.36 -19.98
N LEU B 446 47.60 7.35 -20.43
CA LEU B 446 46.46 7.02 -19.57
C LEU B 446 46.38 5.51 -19.33
N TYR B 447 46.66 4.74 -20.37
CA TYR B 447 46.65 3.27 -20.29
C TYR B 447 47.87 2.72 -19.52
N ASP B 448 49.00 3.44 -19.62
CA ASP B 448 50.22 3.13 -18.87
C ASP B 448 49.99 3.01 -17.37
N VAL B 449 49.05 3.81 -16.85
CA VAL B 449 48.70 3.85 -15.43
C VAL B 449 48.19 2.50 -14.91
N ASN B 450 47.46 1.78 -15.76
CA ASN B 450 46.83 0.53 -15.34
C ASN B 450 47.36 -0.74 -16.00
N ALA B 451 48.42 -0.61 -16.79
CA ALA B 451 49.02 -1.75 -17.47
C ALA B 451 49.49 -2.84 -16.49
N HIS B 452 49.91 -2.42 -15.30
CA HIS B 452 50.47 -3.34 -14.29
C HIS B 452 49.48 -4.42 -13.86
N TYR B 453 48.19 -4.15 -14.02
CA TYR B 453 47.15 -5.09 -13.63
C TYR B 453 47.17 -6.38 -14.45
N LEU B 454 47.45 -6.25 -15.75
CA LEU B 454 47.37 -7.40 -16.67
C LEU B 454 48.53 -7.47 -17.67
N SER B 455 48.63 -6.46 -18.53
CA SER B 455 49.61 -6.52 -19.62
C SER B 455 51.06 -6.34 -19.17
N ASP B 456 51.22 -5.72 -18.00
CA ASP B 456 52.51 -5.64 -17.38
C ASP B 456 52.55 -6.47 -16.11
N ASN B 457 51.66 -7.45 -16.03
CA ASN B 457 51.59 -8.37 -14.91
C ASN B 457 52.23 -9.71 -15.28
N PRO B 458 53.36 -10.07 -14.62
CA PRO B 458 54.10 -11.32 -14.87
C PRO B 458 53.25 -12.59 -14.75
N GLU B 459 52.25 -12.56 -13.87
CA GLU B 459 51.34 -13.69 -13.67
C GLU B 459 50.53 -14.03 -14.93
N TYR B 460 50.45 -13.09 -15.87
CA TYR B 460 49.67 -13.28 -17.08
C TYR B 460 50.50 -13.61 -18.32
N GLU B 461 51.82 -13.56 -18.21
CA GLU B 461 52.72 -13.84 -19.32
C GLU B 461 52.40 -15.15 -20.06
N VAL B 462 52.23 -16.24 -19.31
CA VAL B 462 51.88 -17.54 -19.89
C VAL B 462 50.58 -17.45 -20.69
N ALA B 463 49.59 -16.78 -20.14
CA ALA B 463 48.31 -16.60 -20.82
C ALA B 463 48.47 -15.81 -22.11
N TYR B 464 49.21 -14.71 -22.05
CA TYR B 464 49.43 -13.83 -23.20
C TYR B 464 50.18 -14.54 -24.32
N LEU B 465 51.19 -15.34 -23.95
CA LEU B 465 51.99 -16.07 -24.90
C LEU B 465 51.12 -17.12 -25.58
N ASP B 466 50.28 -17.78 -24.79
CA ASP B 466 49.35 -18.77 -25.29
C ASP B 466 48.42 -18.22 -26.36
N ARG B 467 47.91 -17.02 -26.15
CA ARG B 467 47.05 -16.35 -27.13
C ARG B 467 47.81 -16.13 -28.43
N ALA B 468 49.12 -15.82 -28.31
CA ALA B 468 49.97 -15.57 -29.48
C ALA B 468 50.27 -16.86 -30.21
N SER B 469 50.72 -17.86 -29.46
CA SER B 469 51.08 -19.17 -29.98
C SER B 469 49.90 -19.84 -30.69
N GLN B 470 48.74 -19.77 -30.05
CA GLN B 470 47.51 -20.33 -30.60
C GLN B 470 47.09 -19.61 -31.88
N LEU B 471 47.20 -18.28 -31.88
CA LEU B 471 46.84 -17.48 -33.04
C LEU B 471 47.65 -17.89 -34.25
N VAL B 472 48.97 -17.89 -34.08
CA VAL B 472 49.88 -18.03 -35.20
C VAL B 472 49.89 -19.45 -35.72
N LEU B 473 49.99 -20.42 -34.81
CA LEU B 473 50.23 -21.78 -35.22
C LEU B 473 49.03 -22.43 -35.91
N ARG B 474 47.83 -21.93 -35.62
CA ARG B 474 46.65 -22.49 -36.26
C ARG B 474 46.54 -22.03 -37.71
N ASP B 475 46.94 -20.79 -37.97
CA ASP B 475 46.67 -20.16 -39.26
C ASP B 475 47.91 -19.81 -40.12
N VAL B 476 49.09 -20.29 -39.73
CA VAL B 476 50.36 -19.96 -40.43
C VAL B 476 50.40 -20.07 -41.97
N ASN B 477 49.58 -20.95 -42.53
CA ASN B 477 49.72 -21.32 -43.93
C ASN B 477 48.75 -20.63 -44.90
N HIS B 478 48.09 -19.57 -44.45
CA HIS B 478 47.14 -18.86 -45.29
C HIS B 478 47.77 -17.60 -45.88
N PRO B 479 47.98 -17.58 -47.20
CA PRO B 479 48.57 -16.42 -47.88
C PRO B 479 47.82 -15.13 -47.63
N SER B 480 46.51 -15.19 -47.42
CA SER B 480 45.72 -13.99 -47.14
C SER B 480 46.16 -13.26 -45.88
N ILE B 481 46.64 -14.00 -44.87
CA ILE B 481 47.13 -13.37 -43.64
C ILE B 481 48.51 -12.79 -43.86
N ILE B 482 48.61 -11.47 -43.73
CA ILE B 482 49.89 -10.79 -43.88
C ILE B 482 50.39 -10.17 -42.57
N ILE B 483 49.48 -9.96 -41.61
CA ILE B 483 49.82 -9.35 -40.34
C ILE B 483 49.20 -10.11 -39.16
N TRP B 484 50.01 -10.35 -38.12
CA TRP B 484 49.51 -10.86 -36.85
C TRP B 484 49.35 -9.67 -35.90
N SER B 485 48.23 -9.62 -35.18
CA SER B 485 48.03 -8.57 -34.19
C SER B 485 47.96 -9.14 -32.77
N LEU B 486 48.60 -8.44 -31.84
CA LEU B 486 48.77 -8.94 -30.48
C LEU B 486 47.50 -8.84 -29.63
N GLY B 487 46.42 -8.34 -30.23
CA GLY B 487 45.15 -8.18 -29.54
C GLY B 487 44.63 -6.78 -29.76
N ASN B 488 43.89 -6.27 -28.78
CA ASN B 488 43.30 -4.93 -28.90
C ASN B 488 43.06 -4.26 -27.55
N GLU B 489 43.41 -2.98 -27.47
CA GLU B 489 43.14 -2.13 -26.31
C GLU B 489 43.38 -2.86 -24.99
N ALA B 490 44.60 -3.36 -24.83
CA ALA B 490 45.01 -4.10 -23.65
C ALA B 490 46.11 -3.38 -22.87
N CYS B 491 46.27 -2.08 -23.10
CA CYS B 491 47.39 -1.29 -22.57
C CYS B 491 48.70 -1.75 -23.22
N TYR B 492 49.83 -1.39 -22.62
CA TYR B 492 51.12 -1.87 -23.10
C TYR B 492 52.01 -2.29 -21.95
N GLY B 493 52.59 -3.50 -22.06
CA GLY B 493 53.45 -4.05 -21.02
C GLY B 493 54.42 -5.10 -21.51
N ARG B 494 55.20 -5.65 -20.58
CA ARG B 494 56.22 -6.67 -20.88
C ARG B 494 55.66 -7.89 -21.61
N ASN B 495 54.43 -8.27 -21.28
CA ASN B 495 53.76 -9.40 -21.91
C ASN B 495 53.62 -9.21 -23.42
N HIS B 496 53.38 -7.97 -23.84
CA HIS B 496 53.32 -7.68 -25.27
C HIS B 496 54.68 -7.87 -25.92
N LYS B 497 55.75 -7.43 -25.25
CA LYS B 497 57.11 -7.66 -25.76
C LYS B 497 57.39 -9.14 -25.89
N ALA B 498 56.97 -9.91 -24.89
CA ALA B 498 57.11 -11.36 -24.92
C ALA B 498 56.39 -12.00 -26.11
N MET B 499 55.15 -11.56 -26.35
CA MET B 499 54.36 -12.01 -27.49
C MET B 499 55.07 -11.73 -28.82
N TYR B 500 55.66 -10.54 -28.94
CA TYR B 500 56.35 -10.12 -30.16
C TYR B 500 57.57 -11.00 -30.44
N LYS B 501 58.41 -11.24 -29.42
CA LYS B 501 59.56 -12.14 -29.57
C LYS B 501 59.11 -13.53 -30.02
N LEU B 502 58.06 -14.05 -29.39
CA LEU B 502 57.59 -15.39 -29.70
C LEU B 502 57.09 -15.51 -31.14
N ILE B 503 56.28 -14.56 -31.56
CA ILE B 503 55.68 -14.58 -32.90
C ILE B 503 56.75 -14.48 -34.00
N LYS B 504 57.77 -13.66 -33.78
CA LYS B 504 58.89 -13.60 -34.72
C LYS B 504 59.73 -14.88 -34.77
N GLN B 505 59.80 -15.61 -33.66
CA GLN B 505 60.46 -16.90 -33.61
C GLN B 505 59.62 -17.95 -34.34
N LEU B 506 58.32 -17.97 -34.04
CA LEU B 506 57.38 -18.91 -34.65
C LEU B 506 57.23 -18.69 -36.15
N ASP B 507 57.06 -17.44 -36.56
CA ASP B 507 56.75 -17.12 -37.95
C ASP B 507 57.44 -15.84 -38.41
N PRO B 508 58.70 -15.96 -38.89
CA PRO B 508 59.43 -14.78 -39.36
C PRO B 508 58.85 -14.11 -40.64
N THR B 509 57.87 -14.74 -41.28
CA THR B 509 57.41 -14.28 -42.62
C THR B 509 56.41 -13.12 -42.61
N ARG B 510 55.80 -12.82 -41.46
CA ARG B 510 54.77 -11.79 -41.41
C ARG B 510 55.13 -10.66 -40.45
N LEU B 511 54.34 -9.59 -40.49
CA LEU B 511 54.56 -8.43 -39.64
C LEU B 511 53.61 -8.42 -38.43
N VAL B 512 54.01 -7.70 -37.37
CA VAL B 512 53.23 -7.68 -36.13
C VAL B 512 52.61 -6.30 -35.88
N HIS B 513 51.32 -6.31 -35.56
CA HIS B 513 50.56 -5.10 -35.25
C HIS B 513 50.11 -5.10 -33.80
N TYR B 514 50.20 -3.95 -33.15
CA TYR B 514 49.51 -3.72 -31.87
C TYR B 514 49.34 -2.25 -31.54
N GLU B 515 48.10 -1.78 -31.69
CA GLU B 515 47.76 -0.36 -31.55
C GLU B 515 48.06 0.21 -30.16
N GLY B 516 47.94 -0.64 -29.13
CA GLY B 516 48.22 -0.21 -27.75
C GLY B 516 49.66 0.17 -27.53
N ASP B 517 50.51 -0.20 -28.49
CA ASP B 517 51.95 0.10 -28.49
C ASP B 517 52.17 1.29 -29.42
N LEU B 518 51.98 2.50 -28.90
CA LEU B 518 52.04 3.71 -29.69
C LEU B 518 53.34 3.84 -30.50
N ASN B 519 54.48 3.63 -29.85
CA ASN B 519 55.78 3.81 -30.49
C ASN B 519 56.33 2.55 -31.17
N ALA B 520 55.50 1.51 -31.21
CA ALA B 520 55.84 0.25 -31.87
C ALA B 520 57.20 -0.30 -31.41
N LEU B 521 57.41 -0.29 -30.10
CA LEU B 521 58.62 -0.84 -29.51
C LEU B 521 58.69 -2.35 -29.73
N SER B 522 57.53 -2.98 -29.78
CA SER B 522 57.42 -4.39 -30.13
C SER B 522 56.30 -4.62 -31.16
N ALA B 523 56.33 -3.81 -32.21
CA ALA B 523 55.50 -3.98 -33.41
C ALA B 523 56.26 -3.45 -34.62
N ASP B 524 55.82 -3.85 -35.82
CA ASP B 524 56.52 -3.47 -37.04
C ASP B 524 55.84 -2.31 -37.76
N ILE B 525 54.69 -1.91 -37.24
CA ILE B 525 53.77 -0.97 -37.89
C ILE B 525 53.27 0.05 -36.87
N PHE B 526 52.99 1.27 -37.29
CA PHE B 526 52.24 2.23 -36.46
C PHE B 526 50.75 2.09 -36.77
N SER B 527 49.92 2.38 -35.78
CA SER B 527 48.48 2.22 -35.92
C SER B 527 47.71 3.20 -35.04
N PHE B 528 46.80 3.94 -35.66
CA PHE B 528 45.90 4.82 -34.92
C PHE B 528 44.46 4.34 -35.03
N MET B 529 43.64 4.70 -34.06
CA MET B 529 42.19 4.57 -34.21
C MET B 529 41.47 5.91 -34.06
N TYR B 530 40.57 6.19 -35.02
CA TYR B 530 39.76 7.40 -35.08
C TYR B 530 40.56 8.71 -35.02
N PRO B 531 41.70 8.78 -35.72
CA PRO B 531 42.49 10.00 -35.56
C PRO B 531 41.96 11.16 -36.38
N THR B 532 42.25 12.35 -35.88
CA THR B 532 42.03 13.59 -36.60
C THR B 532 43.11 13.76 -37.68
N PHE B 533 42.81 14.44 -38.78
CA PHE B 533 43.82 14.65 -39.83
C PHE B 533 45.08 15.30 -39.26
N GLU B 534 44.88 16.33 -38.44
CA GLU B 534 45.96 17.04 -37.74
C GLU B 534 46.84 16.07 -36.94
N ILE B 535 46.21 15.10 -36.28
CA ILE B 535 46.94 14.11 -35.47
C ILE B 535 47.71 13.13 -36.35
N MET B 536 47.12 12.73 -37.46
CA MET B 536 47.80 11.88 -38.47
C MET B 536 49.05 12.59 -39.00
N GLU B 537 48.87 13.86 -39.34
CA GLU B 537 49.90 14.72 -39.92
C GLU B 537 51.07 15.04 -38.97
N ARG B 538 50.76 15.32 -37.69
CA ARG B 538 51.79 15.46 -36.64
C ARG B 538 52.66 14.21 -36.60
N TRP B 539 52.00 13.04 -36.63
CA TRP B 539 52.68 11.77 -36.50
C TRP B 539 53.59 11.52 -37.70
N ARG B 540 53.04 11.69 -38.89
CA ARG B 540 53.79 11.57 -40.13
C ARG B 540 55.07 12.40 -40.06
N LYS B 541 54.92 13.69 -39.78
CA LYS B 541 56.04 14.63 -39.75
C LYS B 541 57.08 14.29 -38.68
N ASN B 542 56.63 13.82 -37.53
CA ASN B 542 57.56 13.45 -36.45
C ASN B 542 58.25 12.11 -36.65
N HIS B 543 57.90 11.40 -37.73
CA HIS B 543 58.48 10.09 -38.01
C HIS B 543 59.10 9.98 -39.39
N THR B 544 59.01 11.06 -40.15
CA THR B 544 59.73 11.22 -41.40
C THR B 544 60.95 12.07 -41.11
N ASP B 545 62.13 11.58 -41.47
CA ASP B 545 63.35 12.36 -41.25
C ASP B 545 63.55 13.41 -42.35
N GLU B 546 64.61 14.21 -42.21
CA GLU B 546 64.90 15.31 -43.13
C GLU B 546 65.03 14.84 -44.59
N ASN B 547 65.47 13.60 -44.80
CA ASN B 547 65.64 13.03 -46.13
C ASN B 547 64.31 12.58 -46.76
N GLY B 548 63.26 12.49 -45.96
CA GLY B 548 61.98 11.98 -46.43
C GLY B 548 61.77 10.50 -46.11
N LYS B 549 62.72 9.89 -45.41
CA LYS B 549 62.62 8.47 -45.06
C LYS B 549 61.86 8.27 -43.76
N PHE B 550 60.98 7.26 -43.76
CA PHE B 550 60.35 6.78 -42.54
C PHE B 550 60.72 5.32 -42.31
N GLU B 551 60.75 4.93 -41.05
CA GLU B 551 61.18 3.59 -40.66
C GLU B 551 59.99 2.60 -40.66
N LYS B 552 58.80 3.12 -40.32
CA LYS B 552 57.56 2.33 -40.25
C LYS B 552 56.39 3.19 -40.73
N PRO B 553 55.33 2.56 -41.27
CA PRO B 553 54.20 3.33 -41.81
C PRO B 553 53.04 3.46 -40.83
N LEU B 554 51.96 4.13 -41.27
CA LEU B 554 50.76 4.24 -40.45
C LEU B 554 49.51 3.67 -41.12
N ILE B 555 48.80 2.81 -40.39
CA ILE B 555 47.49 2.39 -40.81
C ILE B 555 46.47 2.87 -39.79
N LEU B 556 45.20 2.88 -40.19
CA LEU B 556 44.14 3.17 -39.25
C LEU B 556 43.38 1.88 -39.00
N CYS B 557 43.76 1.16 -37.95
CA CYS B 557 43.14 -0.12 -37.64
C CYS B 557 41.62 0.02 -37.38
N GLU B 558 41.23 1.20 -36.89
CA GLU B 558 39.82 1.57 -36.77
C GLU B 558 39.67 3.05 -37.12
N TYR B 559 38.72 3.36 -38.01
CA TYR B 559 38.41 4.75 -38.34
C TYR B 559 37.04 4.83 -39.00
N GLY B 560 36.52 6.05 -39.17
CA GLY B 560 35.23 6.30 -39.80
C GLY B 560 34.11 5.51 -39.15
N HIS B 561 34.01 5.62 -37.83
CA HIS B 561 33.00 4.93 -37.05
C HIS B 561 31.64 4.96 -37.76
N ALA B 562 31.12 3.77 -38.09
CA ALA B 562 29.99 3.64 -39.00
C ALA B 562 28.62 3.61 -38.33
N MET B 563 28.56 4.09 -37.09
CA MET B 563 27.33 4.08 -36.28
C MET B 563 26.24 4.97 -36.86
N GLY B 564 25.10 4.37 -37.19
CA GLY B 564 23.93 5.09 -37.69
C GLY B 564 24.18 5.94 -38.93
N ASN B 565 23.50 7.08 -39.02
CA ASN B 565 23.66 7.97 -40.15
C ASN B 565 25.09 8.53 -40.19
N GLY B 566 25.86 8.03 -41.14
CA GLY B 566 27.29 8.28 -41.26
C GLY B 566 27.98 7.05 -41.84
N PRO B 567 29.33 7.05 -41.85
CA PRO B 567 30.17 8.15 -41.37
C PRO B 567 30.37 9.27 -42.40
N GLY B 568 30.48 10.50 -41.92
CA GLY B 568 30.81 11.62 -42.77
C GLY B 568 32.30 11.74 -42.96
N SER B 569 32.70 12.37 -44.07
CA SER B 569 34.10 12.70 -44.39
C SER B 569 35.06 11.53 -44.65
N LEU B 570 34.52 10.39 -45.10
CA LEU B 570 35.35 9.31 -45.63
C LEU B 570 36.23 9.82 -46.77
N LYS B 571 35.68 10.79 -47.52
CA LYS B 571 36.34 11.45 -48.63
C LYS B 571 37.67 12.06 -48.20
N GLU B 572 37.62 12.88 -47.15
CA GLU B 572 38.81 13.58 -46.68
C GLU B 572 39.91 12.65 -46.14
N TYR B 573 39.52 11.58 -45.46
CA TYR B 573 40.45 10.51 -45.06
C TYR B 573 41.15 9.89 -46.27
N GLN B 574 40.37 9.64 -47.33
CA GLN B 574 40.89 8.98 -48.53
C GLN B 574 41.90 9.84 -49.27
N GLU B 575 41.58 11.13 -49.43
CA GLU B 575 42.48 12.10 -50.05
C GLU B 575 43.83 12.08 -49.34
N LEU B 576 43.78 11.99 -48.02
CA LEU B 576 44.97 11.89 -47.21
C LEU B 576 45.73 10.58 -47.48
N PHE B 577 45.01 9.45 -47.57
CA PHE B 577 45.63 8.15 -47.86
C PHE B 577 46.41 8.16 -49.17
N TYR B 578 45.84 8.76 -50.21
CA TYR B 578 46.46 8.77 -51.54
C TYR B 578 47.64 9.74 -51.61
N LYS B 579 47.62 10.75 -50.77
CA LYS B 579 48.61 11.82 -50.84
C LYS B 579 49.99 11.43 -50.30
N GLU B 580 50.01 10.57 -49.28
CA GLU B 580 51.25 10.24 -48.58
C GLU B 580 51.53 8.76 -48.57
N LYS B 581 52.73 8.40 -49.07
CA LYS B 581 53.19 7.02 -49.08
C LYS B 581 53.23 6.43 -47.66
N PHE B 582 53.43 7.30 -46.67
CA PHE B 582 53.48 6.95 -45.25
C PHE B 582 52.18 6.36 -44.71
N TYR B 583 51.05 6.84 -45.22
CA TYR B 583 49.75 6.25 -44.91
C TYR B 583 49.49 5.08 -45.85
N GLN B 584 49.02 3.97 -45.32
CA GLN B 584 48.70 2.82 -46.14
C GLN B 584 47.25 2.36 -46.00
N GLY B 585 46.38 3.30 -45.62
CA GLY B 585 44.94 3.05 -45.56
C GLY B 585 44.39 2.81 -44.18
N GLY B 586 43.27 2.10 -44.12
CA GLY B 586 42.60 1.84 -42.86
C GLY B 586 41.51 0.80 -42.92
N PHE B 587 40.97 0.48 -41.76
CA PHE B 587 39.88 -0.47 -41.62
C PHE B 587 38.77 0.26 -40.91
N ILE B 588 37.64 0.48 -41.56
CA ILE B 588 36.56 1.17 -40.86
C ILE B 588 35.94 0.26 -39.79
N TRP B 589 35.45 0.87 -38.72
CA TRP B 589 34.72 0.17 -37.69
C TRP B 589 33.25 0.52 -37.84
N GLU B 590 32.37 -0.43 -38.11
CA GLU B 590 32.60 -1.87 -38.10
C GLU B 590 31.91 -2.42 -39.35
N TRP B 591 32.01 -3.73 -39.60
CA TRP B 591 31.32 -4.32 -40.75
C TRP B 591 29.80 -4.27 -40.62
N ALA B 592 29.28 -4.72 -39.48
CA ALA B 592 27.83 -4.83 -39.28
C ALA B 592 27.39 -4.55 -37.85
N ASN B 593 26.19 -3.99 -37.69
CA ASN B 593 25.50 -3.88 -36.40
C ASN B 593 25.43 -5.24 -35.72
N HIS B 594 25.56 -5.23 -34.38
CA HIS B 594 25.52 -6.48 -33.60
C HIS B 594 24.13 -6.81 -33.06
N GLY B 595 23.09 -6.30 -33.71
CA GLY B 595 21.73 -6.47 -33.22
C GLY B 595 21.30 -7.92 -33.11
N ILE B 596 20.63 -8.24 -32.00
CA ILE B 596 20.03 -9.55 -31.80
C ILE B 596 18.52 -9.44 -32.02
N GLU B 597 17.96 -10.35 -32.83
CA GLU B 597 16.53 -10.35 -33.08
C GLU B 597 15.77 -10.72 -31.81
N PHE B 598 14.69 -9.99 -31.56
CA PHE B 598 13.84 -10.21 -30.38
C PHE B 598 12.48 -9.59 -30.60
N GLU B 599 11.54 -9.93 -29.74
CA GLU B 599 10.20 -9.39 -29.80
C GLU B 599 10.10 -8.13 -28.95
N ASP B 600 9.73 -7.02 -29.60
CA ASP B 600 9.65 -5.71 -28.98
C ASP B 600 8.19 -5.30 -28.83
N VAL B 601 7.86 -4.59 -27.75
CA VAL B 601 6.54 -3.95 -27.65
C VAL B 601 6.62 -2.54 -28.22
N SER B 602 5.74 -2.27 -29.17
CA SER B 602 5.80 -1.03 -29.91
C SER B 602 5.24 0.17 -29.17
N THR B 603 5.99 1.26 -29.24
CA THR B 603 5.62 2.52 -28.66
C THR B 603 4.60 3.23 -29.55
N ALA B 604 4.56 2.83 -30.82
CA ALA B 604 3.64 3.41 -31.79
C ALA B 604 2.30 2.69 -31.78
N ASP B 605 2.37 1.40 -31.49
CA ASP B 605 1.32 0.45 -31.81
C ASP B 605 0.65 -0.14 -30.57
N GLY B 606 1.44 -0.34 -29.52
CA GLY B 606 1.02 -1.07 -28.34
C GLY B 606 1.07 -2.57 -28.60
N LYS B 607 1.64 -2.95 -29.73
CA LYS B 607 1.64 -4.34 -30.16
C LYS B 607 3.06 -4.89 -30.30
N LEU B 608 3.14 -6.20 -30.46
CA LEU B 608 4.41 -6.91 -30.47
C LEU B 608 4.97 -7.01 -31.90
N HIS B 609 6.24 -6.65 -32.06
CA HIS B 609 6.92 -6.64 -33.36
C HIS B 609 8.36 -7.14 -33.26
N LYS B 610 8.84 -7.68 -34.37
CA LYS B 610 10.25 -8.06 -34.49
C LYS B 610 11.14 -6.82 -34.48
N ALA B 611 12.19 -6.85 -33.68
CA ALA B 611 13.17 -5.76 -33.63
C ALA B 611 14.60 -6.27 -33.40
N TYR B 612 15.57 -5.36 -33.39
CA TYR B 612 16.95 -5.73 -33.18
C TYR B 612 17.51 -5.07 -31.93
N ALA B 613 17.91 -5.90 -30.98
CA ALA B 613 18.29 -5.46 -29.64
C ALA B 613 19.68 -4.90 -29.56
N TYR B 614 19.81 -3.85 -28.75
CA TYR B 614 21.09 -3.32 -28.35
C TYR B 614 21.06 -3.22 -26.84
N GLY B 615 22.11 -2.70 -26.23
CA GLY B 615 22.21 -2.62 -24.77
C GLY B 615 20.96 -2.03 -24.14
N GLY B 616 20.49 -2.66 -23.08
CA GLY B 616 19.30 -2.19 -22.37
C GLY B 616 18.06 -3.04 -22.65
N ASP B 617 17.95 -3.53 -23.88
CA ASP B 617 16.77 -4.29 -24.28
C ASP B 617 16.64 -5.61 -23.51
N PHE B 618 17.78 -6.20 -23.15
CA PHE B 618 17.82 -7.42 -22.36
C PHE B 618 18.00 -7.12 -20.87
N LYS B 619 17.80 -5.87 -20.50
CA LYS B 619 17.73 -5.44 -19.09
C LYS B 619 18.98 -5.75 -18.27
N GLU B 620 20.15 -5.43 -18.82
CA GLU B 620 21.41 -5.57 -18.12
C GLU B 620 21.51 -4.54 -17.00
N GLU B 621 22.16 -4.92 -15.89
CA GLU B 621 22.48 -4.01 -14.81
C GLU B 621 23.32 -2.85 -15.35
N VAL B 622 24.40 -3.21 -16.05
CA VAL B 622 25.26 -2.26 -16.75
C VAL B 622 25.35 -2.66 -18.21
N HIS B 623 25.25 -1.67 -19.08
CA HIS B 623 25.32 -1.89 -20.51
C HIS B 623 25.75 -0.61 -21.21
N ASP B 624 26.00 -0.70 -22.51
CA ASP B 624 26.44 0.48 -23.25
C ASP B 624 25.52 0.85 -24.43
N GLY B 625 24.24 0.50 -24.28
CA GLY B 625 23.17 0.98 -25.12
C GLY B 625 23.33 0.68 -26.59
N VAL B 626 23.21 1.74 -27.39
CA VAL B 626 23.12 1.65 -28.85
C VAL B 626 24.49 1.53 -29.57
N PHE B 627 25.58 1.52 -28.81
CA PHE B 627 26.91 1.34 -29.42
C PHE B 627 27.14 -0.03 -30.06
N ILE B 628 26.16 -0.91 -29.89
CA ILE B 628 26.03 -2.18 -30.58
C ILE B 628 25.85 -1.95 -32.09
N MET B 629 25.14 -0.88 -32.42
CA MET B 629 24.71 -0.61 -33.78
C MET B 629 25.68 0.32 -34.52
N ASP B 630 26.88 -0.19 -34.81
CA ASP B 630 27.93 0.65 -35.38
C ASP B 630 28.54 0.09 -36.66
N GLY B 631 27.71 -0.55 -37.48
CA GLY B 631 28.20 -1.14 -38.73
C GLY B 631 27.87 -0.40 -40.01
N LEU B 632 28.65 -0.71 -41.05
CA LEU B 632 28.33 -0.32 -42.42
C LEU B 632 27.12 -1.09 -42.92
N CYS B 633 26.92 -2.29 -42.39
CA CYS B 633 25.73 -3.08 -42.64
C CYS B 633 24.88 -3.13 -41.37
N ASN B 634 23.57 -3.32 -41.55
CA ASN B 634 22.66 -3.43 -40.41
C ASN B 634 22.79 -4.79 -39.72
N SER B 635 21.92 -5.06 -38.75
CA SER B 635 22.00 -6.28 -37.94
C SER B 635 21.71 -7.52 -38.78
N GLU B 636 21.01 -7.34 -39.89
CA GLU B 636 20.68 -8.44 -40.77
C GLU B 636 21.80 -8.58 -41.82
N HIS B 637 22.88 -7.83 -41.61
CA HIS B 637 24.07 -7.81 -42.48
C HIS B 637 23.80 -7.37 -43.92
N ASN B 638 22.89 -6.41 -44.06
CA ASN B 638 22.59 -5.79 -45.35
C ASN B 638 23.14 -4.37 -45.39
N PRO B 639 23.54 -3.89 -46.59
CA PRO B 639 24.19 -2.58 -46.72
C PRO B 639 23.35 -1.42 -46.17
N THR B 640 24.00 -0.50 -45.48
CA THR B 640 23.40 0.81 -45.15
C THR B 640 23.96 1.84 -46.13
N PRO B 641 23.48 3.11 -46.07
CA PRO B 641 24.12 4.17 -46.87
C PRO B 641 25.62 4.34 -46.56
N GLY B 642 26.04 3.93 -45.36
CA GLY B 642 27.44 3.93 -45.00
C GLY B 642 28.27 3.08 -45.95
N LEU B 643 27.84 1.84 -46.16
CA LEU B 643 28.56 0.95 -47.05
C LEU B 643 28.56 1.47 -48.48
N VAL B 644 27.41 1.97 -48.93
CA VAL B 644 27.25 2.56 -50.26
C VAL B 644 28.26 3.69 -50.49
N GLU B 645 28.44 4.55 -49.47
CA GLU B 645 29.37 5.67 -49.57
C GLU B 645 30.82 5.16 -49.61
N TYR B 646 31.13 4.21 -48.73
CA TYR B 646 32.48 3.67 -48.62
C TYR B 646 32.97 3.07 -49.93
N LYS B 647 32.09 2.31 -50.60
CA LYS B 647 32.39 1.73 -51.91
C LYS B 647 32.84 2.77 -52.92
N LYS B 648 32.22 3.95 -52.86
CA LYS B 648 32.55 5.01 -53.80
C LYS B 648 33.89 5.66 -53.45
N VAL B 649 34.10 5.99 -52.18
CA VAL B 649 35.33 6.72 -51.83
C VAL B 649 36.59 5.86 -52.01
N ILE B 650 36.43 4.54 -51.92
CA ILE B 650 37.58 3.64 -52.09
C ILE B 650 37.70 3.03 -53.47
N GLU B 651 36.82 3.41 -54.40
CA GLU B 651 36.86 2.84 -55.76
C GLU B 651 38.28 2.83 -56.33
N PRO B 652 38.71 1.67 -56.86
CA PRO B 652 40.12 1.53 -57.26
C PRO B 652 40.45 2.12 -58.64
N VAL B 653 39.53 2.88 -59.21
CA VAL B 653 39.78 3.60 -60.47
C VAL B 653 39.15 4.98 -60.33
N HIS B 654 39.91 6.01 -60.67
CA HIS B 654 39.39 7.37 -60.68
C HIS B 654 38.97 7.80 -62.08
N ILE B 655 37.76 8.33 -62.17
CA ILE B 655 37.21 8.81 -63.44
C ILE B 655 36.81 10.27 -63.25
N LYS B 656 37.59 11.16 -63.86
CA LYS B 656 37.36 12.60 -63.78
C LYS B 656 36.98 13.21 -65.12
N ILE B 657 35.84 13.89 -65.16
CA ILE B 657 35.32 14.47 -66.38
C ILE B 657 35.28 15.99 -66.29
N ALA B 658 36.12 16.64 -67.08
CA ALA B 658 36.18 18.10 -67.17
C ALA B 658 36.80 18.55 -68.50
N HIS B 659 36.34 19.70 -68.98
CA HIS B 659 36.85 20.34 -70.20
C HIS B 659 36.91 19.42 -71.40
N GLY B 660 35.83 18.72 -71.69
CA GLY B 660 35.79 17.83 -72.86
C GLY B 660 36.78 16.69 -72.78
N SER B 661 37.19 16.36 -71.55
CA SER B 661 38.15 15.28 -71.29
C SER B 661 37.70 14.33 -70.19
N VAL B 662 37.92 13.03 -70.41
CA VAL B 662 37.80 12.02 -69.37
C VAL B 662 39.22 11.61 -68.97
N THR B 663 39.56 11.81 -67.70
CA THR B 663 40.83 11.28 -67.19
C THR B 663 40.55 10.08 -66.30
N ILE B 664 41.19 8.95 -66.65
CA ILE B 664 41.05 7.70 -65.93
C ILE B 664 42.40 7.36 -65.32
N THR B 665 42.43 7.14 -64.00
CA THR B 665 43.65 6.77 -63.28
C THR B 665 43.46 5.45 -62.56
N ASN B 666 44.37 4.50 -62.79
CA ASN B 666 44.29 3.19 -62.13
C ASN B 666 44.83 3.31 -60.71
N LYS B 667 43.96 3.04 -59.74
CA LYS B 667 44.33 3.15 -58.33
C LYS B 667 44.47 1.81 -57.62
N HIS B 668 44.56 0.73 -58.38
CA HIS B 668 44.82 -0.60 -57.83
C HIS B 668 46.27 -0.67 -57.35
N ASP B 669 46.57 -1.69 -56.55
CA ASP B 669 47.95 -1.92 -56.13
C ASP B 669 48.70 -2.78 -57.15
N PHE B 670 47.98 -3.66 -57.82
CA PHE B 670 48.61 -4.70 -58.64
C PHE B 670 48.01 -4.86 -60.03
N ILE B 671 46.69 -5.00 -60.09
CA ILE B 671 46.04 -5.36 -61.33
C ILE B 671 45.87 -4.18 -62.28
N THR B 672 45.73 -4.55 -63.54
CA THR B 672 45.51 -3.67 -64.66
C THR B 672 44.01 -3.33 -64.78
N THR B 673 43.67 -2.44 -65.71
CA THR B 673 42.26 -2.11 -66.00
C THR B 673 41.60 -2.98 -67.11
N ASP B 674 42.36 -3.93 -67.64
CA ASP B 674 41.91 -4.79 -68.74
C ASP B 674 40.59 -5.51 -68.52
N HIS B 675 40.36 -5.93 -67.29
CA HIS B 675 39.15 -6.65 -66.91
C HIS B 675 37.92 -5.74 -66.96
N LEU B 676 38.15 -4.44 -67.15
CA LEU B 676 37.07 -3.45 -67.06
C LEU B 676 36.56 -2.94 -68.40
N LEU B 677 35.23 -2.84 -68.49
CA LEU B 677 34.58 -2.23 -69.63
C LEU B 677 34.17 -0.80 -69.23
N PHE B 678 34.64 0.18 -70.01
CA PHE B 678 34.25 1.57 -69.79
C PHE B 678 33.13 2.01 -70.73
N ILE B 679 31.98 2.38 -70.17
CA ILE B 679 30.82 2.78 -70.95
C ILE B 679 30.58 4.28 -70.83
N ASP B 680 30.42 4.94 -71.97
CA ASP B 680 29.94 6.33 -72.02
C ASP B 680 28.42 6.29 -71.83
N LYS B 681 27.97 6.68 -70.65
CA LYS B 681 26.55 6.54 -70.27
C LYS B 681 25.60 7.43 -71.07
N ASP B 682 26.14 8.53 -71.61
CA ASP B 682 25.36 9.45 -72.43
C ASP B 682 24.97 8.87 -73.79
N THR B 683 25.81 7.98 -74.31
CA THR B 683 25.58 7.37 -75.62
C THR B 683 25.31 5.86 -75.57
N GLY B 684 25.87 5.20 -74.56
CA GLY B 684 25.70 3.76 -74.40
C GLY B 684 26.82 2.98 -75.08
N LYS B 685 27.61 3.66 -75.89
CA LYS B 685 28.72 3.00 -76.58
C LYS B 685 29.95 2.99 -75.70
N THR B 686 30.74 1.95 -75.85
CA THR B 686 31.88 1.72 -74.96
C THR B 686 33.06 2.61 -75.37
N ILE B 687 33.95 2.89 -74.42
CA ILE B 687 35.13 3.73 -74.67
C ILE B 687 36.40 2.88 -74.65
N ASP B 688 37.20 3.00 -75.71
CA ASP B 688 38.46 2.29 -75.83
C ASP B 688 39.50 2.86 -74.87
N VAL B 689 39.69 2.17 -73.76
CA VAL B 689 40.65 2.62 -72.77
C VAL B 689 41.86 1.69 -72.78
N PRO B 690 43.05 2.27 -72.99
CA PRO B 690 44.33 1.57 -72.97
C PRO B 690 44.57 0.84 -71.66
N SER B 691 45.28 -0.27 -71.71
CA SER B 691 45.58 -1.04 -70.52
C SER B 691 46.41 -0.20 -69.56
N LEU B 692 45.84 0.12 -68.41
CA LEU B 692 46.53 0.95 -67.42
C LEU B 692 47.12 0.14 -66.25
N LYS B 693 48.40 0.33 -66.01
CA LYS B 693 49.09 -0.23 -64.84
C LYS B 693 48.77 0.57 -63.59
N PRO B 694 49.01 0.00 -62.39
CA PRO B 694 48.82 0.78 -61.17
C PRO B 694 49.49 2.17 -61.23
N GLU B 695 48.69 3.20 -60.93
CA GLU B 695 49.12 4.61 -60.95
C GLU B 695 49.22 5.28 -62.31
N GLU B 696 49.07 4.52 -63.40
CA GLU B 696 49.07 5.10 -64.73
C GLU B 696 47.72 5.78 -65.01
N SER B 697 47.74 6.83 -65.81
CA SER B 697 46.50 7.47 -66.23
C SER B 697 46.48 7.89 -67.71
N VAL B 698 45.29 8.21 -68.19
CA VAL B 698 45.07 8.57 -69.58
C VAL B 698 43.98 9.63 -69.65
N THR B 699 44.16 10.60 -70.55
CA THR B 699 43.13 11.58 -70.86
C THR B 699 42.55 11.32 -72.26
N ILE B 700 41.24 11.15 -72.33
CA ILE B 700 40.56 10.89 -73.61
C ILE B 700 39.56 12.01 -73.87
N PRO B 701 39.70 12.70 -75.03
CA PRO B 701 38.72 13.72 -75.42
C PRO B 701 37.33 13.11 -75.63
N SER B 702 36.33 13.75 -75.04
CA SER B 702 34.95 13.23 -75.05
C SER B 702 33.94 14.32 -74.68
N ASP B 703 32.74 14.21 -75.23
CA ASP B 703 31.66 15.11 -74.87
C ASP B 703 30.82 14.55 -73.71
N THR B 704 31.29 13.45 -73.11
CA THR B 704 30.49 12.71 -72.12
C THR B 704 30.34 13.44 -70.80
N THR B 705 29.28 13.08 -70.09
CA THR B 705 28.91 13.67 -68.82
C THR B 705 29.09 12.66 -67.68
N TYR B 706 29.13 11.37 -68.05
CA TYR B 706 28.90 10.29 -67.11
C TYR B 706 29.53 9.03 -67.71
N VAL B 707 30.58 8.55 -67.05
CA VAL B 707 31.30 7.35 -67.47
C VAL B 707 31.33 6.31 -66.36
N VAL B 708 31.03 5.07 -66.73
CA VAL B 708 30.97 3.96 -65.80
C VAL B 708 32.07 2.92 -66.09
N ALA B 709 32.69 2.40 -65.04
CA ALA B 709 33.65 1.30 -65.15
C ALA B 709 33.06 0.03 -64.58
N VAL B 710 32.95 -0.97 -65.44
CA VAL B 710 32.16 -2.15 -65.19
C VAL B 710 32.95 -3.43 -65.50
N LEU B 711 32.60 -4.53 -64.83
CA LEU B 711 33.28 -5.80 -65.04
C LEU B 711 32.86 -6.46 -66.36
N LYS B 712 33.84 -6.83 -67.19
CA LYS B 712 33.57 -7.51 -68.47
C LYS B 712 32.97 -8.92 -68.36
N ASP B 713 33.49 -9.72 -67.42
CA ASP B 713 33.06 -11.10 -67.25
C ASP B 713 32.89 -11.46 -65.78
N ASP B 714 32.08 -12.48 -65.50
CA ASP B 714 32.03 -13.05 -64.18
C ASP B 714 33.48 -13.35 -63.76
N ALA B 715 33.86 -12.86 -62.59
CA ALA B 715 35.18 -13.12 -62.01
C ALA B 715 35.07 -13.10 -60.49
N GLY B 716 35.71 -14.07 -59.83
CA GLY B 716 35.54 -14.25 -58.39
C GLY B 716 34.08 -14.49 -58.06
N VAL B 717 33.55 -13.65 -57.16
CA VAL B 717 32.15 -13.72 -56.76
C VAL B 717 31.35 -12.55 -57.35
N LEU B 718 31.95 -11.89 -58.34
CA LEU B 718 31.32 -10.75 -59.00
C LEU B 718 30.84 -11.10 -60.40
N LYS B 719 29.74 -10.46 -60.81
CA LYS B 719 29.09 -10.74 -62.09
C LYS B 719 29.50 -9.75 -63.17
N ALA B 720 29.47 -10.19 -64.42
CA ALA B 720 29.65 -9.29 -65.55
C ALA B 720 28.69 -8.11 -65.43
N GLY B 721 29.22 -6.92 -65.64
CA GLY B 721 28.43 -5.71 -65.57
C GLY B 721 28.46 -5.04 -64.20
N HIS B 722 29.07 -5.69 -63.23
CA HIS B 722 29.15 -5.14 -61.87
C HIS B 722 29.96 -3.85 -61.88
N GLU B 723 29.42 -2.82 -61.25
CA GLU B 723 30.06 -1.52 -61.24
C GLU B 723 31.21 -1.45 -60.23
N ILE B 724 32.38 -1.08 -60.73
CA ILE B 724 33.57 -0.94 -59.90
C ILE B 724 33.83 0.53 -59.58
N ALA B 725 33.71 1.37 -60.60
CA ALA B 725 33.96 2.81 -60.48
C ALA B 725 33.13 3.61 -61.47
N TRP B 726 33.00 4.91 -61.22
CA TRP B 726 32.28 5.81 -62.10
C TRP B 726 32.69 7.26 -61.88
N GLY B 727 32.42 8.10 -62.87
CA GLY B 727 32.63 9.53 -62.77
C GLY B 727 31.55 10.32 -63.47
N GLN B 728 31.33 11.54 -63.02
CA GLN B 728 30.40 12.45 -63.68
C GLN B 728 31.02 13.83 -63.83
N ALA B 729 30.68 14.53 -64.91
CA ALA B 729 30.98 15.94 -65.03
C ALA B 729 30.05 16.65 -64.07
N GLU B 730 30.53 17.74 -63.48
CA GLU B 730 29.67 18.49 -62.57
C GLU B 730 28.53 19.14 -63.34
N LEU B 731 27.35 19.11 -62.72
CA LEU B 731 26.10 19.47 -63.39
C LEU B 731 25.65 20.87 -62.96
N PRO B 732 25.65 21.83 -63.90
CA PRO B 732 25.21 23.19 -63.60
C PRO B 732 23.73 23.22 -63.24
N LEU B 733 23.34 24.12 -62.35
CA LEU B 733 21.93 24.27 -61.99
C LEU B 733 21.18 25.04 -63.07
N LYS B 734 20.26 24.34 -63.72
CA LYS B 734 19.46 24.94 -64.75
C LYS B 734 18.05 25.21 -64.20
N VAL B 735 17.54 26.42 -64.44
CA VAL B 735 16.14 26.76 -64.11
C VAL B 735 15.23 26.02 -65.06
N PRO B 736 14.22 25.29 -64.53
CA PRO B 736 13.29 24.62 -65.44
C PRO B 736 12.59 25.64 -66.33
N ASP B 737 12.07 25.16 -67.46
CA ASP B 737 11.44 26.02 -68.44
C ASP B 737 9.95 26.16 -68.14
N PHE B 738 9.61 26.37 -66.87
CA PHE B 738 8.23 26.59 -66.45
C PHE B 738 7.76 27.97 -66.88
N VAL B 739 6.58 28.02 -67.48
CA VAL B 739 6.00 29.29 -67.90
C VAL B 739 5.02 29.79 -66.85
N THR B 740 5.41 30.84 -66.15
CA THR B 740 4.58 31.50 -65.16
C THR B 740 3.48 32.28 -65.89
N GLU B 741 2.24 32.11 -65.44
CA GLU B 741 1.11 32.83 -66.02
C GLU B 741 1.05 34.26 -65.48
N THR B 742 1.49 35.20 -66.31
CA THR B 742 1.54 36.61 -65.95
C THR B 742 0.42 37.42 -66.59
N ALA B 743 -0.51 36.72 -67.26
CA ALA B 743 -1.68 37.34 -67.86
C ALA B 743 -2.57 37.89 -66.75
N GLU B 744 -3.33 38.93 -67.07
CA GLU B 744 -4.15 39.57 -66.05
C GLU B 744 -5.46 38.83 -65.80
N LYS B 745 -5.53 38.19 -64.64
CA LYS B 745 -6.74 37.53 -64.18
C LYS B 745 -7.34 38.35 -63.05
N ALA B 746 -8.67 38.50 -63.06
CA ALA B 746 -9.38 39.09 -61.92
C ALA B 746 -9.21 38.22 -60.68
N ALA B 747 -8.82 38.83 -59.56
CA ALA B 747 -8.57 38.08 -58.33
C ALA B 747 -9.20 38.76 -57.13
N LYS B 748 -9.92 37.97 -56.34
CA LYS B 748 -10.55 38.47 -55.13
C LYS B 748 -9.61 38.38 -53.94
N ILE B 749 -9.31 39.52 -53.34
CA ILE B 749 -8.46 39.58 -52.16
C ILE B 749 -9.29 39.97 -50.95
N ASN B 750 -9.33 39.09 -49.96
CA ASN B 750 -10.09 39.34 -48.74
C ASN B 750 -9.18 39.36 -47.52
N ASP B 751 -8.84 40.56 -47.07
CA ASP B 751 -7.93 40.75 -45.94
C ASP B 751 -8.76 40.93 -44.67
N GLY B 752 -9.11 39.80 -44.03
CA GLY B 752 -9.90 39.80 -42.81
C GLY B 752 -9.14 40.19 -41.56
N LYS B 753 -9.79 40.04 -40.41
CA LYS B 753 -9.19 40.40 -39.13
C LYS B 753 -8.03 39.46 -38.77
N ARG B 754 -8.22 38.17 -39.00
CA ARG B 754 -7.19 37.17 -38.75
C ARG B 754 -6.68 36.50 -40.03
N TYR B 755 -7.58 36.21 -40.96
CA TYR B 755 -7.23 35.44 -42.17
C TYR B 755 -7.21 36.27 -43.44
N VAL B 756 -6.24 36.00 -44.30
CA VAL B 756 -6.20 36.64 -45.60
C VAL B 756 -6.41 35.63 -46.75
N SER B 757 -7.41 35.90 -47.58
CA SER B 757 -7.74 35.07 -48.75
C SER B 757 -7.32 35.71 -50.07
N VAL B 758 -6.74 34.88 -50.94
CA VAL B 758 -6.52 35.27 -52.32
C VAL B 758 -7.16 34.18 -53.19
N GLU B 759 -8.19 34.55 -53.94
CA GLU B 759 -8.93 33.63 -54.79
C GLU B 759 -8.91 34.07 -56.24
N SER B 760 -8.62 33.12 -57.12
CA SER B 760 -8.66 33.36 -58.56
C SER B 760 -9.05 32.05 -59.22
N SER B 761 -9.25 32.08 -60.53
CA SER B 761 -9.55 30.87 -61.27
C SER B 761 -8.44 29.82 -61.05
N GLY B 762 -8.83 28.69 -60.46
CA GLY B 762 -7.90 27.60 -60.20
C GLY B 762 -6.93 27.83 -59.06
N LEU B 763 -7.18 28.86 -58.24
CA LEU B 763 -6.25 29.22 -57.17
C LEU B 763 -6.97 29.65 -55.89
N HIS B 764 -6.43 29.18 -54.77
CA HIS B 764 -6.97 29.44 -53.45
C HIS B 764 -5.82 29.50 -52.45
N PHE B 765 -5.59 30.66 -51.88
CA PHE B 765 -4.50 30.87 -50.93
C PHE B 765 -5.06 31.49 -49.67
N ILE B 766 -4.94 30.77 -48.55
CA ILE B 766 -5.38 31.28 -47.25
C ILE B 766 -4.22 31.28 -46.26
N LEU B 767 -3.96 32.43 -45.65
CA LEU B 767 -2.94 32.55 -44.63
C LEU B 767 -3.52 33.05 -43.30
N ASP B 768 -3.15 32.36 -42.22
CA ASP B 768 -3.46 32.82 -40.87
C ASP B 768 -2.43 33.87 -40.48
N LYS B 769 -2.85 35.13 -40.42
CA LYS B 769 -1.95 36.24 -40.10
C LYS B 769 -1.42 36.19 -38.67
N LEU B 770 -2.20 35.61 -37.76
CA LEU B 770 -1.77 35.48 -36.37
C LEU B 770 -0.59 34.53 -36.23
N LEU B 771 -0.61 33.45 -37.01
CA LEU B 771 0.40 32.40 -36.88
C LEU B 771 1.51 32.44 -37.94
N GLY B 772 1.19 32.98 -39.11
CA GLY B 772 2.12 32.97 -40.24
C GLY B 772 1.99 31.64 -40.97
N LYS B 773 0.85 31.00 -40.73
CA LYS B 773 0.57 29.65 -41.20
C LYS B 773 -0.21 29.71 -42.51
N ILE B 774 0.17 28.87 -43.45
CA ILE B 774 -0.65 28.64 -44.63
C ILE B 774 -1.74 27.63 -44.27
N GLU B 775 -2.99 28.10 -44.20
CA GLU B 775 -4.12 27.25 -43.86
C GLU B 775 -4.37 26.26 -44.97
N SER B 776 -4.28 26.77 -46.20
CA SER B 776 -4.53 25.99 -47.38
C SER B 776 -3.97 26.73 -48.57
N LEU B 777 -3.28 25.97 -49.43
CA LEU B 777 -2.92 26.45 -50.75
C LEU B 777 -3.34 25.40 -51.77
N LYS B 778 -4.40 25.69 -52.51
CA LYS B 778 -4.90 24.80 -53.54
C LYS B 778 -4.78 25.46 -54.92
N VAL B 779 -3.91 24.90 -55.76
CA VAL B 779 -3.73 25.40 -57.13
C VAL B 779 -3.92 24.25 -58.10
N LYS B 780 -4.89 24.38 -58.99
CA LYS B 780 -5.21 23.41 -60.06
C LYS B 780 -5.36 21.96 -59.56
N GLY B 781 -6.17 21.78 -58.53
CA GLY B 781 -6.43 20.45 -57.98
C GLY B 781 -5.36 19.92 -57.03
N LYS B 782 -4.29 20.70 -56.82
CA LYS B 782 -3.19 20.28 -55.98
C LYS B 782 -3.11 21.14 -54.71
N GLU B 783 -3.16 20.49 -53.55
CA GLU B 783 -3.18 21.21 -52.28
C GLU B 783 -2.01 20.92 -51.36
N ILE B 784 -1.42 21.98 -50.82
CA ILE B 784 -0.51 21.89 -49.68
C ILE B 784 -0.94 22.87 -48.59
N SER B 785 -0.43 22.66 -47.37
CA SER B 785 -0.60 23.59 -46.26
C SER B 785 0.60 23.43 -45.34
N SER B 786 0.86 24.41 -44.48
CA SER B 786 2.01 24.30 -43.59
C SER B 786 1.78 23.31 -42.46
N LYS B 787 2.77 22.44 -42.27
CA LYS B 787 2.81 21.53 -41.12
C LYS B 787 3.35 22.38 -39.98
N PHE B 788 2.44 22.84 -39.13
CA PHE B 788 2.75 23.94 -38.23
C PHE B 788 2.70 23.53 -36.77
N GLU B 789 3.80 23.78 -36.08
CA GLU B 789 3.85 23.66 -34.64
C GLU B 789 4.80 24.74 -34.14
N GLY B 790 4.25 25.90 -33.82
CA GLY B 790 5.07 27.01 -33.36
C GLY B 790 5.66 27.89 -34.46
N SER B 791 6.11 27.27 -35.54
CA SER B 791 6.80 28.02 -36.60
C SER B 791 6.59 27.43 -37.99
N SER B 792 6.58 28.31 -38.99
CA SER B 792 6.50 27.91 -40.40
C SER B 792 7.88 27.58 -40.97
N ILE B 793 8.92 28.04 -40.28
CA ILE B 793 10.29 27.66 -40.58
C ILE B 793 10.85 26.92 -39.39
N THR B 794 11.32 25.69 -39.60
CA THR B 794 11.80 24.84 -38.49
C THR B 794 13.28 24.47 -38.65
N PHE B 795 13.86 23.92 -37.58
CA PHE B 795 15.31 23.76 -37.53
C PHE B 795 15.77 22.41 -37.02
N TRP B 796 14.87 21.69 -36.36
CA TRP B 796 15.19 20.44 -35.67
C TRP B 796 15.29 19.27 -36.63
N ARG B 797 16.06 18.26 -36.21
CA ARG B 797 16.06 16.94 -36.83
C ARG B 797 16.19 15.91 -35.71
N PRO B 798 15.62 14.72 -35.89
CA PRO B 798 15.85 13.66 -34.91
C PRO B 798 17.35 13.35 -34.88
N PRO B 799 17.98 13.51 -33.70
CA PRO B 799 19.45 13.44 -33.61
C PRO B 799 19.98 12.11 -34.11
N THR B 800 21.05 12.16 -34.90
CA THR B 800 21.74 10.94 -35.31
C THR B 800 22.55 10.40 -34.12
N ASN B 801 23.09 9.20 -34.28
CA ASN B 801 24.03 8.70 -33.28
C ASN B 801 25.21 9.65 -33.09
N ASN B 802 25.72 10.19 -34.21
CA ASN B 802 26.81 11.15 -34.18
C ASN B 802 26.45 12.49 -33.56
N ASP B 803 25.20 12.92 -33.73
CA ASP B 803 24.70 14.16 -33.13
C ASP B 803 24.69 14.12 -31.61
N GLU B 804 24.42 12.93 -31.05
CA GLU B 804 24.15 12.74 -29.63
C GLU B 804 25.18 13.31 -28.66
N PRO B 805 26.48 12.97 -28.83
CA PRO B 805 27.46 13.37 -27.80
C PRO B 805 27.71 14.87 -27.65
N ARG B 806 27.48 15.68 -28.69
CA ARG B 806 27.80 17.11 -28.61
C ARG B 806 26.82 18.05 -29.30
N ASP B 807 26.63 17.88 -30.61
CA ASP B 807 25.75 18.76 -31.38
C ASP B 807 24.32 18.80 -30.86
N PHE B 808 23.77 17.62 -30.57
CA PHE B 808 22.45 17.51 -29.95
C PHE B 808 22.40 18.21 -28.60
N LYS B 809 23.46 18.09 -27.80
CA LYS B 809 23.49 18.70 -26.46
C LYS B 809 23.39 20.21 -26.62
N ASN B 810 24.11 20.75 -27.60
CA ASN B 810 24.03 22.16 -27.94
C ASN B 810 22.66 22.57 -28.44
N TRP B 811 22.13 21.81 -29.41
CA TRP B 811 20.85 22.16 -30.00
C TRP B 811 19.69 22.12 -29.01
N LYS B 812 19.75 21.17 -28.07
CA LYS B 812 18.76 21.08 -27.02
C LYS B 812 18.96 22.24 -26.04
N LYS B 813 20.21 22.52 -25.69
CA LYS B 813 20.55 23.57 -24.73
C LYS B 813 20.03 24.93 -25.17
N TYR B 814 20.08 25.18 -26.48
CA TYR B 814 19.61 26.43 -27.07
C TYR B 814 18.15 26.37 -27.54
N ASN B 815 17.43 25.33 -27.11
CA ASN B 815 16.00 25.18 -27.39
C ASN B 815 15.60 25.26 -28.87
N ILE B 816 16.48 24.82 -29.76
CA ILE B 816 16.23 24.88 -31.19
C ILE B 816 14.98 24.09 -31.56
N ASP B 817 14.62 23.12 -30.73
CA ASP B 817 13.44 22.32 -30.97
C ASP B 817 12.17 23.09 -30.60
N LEU B 818 12.34 24.21 -29.92
CA LEU B 818 11.21 25.01 -29.44
C LEU B 818 11.18 26.41 -30.08
N MET B 819 11.72 26.49 -31.29
CA MET B 819 11.74 27.72 -32.06
C MET B 819 10.31 28.17 -32.35
N LYS B 820 10.03 29.44 -32.11
CA LYS B 820 8.67 29.97 -32.29
C LYS B 820 8.67 31.11 -33.29
N GLN B 821 7.58 31.20 -34.07
CA GLN B 821 7.37 32.33 -34.96
C GLN B 821 6.34 33.29 -34.37
N ASN B 822 6.78 34.52 -34.11
CA ASN B 822 5.93 35.55 -33.56
C ASN B 822 5.71 36.65 -34.58
N ILE B 823 4.48 36.75 -35.08
CA ILE B 823 4.19 37.64 -36.20
C ILE B 823 4.08 39.07 -35.72
N HIS B 824 4.73 39.98 -36.44
CA HIS B 824 4.72 41.39 -36.08
C HIS B 824 3.82 42.21 -36.99
N GLY B 825 3.89 41.95 -38.28
CA GLY B 825 3.07 42.65 -39.23
C GLY B 825 2.86 41.85 -40.50
N VAL B 826 1.68 41.97 -41.07
CA VAL B 826 1.36 41.36 -42.35
C VAL B 826 0.85 42.42 -43.31
N SER B 827 1.39 42.40 -44.51
CA SER B 827 1.15 43.41 -45.52
C SER B 827 0.49 42.74 -46.73
N VAL B 828 -0.65 43.27 -47.15
CA VAL B 828 -1.40 42.68 -48.27
C VAL B 828 -1.63 43.71 -49.37
N GLU B 829 -1.02 43.49 -50.53
CA GLU B 829 -1.19 44.40 -51.66
C GLU B 829 -1.59 43.66 -52.94
N LYS B 830 -2.30 44.38 -53.81
CA LYS B 830 -2.70 43.88 -55.13
C LYS B 830 -1.48 43.57 -55.99
N GLY B 831 -1.69 42.67 -56.94
CA GLY B 831 -0.61 42.20 -57.81
C GLY B 831 -0.06 43.29 -58.72
N SER B 832 1.24 43.23 -58.95
CA SER B 832 1.89 44.11 -59.90
C SER B 832 2.21 43.28 -61.16
N ASN B 833 3.49 43.19 -61.53
CA ASN B 833 3.93 42.68 -62.84
C ASN B 833 3.48 41.28 -63.23
N GLY B 834 2.19 41.10 -63.49
CA GLY B 834 1.64 39.79 -63.81
C GLY B 834 1.18 39.06 -62.58
N SER B 835 1.53 39.63 -61.43
CA SER B 835 1.22 39.08 -60.12
C SER B 835 -0.28 39.21 -59.81
N LEU B 836 -0.82 38.27 -59.04
CA LEU B 836 -2.20 38.39 -58.57
C LEU B 836 -2.30 39.18 -57.27
N ALA B 837 -1.35 38.93 -56.36
CA ALA B 837 -1.28 39.58 -55.06
C ALA B 837 0.11 39.39 -54.46
N VAL B 838 0.49 40.28 -53.56
CA VAL B 838 1.70 40.11 -52.76
C VAL B 838 1.35 40.19 -51.28
N VAL B 839 1.62 39.11 -50.57
CA VAL B 839 1.44 39.06 -49.14
C VAL B 839 2.82 38.95 -48.46
N THR B 840 3.15 39.95 -47.65
CA THR B 840 4.44 39.99 -46.97
C THR B 840 4.25 39.88 -45.47
N VAL B 841 4.96 38.93 -44.86
CA VAL B 841 4.84 38.62 -43.44
C VAL B 841 6.14 38.96 -42.71
N ASN B 842 6.04 39.86 -41.72
CA ASN B 842 7.19 40.23 -40.89
C ASN B 842 7.06 39.60 -39.51
N SER B 843 8.10 38.89 -39.07
CA SER B 843 8.05 38.17 -37.80
C SER B 843 9.42 38.00 -37.17
N ARG B 844 9.44 37.59 -35.91
CA ARG B 844 10.66 37.13 -35.27
C ARG B 844 10.54 35.63 -35.01
N ILE B 845 11.54 34.88 -35.48
CA ILE B 845 11.58 33.46 -35.21
C ILE B 845 12.66 33.19 -34.18
N SER B 846 12.22 32.85 -32.98
CA SER B 846 13.08 32.75 -31.80
C SER B 846 12.51 31.71 -30.85
N PRO B 847 13.37 30.96 -30.14
CA PRO B 847 12.83 29.97 -29.21
C PRO B 847 12.49 30.60 -27.85
N VAL B 848 11.56 29.97 -27.13
CA VAL B 848 11.26 30.37 -25.75
C VAL B 848 12.54 30.32 -24.92
N VAL B 849 12.61 31.15 -23.89
CA VAL B 849 13.76 31.26 -22.98
C VAL B 849 14.84 32.24 -23.47
N PHE B 850 14.94 32.41 -24.78
CA PHE B 850 16.12 33.03 -25.41
C PHE B 850 15.95 34.38 -26.10
N TYR B 851 17.07 35.11 -26.21
CA TYR B 851 17.14 36.38 -26.94
C TYR B 851 17.36 36.18 -28.43
N TYR B 852 18.25 35.25 -28.79
CA TYR B 852 18.63 35.06 -30.18
C TYR B 852 17.45 34.60 -31.03
N GLY B 853 17.50 34.93 -32.31
CA GLY B 853 16.43 34.60 -33.23
C GLY B 853 16.63 35.31 -34.56
N PHE B 854 15.67 35.15 -35.46
CA PHE B 854 15.76 35.74 -36.78
C PHE B 854 14.69 36.79 -37.03
N GLU B 855 15.11 37.99 -37.41
CA GLU B 855 14.20 38.99 -37.96
C GLU B 855 13.84 38.55 -39.37
N THR B 856 12.60 38.10 -39.55
CA THR B 856 12.23 37.34 -40.73
C THR B 856 11.22 38.09 -41.59
N VAL B 857 11.45 38.03 -42.90
CA VAL B 857 10.52 38.55 -43.88
C VAL B 857 10.20 37.42 -44.84
N GLN B 858 8.92 37.09 -44.95
CA GLN B 858 8.45 36.11 -45.92
C GLN B 858 7.54 36.80 -46.94
N LYS B 859 8.00 36.91 -48.18
CA LYS B 859 7.24 37.54 -49.24
C LYS B 859 6.63 36.49 -50.16
N TYR B 860 5.30 36.43 -50.16
CA TYR B 860 4.58 35.51 -51.01
C TYR B 860 4.08 36.27 -52.24
N THR B 861 4.71 36.05 -53.37
CA THR B 861 4.22 36.62 -54.62
C THR B 861 3.40 35.56 -55.35
N ILE B 862 2.10 35.83 -55.44
CA ILE B 862 1.12 34.86 -55.93
C ILE B 862 0.77 35.08 -57.40
N PHE B 863 1.07 34.09 -58.23
CA PHE B 863 0.65 34.06 -59.62
C PHE B 863 -0.41 32.97 -59.77
N ALA B 864 -1.08 32.94 -60.92
CA ALA B 864 -2.18 31.99 -61.17
C ALA B 864 -1.75 30.51 -61.09
N ASN B 865 -0.53 30.22 -61.52
CA ASN B 865 -0.05 28.85 -61.54
C ASN B 865 1.26 28.65 -60.76
N LYS B 866 1.65 29.65 -59.99
CA LYS B 866 2.94 29.61 -59.30
C LYS B 866 2.93 30.50 -58.08
N ILE B 867 3.68 30.09 -57.06
CA ILE B 867 3.89 30.91 -55.88
C ILE B 867 5.38 31.06 -55.58
N ASN B 868 5.86 32.29 -55.68
CA ASN B 868 7.22 32.65 -55.37
C ASN B 868 7.31 32.98 -53.88
N LEU B 869 8.17 32.27 -53.17
CA LEU B 869 8.36 32.49 -51.74
C LEU B 869 9.80 32.95 -51.43
N ASN B 870 9.93 34.23 -51.12
CA ASN B 870 11.22 34.79 -50.75
C ASN B 870 11.38 34.88 -49.24
N THR B 871 12.45 34.27 -48.75
CA THR B 871 12.69 34.23 -47.32
C THR B 871 13.98 34.93 -46.98
N SER B 872 13.87 35.87 -46.05
CA SER B 872 14.99 36.65 -45.55
C SER B 872 15.03 36.49 -44.02
N MET B 873 16.13 35.96 -43.51
CA MET B 873 16.26 35.63 -42.10
C MET B 873 17.51 36.24 -41.49
N LYS B 874 17.32 37.26 -40.66
CA LYS B 874 18.43 38.02 -40.12
C LYS B 874 18.71 37.60 -38.67
N LEU B 875 19.88 37.02 -38.44
CA LEU B 875 20.26 36.52 -37.12
C LEU B 875 20.61 37.63 -36.14
N THR B 876 19.86 37.69 -35.06
CA THR B 876 19.92 38.81 -34.13
C THR B 876 19.97 38.30 -32.70
N GLY B 877 20.64 39.05 -31.85
CA GLY B 877 20.57 38.81 -30.40
C GLY B 877 21.78 38.13 -29.80
N GLU B 878 21.88 38.23 -28.49
CA GLU B 878 23.00 37.66 -27.74
C GLU B 878 22.76 36.21 -27.35
N TYR B 879 23.87 35.49 -27.17
CA TYR B 879 23.89 34.10 -26.71
C TYR B 879 23.29 33.15 -27.73
N GLN B 880 24.00 33.02 -28.84
CA GLN B 880 23.55 32.27 -29.98
C GLN B 880 24.16 30.89 -29.99
N PRO B 881 23.50 29.94 -30.66
CA PRO B 881 24.05 28.61 -30.88
C PRO B 881 25.18 28.64 -31.90
N PRO B 882 26.04 27.61 -31.91
CA PRO B 882 27.10 27.62 -32.93
C PRO B 882 26.57 27.29 -34.33
N ASP B 883 25.59 26.38 -34.38
CA ASP B 883 25.11 25.79 -35.62
C ASP B 883 23.67 25.32 -35.42
N PHE B 884 23.01 24.96 -36.52
CA PHE B 884 21.67 24.39 -36.49
C PHE B 884 21.66 23.03 -37.18
N PRO B 885 20.67 22.18 -36.86
CA PRO B 885 20.56 20.91 -37.57
C PRO B 885 20.15 21.08 -39.02
N ARG B 886 19.45 22.17 -39.33
CA ARG B 886 18.56 22.18 -40.48
C ARG B 886 17.88 23.53 -40.51
N VAL B 887 17.40 23.94 -41.68
CA VAL B 887 16.56 25.12 -41.80
C VAL B 887 15.65 25.01 -43.03
N GLY B 888 14.35 25.11 -42.81
CA GLY B 888 13.41 25.12 -43.92
C GLY B 888 11.94 24.98 -43.55
N TYR B 889 11.11 24.78 -44.56
CA TYR B 889 9.67 24.71 -44.38
C TYR B 889 9.19 23.27 -44.20
N GLU B 890 8.04 23.11 -43.56
CA GLU B 890 7.36 21.83 -43.49
C GLU B 890 5.94 22.01 -44.02
N PHE B 891 5.58 21.20 -45.02
CA PHE B 891 4.26 21.29 -45.65
C PHE B 891 3.54 19.96 -45.59
N TRP B 892 2.27 19.98 -45.20
CA TRP B 892 1.39 18.82 -45.40
C TRP B 892 1.04 18.70 -46.88
N LEU B 893 1.08 17.49 -47.40
CA LEU B 893 0.68 17.24 -48.78
C LEU B 893 -0.78 16.81 -48.83
N GLY B 894 -1.50 17.26 -49.85
CA GLY B 894 -2.92 16.94 -50.02
C GLY B 894 -3.21 15.46 -50.13
N ASP B 895 -4.46 15.08 -49.91
CA ASP B 895 -4.91 13.69 -50.00
C ASP B 895 -4.55 13.04 -51.35
N SER B 896 -4.60 13.85 -52.41
CA SER B 896 -4.23 13.43 -53.77
C SER B 896 -2.80 12.88 -53.93
N TYR B 897 -1.90 13.27 -53.03
CA TYR B 897 -0.48 12.94 -53.17
C TYR B 897 -0.27 11.45 -53.38
N GLU B 898 0.50 11.09 -54.40
CA GLU B 898 0.85 9.67 -54.59
C GLU B 898 2.34 9.33 -54.64
N SER B 899 3.14 10.16 -55.30
CA SER B 899 4.58 9.90 -55.43
C SER B 899 5.37 11.16 -55.74
N PHE B 900 6.69 11.00 -55.85
CA PHE B 900 7.56 12.11 -56.24
C PHE B 900 8.72 11.70 -57.13
N GLU B 901 9.36 12.71 -57.69
CA GLU B 901 10.42 12.53 -58.64
C GLU B 901 11.31 13.74 -58.49
N TRP B 902 12.63 13.56 -58.62
CA TRP B 902 13.57 14.68 -58.45
C TRP B 902 14.79 14.61 -59.35
N LEU B 903 15.33 15.77 -59.70
CA LEU B 903 16.62 15.84 -60.36
C LEU B 903 17.62 16.26 -59.30
N GLY B 904 18.65 15.45 -59.12
CA GLY B 904 19.64 15.68 -58.08
C GLY B 904 20.38 14.40 -57.75
N ARG B 905 20.70 14.23 -56.48
CA ARG B 905 21.47 13.07 -56.04
C ARG B 905 20.55 11.93 -55.64
N GLY B 906 20.97 10.71 -55.95
CA GLY B 906 20.17 9.52 -55.64
C GLY B 906 20.88 8.25 -56.06
N PRO B 907 20.18 7.09 -55.99
CA PRO B 907 18.76 6.96 -55.62
C PRO B 907 18.50 7.10 -54.11
N GLY B 908 19.53 6.91 -53.29
CA GLY B 908 19.39 6.97 -51.83
C GLY B 908 19.50 8.35 -51.22
N GLU B 909 19.52 8.41 -49.89
CA GLU B 909 19.70 9.66 -49.16
C GLU B 909 21.10 10.24 -49.31
N SER B 910 21.24 11.52 -49.00
CA SER B 910 22.54 12.21 -49.11
C SER B 910 22.63 13.42 -48.18
N TYR B 911 23.83 13.60 -47.61
CA TYR B 911 24.10 14.66 -46.65
C TYR B 911 25.41 15.36 -47.03
N PRO B 912 25.59 16.63 -46.61
CA PRO B 912 26.77 17.40 -47.02
C PRO B 912 28.10 16.64 -47.05
N ASP B 913 28.40 15.88 -46.00
CA ASP B 913 29.64 15.07 -45.94
C ASP B 913 29.42 13.58 -46.18
N LYS B 914 28.32 13.24 -46.85
CA LYS B 914 27.98 11.85 -47.17
C LYS B 914 27.03 11.85 -48.37
N LYS B 915 27.57 12.19 -49.54
CA LYS B 915 26.73 12.44 -50.72
C LYS B 915 27.29 11.94 -52.06
N GLU B 916 28.59 11.73 -52.14
CA GLU B 916 29.24 11.56 -53.43
C GLU B 916 28.98 10.24 -54.13
N SER B 917 28.58 9.23 -53.36
CA SER B 917 28.19 7.95 -53.94
C SER B 917 26.85 8.04 -54.65
N GLN B 918 26.07 9.05 -54.28
CA GLN B 918 24.77 9.29 -54.89
C GLN B 918 24.94 10.24 -56.06
N ARG B 919 25.12 9.66 -57.24
CA ARG B 919 25.34 10.39 -58.49
C ARG B 919 24.11 11.20 -58.89
N PHE B 920 24.31 12.18 -59.77
CA PHE B 920 23.21 12.97 -60.30
C PHE B 920 22.42 12.20 -61.34
N GLY B 921 21.11 12.46 -61.38
CA GLY B 921 20.21 11.84 -62.34
C GLY B 921 18.77 12.17 -61.99
N LEU B 922 17.84 11.67 -62.80
CA LEU B 922 16.43 11.84 -62.52
C LEU B 922 15.96 10.61 -61.79
N TYR B 923 15.41 10.80 -60.60
CA TYR B 923 15.00 9.67 -59.76
C TYR B 923 13.51 9.71 -59.45
N ASP B 924 12.93 8.51 -59.35
CA ASP B 924 11.52 8.32 -59.06
C ASP B 924 11.40 7.60 -57.74
N SER B 925 10.60 8.13 -56.82
CA SER B 925 10.41 7.54 -55.49
C SER B 925 9.93 6.08 -55.54
N LYS B 926 9.22 5.76 -56.62
CA LYS B 926 8.73 4.39 -56.83
C LYS B 926 9.83 3.36 -57.04
N ASP B 927 11.01 3.80 -57.48
CA ASP B 927 12.11 2.90 -57.78
C ASP B 927 13.03 2.64 -56.60
N VAL B 928 12.74 3.30 -55.48
CA VAL B 928 13.66 3.32 -54.35
C VAL B 928 13.05 2.67 -53.11
N GLU B 929 13.73 1.67 -52.56
CA GLU B 929 13.40 1.20 -51.22
C GLU B 929 14.13 2.09 -50.21
N GLU B 930 13.37 2.94 -49.50
CA GLU B 930 13.99 3.89 -48.57
C GLU B 930 14.53 3.16 -47.33
N PHE B 931 15.75 3.52 -46.95
CA PHE B 931 16.45 2.78 -45.93
C PHE B 931 15.84 2.98 -44.54
N VAL B 932 15.67 1.85 -43.84
CA VAL B 932 15.18 1.81 -42.47
C VAL B 932 16.35 1.57 -41.52
N TYR B 933 16.66 2.56 -40.68
CA TYR B 933 17.74 2.41 -39.69
C TYR B 933 17.30 1.52 -38.53
N ASP B 934 18.21 0.66 -38.05
CA ASP B 934 17.95 -0.18 -36.90
C ASP B 934 17.69 0.66 -35.65
N TYR B 935 18.35 1.81 -35.56
CA TYR B 935 18.06 2.82 -34.52
C TYR B 935 17.50 4.08 -35.19
N PRO B 936 16.20 4.38 -34.94
CA PRO B 936 15.55 5.51 -35.62
C PRO B 936 16.30 6.83 -35.40
N GLN B 937 16.54 7.55 -36.50
CA GLN B 937 17.24 8.84 -36.51
C GLN B 937 17.04 9.58 -37.83
N GLU B 938 17.61 10.78 -37.92
CA GLU B 938 17.59 11.56 -39.14
C GLU B 938 17.92 10.70 -40.36
N ASN B 939 17.01 10.69 -41.33
CA ASN B 939 17.13 9.87 -42.52
C ASN B 939 16.37 10.50 -43.70
N GLY B 940 16.69 10.04 -44.91
CA GLY B 940 15.87 10.32 -46.09
C GLY B 940 16.03 11.68 -46.74
N ASN B 941 17.03 12.45 -46.31
CA ASN B 941 17.30 13.73 -46.94
C ASN B 941 17.96 13.53 -48.29
N HIS B 942 17.65 14.42 -49.22
CA HIS B 942 18.31 14.42 -50.50
C HIS B 942 18.94 15.78 -50.69
N THR B 943 20.27 15.81 -50.78
CA THR B 943 21.03 17.04 -50.91
C THR B 943 21.36 17.33 -52.37
N ASP B 944 21.74 18.57 -52.65
CA ASP B 944 22.04 19.02 -54.01
C ASP B 944 20.90 18.72 -54.99
N THR B 945 19.68 19.04 -54.57
CA THR B 945 18.48 18.81 -55.38
C THR B 945 18.26 20.00 -56.28
N HIS B 946 18.26 19.72 -57.58
CA HIS B 946 18.00 20.72 -58.61
C HIS B 946 16.53 21.12 -58.67
N PHE B 947 15.65 20.13 -58.81
CA PHE B 947 14.21 20.35 -58.72
C PHE B 947 13.49 19.11 -58.21
N LEU B 948 12.29 19.34 -57.66
CA LEU B 948 11.49 18.29 -57.11
C LEU B 948 10.07 18.36 -57.67
N ASN B 949 9.62 17.26 -58.27
CA ASN B 949 8.24 17.15 -58.74
C ASN B 949 7.41 16.27 -57.80
N ILE B 950 6.32 16.84 -57.29
CA ILE B 950 5.41 16.07 -56.45
C ILE B 950 4.15 15.77 -57.25
N LYS B 951 3.87 14.47 -57.41
CA LYS B 951 2.75 14.01 -58.22
C LYS B 951 1.48 13.79 -57.41
N PHE B 952 0.42 14.48 -57.82
CA PHE B 952 -0.90 14.33 -57.22
C PHE B 952 -1.77 13.58 -58.21
N GLU B 953 -2.48 12.56 -57.73
CA GLU B 953 -3.40 11.78 -58.55
C GLU B 953 -4.45 12.66 -59.25
N GLY B 954 -4.54 12.49 -60.56
CA GLY B 954 -5.52 13.19 -61.40
C GLY B 954 -5.31 14.70 -61.55
N ALA B 955 -4.16 15.21 -61.13
CA ALA B 955 -3.92 16.65 -61.17
C ALA B 955 -2.50 17.03 -61.55
N GLY B 956 -1.73 16.05 -62.03
CA GLY B 956 -0.37 16.29 -62.49
C GLY B 956 0.63 16.53 -61.37
N LYS B 957 1.55 17.47 -61.59
CA LYS B 957 2.66 17.68 -60.68
C LYS B 957 2.77 19.09 -60.12
N LEU B 958 3.39 19.19 -58.95
CA LEU B 958 3.87 20.44 -58.40
C LEU B 958 5.38 20.41 -58.47
N SER B 959 5.96 21.36 -59.21
CA SER B 959 7.41 21.48 -59.34
C SER B 959 7.93 22.48 -58.34
N ILE B 960 9.04 22.12 -57.69
CA ILE B 960 9.65 22.97 -56.69
C ILE B 960 11.14 23.12 -56.98
N PHE B 961 11.60 24.37 -57.01
CA PHE B 961 13.01 24.66 -57.21
C PHE B 961 13.46 25.91 -56.47
N GLN B 962 14.69 25.86 -55.96
CA GLN B 962 15.29 26.98 -55.25
C GLN B 962 16.13 27.78 -56.22
N LYS B 963 16.09 29.09 -56.07
CA LYS B 963 16.81 29.95 -56.97
C LYS B 963 18.32 29.95 -56.69
N GLU B 964 19.07 29.78 -57.77
CA GLU B 964 20.55 29.89 -57.79
C GLU B 964 21.40 28.88 -57.01
N LYS B 965 20.76 28.06 -56.18
CA LYS B 965 21.45 26.99 -55.46
C LYS B 965 20.59 25.76 -55.38
N PRO B 966 21.21 24.57 -55.42
CA PRO B 966 20.45 23.35 -55.16
C PRO B 966 20.01 23.31 -53.70
N PHE B 967 18.93 22.59 -53.42
CA PHE B 967 18.37 22.55 -52.07
C PHE B 967 18.33 21.14 -51.47
N ASN B 968 17.75 21.03 -50.28
CA ASN B 968 17.57 19.74 -49.59
C ASN B 968 16.09 19.43 -49.41
N PHE B 969 15.71 18.16 -49.49
CA PHE B 969 14.32 17.76 -49.21
C PHE B 969 14.15 16.35 -48.64
N LYS B 970 13.04 16.17 -47.94
CA LYS B 970 12.64 14.87 -47.40
C LYS B 970 11.13 14.74 -47.50
N ILE B 971 10.66 13.63 -48.04
CA ILE B 971 9.22 13.38 -48.09
C ILE B 971 8.92 12.10 -47.33
N SER B 972 8.11 12.23 -46.28
CA SER B 972 7.81 11.11 -45.42
C SER B 972 6.49 11.23 -44.67
N ASP B 973 6.36 10.30 -43.73
CA ASP B 973 5.14 9.80 -43.20
C ASP B 973 5.26 9.86 -41.68
N GLU B 974 6.51 9.98 -41.24
CA GLU B 974 6.94 9.55 -39.93
C GLU B 974 7.09 10.67 -38.90
N TYR B 975 6.91 10.30 -37.64
CA TYR B 975 7.24 11.17 -36.52
C TYR B 975 7.45 10.30 -35.28
N GLY B 976 7.78 10.94 -34.16
CA GLY B 976 8.17 10.23 -32.95
C GLY B 976 9.50 9.51 -33.15
N VAL B 977 10.32 10.04 -34.05
CA VAL B 977 11.59 9.41 -34.42
C VAL B 977 12.64 9.60 -33.34
N ASP B 978 12.65 10.77 -32.69
CA ASP B 978 13.60 11.06 -31.59
C ASP B 978 13.53 10.01 -30.49
N GLU B 979 12.32 9.60 -30.13
CA GLU B 979 12.14 8.78 -28.95
C GLU B 979 11.80 7.31 -29.25
N ALA B 980 11.67 6.96 -30.53
CA ALA B 980 11.47 5.57 -30.93
C ALA B 980 12.75 4.79 -30.77
N ALA B 981 12.69 3.72 -29.96
CA ALA B 981 13.86 2.90 -29.67
C ALA B 981 14.23 1.98 -30.83
N HIS B 982 13.23 1.54 -31.60
CA HIS B 982 13.42 0.62 -32.72
C HIS B 982 12.54 1.02 -33.90
N ALA B 983 12.84 0.49 -35.08
CA ALA B 983 12.07 0.82 -36.30
C ALA B 983 10.55 0.70 -36.12
N CYS B 984 10.13 -0.30 -35.36
CA CYS B 984 8.71 -0.55 -35.12
C CYS B 984 8.07 0.43 -34.13
N ASP B 985 8.88 1.27 -33.51
CA ASP B 985 8.38 2.28 -32.58
C ASP B 985 8.09 3.62 -33.24
N VAL B 986 8.43 3.72 -34.53
CA VAL B 986 8.22 4.93 -35.32
C VAL B 986 6.72 5.11 -35.62
N LYS B 987 6.22 6.30 -35.31
CA LYS B 987 4.81 6.62 -35.52
C LYS B 987 4.59 7.11 -36.95
N ARG B 988 3.34 7.02 -37.42
CA ARG B 988 3.00 7.45 -38.78
C ARG B 988 1.70 8.25 -38.90
N TYR B 989 1.79 9.43 -39.51
CA TYR B 989 0.64 10.30 -39.77
C TYR B 989 -0.26 9.68 -40.82
N GLY B 990 -1.50 10.18 -40.92
CA GLY B 990 -2.42 9.74 -41.98
C GLY B 990 -2.19 10.39 -43.34
N ARG B 991 -1.15 11.22 -43.43
CA ARG B 991 -0.79 11.94 -44.65
C ARG B 991 0.72 12.20 -44.67
N HIS B 992 1.26 12.45 -45.86
CA HIS B 992 2.66 12.76 -46.01
C HIS B 992 2.97 14.25 -45.85
N TYR B 993 4.21 14.57 -45.51
CA TYR B 993 4.68 15.95 -45.46
C TYR B 993 5.92 16.12 -46.33
N LEU B 994 6.16 17.36 -46.75
CA LEU B 994 7.41 17.71 -47.37
C LEU B 994 8.21 18.55 -46.41
N ARG B 995 9.43 18.12 -46.15
CA ARG B 995 10.41 18.93 -45.46
C ARG B 995 11.29 19.58 -46.52
N LEU B 996 11.11 20.88 -46.73
CA LEU B 996 11.79 21.62 -47.80
C LEU B 996 12.85 22.54 -47.21
N ASP B 997 14.11 22.18 -47.40
CA ASP B 997 15.21 22.80 -46.66
C ASP B 997 16.20 23.59 -47.48
N HIS B 998 16.53 24.78 -46.99
CA HIS B 998 17.59 25.59 -47.61
C HIS B 998 18.94 24.94 -47.37
N ALA B 999 19.15 24.42 -46.16
CA ALA B 999 20.44 23.89 -45.75
C ALA B 999 20.28 22.84 -44.65
N ILE B 1000 21.31 22.01 -44.48
CA ILE B 1000 21.31 20.95 -43.48
C ILE B 1000 22.71 20.70 -42.92
N HIS B 1001 22.78 20.41 -41.62
CA HIS B 1001 24.05 20.13 -40.96
C HIS B 1001 24.60 18.82 -41.48
N GLY B 1002 25.92 18.73 -41.54
CA GLY B 1002 26.60 17.51 -41.95
C GLY B 1002 26.41 16.41 -40.92
N VAL B 1003 27.06 15.28 -41.14
CA VAL B 1003 26.78 14.08 -40.38
C VAL B 1003 27.97 13.60 -39.53
N GLY B 1004 29.19 13.73 -40.05
CA GLY B 1004 30.43 13.44 -39.32
C GLY B 1004 30.57 12.03 -38.79
N SER B 1005 31.35 11.87 -37.72
CA SER B 1005 31.51 10.58 -37.05
C SER B 1005 31.79 10.77 -35.56
N GLU B 1006 31.16 11.78 -34.97
CA GLU B 1006 31.47 12.19 -33.58
C GLU B 1006 31.07 11.22 -32.47
N ALA B 1007 30.18 10.25 -32.76
CA ALA B 1007 29.87 9.23 -31.77
C ALA B 1007 31.15 8.55 -31.31
N CYS B 1008 32.11 8.43 -32.22
CA CYS B 1008 33.46 7.95 -31.90
C CYS B 1008 34.42 8.36 -33.02
N GLY B 1009 34.97 9.56 -32.89
CA GLY B 1009 35.82 10.14 -33.91
C GLY B 1009 35.57 11.64 -34.07
N PRO B 1010 36.06 12.23 -35.17
CA PRO B 1010 35.98 13.69 -35.33
C PRO B 1010 34.57 14.23 -35.53
N ALA B 1011 34.36 15.44 -34.99
CA ALA B 1011 33.16 16.24 -35.23
C ALA B 1011 32.99 16.52 -36.73
N VAL B 1012 31.76 16.81 -37.14
CA VAL B 1012 31.49 17.25 -38.52
C VAL B 1012 32.51 18.32 -38.86
N LEU B 1013 33.19 18.16 -40.00
CA LEU B 1013 34.20 19.12 -40.42
C LEU B 1013 33.59 20.49 -40.72
N ASP B 1014 34.42 21.51 -40.54
CA ASP B 1014 34.01 22.90 -40.63
C ASP B 1014 33.15 23.24 -41.85
N GLN B 1015 33.63 22.86 -43.03
CA GLN B 1015 32.96 23.19 -44.28
C GLN B 1015 31.60 22.50 -44.46
N TYR B 1016 31.26 21.59 -43.56
CA TYR B 1016 30.00 20.85 -43.65
C TYR B 1016 29.04 21.20 -42.51
N ARG B 1017 29.50 22.05 -41.59
CA ARG B 1017 28.68 22.48 -40.47
C ARG B 1017 27.71 23.59 -40.91
N LEU B 1018 26.47 23.51 -40.44
CA LEU B 1018 25.50 24.56 -40.71
C LEU B 1018 25.62 25.67 -39.68
N LYS B 1019 26.65 26.49 -39.86
CA LYS B 1019 26.98 27.58 -38.95
C LYS B 1019 25.85 28.59 -38.81
N ALA B 1020 25.68 29.11 -37.59
CA ALA B 1020 24.73 30.18 -37.33
C ALA B 1020 25.10 31.42 -38.15
N GLN B 1021 24.13 31.93 -38.91
CA GLN B 1021 24.34 32.99 -39.89
C GLN B 1021 22.98 33.45 -40.42
N ASP B 1022 22.96 34.54 -41.19
CA ASP B 1022 21.75 34.98 -41.90
C ASP B 1022 21.37 33.95 -42.96
N PHE B 1023 20.07 33.77 -43.18
CA PHE B 1023 19.61 32.93 -44.28
C PHE B 1023 18.74 33.72 -45.26
N ASN B 1024 19.07 33.58 -46.54
CA ASN B 1024 18.32 34.22 -47.61
C ASN B 1024 18.20 33.22 -48.75
N PHE B 1025 16.95 32.90 -49.10
CA PHE B 1025 16.69 31.91 -50.13
C PHE B 1025 15.29 32.08 -50.69
N GLU B 1026 15.15 31.79 -51.99
CA GLU B 1026 13.91 31.97 -52.74
C GLU B 1026 13.47 30.66 -53.37
N PHE B 1027 12.22 30.28 -53.14
CA PHE B 1027 11.63 29.06 -53.71
C PHE B 1027 10.49 29.40 -54.65
N ASP B 1028 10.30 28.55 -55.66
CA ASP B 1028 9.12 28.62 -56.52
C ASP B 1028 8.27 27.38 -56.36
N LEU B 1029 6.98 27.58 -56.14
CA LEU B 1029 6.05 26.47 -56.14
C LEU B 1029 5.23 26.53 -57.43
N ALA B 1030 5.70 25.80 -58.44
CA ALA B 1030 5.13 25.83 -59.78
C ALA B 1030 4.10 24.71 -59.97
N PHE B 1031 2.86 25.10 -60.28
CA PHE B 1031 1.79 24.13 -60.43
C PHE B 1031 1.44 23.89 -61.90
N GLU B 1032 1.48 22.63 -62.31
CA GLU B 1032 1.27 22.23 -63.71
C GLU B 1032 -0.12 22.59 -64.23
N SER C 9 -10.74 -43.11 -7.03
CA SER C 9 -9.79 -42.07 -6.56
C SER C 9 -8.38 -42.66 -6.51
N CYS C 10 -7.62 -42.43 -7.56
CA CYS C 10 -6.25 -42.95 -7.62
C CYS C 10 -5.21 -41.99 -6.98
N LEU C 11 -5.63 -40.80 -6.55
CA LEU C 11 -4.73 -39.90 -5.82
C LEU C 11 -4.77 -40.11 -4.31
N ILE C 12 -5.69 -40.98 -3.88
CA ILE C 12 -5.78 -41.47 -2.52
C ILE C 12 -5.56 -42.98 -2.55
N PRO C 13 -4.53 -43.47 -1.83
CA PRO C 13 -4.29 -44.92 -1.76
C PRO C 13 -5.52 -45.69 -1.28
N GLU C 14 -5.67 -46.89 -1.82
CA GLU C 14 -6.85 -47.73 -1.63
C GLU C 14 -7.13 -48.07 -0.17
N ASN C 15 -6.07 -48.29 0.62
CA ASN C 15 -6.22 -48.72 2.01
C ASN C 15 -6.63 -47.62 2.98
N LEU C 16 -6.52 -46.36 2.56
CA LEU C 16 -6.91 -45.24 3.40
C LEU C 16 -8.35 -44.83 3.13
N ARG C 17 -8.99 -45.51 2.17
CA ARG C 17 -10.39 -45.23 1.84
C ARG C 17 -11.18 -46.51 1.68
N ASN C 18 -10.81 -47.53 2.46
CA ASN C 18 -11.51 -48.80 2.51
C ASN C 18 -11.88 -49.11 3.96
N PRO C 19 -13.16 -48.96 4.30
CA PRO C 19 -13.63 -49.22 5.66
C PRO C 19 -13.43 -50.67 6.10
N LYS C 20 -13.35 -51.58 5.13
CA LYS C 20 -13.20 -53.00 5.42
C LYS C 20 -11.74 -53.40 5.66
N LYS C 21 -10.80 -52.62 5.14
CA LYS C 21 -9.37 -52.84 5.36
C LYS C 21 -8.99 -52.39 6.76
N VAL C 22 -9.45 -53.16 7.73
CA VAL C 22 -9.21 -52.88 9.13
C VAL C 22 -7.75 -53.17 9.51
N HIS C 23 -7.18 -54.18 8.86
CA HIS C 23 -5.77 -54.51 9.00
C HIS C 23 -5.37 -55.42 7.86
N GLU C 24 -4.07 -55.63 7.72
CA GLU C 24 -3.57 -56.70 6.89
C GLU C 24 -2.46 -57.42 7.63
N ASN C 25 -2.66 -58.72 7.83
CA ASN C 25 -1.72 -59.60 8.54
C ASN C 25 -1.53 -59.36 10.04
N ARG C 26 -2.45 -58.63 10.67
CA ARG C 26 -2.42 -58.50 12.12
C ARG C 26 -2.79 -59.84 12.77
N LEU C 27 -2.04 -60.24 13.78
CA LEU C 27 -2.38 -61.43 14.56
C LEU C 27 -3.70 -61.25 15.33
N PRO C 28 -4.39 -62.36 15.64
CA PRO C 28 -5.61 -62.24 16.43
C PRO C 28 -5.32 -61.62 17.79
N THR C 29 -6.24 -60.79 18.28
CA THR C 29 -6.11 -60.18 19.58
C THR C 29 -6.10 -61.26 20.67
N ARG C 30 -5.20 -61.11 21.63
CA ARG C 30 -5.08 -62.00 22.77
C ARG C 30 -5.02 -61.18 24.06
N ALA C 31 -5.20 -61.85 25.21
CA ALA C 31 -5.12 -61.18 26.50
C ALA C 31 -3.71 -60.61 26.69
N TYR C 32 -3.62 -59.38 27.18
CA TYR C 32 -2.33 -58.72 27.33
C TYR C 32 -1.65 -59.14 28.63
N TYR C 33 -0.40 -59.57 28.51
CA TYR C 33 0.47 -59.77 29.65
C TYR C 33 1.85 -59.27 29.31
N TYR C 34 2.37 -58.35 30.12
CA TYR C 34 3.74 -57.91 29.93
C TYR C 34 4.68 -58.93 30.55
N ASP C 35 5.68 -59.34 29.78
CA ASP C 35 6.73 -60.25 30.26
C ASP C 35 8.11 -59.73 29.88
N GLN C 36 8.91 -59.40 30.88
CA GLN C 36 10.23 -58.79 30.70
C GLN C 36 11.16 -59.64 29.82
N ASP C 37 11.03 -60.96 29.96
CA ASP C 37 11.83 -61.92 29.17
C ASP C 37 11.40 -61.99 27.71
N ILE C 38 10.16 -61.62 27.43
CA ILE C 38 9.65 -61.67 26.05
C ILE C 38 9.66 -60.30 25.37
N PHE C 39 9.30 -59.26 26.12
CA PHE C 39 9.21 -57.91 25.59
C PHE C 39 10.57 -57.22 25.59
N GLU C 40 10.90 -56.62 24.46
CA GLU C 40 12.13 -55.89 24.30
C GLU C 40 11.74 -54.55 23.68
N SER C 41 12.01 -53.46 24.40
CA SER C 41 11.56 -52.14 23.96
C SER C 41 12.28 -51.63 22.71
N LEU C 42 11.52 -51.09 21.77
CA LEU C 42 12.10 -50.40 20.62
C LEU C 42 11.85 -48.90 20.68
N ASN C 43 11.49 -48.42 21.88
CA ASN C 43 11.33 -46.99 22.12
C ASN C 43 12.67 -46.28 21.99
N GLY C 44 12.63 -44.97 21.77
CA GLY C 44 13.85 -44.16 21.63
C GLY C 44 13.83 -43.36 20.35
N PRO C 45 15.01 -42.91 19.89
CA PRO C 45 15.06 -42.10 18.67
C PRO C 45 14.93 -42.95 17.40
N TRP C 46 14.02 -42.54 16.51
CA TRP C 46 13.84 -43.15 15.20
C TRP C 46 14.09 -42.12 14.12
N ALA C 47 14.68 -42.53 13.00
CA ALA C 47 14.73 -41.67 11.82
C ALA C 47 13.30 -41.35 11.43
N PHE C 48 13.05 -40.09 11.11
CA PHE C 48 11.70 -39.64 10.80
C PHE C 48 11.68 -38.54 9.75
N ALA C 49 10.75 -38.63 8.81
CA ALA C 49 10.51 -37.58 7.83
C ALA C 49 9.02 -37.45 7.57
N LEU C 50 8.56 -36.20 7.43
CA LEU C 50 7.14 -35.92 7.22
C LEU C 50 6.89 -35.46 5.78
N PHE C 51 5.82 -36.00 5.18
CA PHE C 51 5.49 -35.72 3.79
C PHE C 51 4.07 -35.17 3.66
N ASP C 52 3.84 -34.35 2.64
CA ASP C 52 2.54 -33.70 2.43
C ASP C 52 1.40 -34.68 2.23
N ALA C 53 1.69 -35.78 1.54
CA ALA C 53 0.70 -36.81 1.22
C ALA C 53 1.41 -38.13 0.87
N PRO C 54 0.66 -39.26 0.89
CA PRO C 54 1.26 -40.55 0.59
C PRO C 54 2.17 -40.58 -0.64
N LEU C 55 1.78 -39.87 -1.70
CA LEU C 55 2.49 -39.92 -2.98
C LEU C 55 3.89 -39.27 -2.95
N ASP C 56 4.16 -38.47 -1.91
CA ASP C 56 5.48 -37.87 -1.72
C ASP C 56 6.41 -38.72 -0.87
N ALA C 57 5.84 -39.68 -0.14
CA ALA C 57 6.62 -40.58 0.70
C ALA C 57 7.38 -41.59 -0.16
N PRO C 58 8.58 -42.00 0.27
CA PRO C 58 9.34 -43.00 -0.50
C PRO C 58 8.68 -44.36 -0.50
N ASP C 59 9.02 -45.18 -1.49
CA ASP C 59 8.62 -46.57 -1.51
C ASP C 59 9.47 -47.27 -0.46
N ALA C 60 8.81 -47.82 0.56
CA ALA C 60 9.51 -48.47 1.66
C ALA C 60 10.17 -49.80 1.25
N LYS C 61 9.75 -50.34 0.12
CA LYS C 61 10.38 -51.55 -0.42
C LYS C 61 11.78 -51.25 -0.95
N ASN C 62 12.11 -49.96 -1.08
CA ASN C 62 13.41 -49.52 -1.61
C ASN C 62 14.17 -48.59 -0.69
N LEU C 63 13.66 -48.39 0.52
CA LEU C 63 14.31 -47.51 1.47
C LEU C 63 15.44 -48.20 2.25
N ASP C 64 16.69 -47.78 1.97
CA ASP C 64 17.88 -48.22 2.70
C ASP C 64 17.90 -47.63 4.10
N TRP C 65 18.60 -48.29 5.01
CA TRP C 65 18.96 -47.63 6.27
C TRP C 65 20.01 -46.55 6.00
N GLU C 66 20.85 -46.79 4.99
CA GLU C 66 21.86 -45.82 4.57
C GLU C 66 21.22 -44.48 4.16
N THR C 67 20.03 -44.55 3.55
CA THR C 67 19.26 -43.36 3.19
C THR C 67 18.58 -42.74 4.41
N ALA C 68 17.88 -43.56 5.20
CA ALA C 68 17.12 -43.09 6.37
C ALA C 68 18.00 -42.58 7.51
N LYS C 69 19.20 -43.11 7.61
CA LYS C 69 20.21 -42.62 8.57
C LYS C 69 20.36 -41.11 8.55
N LYS C 70 20.18 -40.52 7.36
CA LYS C 70 20.44 -39.10 7.13
C LYS C 70 19.31 -38.19 7.61
N TRP C 71 18.14 -38.77 7.93
CA TRP C 71 16.99 -37.97 8.38
C TRP C 71 17.16 -37.50 9.83
N SER C 72 16.39 -36.47 10.18
CA SER C 72 16.25 -36.05 11.58
C SER C 72 15.60 -37.18 12.37
N THR C 73 15.75 -37.15 13.69
CA THR C 73 15.15 -38.20 14.49
C THR C 73 14.00 -37.66 15.31
N ILE C 74 13.06 -38.54 15.62
CA ILE C 74 11.96 -38.25 16.53
C ILE C 74 11.93 -39.33 17.61
N SER C 75 11.46 -39.01 18.80
CA SER C 75 11.49 -40.02 19.84
C SER C 75 10.15 -40.74 19.99
N VAL C 76 10.23 -42.07 19.99
CA VAL C 76 9.07 -42.94 20.13
C VAL C 76 9.03 -43.40 21.58
N PRO C 77 7.89 -43.23 22.25
CA PRO C 77 6.63 -42.71 21.72
C PRO C 77 6.44 -41.20 21.90
N SER C 78 5.75 -40.57 20.95
CA SER C 78 5.37 -39.15 21.02
C SER C 78 4.50 -38.79 19.83
N HIS C 79 3.68 -37.75 19.97
CA HIS C 79 2.89 -37.22 18.87
C HIS C 79 3.73 -36.25 18.10
N TRP C 80 3.55 -36.20 16.79
CA TRP C 80 4.38 -35.31 16.01
C TRP C 80 3.93 -33.84 16.00
N GLU C 81 2.74 -33.59 16.54
CA GLU C 81 2.28 -32.22 16.77
C GLU C 81 2.73 -31.68 18.14
N LEU C 82 3.54 -32.44 18.86
CA LEU C 82 4.04 -32.00 20.15
C LEU C 82 5.57 -32.08 20.26
N GLN C 83 6.25 -31.49 19.29
CA GLN C 83 7.71 -31.49 19.26
C GLN C 83 8.28 -30.10 19.59
N GLU C 84 9.54 -30.06 20.01
CA GLU C 84 10.29 -28.83 20.16
C GLU C 84 9.99 -27.90 18.98
N ASP C 85 9.57 -26.67 19.29
CA ASP C 85 9.34 -25.61 18.30
C ASP C 85 8.23 -25.90 17.29
N TRP C 86 7.32 -26.82 17.64
CA TRP C 86 6.17 -27.19 16.80
C TRP C 86 6.61 -27.57 15.39
N LYS C 87 7.72 -28.32 15.34
CA LYS C 87 8.43 -28.64 14.11
C LYS C 87 7.55 -29.30 13.05
N TYR C 88 6.65 -30.16 13.48
CA TYR C 88 5.79 -30.90 12.56
C TYR C 88 4.31 -30.54 12.73
N GLY C 89 4.06 -29.28 13.08
CA GLY C 89 2.70 -28.78 13.18
C GLY C 89 2.23 -28.67 14.61
N LYS C 90 1.01 -28.17 14.77
CA LYS C 90 0.41 -27.93 16.08
C LYS C 90 -0.87 -28.74 16.25
N PRO C 91 -1.25 -29.03 17.52
CA PRO C 91 -2.49 -29.75 17.81
C PRO C 91 -3.72 -29.03 17.29
N ILE C 92 -4.77 -29.80 16.98
CA ILE C 92 -6.05 -29.24 16.56
C ILE C 92 -7.16 -29.73 17.50
N TYR C 93 -7.92 -28.79 18.06
CA TYR C 93 -9.04 -29.17 18.91
C TYR C 93 -10.37 -28.99 18.23
N THR C 94 -11.10 -30.09 18.02
CA THR C 94 -12.50 -29.98 17.67
C THR C 94 -13.30 -30.83 18.63
N ASN C 95 -14.51 -30.39 18.91
CA ASN C 95 -15.40 -31.14 19.79
C ASN C 95 -16.29 -32.08 18.97
N VAL C 96 -17.31 -31.53 18.31
CA VAL C 96 -18.23 -32.33 17.50
C VAL C 96 -17.79 -32.36 16.05
N GLN C 97 -17.60 -31.17 15.46
CA GLN C 97 -17.27 -31.02 14.03
C GLN C 97 -16.04 -31.81 13.59
N TYR C 98 -16.12 -32.46 12.44
CA TYR C 98 -14.96 -33.07 11.81
C TYR C 98 -14.04 -31.96 11.29
N PRO C 99 -12.71 -32.14 11.40
CA PRO C 99 -11.78 -31.15 10.87
C PRO C 99 -11.48 -31.38 9.38
N ILE C 100 -12.19 -32.33 8.79
CA ILE C 100 -12.06 -32.67 7.38
C ILE C 100 -13.44 -32.49 6.72
N PRO C 101 -13.49 -32.43 5.37
CA PRO C 101 -14.80 -32.50 4.71
C PRO C 101 -15.39 -33.91 4.83
N ILE C 102 -16.72 -34.02 4.91
CA ILE C 102 -17.36 -35.33 4.96
C ILE C 102 -17.64 -35.85 3.56
N ASP C 103 -16.88 -36.86 3.15
CA ASP C 103 -17.07 -37.56 1.88
C ASP C 103 -16.78 -39.05 2.09
N ILE C 104 -17.60 -39.68 2.92
CA ILE C 104 -17.39 -41.07 3.34
C ILE C 104 -17.27 -42.01 2.15
N PRO C 105 -16.20 -42.84 2.11
CA PRO C 105 -15.18 -43.01 3.14
C PRO C 105 -13.83 -42.32 2.85
N ASN C 106 -13.81 -41.33 1.96
CA ASN C 106 -12.54 -40.70 1.58
C ASN C 106 -11.96 -39.78 2.65
N PRO C 107 -10.66 -39.92 2.94
CA PRO C 107 -9.93 -38.90 3.68
C PRO C 107 -9.58 -37.73 2.75
N PRO C 108 -9.03 -36.63 3.30
CA PRO C 108 -8.53 -35.60 2.37
C PRO C 108 -7.32 -36.12 1.57
N THR C 109 -7.16 -35.59 0.37
CA THR C 109 -6.06 -35.98 -0.50
C THR C 109 -4.70 -35.53 0.10
N VAL C 110 -4.63 -34.28 0.54
CA VAL C 110 -3.49 -33.81 1.32
C VAL C 110 -3.60 -34.43 2.73
N ASN C 111 -2.77 -35.43 2.97
CA ASN C 111 -2.87 -36.29 4.14
C ASN C 111 -1.48 -36.50 4.72
N PRO C 112 -1.14 -35.75 5.79
CA PRO C 112 0.19 -35.81 6.37
C PRO C 112 0.65 -37.24 6.59
N THR C 113 1.82 -37.57 6.06
CA THR C 113 2.36 -38.92 6.09
C THR C 113 3.74 -38.90 6.73
N GLY C 114 3.88 -39.62 7.83
CA GLY C 114 5.15 -39.68 8.54
C GLY C 114 5.78 -41.06 8.38
N VAL C 115 7.04 -41.08 7.94
CA VAL C 115 7.77 -42.32 7.78
C VAL C 115 8.79 -42.41 8.90
N TYR C 116 8.67 -43.48 9.68
CA TYR C 116 9.61 -43.78 10.76
C TYR C 116 10.54 -44.89 10.30
N ALA C 117 11.78 -44.87 10.78
CA ALA C 117 12.74 -45.94 10.51
C ALA C 117 13.75 -46.09 11.63
N ARG C 118 14.04 -47.33 12.00
CA ARG C 118 15.13 -47.64 12.92
C ARG C 118 15.62 -49.07 12.67
N THR C 119 16.73 -49.43 13.31
CA THR C 119 17.26 -50.79 13.18
C THR C 119 17.33 -51.51 14.53
N PHE C 120 17.43 -52.84 14.48
CA PHE C 120 17.73 -53.65 15.67
C PHE C 120 18.58 -54.88 15.31
N GLU C 121 19.31 -55.38 16.30
CA GLU C 121 20.27 -56.47 16.09
C GLU C 121 19.65 -57.83 16.37
N LEU C 122 19.97 -58.80 15.52
CA LEU C 122 19.55 -60.17 15.77
C LEU C 122 20.69 -61.17 15.71
N ASP C 123 20.71 -62.03 16.73
CA ASP C 123 21.72 -63.06 16.92
C ASP C 123 21.46 -64.28 16.02
N SER C 124 22.49 -65.11 15.88
CA SER C 124 22.34 -66.43 15.24
C SER C 124 21.41 -67.34 16.06
N LYS C 125 21.63 -67.37 17.37
CA LYS C 125 20.80 -68.16 18.29
C LYS C 125 19.36 -67.66 18.37
N SER C 126 19.20 -66.34 18.29
CA SER C 126 17.88 -65.70 18.44
C SER C 126 16.84 -66.23 17.46
N ILE C 127 17.18 -66.25 16.17
CA ILE C 127 16.26 -66.69 15.12
C ILE C 127 15.91 -68.17 15.26
N GLU C 128 16.86 -68.93 15.80
CA GLU C 128 16.67 -70.35 16.05
C GLU C 128 15.80 -70.60 17.28
N SER C 129 16.01 -69.81 18.33
CA SER C 129 15.36 -70.03 19.62
C SER C 129 13.93 -69.47 19.71
N PHE C 130 13.64 -68.39 18.98
CA PHE C 130 12.41 -67.61 19.19
C PHE C 130 11.55 -67.35 17.96
N GLU C 131 10.26 -67.15 18.22
CA GLU C 131 9.33 -66.54 17.27
C GLU C 131 9.34 -65.04 17.51
N HIS C 132 9.58 -64.28 16.43
CA HIS C 132 9.73 -62.83 16.52
C HIS C 132 8.50 -62.07 16.04
N ARG C 133 8.00 -61.16 16.89
CA ARG C 133 6.86 -60.33 16.57
C ARG C 133 7.15 -58.87 16.86
N LEU C 134 6.41 -57.98 16.21
CA LEU C 134 6.40 -56.57 16.57
C LEU C 134 5.03 -56.22 17.13
N ARG C 135 5.02 -55.59 18.31
CA ARG C 135 3.78 -55.15 18.95
C ARG C 135 3.78 -53.64 19.12
N PHE C 136 2.77 -52.99 18.53
CA PHE C 136 2.57 -51.55 18.60
C PHE C 136 1.39 -51.27 19.49
N GLU C 137 1.61 -50.54 20.58
CA GLU C 137 0.55 -50.32 21.56
C GLU C 137 -0.46 -49.28 21.10
N GLY C 138 -0.06 -48.43 20.16
CA GLY C 138 -0.95 -47.37 19.66
C GLY C 138 -0.28 -46.49 18.64
N VAL C 139 -0.94 -46.34 17.49
CA VAL C 139 -0.49 -45.47 16.40
C VAL C 139 -1.69 -44.79 15.73
N ASP C 140 -1.62 -43.48 15.58
CA ASP C 140 -2.72 -42.62 15.12
C ASP C 140 -2.32 -41.95 13.78
N ASN C 141 -3.08 -42.13 12.70
CA ASN C 141 -4.37 -42.82 12.63
C ASN C 141 -4.26 -44.28 12.19
N CYS C 142 -3.31 -44.57 11.30
CA CYS C 142 -3.10 -45.93 10.80
C CYS C 142 -1.73 -46.00 10.14
N TYR C 143 -1.29 -47.21 9.80
CA TYR C 143 0.07 -47.41 9.31
C TYR C 143 0.25 -48.70 8.53
N GLU C 144 1.19 -48.67 7.58
CA GLU C 144 1.72 -49.90 7.01
C GLU C 144 3.14 -50.16 7.54
N LEU C 145 3.49 -51.44 7.70
CA LEU C 145 4.72 -51.85 8.36
C LEU C 145 5.63 -52.64 7.42
N TYR C 146 6.92 -52.31 7.44
CA TYR C 146 7.93 -52.97 6.60
C TYR C 146 9.14 -53.44 7.41
N VAL C 147 9.60 -54.65 7.11
CA VAL C 147 10.83 -55.15 7.71
C VAL C 147 11.79 -55.58 6.60
N ASN C 148 13.01 -55.06 6.67
CA ASN C 148 14.07 -55.34 5.68
C ASN C 148 13.61 -55.14 4.25
N GLY C 149 12.85 -54.07 4.01
CA GLY C 149 12.33 -53.73 2.69
C GLY C 149 11.19 -54.60 2.20
N GLN C 150 10.57 -55.36 3.11
CA GLN C 150 9.43 -56.20 2.75
C GLN C 150 8.18 -55.80 3.50
N TYR C 151 7.08 -55.62 2.78
CA TYR C 151 5.80 -55.28 3.38
C TYR C 151 5.38 -56.34 4.38
N VAL C 152 5.03 -55.95 5.59
CA VAL C 152 4.58 -56.92 6.58
C VAL C 152 3.06 -56.86 6.68
N GLY C 153 2.53 -55.67 6.89
CA GLY C 153 1.10 -55.51 7.01
C GLY C 153 0.60 -54.08 7.22
N PHE C 154 -0.68 -53.99 7.58
CA PHE C 154 -1.39 -52.73 7.71
C PHE C 154 -2.27 -52.82 8.96
N ASN C 155 -2.59 -51.67 9.53
CA ASN C 155 -3.41 -51.63 10.75
C ASN C 155 -4.17 -50.32 10.93
N LYS C 156 -5.42 -50.44 11.39
CA LYS C 156 -6.24 -49.30 11.80
C LYS C 156 -6.76 -49.52 13.21
N GLY C 157 -7.07 -48.43 13.90
CA GLY C 157 -7.53 -48.49 15.29
C GLY C 157 -6.51 -47.88 16.22
N SER C 158 -6.59 -46.56 16.40
CA SER C 158 -5.52 -45.77 17.02
C SER C 158 -5.22 -46.09 18.47
N ARG C 159 -6.26 -46.39 19.24
CA ARG C 159 -6.10 -46.68 20.67
C ARG C 159 -6.09 -48.18 20.98
N ASN C 160 -6.04 -48.99 19.92
CA ASN C 160 -5.91 -50.44 20.02
C ASN C 160 -4.49 -50.89 19.75
N GLY C 161 -4.18 -52.12 20.16
CA GLY C 161 -2.85 -52.68 19.93
C GLY C 161 -2.79 -53.42 18.59
N ALA C 162 -1.61 -53.95 18.27
CA ALA C 162 -1.46 -54.78 17.08
C ALA C 162 -0.15 -55.56 17.16
N GLU C 163 -0.22 -56.85 16.84
CA GLU C 163 0.96 -57.68 16.73
C GLU C 163 1.11 -58.23 15.31
N PHE C 164 2.35 -58.27 14.82
CA PHE C 164 2.65 -58.82 13.52
C PHE C 164 3.77 -59.85 13.61
N ASP C 165 3.59 -60.99 12.93
CA ASP C 165 4.62 -62.03 12.85
C ASP C 165 5.71 -61.56 11.89
N ILE C 166 6.94 -61.60 12.38
CA ILE C 166 8.09 -60.96 11.75
C ILE C 166 9.14 -62.01 11.32
N GLN C 167 8.93 -63.26 11.77
CA GLN C 167 9.87 -64.38 11.57
C GLN C 167 10.39 -64.57 10.14
N LYS C 168 9.49 -64.52 9.16
CA LYS C 168 9.86 -64.68 7.74
C LYS C 168 10.86 -63.64 7.26
N TYR C 169 10.84 -62.46 7.87
CA TYR C 169 11.50 -61.29 7.31
C TYR C 169 12.85 -60.94 7.93
N VAL C 170 13.14 -61.53 9.08
CA VAL C 170 14.33 -61.14 9.84
C VAL C 170 15.61 -61.83 9.39
N SER C 171 16.72 -61.11 9.50
CA SER C 171 18.04 -61.60 9.17
C SER C 171 18.97 -61.53 10.37
N GLU C 172 20.04 -62.31 10.32
CA GLU C 172 21.12 -62.17 11.28
C GLU C 172 21.81 -60.82 11.05
N GLY C 173 22.18 -60.14 12.12
CA GLY C 173 22.78 -58.80 12.04
C GLY C 173 21.75 -57.70 12.16
N GLU C 174 21.92 -56.64 11.37
CA GLU C 174 21.00 -55.49 11.34
C GLU C 174 19.67 -55.82 10.71
N ASN C 175 18.59 -55.36 11.34
CA ASN C 175 17.25 -55.45 10.76
C ASN C 175 16.61 -54.08 10.69
N LEU C 176 15.97 -53.78 9.56
CA LEU C 176 15.35 -52.47 9.33
C LEU C 176 13.83 -52.48 9.49
N VAL C 177 13.33 -51.68 10.43
CA VAL C 177 11.89 -51.49 10.60
C VAL C 177 11.50 -50.13 10.05
N VAL C 178 10.53 -50.12 9.14
CA VAL C 178 10.02 -48.87 8.59
C VAL C 178 8.52 -48.86 8.77
N VAL C 179 8.02 -47.80 9.42
CA VAL C 179 6.60 -47.61 9.62
C VAL C 179 6.12 -46.36 8.89
N LYS C 180 5.15 -46.54 8.00
CA LYS C 180 4.51 -45.42 7.32
C LYS C 180 3.21 -45.10 8.04
N VAL C 181 3.16 -43.92 8.65
CA VAL C 181 1.99 -43.52 9.43
C VAL C 181 1.22 -42.41 8.72
N PHE C 182 -0.11 -42.56 8.67
CA PHE C 182 -0.99 -41.63 7.98
C PHE C 182 -1.93 -40.94 8.96
N LYS C 183 -2.16 -39.65 8.74
CA LYS C 183 -2.95 -38.86 9.68
C LYS C 183 -4.44 -39.13 9.54
N TRP C 184 -4.93 -39.24 8.31
CA TRP C 184 -6.35 -39.43 8.03
C TRP C 184 -6.60 -40.73 7.26
N SER C 185 -7.78 -41.30 7.46
CA SER C 185 -8.27 -42.43 6.68
C SER C 185 -9.78 -42.56 6.88
N ASP C 186 -10.40 -43.53 6.22
CA ASP C 186 -11.81 -43.86 6.45
C ASP C 186 -12.10 -44.12 7.91
N SER C 187 -11.04 -44.44 8.65
CA SER C 187 -11.08 -44.68 10.08
C SER C 187 -11.32 -43.38 10.87
N THR C 188 -10.83 -42.26 10.34
CA THR C 188 -11.07 -40.94 10.96
C THR C 188 -12.54 -40.72 11.29
N TYR C 189 -13.42 -41.16 10.40
CA TYR C 189 -14.86 -40.99 10.57
C TYR C 189 -15.43 -41.62 11.85
N ILE C 190 -14.75 -42.64 12.37
CA ILE C 190 -15.19 -43.30 13.59
C ILE C 190 -14.27 -42.99 14.78
N GLU C 191 -13.39 -42.00 14.61
CA GLU C 191 -12.48 -41.57 15.68
C GLU C 191 -12.65 -40.08 16.00
N ASP C 192 -13.90 -39.65 16.13
CA ASP C 192 -14.22 -38.23 16.32
C ASP C 192 -14.53 -37.86 17.78
N GLN C 193 -13.67 -38.31 18.70
CA GLN C 193 -13.81 -37.96 20.12
C GLN C 193 -13.56 -36.47 20.34
N ASP C 194 -14.23 -35.91 21.34
CA ASP C 194 -14.08 -34.50 21.70
C ASP C 194 -12.76 -34.37 22.44
N GLN C 195 -11.69 -34.13 21.67
CA GLN C 195 -10.32 -34.14 22.18
C GLN C 195 -9.38 -33.51 21.14
N TRP C 196 -8.07 -33.51 21.42
CA TRP C 196 -7.09 -32.99 20.48
C TRP C 196 -6.85 -34.00 19.38
N TRP C 197 -6.75 -33.52 18.14
CA TRP C 197 -6.28 -34.34 17.03
C TRP C 197 -4.76 -34.37 17.09
N LEU C 198 -4.21 -35.57 17.30
CA LEU C 198 -2.76 -35.75 17.42
C LEU C 198 -2.37 -37.03 16.70
N SER C 199 -1.20 -37.04 16.06
CA SER C 199 -0.82 -38.14 15.19
C SER C 199 0.50 -38.79 15.62
N GLY C 200 0.81 -39.96 15.04
CA GLY C 200 2.08 -40.61 15.25
C GLY C 200 2.06 -41.88 16.09
N ILE C 201 3.26 -42.43 16.30
CA ILE C 201 3.45 -43.58 17.18
C ILE C 201 3.55 -43.02 18.60
N TYR C 202 2.40 -42.95 19.27
CA TYR C 202 2.28 -42.29 20.56
C TYR C 202 2.29 -43.30 21.74
N ARG C 203 2.37 -44.59 21.44
CA ARG C 203 2.52 -45.58 22.50
C ARG C 203 3.69 -46.52 22.21
N ASP C 204 4.04 -47.35 23.19
CA ASP C 204 5.19 -48.26 23.11
C ASP C 204 5.26 -49.10 21.83
N VAL C 205 6.49 -49.38 21.38
CA VAL C 205 6.75 -50.37 20.34
C VAL C 205 7.68 -51.41 20.93
N SER C 206 7.36 -52.68 20.72
CA SER C 206 8.17 -53.76 21.26
C SER C 206 8.55 -54.83 20.23
N LEU C 207 9.70 -55.46 20.46
CA LEU C 207 10.06 -56.68 19.78
C LEU C 207 9.79 -57.83 20.74
N LEU C 208 8.89 -58.73 20.35
CA LEU C 208 8.57 -59.89 21.17
C LEU C 208 9.35 -61.13 20.76
N LYS C 209 9.94 -61.81 21.74
CA LYS C 209 10.63 -63.07 21.47
C LYS C 209 9.94 -64.19 22.25
N LEU C 210 9.07 -64.92 21.56
CA LEU C 210 8.37 -66.06 22.15
C LEU C 210 9.16 -67.36 21.91
N PRO C 211 9.12 -68.29 22.89
CA PRO C 211 9.75 -69.60 22.69
C PRO C 211 9.18 -70.29 21.44
N LYS C 212 10.08 -70.80 20.60
CA LYS C 212 9.73 -71.14 19.22
C LYS C 212 8.88 -72.40 19.01
N LYS C 213 9.29 -73.51 19.63
CA LYS C 213 8.63 -74.78 19.41
C LYS C 213 7.26 -74.86 20.08
N ALA C 214 7.11 -74.18 21.22
CA ALA C 214 5.79 -74.04 21.89
C ALA C 214 5.79 -72.82 22.80
N HIS C 215 4.63 -72.15 22.86
CA HIS C 215 4.44 -70.97 23.70
C HIS C 215 2.96 -70.74 24.03
N ILE C 216 2.72 -69.99 25.10
CA ILE C 216 1.36 -69.61 25.47
C ILE C 216 0.94 -68.42 24.63
N GLU C 217 -0.15 -68.58 23.89
CA GLU C 217 -0.69 -67.52 23.05
C GLU C 217 -1.72 -66.68 23.79
N ASP C 218 -2.67 -67.36 24.43
CA ASP C 218 -3.79 -66.69 25.09
C ASP C 218 -4.24 -67.40 26.36
N VAL C 219 -4.81 -66.64 27.29
CA VAL C 219 -5.33 -67.17 28.54
C VAL C 219 -6.71 -66.55 28.80
N ARG C 220 -7.65 -67.37 29.23
CA ARG C 220 -8.93 -66.88 29.72
C ARG C 220 -9.14 -67.28 31.17
N VAL C 221 -9.41 -66.30 32.02
CA VAL C 221 -9.67 -66.52 33.44
C VAL C 221 -11.07 -66.00 33.78
N THR C 222 -11.92 -66.88 34.29
CA THR C 222 -13.24 -66.47 34.80
C THR C 222 -13.46 -66.98 36.22
N THR C 223 -14.20 -66.21 37.01
CA THR C 223 -14.61 -66.61 38.34
C THR C 223 -16.11 -66.50 38.44
N THR C 224 -16.78 -67.64 38.59
CA THR C 224 -18.23 -67.68 38.73
C THR C 224 -18.58 -68.28 40.07
N PHE C 225 -19.39 -67.58 40.85
CA PHE C 225 -19.90 -68.13 42.10
C PHE C 225 -20.90 -69.25 41.82
N VAL C 226 -20.80 -70.32 42.59
CA VAL C 226 -21.61 -71.51 42.35
C VAL C 226 -23.00 -71.35 42.96
N ASP C 227 -23.15 -70.32 43.79
CA ASP C 227 -24.26 -70.24 44.72
C ASP C 227 -24.84 -68.85 44.81
N SER C 228 -26.10 -68.78 45.25
CA SER C 228 -26.80 -67.48 45.42
C SER C 228 -26.36 -66.72 46.67
N GLN C 229 -25.56 -67.37 47.52
CA GLN C 229 -25.02 -66.70 48.70
C GLN C 229 -23.57 -66.29 48.51
N TYR C 230 -23.06 -66.46 47.29
CA TYR C 230 -21.74 -65.99 46.89
C TYR C 230 -20.63 -66.40 47.86
N GLN C 231 -20.49 -67.71 48.04
CA GLN C 231 -19.44 -68.25 48.89
C GLN C 231 -18.42 -69.01 48.07
N ASP C 232 -18.73 -70.27 47.73
CA ASP C 232 -17.85 -71.08 46.91
C ASP C 232 -17.90 -70.60 45.46
N ALA C 233 -16.77 -70.66 44.77
CA ALA C 233 -16.70 -70.20 43.38
C ALA C 233 -15.93 -71.15 42.49
N GLU C 234 -16.31 -71.19 41.21
CA GLU C 234 -15.57 -71.94 40.21
C GLU C 234 -14.57 -71.04 39.51
N LEU C 235 -13.30 -71.42 39.59
CA LEU C 235 -12.23 -70.74 38.88
C LEU C 235 -11.94 -71.50 37.60
N SER C 236 -12.17 -70.83 36.47
CA SER C 236 -11.96 -71.44 35.17
C SER C 236 -10.76 -70.80 34.48
N VAL C 237 -9.76 -71.62 34.16
CA VAL C 237 -8.57 -71.17 33.45
C VAL C 237 -8.41 -71.95 32.14
N LYS C 238 -8.59 -71.27 31.02
CA LYS C 238 -8.43 -71.90 29.71
C LYS C 238 -7.22 -71.30 28.99
N VAL C 239 -6.32 -72.17 28.56
CA VAL C 239 -5.09 -71.73 27.90
C VAL C 239 -5.03 -72.18 26.44
N ASP C 240 -4.60 -71.27 25.56
CA ASP C 240 -4.34 -71.58 24.17
C ASP C 240 -2.83 -71.68 23.95
N VAL C 241 -2.36 -72.91 23.78
CA VAL C 241 -0.95 -73.19 23.55
C VAL C 241 -0.70 -73.42 22.05
N GLN C 242 0.33 -72.78 21.53
CA GLN C 242 0.64 -72.83 20.10
C GLN C 242 1.93 -73.61 19.88
N GLY C 243 1.85 -74.67 19.07
CA GLY C 243 2.99 -75.57 18.85
C GLY C 243 2.80 -76.93 19.48
N SER C 244 3.65 -77.88 19.09
CA SER C 244 3.53 -79.29 19.48
C SER C 244 4.41 -79.67 20.67
N SER C 245 5.60 -79.06 20.78
CA SER C 245 6.64 -79.51 21.71
C SER C 245 6.44 -79.04 23.15
N TYR C 246 5.41 -79.58 23.80
CA TYR C 246 5.15 -79.33 25.22
C TYR C 246 4.49 -80.58 25.80
N ASP C 247 4.57 -80.73 27.12
CA ASP C 247 3.95 -81.87 27.80
C ASP C 247 2.58 -81.49 28.38
N HIS C 248 2.59 -80.54 29.31
CA HIS C 248 1.38 -80.11 30.00
C HIS C 248 1.54 -78.71 30.59
N ILE C 249 0.52 -78.25 31.31
CA ILE C 249 0.59 -76.98 32.05
C ILE C 249 0.44 -77.19 33.54
N ASN C 250 1.16 -76.39 34.31
CA ASN C 250 0.97 -76.32 35.75
C ASN C 250 0.31 -75.01 36.12
N PHE C 251 -0.40 -74.98 37.24
CA PHE C 251 -1.04 -73.78 37.72
C PHE C 251 -0.99 -73.73 39.23
N THR C 252 -0.57 -72.59 39.74
CA THR C 252 -0.48 -72.37 41.17
C THR C 252 -1.18 -71.08 41.54
N LEU C 253 -2.18 -71.20 42.41
CA LEU C 253 -2.84 -70.05 42.98
C LEU C 253 -2.27 -69.83 44.36
N TYR C 254 -1.96 -68.58 44.68
CA TYR C 254 -1.36 -68.25 45.97
C TYR C 254 -2.38 -67.65 46.93
N GLU C 255 -2.05 -67.68 48.22
CA GLU C 255 -2.90 -67.11 49.26
C GLU C 255 -3.14 -65.63 48.99
N PRO C 256 -4.37 -65.15 49.24
CA PRO C 256 -4.76 -63.81 48.84
C PRO C 256 -3.98 -62.73 49.59
N GLU C 257 -3.79 -61.59 48.94
CA GLU C 257 -3.32 -60.38 49.59
C GLU C 257 -4.48 -59.41 49.65
N ASP C 258 -4.90 -59.07 50.87
CA ASP C 258 -6.06 -58.20 51.10
C ASP C 258 -5.96 -56.85 50.36
N GLY C 259 -7.11 -56.35 49.91
CA GLY C 259 -7.17 -55.08 49.18
C GLY C 259 -6.64 -53.87 49.92
N SER C 260 -6.46 -53.99 51.24
CA SER C 260 -5.87 -52.94 52.07
C SER C 260 -4.35 -52.84 51.88
N LYS C 261 -3.82 -53.64 50.97
CA LYS C 261 -2.38 -53.65 50.64
C LYS C 261 -1.85 -52.25 50.31
N VAL C 262 -0.66 -51.94 50.82
CA VAL C 262 -0.03 -50.64 50.61
C VAL C 262 0.78 -50.64 49.32
N TYR C 263 0.52 -49.65 48.47
CA TYR C 263 1.22 -49.47 47.20
C TYR C 263 1.78 -48.06 47.10
N ASP C 264 2.82 -47.91 46.28
CA ASP C 264 3.20 -46.59 45.76
C ASP C 264 3.55 -46.70 44.27
N ALA C 265 3.88 -45.58 43.65
CA ALA C 265 4.17 -45.54 42.21
C ALA C 265 5.25 -46.55 41.83
N SER C 266 6.29 -46.65 42.65
CA SER C 266 7.40 -47.57 42.41
C SER C 266 6.97 -49.03 42.40
N SER C 267 6.20 -49.46 43.40
CA SER C 267 5.77 -50.86 43.52
C SER C 267 4.66 -51.23 42.51
N LEU C 268 3.84 -50.25 42.16
CA LEU C 268 2.78 -50.45 41.17
C LEU C 268 3.37 -50.63 39.77
N LEU C 269 4.48 -49.95 39.53
CA LEU C 269 5.12 -49.95 38.22
C LEU C 269 6.29 -50.91 38.07
N ASN C 270 6.70 -51.53 39.17
CA ASN C 270 7.77 -52.54 39.14
C ASN C 270 7.44 -53.66 38.14
N GLU C 271 8.31 -53.86 37.16
CA GLU C 271 8.06 -54.81 36.06
C GLU C 271 8.86 -56.12 36.13
N GLU C 272 9.74 -56.21 37.13
CA GLU C 272 10.64 -57.35 37.35
C GLU C 272 9.87 -58.63 37.75
N ASN C 273 10.37 -59.83 37.44
CA ASN C 273 11.64 -60.15 36.75
C ASN C 273 11.74 -61.66 36.47
N GLY C 274 12.77 -62.07 35.72
CA GLY C 274 13.01 -63.48 35.38
C GLY C 274 13.30 -64.40 36.58
N ASN C 275 14.36 -64.08 37.33
CA ASN C 275 14.79 -64.88 38.49
C ASN C 275 14.00 -64.57 39.77
N THR C 276 13.15 -63.55 39.70
CA THR C 276 12.27 -63.14 40.81
C THR C 276 11.19 -64.21 41.10
N THR C 277 11.20 -64.70 42.35
CA THR C 277 10.21 -65.71 42.80
C THR C 277 8.86 -65.02 43.10
N PHE C 278 7.91 -65.16 42.16
CA PHE C 278 6.60 -64.47 42.21
C PHE C 278 5.95 -64.51 43.60
N SER C 279 5.68 -65.72 44.07
CA SER C 279 5.18 -65.94 45.43
C SER C 279 5.52 -67.38 45.85
N THR C 280 5.31 -67.69 47.14
CA THR C 280 5.50 -69.07 47.63
C THR C 280 4.47 -69.50 48.70
N LYS C 281 3.44 -68.68 48.89
CA LYS C 281 2.37 -68.99 49.84
C LYS C 281 1.27 -69.75 49.11
N GLU C 282 1.57 -70.99 48.74
CA GLU C 282 0.69 -71.78 47.90
C GLU C 282 -0.66 -72.06 48.52
N PHE C 283 -1.68 -72.10 47.68
CA PHE C 283 -3.04 -72.29 48.12
C PHE C 283 -3.67 -73.48 47.38
N ILE C 284 -3.61 -73.42 46.05
CA ILE C 284 -4.09 -74.50 45.20
C ILE C 284 -3.04 -74.78 44.12
N SER C 285 -2.89 -76.05 43.76
CA SER C 285 -2.06 -76.47 42.64
C SER C 285 -2.79 -77.44 41.72
N PHE C 286 -2.57 -77.29 40.42
CA PHE C 286 -3.18 -78.16 39.44
C PHE C 286 -2.16 -78.44 38.36
N SER C 287 -2.15 -79.68 37.89
CA SER C 287 -1.37 -80.05 36.71
C SER C 287 -2.27 -80.69 35.67
N THR C 288 -1.97 -80.41 34.41
CA THR C 288 -2.64 -81.03 33.29
C THR C 288 -1.87 -82.30 32.96
N LYS C 289 -2.50 -83.23 32.25
CA LYS C 289 -1.81 -84.44 31.78
C LYS C 289 -1.46 -84.34 30.30
N LYS C 290 -0.38 -85.02 29.93
CA LYS C 290 0.06 -85.13 28.54
C LYS C 290 -1.10 -85.52 27.60
N ASN C 291 -1.22 -84.78 26.49
CA ASN C 291 -2.24 -84.99 25.46
C ASN C 291 -3.68 -84.66 25.87
N GLU C 292 -3.83 -83.96 27.00
CA GLU C 292 -5.15 -83.54 27.45
C GLU C 292 -5.32 -82.03 27.35
N GLU C 293 -6.57 -81.62 27.19
CA GLU C 293 -7.00 -80.23 27.16
C GLU C 293 -6.17 -79.35 28.10
N THR C 294 -5.59 -78.27 27.57
CA THR C 294 -4.83 -77.31 28.38
C THR C 294 -5.75 -76.27 29.01
N ALA C 295 -6.71 -76.77 29.78
CA ALA C 295 -7.71 -75.95 30.46
C ALA C 295 -8.20 -76.71 31.68
N PHE C 296 -8.86 -76.03 32.61
CA PHE C 296 -9.46 -76.71 33.76
C PHE C 296 -10.39 -75.82 34.58
N LYS C 297 -11.24 -76.48 35.36
CA LYS C 297 -12.16 -75.84 36.27
C LYS C 297 -11.89 -76.34 37.69
N ILE C 298 -11.72 -75.41 38.62
CA ILE C 298 -11.41 -75.71 40.01
C ILE C 298 -12.49 -75.16 40.94
N ASN C 299 -12.90 -75.95 41.92
CA ASN C 299 -13.76 -75.43 42.97
C ASN C 299 -12.94 -74.78 44.08
N VAL C 300 -13.27 -73.53 44.41
CA VAL C 300 -12.52 -72.77 45.40
C VAL C 300 -13.42 -72.47 46.60
N LYS C 301 -13.03 -72.99 47.75
CA LYS C 301 -13.74 -72.78 49.01
C LYS C 301 -13.74 -71.31 49.46
N ALA C 302 -14.94 -70.73 49.56
CA ALA C 302 -15.16 -69.39 50.11
C ALA C 302 -13.99 -68.40 49.94
N PRO C 303 -13.66 -68.06 48.68
CA PRO C 303 -12.56 -67.14 48.45
C PRO C 303 -12.91 -65.72 48.86
N GLU C 304 -11.88 -64.91 49.11
CA GLU C 304 -12.03 -63.47 49.38
C GLU C 304 -12.49 -62.76 48.12
N HIS C 305 -13.54 -61.96 48.25
CA HIS C 305 -14.11 -61.25 47.10
C HIS C 305 -13.21 -60.09 46.65
N TRP C 306 -13.14 -59.87 45.33
CA TRP C 306 -12.58 -58.65 44.79
C TRP C 306 -13.69 -57.63 44.66
N THR C 307 -13.43 -56.43 45.15
CA THR C 307 -14.38 -55.33 45.15
C THR C 307 -13.55 -54.05 44.95
N ALA C 308 -14.16 -53.01 44.40
CA ALA C 308 -13.44 -51.74 44.20
C ALA C 308 -13.06 -51.07 45.54
N GLU C 309 -13.88 -51.26 46.56
CA GLU C 309 -13.60 -50.77 47.90
C GLU C 309 -12.52 -51.62 48.62
N ASN C 310 -12.39 -52.87 48.20
CA ASN C 310 -11.38 -53.77 48.74
C ASN C 310 -10.85 -54.69 47.64
N PRO C 311 -9.84 -54.22 46.87
CA PRO C 311 -9.38 -54.97 45.69
C PRO C 311 -8.48 -56.16 46.03
N THR C 312 -9.04 -57.15 46.71
CA THR C 312 -8.29 -58.34 47.14
C THR C 312 -7.96 -59.23 45.95
N LEU C 313 -6.68 -59.57 45.82
CA LEU C 313 -6.20 -60.35 44.69
C LEU C 313 -5.47 -61.62 45.09
N TYR C 314 -5.69 -62.68 44.32
CA TYR C 314 -4.95 -63.92 44.45
C TYR C 314 -3.96 -63.93 43.30
N LYS C 315 -2.66 -63.91 43.63
CA LYS C 315 -1.64 -64.04 42.61
C LYS C 315 -1.62 -65.47 42.11
N TYR C 316 -1.24 -65.66 40.85
CA TYR C 316 -1.12 -67.00 40.30
C TYR C 316 0.05 -67.09 39.36
N GLN C 317 0.52 -68.32 39.15
CA GLN C 317 1.57 -68.58 38.17
C GLN C 317 1.19 -69.75 37.29
N LEU C 318 1.21 -69.52 35.99
CA LEU C 318 0.87 -70.51 35.01
C LEU C 318 2.14 -70.90 34.28
N ASP C 319 2.48 -72.18 34.30
CA ASP C 319 3.71 -72.68 33.68
C ASP C 319 3.45 -73.63 32.53
N LEU C 320 4.09 -73.36 31.39
CA LEU C 320 4.12 -74.31 30.28
C LEU C 320 5.35 -75.21 30.46
N ILE C 321 5.14 -76.52 30.35
CA ILE C 321 6.19 -77.48 30.68
C ILE C 321 6.48 -78.48 29.56
N GLY C 322 7.77 -78.64 29.25
CA GLY C 322 8.22 -79.55 28.19
C GLY C 322 8.33 -81.00 28.64
N SER C 323 8.84 -81.84 27.75
CA SER C 323 8.99 -83.28 28.04
C SER C 323 9.99 -83.53 29.18
N ASP C 324 11.11 -82.78 29.15
CA ASP C 324 12.15 -82.89 30.18
C ASP C 324 11.74 -82.24 31.50
N GLY C 325 10.49 -81.79 31.59
CA GLY C 325 9.96 -81.23 32.84
C GLY C 325 10.42 -79.81 33.15
N SER C 326 11.07 -79.17 32.18
CA SER C 326 11.54 -77.79 32.35
C SER C 326 10.47 -76.77 31.96
N VAL C 327 10.61 -75.56 32.49
CA VAL C 327 9.63 -74.50 32.28
C VAL C 327 9.91 -73.77 30.96
N ILE C 328 9.01 -73.93 29.99
CA ILE C 328 9.14 -73.27 28.69
C ILE C 328 8.77 -71.78 28.77
N GLN C 329 7.68 -71.48 29.48
CA GLN C 329 7.16 -70.12 29.63
C GLN C 329 6.28 -69.99 30.87
N SER C 330 6.37 -68.83 31.52
CA SER C 330 5.56 -68.54 32.70
C SER C 330 4.69 -67.31 32.52
N ILE C 331 3.46 -67.36 33.03
CA ILE C 331 2.65 -66.17 33.17
C ILE C 331 2.40 -65.95 34.66
N LYS C 332 2.80 -64.78 35.14
CA LYS C 332 2.54 -64.38 36.52
C LYS C 332 1.53 -63.25 36.49
N HIS C 333 0.31 -63.51 36.95
CA HIS C 333 -0.73 -62.49 37.03
C HIS C 333 -1.56 -62.68 38.29
N HIS C 334 -2.79 -62.19 38.28
CA HIS C 334 -3.66 -62.29 39.44
C HIS C 334 -5.10 -62.66 39.09
N VAL C 335 -5.83 -63.15 40.08
CA VAL C 335 -7.26 -63.44 39.97
C VAL C 335 -8.01 -62.59 40.97
N GLY C 336 -9.11 -61.99 40.52
CA GLY C 336 -10.00 -61.23 41.39
C GLY C 336 -11.34 -61.93 41.41
N PHE C 337 -11.71 -62.49 42.55
CA PHE C 337 -12.97 -63.21 42.68
C PHE C 337 -14.18 -62.28 42.73
N ARG C 338 -14.87 -62.18 41.61
CA ARG C 338 -15.92 -61.20 41.42
C ARG C 338 -16.86 -61.67 40.33
N GLN C 339 -18.16 -61.44 40.52
CA GLN C 339 -19.13 -61.73 39.47
C GLN C 339 -20.10 -60.58 39.25
N VAL C 340 -20.17 -60.12 38.00
CA VAL C 340 -21.10 -59.06 37.63
C VAL C 340 -22.33 -59.66 36.94
N GLU C 341 -23.50 -59.20 37.34
CA GLU C 341 -24.75 -59.66 36.74
C GLU C 341 -25.73 -58.51 36.57
N LEU C 342 -26.72 -58.73 35.70
CA LEU C 342 -27.93 -57.92 35.68
C LEU C 342 -28.97 -58.71 36.47
N LYS C 343 -29.28 -58.22 37.67
CA LYS C 343 -30.08 -58.98 38.62
C LYS C 343 -31.20 -58.11 39.22
N ASP C 344 -32.44 -58.52 38.95
CA ASP C 344 -33.64 -57.78 39.38
C ASP C 344 -33.59 -56.32 38.93
N GLY C 345 -33.05 -56.10 37.73
CA GLY C 345 -32.98 -54.78 37.16
C GLY C 345 -31.79 -53.93 37.54
N ASN C 346 -30.85 -54.49 38.30
CA ASN C 346 -29.65 -53.74 38.72
C ASN C 346 -28.33 -54.34 38.25
N ILE C 347 -27.35 -53.47 37.99
CA ILE C 347 -25.97 -53.89 37.83
C ILE C 347 -25.51 -54.38 39.18
N THR C 348 -25.12 -55.64 39.22
CA THR C 348 -24.84 -56.31 40.46
C THR C 348 -23.44 -56.88 40.43
N VAL C 349 -22.66 -56.62 41.48
CA VAL C 349 -21.38 -57.27 41.67
C VAL C 349 -21.44 -58.07 42.97
N ASN C 350 -21.21 -59.39 42.86
CA ASN C 350 -21.29 -60.29 44.01
C ASN C 350 -22.63 -60.18 44.73
N GLY C 351 -23.67 -59.94 43.91
CA GLY C 351 -25.02 -59.89 44.44
C GLY C 351 -25.46 -58.52 44.87
N LYS C 352 -24.51 -57.60 44.96
CA LYS C 352 -24.77 -56.27 45.45
C LYS C 352 -24.90 -55.30 44.30
N ASP C 353 -26.01 -54.58 44.35
CA ASP C 353 -26.29 -53.44 43.53
C ASP C 353 -25.42 -52.22 43.90
N ILE C 354 -24.38 -52.01 43.09
CA ILE C 354 -23.33 -51.04 43.38
C ILE C 354 -23.68 -49.60 42.99
N LEU C 355 -22.94 -48.66 43.56
CA LEU C 355 -23.08 -47.25 43.21
C LEU C 355 -21.79 -46.71 42.61
N PHE C 356 -21.92 -46.19 41.42
CA PHE C 356 -20.79 -45.57 40.77
C PHE C 356 -20.53 -44.17 41.32
N ARG C 357 -19.33 -44.00 41.89
CA ARG C 357 -18.80 -42.70 42.26
C ARG C 357 -17.66 -42.42 41.27
N GLY C 358 -18.01 -41.98 40.07
CA GLY C 358 -17.10 -42.06 38.93
C GLY C 358 -16.67 -40.79 38.24
N VAL C 359 -15.67 -40.94 37.37
CA VAL C 359 -15.27 -39.91 36.42
C VAL C 359 -15.01 -40.54 35.06
N ASN C 360 -15.10 -39.71 34.02
CA ASN C 360 -14.52 -40.05 32.74
C ASN C 360 -13.05 -39.60 32.76
N ARG C 361 -12.16 -40.50 32.37
CA ARG C 361 -10.74 -40.15 32.24
C ARG C 361 -10.29 -40.36 30.81
N HIS C 362 -9.94 -39.26 30.14
CA HIS C 362 -9.19 -39.32 28.89
C HIS C 362 -7.72 -39.57 29.18
N ASP C 363 -6.99 -40.06 28.18
CA ASP C 363 -5.53 -39.99 28.21
C ASP C 363 -5.15 -38.56 27.87
N HIS C 364 -4.49 -37.89 28.80
CA HIS C 364 -3.97 -36.56 28.55
C HIS C 364 -2.81 -36.20 29.49
N HIS C 365 -1.81 -35.54 28.90
CA HIS C 365 -0.70 -34.98 29.63
C HIS C 365 -0.46 -33.61 28.99
N PRO C 366 -0.22 -32.57 29.81
CA PRO C 366 -0.11 -31.19 29.29
C PRO C 366 1.05 -30.95 28.32
N ARG C 367 2.03 -31.86 28.31
CA ARG C 367 3.17 -31.74 27.41
C ARG C 367 3.25 -32.86 26.37
N PHE C 368 2.84 -34.07 26.76
CA PHE C 368 3.03 -35.25 25.89
C PHE C 368 1.76 -35.67 25.18
N GLY C 369 0.63 -35.07 25.56
CA GLY C 369 -0.65 -35.39 24.96
C GLY C 369 -1.20 -36.73 25.40
N ARG C 370 -1.40 -37.62 24.44
CA ARG C 370 -2.03 -38.91 24.68
C ARG C 370 -0.94 -39.96 24.94
N ALA C 371 0.30 -39.55 24.76
CA ALA C 371 1.48 -40.37 25.08
C ALA C 371 1.83 -40.20 26.56
N VAL C 372 0.94 -40.70 27.41
CA VAL C 372 1.05 -40.50 28.86
C VAL C 372 2.00 -41.49 29.53
N PRO C 373 3.04 -40.97 30.22
CA PRO C 373 3.88 -41.86 31.03
C PRO C 373 3.02 -42.55 32.07
N LEU C 374 3.27 -43.85 32.29
CA LEU C 374 2.51 -44.61 33.28
C LEU C 374 2.57 -43.98 34.66
N ASP C 375 3.76 -43.50 35.02
CA ASP C 375 3.97 -42.69 36.19
C ASP C 375 2.82 -41.68 36.40
N PHE C 376 2.45 -40.99 35.33
CA PHE C 376 1.45 -39.94 35.38
C PHE C 376 0.03 -40.51 35.55
N VAL C 377 -0.25 -41.63 34.89
CA VAL C 377 -1.53 -42.30 35.07
C VAL C 377 -1.72 -42.73 36.54
N VAL C 378 -0.69 -43.35 37.12
CA VAL C 378 -0.68 -43.66 38.55
C VAL C 378 -1.06 -42.44 39.38
N ARG C 379 -0.39 -41.31 39.11
CA ARG C 379 -0.68 -40.02 39.77
C ARG C 379 -2.19 -39.74 39.74
N ASP C 380 -2.79 -39.89 38.56
CA ASP C 380 -4.22 -39.66 38.37
C ASP C 380 -5.06 -40.48 39.34
N LEU C 381 -4.79 -41.79 39.37
CA LEU C 381 -5.60 -42.74 40.13
C LEU C 381 -5.43 -42.59 41.64
N ILE C 382 -4.22 -42.27 42.09
CA ILE C 382 -3.97 -42.00 43.50
C ILE C 382 -4.83 -40.80 43.95
N LEU C 383 -4.84 -39.78 43.11
CA LEU C 383 -5.61 -38.57 43.36
C LEU C 383 -7.11 -38.90 43.40
N MET C 384 -7.55 -39.75 42.48
CA MET C 384 -8.96 -40.18 42.46
C MET C 384 -9.34 -40.83 43.77
N LYS C 385 -8.50 -41.76 44.23
CA LYS C 385 -8.72 -42.49 45.48
C LYS C 385 -8.69 -41.56 46.68
N LYS C 386 -7.77 -40.59 46.65
CA LYS C 386 -7.69 -39.55 47.66
C LYS C 386 -8.95 -38.67 47.70
N PHE C 387 -9.79 -38.74 46.67
CA PHE C 387 -11.00 -37.91 46.61
C PHE C 387 -12.31 -38.71 46.51
N ASN C 388 -12.29 -39.94 47.02
CA ASN C 388 -13.51 -40.77 47.19
C ASN C 388 -14.12 -41.36 45.91
N ILE C 389 -13.41 -41.24 44.80
CA ILE C 389 -13.86 -41.81 43.53
C ILE C 389 -13.68 -43.32 43.56
N ASN C 390 -14.66 -44.07 43.06
CA ASN C 390 -14.59 -45.52 43.05
C ASN C 390 -14.73 -46.16 41.66
N ALA C 391 -14.84 -45.33 40.63
CA ALA C 391 -15.08 -45.83 39.27
C ALA C 391 -14.52 -44.91 38.21
N VAL C 392 -14.05 -45.48 37.10
CA VAL C 392 -13.67 -44.67 35.95
C VAL C 392 -14.19 -45.24 34.63
N ARG C 393 -14.64 -44.32 33.77
CA ARG C 393 -15.01 -44.66 32.40
C ARG C 393 -13.86 -44.27 31.46
N ASN C 394 -13.43 -45.23 30.66
CA ASN C 394 -12.35 -45.03 29.70
C ASN C 394 -12.84 -44.25 28.49
N SER C 395 -13.21 -43.00 28.71
CA SER C 395 -13.68 -42.13 27.65
C SER C 395 -12.53 -41.74 26.71
N HIS C 396 -12.66 -42.04 25.41
CA HIS C 396 -13.68 -42.92 24.84
C HIS C 396 -12.96 -43.97 24.01
N TYR C 397 -12.12 -44.79 24.65
CA TYR C 397 -11.21 -45.72 23.98
C TYR C 397 -10.44 -46.49 25.06
N PRO C 398 -9.85 -47.64 24.71
CA PRO C 398 -9.01 -48.30 25.70
C PRO C 398 -7.73 -47.51 25.93
N ASN C 399 -7.20 -47.55 27.15
CA ASN C 399 -5.93 -46.91 27.46
C ASN C 399 -4.74 -47.81 27.13
N HIS C 400 -3.53 -47.39 27.51
CA HIS C 400 -2.37 -48.27 27.44
C HIS C 400 -2.70 -49.55 28.22
N PRO C 401 -2.36 -50.73 27.66
CA PRO C 401 -2.75 -52.01 28.29
C PRO C 401 -2.24 -52.21 29.74
N LYS C 402 -1.11 -51.60 30.08
CA LYS C 402 -0.54 -51.72 31.44
C LYS C 402 -1.36 -51.03 32.53
N VAL C 403 -2.32 -50.19 32.11
CA VAL C 403 -3.10 -49.36 33.03
C VAL C 403 -4.10 -50.20 33.83
N TYR C 404 -4.52 -51.32 33.25
CA TYR C 404 -5.64 -52.09 33.79
C TYR C 404 -5.28 -52.90 35.02
N ASP C 405 -4.00 -53.22 35.17
CA ASP C 405 -3.51 -53.79 36.43
C ASP C 405 -3.59 -52.74 37.53
N LEU C 406 -3.45 -51.47 37.17
CA LEU C 406 -3.53 -50.39 38.14
C LEU C 406 -4.94 -50.35 38.70
N PHE C 407 -5.94 -50.47 37.83
CA PHE C 407 -7.34 -50.52 38.24
C PHE C 407 -7.60 -51.73 39.12
N ASP C 408 -7.06 -52.88 38.69
CA ASP C 408 -7.17 -54.14 39.45
C ASP C 408 -6.63 -54.02 40.87
N LYS C 409 -5.47 -53.38 41.00
CA LYS C 409 -4.77 -53.33 42.28
C LYS C 409 -5.25 -52.22 43.22
N LEU C 410 -5.67 -51.09 42.65
CA LEU C 410 -6.16 -49.97 43.45
C LEU C 410 -7.65 -50.07 43.76
N GLY C 411 -8.39 -50.68 42.84
CA GLY C 411 -9.82 -50.89 43.03
C GLY C 411 -10.69 -49.79 42.44
N PHE C 412 -11.03 -49.96 41.16
CA PHE C 412 -11.99 -49.09 40.49
C PHE C 412 -12.97 -49.95 39.73
N TRP C 413 -14.26 -49.59 39.75
CA TRP C 413 -15.23 -50.15 38.80
C TRP C 413 -14.91 -49.49 37.46
N VAL C 414 -14.63 -50.30 36.44
CA VAL C 414 -14.17 -49.75 35.17
C VAL C 414 -15.14 -50.05 34.03
N ILE C 415 -15.44 -49.01 33.25
CA ILE C 415 -16.11 -49.16 31.97
C ILE C 415 -15.04 -49.03 30.89
N ASP C 416 -14.72 -50.15 30.25
CA ASP C 416 -13.73 -50.16 29.18
C ASP C 416 -14.51 -49.95 27.89
N GLU C 417 -14.09 -49.00 27.09
CA GLU C 417 -14.92 -48.48 25.99
C GLU C 417 -14.23 -48.61 24.65
N ALA C 418 -14.99 -49.07 23.66
CA ALA C 418 -14.51 -49.17 22.29
C ALA C 418 -14.06 -47.81 21.73
N ASP C 419 -13.00 -47.84 20.92
CA ASP C 419 -12.51 -46.64 20.23
C ASP C 419 -13.42 -46.36 19.04
N LEU C 420 -14.56 -45.73 19.30
CA LEU C 420 -15.55 -45.47 18.24
C LEU C 420 -16.48 -44.30 18.56
N GLU C 421 -16.24 -43.16 17.91
CA GLU C 421 -17.15 -42.01 18.01
C GLU C 421 -17.45 -41.45 16.64
N THR C 422 -18.70 -41.07 16.43
CA THR C 422 -19.20 -40.69 15.13
C THR C 422 -19.84 -39.29 15.16
N HIS C 423 -19.76 -38.63 16.32
CA HIS C 423 -20.50 -37.39 16.61
C HIS C 423 -20.65 -36.41 15.44
N GLY C 424 -19.55 -36.20 14.70
CA GLY C 424 -19.48 -35.17 13.65
C GLY C 424 -20.51 -35.24 12.54
N VAL C 425 -21.16 -36.39 12.37
CA VAL C 425 -22.21 -36.55 11.35
C VAL C 425 -23.40 -35.63 11.63
N GLN C 426 -23.51 -35.20 12.89
CA GLN C 426 -24.62 -34.36 13.32
C GLN C 426 -24.41 -32.87 13.03
N GLU C 427 -23.15 -32.43 12.95
CA GLU C 427 -22.86 -31.00 12.92
C GLU C 427 -23.55 -30.25 11.77
N PRO C 428 -23.44 -30.76 10.53
CA PRO C 428 -24.14 -30.08 9.44
C PRO C 428 -25.65 -30.07 9.63
N PHE C 429 -26.19 -31.15 10.17
CA PHE C 429 -27.61 -31.25 10.52
C PHE C 429 -28.01 -30.19 11.55
N ASN C 430 -27.19 -30.07 12.61
CA ASN C 430 -27.46 -29.11 13.71
C ASN C 430 -27.53 -27.69 13.20
N ARG C 431 -26.60 -27.34 12.32
CA ARG C 431 -26.51 -26.00 11.76
C ARG C 431 -27.60 -25.73 10.74
N HIS C 432 -27.92 -26.72 9.92
CA HIS C 432 -28.94 -26.59 8.87
C HIS C 432 -30.35 -26.42 9.45
N THR C 433 -30.60 -27.06 10.60
CA THR C 433 -31.92 -27.01 11.24
C THR C 433 -31.95 -26.02 12.41
N ASN C 434 -30.83 -25.32 12.64
CA ASN C 434 -30.70 -24.36 13.73
C ASN C 434 -31.07 -24.92 15.10
N LEU C 435 -30.64 -26.15 15.35
CA LEU C 435 -30.94 -26.85 16.59
C LEU C 435 -30.31 -26.15 17.79
N GLU C 436 -31.14 -25.86 18.80
CA GLU C 436 -30.70 -25.15 20.00
C GLU C 436 -30.30 -26.10 21.14
N ALA C 437 -31.03 -27.19 21.30
CA ALA C 437 -30.81 -28.08 22.44
C ALA C 437 -31.11 -29.54 22.15
N GLU C 438 -30.32 -30.43 22.77
CA GLU C 438 -30.57 -31.86 22.79
C GLU C 438 -30.90 -32.32 24.21
N TYR C 439 -31.88 -33.21 24.33
CA TYR C 439 -32.30 -33.73 25.63
C TYR C 439 -32.21 -35.26 25.64
N PRO C 440 -31.72 -35.85 26.75
CA PRO C 440 -31.42 -37.28 26.82
C PRO C 440 -32.59 -38.18 26.44
N ASP C 441 -33.81 -37.72 26.68
CA ASP C 441 -35.02 -38.50 26.40
C ASP C 441 -35.51 -38.44 24.94
N THR C 442 -35.09 -37.42 24.20
CA THR C 442 -35.59 -37.20 22.83
C THR C 442 -34.53 -37.08 21.72
N LYS C 443 -33.27 -36.84 22.09
CA LYS C 443 -32.19 -36.56 21.12
C LYS C 443 -31.88 -37.70 20.16
N ASN C 444 -32.21 -38.93 20.54
CA ASN C 444 -31.96 -40.09 19.69
C ASN C 444 -32.64 -40.02 18.32
N LYS C 445 -33.80 -39.35 18.25
CA LYS C 445 -34.53 -39.12 17.00
C LYS C 445 -33.75 -38.23 16.03
N LEU C 446 -32.93 -37.34 16.58
CA LEU C 446 -32.07 -36.47 15.78
C LEU C 446 -30.87 -37.23 15.20
N TYR C 447 -30.31 -38.13 16.00
CA TYR C 447 -29.18 -38.96 15.58
C TYR C 447 -29.60 -40.04 14.59
N ASP C 448 -30.84 -40.53 14.74
CA ASP C 448 -31.43 -41.52 13.84
C ASP C 448 -31.37 -41.07 12.37
N VAL C 449 -31.49 -39.76 12.16
CA VAL C 449 -31.51 -39.16 10.82
C VAL C 449 -30.21 -39.43 10.05
N ASN C 450 -29.09 -39.48 10.76
CA ASN C 450 -27.79 -39.61 10.11
C ASN C 450 -27.05 -40.91 10.40
N ALA C 451 -27.70 -41.84 11.08
CA ALA C 451 -27.08 -43.12 11.44
C ALA C 451 -26.64 -43.91 10.20
N HIS C 452 -27.37 -43.74 9.10
CA HIS C 452 -27.13 -44.47 7.85
C HIS C 452 -25.74 -44.24 7.25
N TYR C 453 -25.12 -43.12 7.60
CA TYR C 453 -23.80 -42.77 7.11
C TYR C 453 -22.72 -43.72 7.61
N LEU C 454 -22.82 -44.15 8.86
CA LEU C 454 -21.76 -44.94 9.50
C LEU C 454 -22.28 -46.11 10.35
N SER C 455 -23.01 -45.80 11.42
CA SER C 455 -23.44 -46.82 12.36
C SER C 455 -24.52 -47.74 11.80
N ASP C 456 -25.26 -47.25 10.81
CA ASP C 456 -26.21 -48.09 10.11
C ASP C 456 -25.76 -48.31 8.67
N ASN C 457 -24.45 -48.18 8.44
CA ASN C 457 -23.83 -48.40 7.14
C ASN C 457 -23.14 -49.77 7.12
N PRO C 458 -23.62 -50.70 6.29
CA PRO C 458 -23.08 -52.07 6.19
C PRO C 458 -21.58 -52.13 5.87
N GLU C 459 -21.10 -51.18 5.07
CA GLU C 459 -19.67 -51.07 4.73
C GLU C 459 -18.76 -50.91 5.96
N TYR C 460 -19.33 -50.48 7.09
CA TYR C 460 -18.56 -50.26 8.31
C TYR C 460 -18.66 -51.37 9.36
N GLU C 461 -19.51 -52.37 9.10
CA GLU C 461 -19.70 -53.46 10.05
C GLU C 461 -18.38 -54.11 10.48
N VAL C 462 -17.53 -54.43 9.52
CA VAL C 462 -16.23 -55.06 9.80
C VAL C 462 -15.39 -54.19 10.74
N ALA C 463 -15.40 -52.88 10.49
CA ALA C 463 -14.66 -51.93 11.29
C ALA C 463 -15.19 -51.87 12.70
N TYR C 464 -16.52 -51.78 12.82
CA TYR C 464 -17.21 -51.72 14.11
C TYR C 464 -16.99 -52.99 14.93
N LEU C 465 -17.03 -54.15 14.28
CA LEU C 465 -16.80 -55.43 14.96
C LEU C 465 -15.37 -55.54 15.46
N ASP C 466 -14.44 -55.04 14.64
CA ASP C 466 -13.03 -55.01 14.98
C ASP C 466 -12.77 -54.17 16.24
N ARG C 467 -13.43 -53.03 16.36
CA ARG C 467 -13.30 -52.20 17.55
C ARG C 467 -13.77 -52.96 18.79
N ALA C 468 -14.85 -53.74 18.64
CA ALA C 468 -15.38 -54.55 19.74
C ALA C 468 -14.44 -55.69 20.11
N SER C 469 -14.05 -56.47 19.10
CA SER C 469 -13.20 -57.62 19.28
C SER C 469 -11.88 -57.22 19.91
N GLN C 470 -11.30 -56.13 19.41
CA GLN C 470 -10.05 -55.60 19.93
C GLN C 470 -10.19 -55.14 21.39
N LEU C 471 -11.28 -54.44 21.68
CA LEU C 471 -11.54 -53.98 23.04
C LEU C 471 -11.59 -55.13 24.04
N VAL C 472 -12.43 -56.12 23.75
CA VAL C 472 -12.70 -57.18 24.70
C VAL C 472 -11.53 -58.15 24.87
N LEU C 473 -10.94 -58.58 23.76
CA LEU C 473 -9.96 -59.65 23.80
C LEU C 473 -8.62 -59.23 24.41
N ARG C 474 -8.30 -57.94 24.36
CA ARG C 474 -7.08 -57.45 24.99
C ARG C 474 -7.19 -57.41 26.51
N ASP C 475 -8.38 -57.08 27.02
CA ASP C 475 -8.54 -56.78 28.45
C ASP C 475 -9.46 -57.73 29.25
N VAL C 476 -9.88 -58.85 28.64
CA VAL C 476 -10.84 -59.80 29.28
C VAL C 476 -10.56 -60.23 30.71
N ASN C 477 -9.31 -60.24 31.12
CA ASN C 477 -8.92 -60.86 32.39
C ASN C 477 -8.75 -59.91 33.59
N HIS C 478 -9.24 -58.69 33.46
CA HIS C 478 -9.10 -57.71 34.54
C HIS C 478 -10.40 -57.60 35.33
N PRO C 479 -10.39 -58.07 36.60
CA PRO C 479 -11.56 -58.00 37.47
C PRO C 479 -12.15 -56.59 37.60
N SER C 480 -11.31 -55.55 37.50
CA SER C 480 -11.78 -54.18 37.60
C SER C 480 -12.79 -53.82 36.52
N ILE C 481 -12.60 -54.36 35.31
CA ILE C 481 -13.56 -54.13 34.21
C ILE C 481 -14.84 -54.94 34.43
N ILE C 482 -15.95 -54.22 34.58
CA ILE C 482 -17.26 -54.85 34.78
C ILE C 482 -18.23 -54.58 33.64
N ILE C 483 -17.94 -53.55 32.85
CA ILE C 483 -18.78 -53.17 31.71
C ILE C 483 -17.95 -52.86 30.45
N TRP C 484 -18.40 -53.42 29.31
CA TRP C 484 -17.87 -53.04 28.01
C TRP C 484 -18.79 -52.01 27.41
N SER C 485 -18.23 -50.96 26.84
CA SER C 485 -19.04 -49.97 26.14
C SER C 485 -18.73 -49.93 24.63
N LEU C 486 -19.80 -49.83 23.84
CA LEU C 486 -19.70 -49.95 22.38
C LEU C 486 -19.10 -48.73 21.71
N GLY C 487 -18.75 -47.73 22.52
CA GLY C 487 -18.20 -46.48 21.99
C GLY C 487 -18.93 -45.31 22.59
N ASN C 488 -18.97 -44.20 21.85
CA ASN C 488 -19.62 -42.99 22.32
C ASN C 488 -20.18 -42.13 21.18
N GLU C 489 -21.40 -41.64 21.38
CA GLU C 489 -22.04 -40.67 20.48
C GLU C 489 -21.82 -41.00 18.99
N ALA C 490 -22.19 -42.22 18.63
CA ALA C 490 -22.01 -42.71 17.27
C ALA C 490 -23.34 -42.99 16.58
N CYS C 491 -24.41 -42.40 17.10
CA CYS C 491 -25.79 -42.70 16.65
C CYS C 491 -26.18 -44.12 17.05
N TYR C 492 -27.23 -44.65 16.43
CA TYR C 492 -27.60 -46.05 16.64
C TYR C 492 -27.96 -46.75 15.34
N GLY C 493 -27.36 -47.92 15.11
CA GLY C 493 -27.62 -48.71 13.91
C GLY C 493 -27.30 -50.18 14.06
N ARG C 494 -27.46 -50.91 12.95
CA ARG C 494 -27.24 -52.35 12.91
C ARG C 494 -25.85 -52.78 13.36
N ASN C 495 -24.85 -51.96 13.07
CA ASN C 495 -23.49 -52.23 13.50
C ASN C 495 -23.36 -52.35 15.00
N HIS C 496 -24.10 -51.53 15.74
CA HIS C 496 -24.12 -51.63 17.21
C HIS C 496 -24.74 -52.95 17.66
N LYS C 497 -25.81 -53.38 16.99
CA LYS C 497 -26.41 -54.68 17.30
C LYS C 497 -25.40 -55.78 17.08
N ALA C 498 -24.67 -55.68 15.97
CA ALA C 498 -23.65 -56.67 15.62
C ALA C 498 -22.54 -56.74 16.68
N MET C 499 -22.10 -55.56 17.14
CA MET C 499 -21.11 -55.45 18.22
C MET C 499 -21.59 -56.13 19.51
N TYR C 500 -22.86 -55.90 19.87
CA TYR C 500 -23.46 -56.50 21.06
C TYR C 500 -23.48 -58.03 20.99
N LYS C 501 -23.94 -58.61 19.88
CA LYS C 501 -23.94 -60.06 19.70
C LYS C 501 -22.52 -60.62 19.86
N LEU C 502 -21.55 -59.95 19.24
CA LEU C 502 -20.17 -60.44 19.24
C LEU C 502 -19.57 -60.42 20.66
N ILE C 503 -19.81 -59.33 21.38
CA ILE C 503 -19.25 -59.16 22.72
C ILE C 503 -19.81 -60.18 23.71
N LYS C 504 -21.10 -60.49 23.59
CA LYS C 504 -21.72 -61.53 24.40
C LYS C 504 -21.20 -62.94 24.07
N GLN C 505 -20.88 -63.18 22.80
CA GLN C 505 -20.24 -64.45 22.39
C GLN C 505 -18.83 -64.55 22.92
N LEU C 506 -18.06 -63.48 22.75
CA LEU C 506 -16.68 -63.41 23.22
C LEU C 506 -16.56 -63.49 24.73
N ASP C 507 -17.36 -62.71 25.45
CA ASP C 507 -17.26 -62.62 26.90
C ASP C 507 -18.62 -62.51 27.57
N PRO C 508 -19.24 -63.65 27.91
CA PRO C 508 -20.56 -63.63 28.54
C PRO C 508 -20.56 -63.06 29.97
N THR C 509 -19.37 -62.83 30.54
CA THR C 509 -19.28 -62.51 31.97
C THR C 509 -19.58 -61.06 32.35
N ARG C 510 -19.58 -60.15 31.36
CA ARG C 510 -19.75 -58.73 31.66
C ARG C 510 -20.99 -58.14 30.98
N LEU C 511 -21.36 -56.92 31.36
CA LEU C 511 -22.50 -56.21 30.79
C LEU C 511 -22.07 -55.22 29.71
N VAL C 512 -23.01 -54.85 28.83
CA VAL C 512 -22.70 -53.96 27.71
C VAL C 512 -23.41 -52.62 27.84
N HIS C 513 -22.64 -51.54 27.69
CA HIS C 513 -23.18 -50.18 27.74
C HIS C 513 -23.07 -49.50 26.37
N TYR C 514 -24.11 -48.76 26.00
CA TYR C 514 -24.03 -47.82 24.88
C TYR C 514 -25.13 -46.74 24.92
N GLU C 515 -24.71 -45.53 25.27
CA GLU C 515 -25.62 -44.41 25.52
C GLU C 515 -26.42 -43.99 24.28
N GLY C 516 -25.82 -44.17 23.11
CA GLY C 516 -26.49 -43.84 21.83
C GLY C 516 -27.71 -44.70 21.57
N ASP C 517 -27.80 -45.82 22.30
CA ASP C 517 -28.91 -46.75 22.24
C ASP C 517 -29.84 -46.43 23.40
N LEU C 518 -30.74 -45.47 23.18
CA LEU C 518 -31.66 -44.99 24.22
C LEU C 518 -32.46 -46.09 24.93
N ASN C 519 -33.04 -46.98 24.14
CA ASN C 519 -33.93 -48.01 24.69
C ASN C 519 -33.19 -49.32 25.01
N ALA C 520 -31.86 -49.30 24.87
CA ALA C 520 -31.00 -50.45 25.16
C ALA C 520 -31.46 -51.74 24.46
N LEU C 521 -31.77 -51.61 23.17
CA LEU C 521 -32.16 -52.75 22.35
C LEU C 521 -31.00 -53.73 22.20
N SER C 522 -29.78 -53.20 22.22
CA SER C 522 -28.58 -54.01 22.25
C SER C 522 -27.61 -53.47 23.30
N ALA C 523 -28.14 -53.24 24.50
CA ALA C 523 -27.35 -52.96 25.70
C ALA C 523 -28.07 -53.53 26.93
N ASP C 524 -27.33 -53.72 28.02
CA ASP C 524 -27.90 -54.30 29.24
C ASP C 524 -28.28 -53.24 30.28
N ILE C 525 -27.97 -51.99 29.97
CA ILE C 525 -28.04 -50.86 30.93
C ILE C 525 -28.67 -49.67 30.21
N PHE C 526 -29.41 -48.83 30.95
CA PHE C 526 -29.80 -47.51 30.45
C PHE C 526 -28.74 -46.48 30.84
N SER C 527 -28.56 -45.46 30.00
CA SER C 527 -27.55 -44.43 30.25
C SER C 527 -27.97 -43.07 29.71
N PHE C 528 -27.87 -42.06 30.57
CA PHE C 528 -28.09 -40.67 30.18
C PHE C 528 -26.82 -39.86 30.33
N MET C 529 -26.71 -38.78 29.55
CA MET C 529 -25.69 -37.77 29.81
C MET C 529 -26.29 -36.40 30.05
N TYR C 530 -25.83 -35.76 31.13
CA TYR C 530 -26.26 -34.41 31.56
C TYR C 530 -27.78 -34.25 31.72
N PRO C 531 -28.47 -35.26 32.29
CA PRO C 531 -29.92 -35.14 32.34
C PRO C 531 -30.41 -34.24 33.45
N THR C 532 -31.57 -33.66 33.23
CA THR C 532 -32.29 -32.91 34.24
C THR C 532 -32.95 -33.92 35.20
N PHE C 533 -33.20 -33.51 36.46
CA PHE C 533 -33.85 -34.42 37.42
C PHE C 533 -35.22 -34.88 36.92
N GLU C 534 -36.00 -33.93 36.41
CA GLU C 534 -37.28 -34.23 35.77
C GLU C 534 -37.18 -35.30 34.67
N ILE C 535 -36.12 -35.24 33.86
CA ILE C 535 -35.90 -36.21 32.77
C ILE C 535 -35.53 -37.59 33.33
N MET C 536 -34.70 -37.60 34.38
CA MET C 536 -34.33 -38.83 35.07
C MET C 536 -35.57 -39.50 35.63
N GLU C 537 -36.42 -38.67 36.22
CA GLU C 537 -37.61 -39.11 36.92
C GLU C 537 -38.71 -39.64 35.97
N ARG C 538 -38.91 -38.96 34.84
CA ARG C 538 -39.76 -39.46 33.76
C ARG C 538 -39.33 -40.87 33.37
N TRP C 539 -38.03 -41.03 33.13
CA TRP C 539 -37.48 -42.30 32.65
C TRP C 539 -37.70 -43.42 33.67
N ARG C 540 -37.35 -43.14 34.92
CA ARG C 540 -37.54 -44.08 36.02
C ARG C 540 -38.96 -44.58 36.07
N LYS C 541 -39.92 -43.65 36.08
CA LYS C 541 -41.33 -43.98 36.17
C LYS C 541 -41.87 -44.76 34.95
N ASN C 542 -41.38 -44.43 33.76
CA ASN C 542 -41.80 -45.13 32.55
C ASN C 542 -41.18 -46.51 32.37
N HIS C 543 -40.25 -46.86 33.26
CA HIS C 543 -39.53 -48.14 33.17
C HIS C 543 -39.64 -48.99 34.43
N THR C 544 -40.35 -48.45 35.41
CA THR C 544 -40.74 -49.20 36.59
C THR C 544 -42.22 -49.57 36.43
N ASP C 545 -42.51 -50.87 36.53
CA ASP C 545 -43.88 -51.33 36.38
C ASP C 545 -44.69 -51.11 37.66
N GLU C 546 -45.97 -51.46 37.61
CA GLU C 546 -46.89 -51.27 38.73
C GLU C 546 -46.45 -51.98 40.01
N ASN C 547 -45.71 -53.07 39.86
CA ASN C 547 -45.17 -53.84 41.00
C ASN C 547 -43.93 -53.21 41.63
N GLY C 548 -43.34 -52.24 40.94
CA GLY C 548 -42.09 -51.63 41.40
C GLY C 548 -40.84 -52.26 40.79
N LYS C 549 -41.03 -53.20 39.86
CA LYS C 549 -39.92 -53.88 39.20
C LYS C 549 -39.46 -53.10 37.97
N PHE C 550 -38.13 -53.02 37.81
CA PHE C 550 -37.53 -52.54 36.58
C PHE C 550 -36.68 -53.64 35.98
N GLU C 551 -36.54 -53.61 34.66
CA GLU C 551 -35.81 -54.63 33.94
C GLU C 551 -34.32 -54.27 33.83
N LYS C 552 -34.04 -52.96 33.73
CA LYS C 552 -32.67 -52.43 33.60
C LYS C 552 -32.54 -51.12 34.37
N PRO C 553 -31.32 -50.78 34.85
CA PRO C 553 -31.15 -49.57 35.68
C PRO C 553 -30.64 -48.35 34.89
N LEU C 554 -30.48 -47.23 35.57
CA LEU C 554 -29.94 -46.04 34.91
C LEU C 554 -28.64 -45.54 35.54
N ILE C 555 -27.62 -45.35 34.70
CA ILE C 555 -26.42 -44.65 35.13
C ILE C 555 -26.29 -43.34 34.37
N LEU C 556 -25.49 -42.43 34.90
CA LEU C 556 -25.15 -41.24 34.17
C LEU C 556 -23.71 -41.36 33.71
N CYS C 557 -23.53 -41.82 32.47
CA CYS C 557 -22.18 -41.99 31.93
C CYS C 557 -21.41 -40.67 31.87
N GLU C 558 -22.15 -39.58 31.69
CA GLU C 558 -21.59 -38.22 31.79
C GLU C 558 -22.61 -37.33 32.51
N TYR C 559 -22.15 -36.59 33.52
CA TYR C 559 -23.00 -35.61 34.21
C TYR C 559 -22.14 -34.61 34.99
N GLY C 560 -22.76 -33.53 35.45
CA GLY C 560 -22.08 -32.53 36.27
C GLY C 560 -20.85 -31.98 35.59
N HIS C 561 -21.03 -31.58 34.33
CA HIS C 561 -19.96 -30.99 33.51
C HIS C 561 -19.07 -30.08 34.36
N ALA C 562 -17.80 -30.43 34.47
CA ALA C 562 -16.89 -29.80 35.43
C ALA C 562 -16.12 -28.58 34.89
N MET C 563 -16.59 -28.02 33.78
CA MET C 563 -15.93 -26.90 33.13
C MET C 563 -15.88 -25.66 34.02
N GLY C 564 -14.67 -25.18 34.31
CA GLY C 564 -14.47 -23.94 35.07
C GLY C 564 -15.13 -23.93 36.44
N ASN C 565 -15.55 -22.75 36.88
CA ASN C 565 -16.20 -22.60 38.17
C ASN C 565 -17.49 -23.39 38.19
N GLY C 566 -17.45 -24.49 38.93
CA GLY C 566 -18.51 -25.50 38.92
C GLY C 566 -17.93 -26.89 39.15
N PRO C 567 -18.76 -27.94 39.03
CA PRO C 567 -20.19 -27.86 38.71
C PRO C 567 -21.06 -27.61 39.93
N GLY C 568 -22.13 -26.85 39.74
CA GLY C 568 -23.11 -26.65 40.79
C GLY C 568 -24.11 -27.80 40.88
N SER C 569 -24.68 -27.99 42.07
CA SER C 569 -25.77 -28.94 42.33
C SER C 569 -25.42 -30.43 42.23
N LEU C 570 -24.15 -30.76 42.45
CA LEU C 570 -23.74 -32.15 42.61
C LEU C 570 -24.53 -32.78 43.75
N LYS C 571 -24.84 -31.96 44.74
CA LYS C 571 -25.63 -32.33 45.90
C LYS C 571 -26.98 -32.93 45.51
N GLU C 572 -27.69 -32.21 44.65
CA GLU C 572 -29.05 -32.61 44.27
C GLU C 572 -29.06 -33.89 43.44
N TYR C 573 -28.05 -34.07 42.59
CA TYR C 573 -27.88 -35.33 41.86
C TYR C 573 -27.68 -36.50 42.83
N GLN C 574 -26.89 -36.27 43.87
CA GLN C 574 -26.53 -37.33 44.81
C GLN C 574 -27.71 -37.77 45.66
N GLU C 575 -28.51 -36.80 46.11
CA GLU C 575 -29.74 -37.09 46.85
C GLU C 575 -30.62 -38.02 46.02
N LEU C 576 -30.71 -37.72 44.72
CA LEU C 576 -31.47 -38.54 43.80
C LEU C 576 -30.89 -39.97 43.71
N PHE C 577 -29.56 -40.07 43.57
CA PHE C 577 -28.87 -41.37 43.52
C PHE C 577 -29.19 -42.29 44.71
N TYR C 578 -29.15 -41.73 45.92
CA TYR C 578 -29.39 -42.50 47.15
C TYR C 578 -30.85 -42.87 47.36
N LYS C 579 -31.76 -42.08 46.79
CA LYS C 579 -33.19 -42.26 46.99
C LYS C 579 -33.79 -43.43 46.20
N GLU C 580 -33.27 -43.70 45.01
CA GLU C 580 -33.85 -44.71 44.14
C GLU C 580 -32.86 -45.81 43.77
N LYS C 581 -33.25 -47.05 44.05
CA LYS C 581 -32.48 -48.23 43.68
C LYS C 581 -32.23 -48.25 42.14
N PHE C 582 -33.16 -47.70 41.38
CA PHE C 582 -33.09 -47.64 39.92
C PHE C 582 -31.88 -46.86 39.40
N TYR C 583 -31.50 -45.80 40.12
CA TYR C 583 -30.30 -45.04 39.79
C TYR C 583 -29.11 -45.70 40.46
N GLN C 584 -28.03 -45.90 39.72
CA GLN C 584 -26.84 -46.49 40.29
C GLN C 584 -25.60 -45.58 40.18
N GLY C 585 -25.85 -44.27 40.10
CA GLY C 585 -24.79 -43.27 40.14
C GLY C 585 -24.39 -42.73 38.77
N GLY C 586 -23.17 -42.24 38.70
CA GLY C 586 -22.71 -41.57 37.49
C GLY C 586 -21.22 -41.36 37.40
N PHE C 587 -20.79 -40.86 36.25
CA PHE C 587 -19.40 -40.52 36.01
C PHE C 587 -19.40 -39.07 35.57
N ILE C 588 -18.84 -38.19 36.38
CA ILE C 588 -18.77 -36.79 35.96
C ILE C 588 -17.80 -36.62 34.80
N TRP C 589 -18.13 -35.67 33.93
CA TRP C 589 -17.26 -35.24 32.84
C TRP C 589 -16.60 -33.92 33.26
N GLU C 590 -15.27 -33.85 33.38
CA GLU C 590 -14.32 -34.86 32.99
C GLU C 590 -13.30 -34.92 34.14
N TRP C 591 -12.29 -35.80 34.05
CA TRP C 591 -11.26 -35.85 35.09
C TRP C 591 -10.37 -34.62 35.12
N ALA C 592 -9.87 -34.21 33.95
CA ALA C 592 -8.91 -33.11 33.90
C ALA C 592 -9.04 -32.29 32.62
N ASN C 593 -8.76 -30.99 32.73
CA ASN C 593 -8.60 -30.11 31.57
C ASN C 593 -7.58 -30.68 30.58
N HIS C 594 -7.84 -30.50 29.29
CA HIS C 594 -6.94 -31.00 28.24
C HIS C 594 -5.89 -30.00 27.78
N GLY C 595 -5.53 -29.05 28.64
CA GLY C 595 -4.66 -27.96 28.23
C GLY C 595 -3.28 -28.44 27.82
N ILE C 596 -2.75 -27.85 26.75
CA ILE C 596 -1.39 -28.12 26.31
C ILE C 596 -0.51 -26.94 26.69
N GLU C 597 0.62 -27.21 27.32
CA GLU C 597 1.55 -26.14 27.70
C GLU C 597 2.13 -25.46 26.46
N PHE C 598 2.18 -24.13 26.49
CA PHE C 598 2.74 -23.33 25.40
C PHE C 598 3.13 -21.95 25.90
N GLU C 599 3.87 -21.22 25.07
CA GLU C 599 4.27 -19.85 25.39
C GLU C 599 3.24 -18.86 24.86
N ASP C 600 2.70 -18.06 25.78
CA ASP C 600 1.63 -17.12 25.50
C ASP C 600 2.19 -15.70 25.59
N VAL C 601 1.70 -14.80 24.75
CA VAL C 601 2.01 -13.38 24.92
C VAL C 601 0.94 -12.77 25.81
N SER C 602 1.38 -12.14 26.89
CA SER C 602 0.47 -11.59 27.89
C SER C 602 -0.21 -10.29 27.49
N THR C 603 -1.52 -10.27 27.68
CA THR C 603 -2.35 -9.08 27.48
C THR C 603 -2.15 -8.07 28.61
N ALA C 604 -1.71 -8.56 29.77
CA ALA C 604 -1.44 -7.72 30.93
C ALA C 604 -0.04 -7.11 30.89
N ASP C 605 0.88 -7.86 30.32
CA ASP C 605 2.31 -7.66 30.50
C ASP C 605 3.01 -7.21 29.22
N GLY C 606 2.56 -7.72 28.08
CA GLY C 606 3.24 -7.53 26.81
C GLY C 606 4.42 -8.48 26.71
N LYS C 607 4.52 -9.39 27.68
CA LYS C 607 5.65 -10.31 27.76
C LYS C 607 5.23 -11.76 27.62
N LEU C 608 6.22 -12.63 27.48
CA LEU C 608 5.99 -14.04 27.20
C LEU C 608 5.92 -14.87 28.49
N HIS C 609 4.85 -15.68 28.60
CA HIS C 609 4.59 -16.49 29.81
C HIS C 609 4.10 -17.86 29.43
N LYS C 610 4.35 -18.82 30.32
CA LYS C 610 3.82 -20.17 30.20
C LYS C 610 2.30 -20.16 30.42
N ALA C 611 1.57 -20.85 29.55
CA ALA C 611 0.11 -20.93 29.67
C ALA C 611 -0.40 -22.29 29.19
N TYR C 612 -1.71 -22.53 29.31
CA TYR C 612 -2.29 -23.79 28.85
C TYR C 612 -3.31 -23.57 27.75
N ALA C 613 -3.03 -24.16 26.60
CA ALA C 613 -3.77 -23.88 25.37
C ALA C 613 -5.08 -24.63 25.30
N TYR C 614 -6.09 -23.95 24.77
CA TYR C 614 -7.34 -24.56 24.36
C TYR C 614 -7.59 -24.16 22.91
N GLY C 615 -8.73 -24.55 22.33
CA GLY C 615 -9.03 -24.25 20.93
C GLY C 615 -8.79 -22.80 20.59
N GLY C 616 -8.16 -22.55 19.46
CA GLY C 616 -7.88 -21.19 19.00
C GLY C 616 -6.43 -20.77 19.16
N ASP C 617 -5.80 -21.22 20.26
CA ASP C 617 -4.42 -20.85 20.59
C ASP C 617 -3.42 -21.37 19.56
N PHE C 618 -3.71 -22.52 18.96
CA PHE C 618 -2.89 -23.07 17.90
C PHE C 618 -3.41 -22.72 16.49
N LYS C 619 -4.31 -21.73 16.46
CA LYS C 619 -4.79 -21.12 15.21
C LYS C 619 -5.43 -22.10 14.21
N GLU C 620 -6.34 -22.93 14.71
CA GLU C 620 -7.06 -23.87 13.87
C GLU C 620 -8.08 -23.13 13.02
N GLU C 621 -8.31 -23.62 11.80
CA GLU C 621 -9.36 -23.07 10.93
C GLU C 621 -10.70 -23.19 11.65
N VAL C 622 -10.99 -24.40 12.13
CA VAL C 622 -12.17 -24.67 12.95
C VAL C 622 -11.74 -25.29 14.28
N HIS C 623 -12.32 -24.80 15.36
CA HIS C 623 -12.02 -25.31 16.68
C HIS C 623 -13.20 -25.06 17.59
N ASP C 624 -13.14 -25.60 18.81
CA ASP C 624 -14.22 -25.42 19.79
C ASP C 624 -13.76 -24.76 21.09
N GLY C 625 -12.73 -23.93 20.98
CA GLY C 625 -12.37 -22.99 22.02
C GLY C 625 -12.07 -23.61 23.35
N VAL C 626 -12.71 -23.06 24.38
CA VAL C 626 -12.38 -23.36 25.77
C VAL C 626 -13.01 -24.66 26.30
N PHE C 627 -13.78 -25.37 25.46
CA PHE C 627 -14.40 -26.64 25.89
C PHE C 627 -13.39 -27.75 26.17
N ILE C 628 -12.13 -27.47 25.85
CA ILE C 628 -10.97 -28.28 26.28
C ILE C 628 -10.86 -28.32 27.81
N MET C 629 -11.21 -27.20 28.45
CA MET C 629 -10.97 -27.00 29.87
C MET C 629 -12.19 -27.39 30.69
N ASP C 630 -12.51 -28.70 30.71
CA ASP C 630 -13.73 -29.17 31.37
C ASP C 630 -13.50 -30.25 32.43
N GLY C 631 -12.39 -30.15 33.16
CA GLY C 631 -12.06 -31.15 34.17
C GLY C 631 -12.28 -30.75 35.62
N LEU C 632 -12.38 -31.76 36.47
CA LEU C 632 -12.33 -31.58 37.92
C LEU C 632 -10.92 -31.18 38.35
N CYS C 633 -9.94 -31.59 37.56
CA CYS C 633 -8.55 -31.17 37.75
C CYS C 633 -8.17 -30.26 36.60
N ASN C 634 -7.20 -29.39 36.85
CA ASN C 634 -6.68 -28.50 35.80
C ASN C 634 -5.76 -29.24 34.81
N SER C 635 -5.19 -28.50 33.86
CA SER C 635 -4.35 -29.09 32.81
C SER C 635 -3.12 -29.80 33.34
N GLU C 636 -2.66 -29.36 34.51
CA GLU C 636 -1.50 -29.96 35.17
C GLU C 636 -1.94 -31.14 36.05
N HIS C 637 -3.23 -31.52 35.92
CA HIS C 637 -3.87 -32.61 36.66
C HIS C 637 -3.86 -32.45 38.17
N ASN C 638 -4.03 -31.21 38.63
CA ASN C 638 -4.17 -30.92 40.07
C ASN C 638 -5.61 -30.50 40.38
N PRO C 639 -6.08 -30.80 41.60
CA PRO C 639 -7.47 -30.57 41.97
C PRO C 639 -7.93 -29.11 41.82
N THR C 640 -9.15 -28.93 41.30
CA THR C 640 -9.84 -27.64 41.34
C THR C 640 -10.87 -27.70 42.46
N PRO C 641 -11.56 -26.58 42.73
CA PRO C 641 -12.67 -26.63 43.68
C PRO C 641 -13.78 -27.63 43.27
N GLY C 642 -13.87 -27.92 41.98
CA GLY C 642 -14.78 -28.94 41.50
C GLY C 642 -14.51 -30.28 42.18
N LEU C 643 -13.25 -30.73 42.14
CA LEU C 643 -12.89 -32.02 42.70
C LEU C 643 -13.12 -32.02 44.21
N VAL C 644 -12.77 -30.91 44.85
CA VAL C 644 -12.93 -30.76 46.31
C VAL C 644 -14.40 -30.94 46.70
N GLU C 645 -15.30 -30.32 45.94
CA GLU C 645 -16.74 -30.47 46.17
C GLU C 645 -17.22 -31.90 45.94
N TYR C 646 -16.78 -32.51 44.85
CA TYR C 646 -17.21 -33.85 44.47
C TYR C 646 -16.88 -34.86 45.57
N LYS C 647 -15.68 -34.75 46.13
CA LYS C 647 -15.23 -35.63 47.20
C LYS C 647 -16.20 -35.60 48.39
N LYS C 648 -16.72 -34.42 48.70
CA LYS C 648 -17.65 -34.29 49.80
C LYS C 648 -19.02 -34.87 49.47
N VAL C 649 -19.57 -34.57 48.29
CA VAL C 649 -20.93 -35.02 48.01
C VAL C 649 -21.01 -36.54 47.88
N ILE C 650 -19.90 -37.18 47.52
CA ILE C 650 -19.88 -38.64 47.34
C ILE C 650 -19.29 -39.41 48.52
N GLU C 651 -18.91 -38.70 49.57
CA GLU C 651 -18.32 -39.33 50.75
C GLU C 651 -19.13 -40.58 51.19
N PRO C 652 -18.44 -41.72 51.37
CA PRO C 652 -19.13 -42.99 51.61
C PRO C 652 -19.61 -43.21 53.05
N VAL C 653 -19.54 -42.17 53.87
CA VAL C 653 -20.10 -42.21 55.22
C VAL C 653 -20.83 -40.89 55.47
N HIS C 654 -22.06 -40.95 55.94
CA HIS C 654 -22.79 -39.73 56.31
C HIS C 654 -22.67 -39.47 57.81
N ILE C 655 -22.32 -38.24 58.16
CA ILE C 655 -22.22 -37.83 59.56
C ILE C 655 -23.12 -36.61 59.79
N LYS C 656 -24.23 -36.83 60.51
CA LYS C 656 -25.22 -35.79 60.76
C LYS C 656 -25.28 -35.46 62.22
N ILE C 657 -25.13 -34.17 62.54
CA ILE C 657 -25.10 -33.70 63.93
C ILE C 657 -26.26 -32.75 64.22
N ALA C 658 -27.19 -33.21 65.05
CA ALA C 658 -28.35 -32.41 65.46
C ALA C 658 -28.91 -32.92 66.79
N HIS C 659 -29.47 -31.99 67.57
CA HIS C 659 -30.15 -32.29 68.84
C HIS C 659 -29.33 -33.16 69.78
N GLY C 660 -28.07 -32.77 69.99
CA GLY C 660 -27.20 -33.51 70.90
C GLY C 660 -26.90 -34.93 70.48
N SER C 661 -27.02 -35.19 69.18
CA SER C 661 -26.80 -36.52 68.60
C SER C 661 -25.93 -36.46 67.35
N VAL C 662 -25.05 -37.45 67.21
CA VAL C 662 -24.33 -37.70 65.98
C VAL C 662 -24.90 -38.97 65.37
N THR C 663 -25.47 -38.86 64.17
CA THR C 663 -25.90 -40.03 63.42
C THR C 663 -24.91 -40.33 62.29
N ILE C 664 -24.37 -41.55 62.31
CA ILE C 664 -23.41 -42.01 61.32
C ILE C 664 -24.04 -43.13 60.51
N THR C 665 -24.09 -42.97 59.18
CA THR C 665 -24.61 -44.01 58.29
C THR C 665 -23.52 -44.48 57.33
N ASN C 666 -23.34 -45.79 57.22
CA ASN C 666 -22.38 -46.34 56.27
C ASN C 666 -22.98 -46.37 54.86
N LYS C 667 -22.36 -45.65 53.94
CA LYS C 667 -22.85 -45.57 52.57
C LYS C 667 -21.97 -46.29 51.55
N HIS C 668 -21.05 -47.13 52.03
CA HIS C 668 -20.29 -48.00 51.16
C HIS C 668 -21.19 -49.08 50.56
N ASP C 669 -20.69 -49.75 49.53
CA ASP C 669 -21.41 -50.87 48.93
C ASP C 669 -21.07 -52.16 49.66
N PHE C 670 -19.84 -52.27 50.13
CA PHE C 670 -19.34 -53.56 50.62
C PHE C 670 -18.66 -53.48 51.98
N ILE C 671 -17.71 -52.56 52.12
CA ILE C 671 -16.88 -52.52 53.32
C ILE C 671 -17.55 -51.91 54.54
N THR C 672 -16.99 -52.28 55.68
CA THR C 672 -17.43 -51.84 56.99
C THR C 672 -16.75 -50.51 57.34
N THR C 673 -17.12 -49.93 58.49
CA THR C 673 -16.50 -48.69 58.95
C THR C 673 -15.27 -48.93 59.86
N ASP C 674 -14.92 -50.19 60.07
CA ASP C 674 -13.86 -50.58 61.00
C ASP C 674 -12.51 -49.92 60.77
N HIS C 675 -12.19 -49.69 59.50
CA HIS C 675 -10.93 -49.06 59.08
C HIS C 675 -10.88 -47.56 59.43
N LEU C 676 -12.00 -47.03 59.91
CA LEU C 676 -12.12 -45.60 60.16
C LEU C 676 -12.06 -45.20 61.61
N LEU C 677 -11.32 -44.12 61.86
CA LEU C 677 -11.23 -43.52 63.19
C LEU C 677 -12.12 -42.27 63.20
N PHE C 678 -13.07 -42.25 64.12
CA PHE C 678 -13.95 -41.09 64.27
C PHE C 678 -13.47 -40.18 65.40
N ILE C 679 -13.15 -38.93 65.04
CA ILE C 679 -12.64 -37.97 66.02
C ILE C 679 -13.66 -36.85 66.28
N ASP C 680 -13.92 -36.59 67.55
CA ASP C 680 -14.69 -35.42 67.98
C ASP C 680 -13.76 -34.23 67.92
N LYS C 681 -13.96 -33.38 66.92
CA LYS C 681 -13.04 -32.28 66.67
C LYS C 681 -13.05 -31.19 67.73
N ASP C 682 -14.16 -31.09 68.47
CA ASP C 682 -14.30 -30.12 69.54
C ASP C 682 -13.44 -30.47 70.76
N THR C 683 -13.20 -31.75 70.98
CA THR C 683 -12.42 -32.21 72.12
C THR C 683 -11.09 -32.86 71.72
N GLY C 684 -11.01 -33.43 70.52
CA GLY C 684 -9.81 -34.14 70.08
C GLY C 684 -9.80 -35.60 70.46
N LYS C 685 -10.71 -36.00 71.35
CA LYS C 685 -10.82 -37.41 71.73
C LYS C 685 -11.67 -38.19 70.73
N THR C 686 -11.35 -39.46 70.55
CA THR C 686 -11.99 -40.29 69.55
C THR C 686 -13.35 -40.79 70.04
N ILE C 687 -14.22 -41.14 69.10
CA ILE C 687 -15.56 -41.62 69.42
C ILE C 687 -15.66 -43.10 69.07
N ASP C 688 -16.12 -43.89 70.04
CA ASP C 688 -16.34 -45.31 69.85
C ASP C 688 -17.53 -45.56 68.95
N VAL C 689 -17.25 -45.90 67.70
CA VAL C 689 -18.31 -46.16 66.74
C VAL C 689 -18.35 -47.65 66.41
N PRO C 690 -19.51 -48.29 66.68
CA PRO C 690 -19.74 -49.71 66.39
C PRO C 690 -19.49 -50.03 64.92
N SER C 691 -19.05 -51.24 64.63
CA SER C 691 -18.79 -51.67 63.27
C SER C 691 -20.09 -51.62 62.47
N LEU C 692 -20.14 -50.73 61.48
CA LEU C 692 -21.34 -50.56 60.65
C LEU C 692 -21.22 -51.22 59.27
N LYS C 693 -22.19 -52.08 58.95
CA LYS C 693 -22.31 -52.70 57.63
C LYS C 693 -22.90 -51.70 56.64
N PRO C 694 -22.75 -51.96 55.33
CA PRO C 694 -23.41 -51.10 54.34
C PRO C 694 -24.89 -50.82 54.67
N GLU C 695 -25.25 -49.54 54.72
CA GLU C 695 -26.61 -49.06 55.01
C GLU C 695 -27.02 -49.03 56.48
N GLU C 696 -26.19 -49.59 57.35
CA GLU C 696 -26.46 -49.55 58.79
C GLU C 696 -26.11 -48.19 59.34
N SER C 697 -26.85 -47.76 60.37
CA SER C 697 -26.53 -46.50 61.04
C SER C 697 -26.63 -46.58 62.55
N VAL C 698 -26.10 -45.55 63.21
CA VAL C 698 -26.07 -45.47 64.66
C VAL C 698 -26.19 -44.00 65.10
N THR C 699 -26.96 -43.77 66.16
CA THR C 699 -27.07 -42.46 66.79
C THR C 699 -26.33 -42.48 68.12
N ILE C 700 -25.40 -41.56 68.30
CA ILE C 700 -24.62 -41.48 69.55
C ILE C 700 -24.82 -40.11 70.18
N PRO C 701 -25.29 -40.07 71.44
CA PRO C 701 -25.46 -38.79 72.14
C PRO C 701 -24.12 -38.10 72.36
N SER C 702 -24.07 -36.80 72.04
CA SER C 702 -22.81 -36.06 72.07
C SER C 702 -23.09 -34.56 72.05
N ASP C 703 -22.17 -33.79 72.66
CA ASP C 703 -22.25 -32.33 72.63
C ASP C 703 -21.42 -31.74 71.49
N THR C 704 -20.94 -32.59 70.60
CA THR C 704 -20.01 -32.17 69.54
C THR C 704 -20.66 -31.33 68.44
N THR C 705 -19.82 -30.56 67.76
CA THR C 705 -20.21 -29.66 66.71
C THR C 705 -19.68 -30.15 65.36
N TYR C 706 -18.65 -30.99 65.42
CA TYR C 706 -17.80 -31.24 64.27
C TYR C 706 -17.13 -32.60 64.48
N VAL C 707 -17.50 -33.56 63.63
CA VAL C 707 -16.95 -34.91 63.68
C VAL C 707 -16.29 -35.28 62.36
N VAL C 708 -15.12 -35.88 62.46
CA VAL C 708 -14.33 -36.27 61.30
C VAL C 708 -14.14 -37.79 61.25
N ALA C 709 -14.25 -38.35 60.04
CA ALA C 709 -13.97 -39.77 59.80
C ALA C 709 -12.65 -39.89 59.02
N VAL C 710 -11.71 -40.60 59.62
CA VAL C 710 -10.34 -40.62 59.15
C VAL C 710 -9.79 -42.04 59.09
N LEU C 711 -8.80 -42.25 58.23
CA LEU C 711 -8.21 -43.58 58.05
C LEU C 711 -7.25 -43.94 59.20
N LYS C 712 -7.46 -45.11 59.79
CA LYS C 712 -6.65 -45.60 60.92
C LYS C 712 -5.20 -45.90 60.54
N ASP C 713 -5.01 -46.54 59.39
CA ASP C 713 -3.67 -46.96 58.96
C ASP C 713 -3.50 -46.75 57.47
N ASP C 714 -2.25 -46.60 57.04
CA ASP C 714 -1.94 -46.65 55.61
C ASP C 714 -2.63 -47.87 55.00
N ALA C 715 -3.41 -47.63 53.95
CA ALA C 715 -4.08 -48.72 53.21
C ALA C 715 -4.26 -48.28 51.76
N GLY C 716 -3.92 -49.18 50.84
CA GLY C 716 -3.88 -48.85 49.41
C GLY C 716 -2.86 -47.77 49.16
N VAL C 717 -3.31 -46.66 48.57
CA VAL C 717 -2.45 -45.52 48.29
C VAL C 717 -2.78 -44.34 49.21
N LEU C 718 -3.54 -44.63 50.26
CA LEU C 718 -3.95 -43.62 51.23
C LEU C 718 -3.17 -43.76 52.54
N LYS C 719 -2.95 -42.62 53.19
CA LYS C 719 -2.16 -42.55 54.42
C LYS C 719 -3.05 -42.51 55.66
N ALA C 720 -2.53 -43.02 56.77
CA ALA C 720 -3.20 -42.90 58.06
C ALA C 720 -3.52 -41.44 58.30
N GLY C 721 -4.74 -41.18 58.77
CA GLY C 721 -5.16 -39.82 59.04
C GLY C 721 -5.83 -39.12 57.88
N HIS C 722 -5.90 -39.79 56.73
CA HIS C 722 -6.58 -39.23 55.54
C HIS C 722 -8.08 -39.13 55.79
N GLU C 723 -8.63 -37.97 55.48
CA GLU C 723 -10.05 -37.72 55.70
C GLU C 723 -10.92 -38.36 54.62
N ILE C 724 -11.89 -39.18 55.06
CA ILE C 724 -12.83 -39.85 54.16
C ILE C 724 -14.18 -39.12 54.18
N ALA C 725 -14.64 -38.76 55.37
CA ALA C 725 -15.93 -38.10 55.56
C ALA C 725 -15.90 -37.20 56.79
N TRP C 726 -16.87 -36.29 56.87
CA TRP C 726 -17.01 -35.40 58.02
C TRP C 726 -18.42 -34.81 58.10
N GLY C 727 -18.76 -34.31 59.28
CA GLY C 727 -20.04 -33.63 59.49
C GLY C 727 -19.90 -32.50 60.48
N GLN C 728 -20.80 -31.52 60.38
CA GLN C 728 -20.86 -30.42 61.33
C GLN C 728 -22.28 -30.14 61.71
N ALA C 729 -22.49 -29.70 62.95
CA ALA C 729 -23.76 -29.14 63.39
C ALA C 729 -23.87 -27.79 62.72
N GLU C 730 -25.09 -27.40 62.35
CA GLU C 730 -25.24 -26.10 61.72
C GLU C 730 -24.94 -25.01 62.73
N LEU C 731 -24.30 -23.95 62.25
CA LEU C 731 -23.73 -22.91 63.10
C LEU C 731 -24.58 -21.64 63.05
N PRO C 732 -25.23 -21.28 64.18
CA PRO C 732 -26.06 -20.09 64.22
C PRO C 732 -25.21 -18.84 64.03
N LEU C 733 -25.79 -17.81 63.41
CA LEU C 733 -25.09 -16.56 63.24
C LEU C 733 -25.09 -15.76 64.54
N LYS C 734 -23.91 -15.59 65.11
CA LYS C 734 -23.74 -14.81 66.32
C LYS C 734 -23.13 -13.44 65.99
N VAL C 735 -23.74 -12.39 66.54
CA VAL C 735 -23.20 -11.03 66.42
C VAL C 735 -21.92 -10.97 67.26
N PRO C 736 -20.80 -10.50 66.67
CA PRO C 736 -19.59 -10.35 67.49
C PRO C 736 -19.84 -9.39 68.66
N ASP C 737 -19.03 -9.53 69.71
CA ASP C 737 -19.20 -8.74 70.92
C ASP C 737 -18.43 -7.41 70.81
N PHE C 738 -18.56 -6.74 69.66
CA PHE C 738 -17.92 -5.44 69.44
C PHE C 738 -18.65 -4.36 70.20
N VAL C 739 -17.90 -3.55 70.94
CA VAL C 739 -18.47 -2.46 71.71
C VAL C 739 -18.40 -1.16 70.89
N THR C 740 -19.57 -0.71 70.44
CA THR C 740 -19.69 0.54 69.71
C THR C 740 -19.55 1.71 70.69
N GLU C 741 -18.68 2.67 70.35
CA GLU C 741 -18.49 3.85 71.18
C GLU C 741 -19.64 4.82 71.00
N THR C 742 -20.53 4.86 71.99
CA THR C 742 -21.71 5.73 71.96
C THR C 742 -21.56 6.93 72.90
N ALA C 743 -20.38 7.08 73.48
CA ALA C 743 -20.07 8.25 74.32
C ALA C 743 -20.10 9.51 73.46
N GLU C 744 -20.40 10.65 74.07
CA GLU C 744 -20.50 11.87 73.31
C GLU C 744 -19.15 12.49 73.02
N LYS C 745 -18.78 12.46 71.74
CA LYS C 745 -17.57 13.10 71.24
C LYS C 745 -17.96 14.30 70.39
N ALA C 746 -17.24 15.40 70.54
CA ALA C 746 -17.43 16.56 69.68
C ALA C 746 -17.01 16.19 68.26
N ALA C 747 -17.87 16.49 67.29
CA ALA C 747 -17.61 16.15 65.90
C ALA C 747 -17.90 17.33 64.96
N LYS C 748 -16.95 17.62 64.08
CA LYS C 748 -17.11 18.68 63.10
C LYS C 748 -17.74 18.14 61.84
N ILE C 749 -18.90 18.69 61.49
CA ILE C 749 -19.61 18.32 60.28
C ILE C 749 -19.57 19.46 59.27
N ASN C 750 -18.96 19.19 58.12
CA ASN C 750 -18.83 20.20 57.08
C ASN C 750 -19.58 19.77 55.82
N ASP C 751 -20.79 20.30 55.63
CA ASP C 751 -21.63 19.96 54.48
C ASP C 751 -21.43 20.99 53.36
N GLY C 752 -20.44 20.73 52.51
CA GLY C 752 -20.09 21.63 51.41
C GLY C 752 -21.02 21.53 50.23
N LYS C 753 -20.67 22.22 49.14
CA LYS C 753 -21.47 22.23 47.93
C LYS C 753 -21.50 20.84 47.27
N ARG C 754 -20.34 20.18 47.21
CA ARG C 754 -20.23 18.84 46.62
C ARG C 754 -19.87 17.79 47.66
N TYR C 755 -18.95 18.11 48.57
CA TYR C 755 -18.41 17.13 49.50
C TYR C 755 -18.93 17.34 50.93
N VAL C 756 -19.21 16.23 51.63
CA VAL C 756 -19.57 16.29 53.04
C VAL C 756 -18.51 15.62 53.93
N SER C 757 -18.00 16.37 54.90
CA SER C 757 -16.99 15.89 55.85
C SER C 757 -17.58 15.63 57.23
N VAL C 758 -17.18 14.52 57.83
CA VAL C 758 -17.43 14.27 59.23
C VAL C 758 -16.09 13.93 59.89
N GLU C 759 -15.64 14.81 60.79
CA GLU C 759 -14.35 14.65 61.47
C GLU C 759 -14.56 14.55 62.98
N SER C 760 -13.89 13.57 63.58
CA SER C 760 -13.86 13.44 65.03
C SER C 760 -12.52 12.83 65.41
N SER C 761 -12.27 12.72 66.71
CA SER C 761 -11.02 12.10 67.18
C SER C 761 -10.91 10.68 66.62
N GLY C 762 -9.88 10.46 65.82
CA GLY C 762 -9.62 9.14 65.21
C GLY C 762 -10.54 8.76 64.07
N LEU C 763 -11.29 9.72 63.55
CA LEU C 763 -12.27 9.45 62.49
C LEU C 763 -12.31 10.54 61.43
N HIS C 764 -12.40 10.09 60.19
CA HIS C 764 -12.45 10.96 59.02
C HIS C 764 -13.35 10.32 57.97
N PHE C 765 -14.46 10.97 57.66
CA PHE C 765 -15.42 10.44 56.69
C PHE C 765 -15.74 11.51 55.64
N ILE C 766 -15.39 11.23 54.39
CA ILE C 766 -15.67 12.16 53.29
C ILE C 766 -16.48 11.46 52.21
N LEU C 767 -17.61 12.07 51.85
CA LEU C 767 -18.47 11.56 50.80
C LEU C 767 -18.67 12.59 49.70
N ASP C 768 -18.47 12.16 48.46
CA ASP C 768 -18.82 12.95 47.28
C ASP C 768 -20.32 12.84 47.05
N LYS C 769 -21.05 13.93 47.30
CA LYS C 769 -22.51 13.94 47.18
C LYS C 769 -23.00 13.81 45.74
N LEU C 770 -22.20 14.27 44.78
CA LEU C 770 -22.53 14.16 43.37
C LEU C 770 -22.52 12.71 42.89
N LEU C 771 -21.58 11.93 43.41
CA LEU C 771 -21.37 10.57 42.95
C LEU C 771 -21.95 9.49 43.87
N GLY C 772 -22.04 9.80 45.16
CA GLY C 772 -22.46 8.82 46.17
C GLY C 772 -21.25 7.99 46.55
N LYS C 773 -20.08 8.55 46.30
CA LYS C 773 -18.79 7.89 46.47
C LYS C 773 -18.19 8.23 47.84
N ILE C 774 -17.62 7.23 48.50
CA ILE C 774 -16.81 7.51 49.68
C ILE C 774 -15.41 7.85 49.21
N GLU C 775 -15.03 9.11 49.36
CA GLU C 775 -13.72 9.57 48.94
C GLU C 775 -12.66 8.96 49.83
N SER C 776 -12.96 8.93 51.13
CA SER C 776 -12.04 8.40 52.12
C SER C 776 -12.80 8.12 53.41
N LEU C 777 -12.52 6.97 53.99
CA LEU C 777 -12.96 6.65 55.33
C LEU C 777 -11.77 6.13 56.12
N LYS C 778 -11.27 6.98 57.02
CA LYS C 778 -10.13 6.61 57.84
C LYS C 778 -10.53 6.64 59.30
N VAL C 779 -10.55 5.46 59.92
CA VAL C 779 -10.85 5.32 61.34
C VAL C 779 -9.71 4.57 62.03
N LYS C 780 -9.11 5.23 63.03
CA LYS C 780 -8.01 4.66 63.83
C LYS C 780 -6.88 4.04 63.00
N GLY C 781 -6.37 4.83 62.04
CA GLY C 781 -5.27 4.41 61.19
C GLY C 781 -5.62 3.45 60.07
N LYS C 782 -6.90 3.08 59.98
CA LYS C 782 -7.36 2.14 58.96
C LYS C 782 -8.23 2.85 57.93
N GLU C 783 -7.83 2.79 56.66
CA GLU C 783 -8.55 3.50 55.59
C GLU C 783 -9.15 2.60 54.53
N ILE C 784 -10.40 2.89 54.17
CA ILE C 784 -11.04 2.35 52.96
C ILE C 784 -11.68 3.50 52.18
N SER C 785 -12.02 3.23 50.93
CA SER C 785 -12.75 4.16 50.08
C SER C 785 -13.45 3.34 49.02
N SER C 786 -14.49 3.89 48.40
CA SER C 786 -15.21 3.12 47.39
C SER C 786 -14.43 2.97 46.09
N LYS C 787 -14.36 1.72 45.62
CA LYS C 787 -13.84 1.41 44.29
C LYS C 787 -14.97 1.73 43.32
N PHE C 788 -14.89 2.91 42.72
CA PHE C 788 -16.05 3.50 42.06
C PHE C 788 -15.88 3.63 40.55
N GLU C 789 -16.86 3.07 39.83
CA GLU C 789 -16.96 3.28 38.41
C GLU C 789 -18.44 3.28 38.06
N GLY C 790 -19.04 4.45 38.10
CA GLY C 790 -20.48 4.58 37.85
C GLY C 790 -21.37 4.39 39.07
N SER C 791 -21.04 3.42 39.92
CA SER C 791 -21.92 3.06 41.04
C SER C 791 -21.16 2.59 42.27
N SER C 792 -21.74 2.86 43.45
CA SER C 792 -21.17 2.38 44.71
C SER C 792 -21.68 0.99 45.06
N ILE C 793 -22.75 0.58 44.37
CA ILE C 793 -23.27 -0.78 44.47
C ILE C 793 -23.19 -1.38 43.07
N THR C 794 -22.52 -2.52 42.95
CA THR C 794 -22.28 -3.12 41.63
C THR C 794 -22.87 -4.51 41.53
N PHE C 795 -22.92 -5.06 40.31
CA PHE C 795 -23.71 -6.27 40.08
C PHE C 795 -23.02 -7.32 39.22
N TRP C 796 -21.96 -6.90 38.55
CA TRP C 796 -21.26 -7.73 37.56
C TRP C 796 -20.28 -8.71 38.18
N ARG C 797 -20.04 -9.81 37.47
CA ARG C 797 -18.93 -10.69 37.77
C ARG C 797 -18.37 -11.18 36.43
N PRO C 798 -17.05 -11.44 36.39
CA PRO C 798 -16.48 -12.04 35.18
C PRO C 798 -17.16 -13.38 34.91
N PRO C 799 -17.82 -13.52 33.74
CA PRO C 799 -18.68 -14.69 33.51
C PRO C 799 -17.91 -15.99 33.63
N THR C 800 -18.49 -16.98 34.32
CA THR C 800 -17.93 -18.31 34.35
C THR C 800 -18.17 -18.98 33.00
N ASN C 801 -17.56 -20.14 32.78
CA ASN C 801 -17.87 -20.92 31.60
C ASN C 801 -19.36 -21.27 31.54
N ASN C 802 -19.94 -21.56 32.71
CA ASN C 802 -21.37 -21.88 32.81
C ASN C 802 -22.28 -20.68 32.55
N ASP C 803 -21.82 -19.50 32.96
CA ASP C 803 -22.55 -18.26 32.69
C ASP C 803 -22.70 -17.95 31.19
N GLU C 804 -21.68 -18.33 30.40
CA GLU C 804 -21.54 -17.92 29.01
C GLU C 804 -22.72 -18.18 28.07
N PRO C 805 -23.25 -19.42 28.05
CA PRO C 805 -24.30 -19.72 27.06
C PRO C 805 -25.64 -18.99 27.23
N ARG C 806 -25.99 -18.59 28.46
CA ARG C 806 -27.32 -17.98 28.68
C ARG C 806 -27.36 -16.81 29.66
N ASP C 807 -26.92 -17.05 30.90
CA ASP C 807 -27.01 -16.05 31.95
C ASP C 807 -26.23 -14.78 31.61
N PHE C 808 -25.01 -14.97 31.09
CA PHE C 808 -24.18 -13.87 30.59
C PHE C 808 -24.86 -13.10 29.47
N LYS C 809 -25.50 -13.84 28.55
CA LYS C 809 -26.20 -13.21 27.41
C LYS C 809 -27.28 -12.29 27.92
N ASN C 810 -28.01 -12.75 28.93
CA ASN C 810 -29.03 -11.94 29.59
C ASN C 810 -28.44 -10.73 30.31
N TRP C 811 -27.42 -10.97 31.12
CA TRP C 811 -26.82 -9.89 31.90
C TRP C 811 -26.19 -8.80 31.03
N LYS C 812 -25.58 -9.19 29.91
CA LYS C 812 -25.06 -8.24 28.95
C LYS C 812 -26.19 -7.50 28.24
N LYS C 813 -27.22 -8.25 27.82
CA LYS C 813 -28.37 -7.68 27.12
C LYS C 813 -29.02 -6.57 27.94
N TYR C 814 -29.11 -6.79 29.26
CA TYR C 814 -29.72 -5.82 30.18
C TYR C 814 -28.72 -4.81 30.76
N ASN C 815 -27.52 -4.74 30.17
CA ASN C 815 -26.49 -3.78 30.55
C ASN C 815 -26.13 -3.75 32.04
N ILE C 816 -26.23 -4.89 32.71
CA ILE C 816 -25.93 -4.99 34.13
C ILE C 816 -24.48 -4.56 34.43
N ASP C 817 -23.62 -4.65 33.43
CA ASP C 817 -22.23 -4.20 33.59
C ASP C 817 -22.11 -2.67 33.53
N LEU C 818 -23.19 -2.01 33.14
CA LEU C 818 -23.20 -0.55 32.97
C LEU C 818 -24.18 0.13 33.91
N MET C 819 -24.42 -0.51 35.05
CA MET C 819 -25.29 0.02 36.08
C MET C 819 -24.72 1.34 36.60
N LYS C 820 -25.57 2.37 36.67
CA LYS C 820 -25.14 3.70 37.12
C LYS C 820 -25.88 4.14 38.37
N GLN C 821 -25.18 4.87 39.24
CA GLN C 821 -25.83 5.49 40.38
C GLN C 821 -26.02 6.98 40.12
N ASN C 822 -27.28 7.39 40.13
CA ASN C 822 -27.65 8.79 39.93
C ASN C 822 -28.24 9.39 41.19
N ILE C 823 -27.48 10.28 41.82
CA ILE C 823 -27.87 10.79 43.13
C ILE C 823 -28.99 11.79 42.99
N HIS C 824 -29.97 11.69 43.87
CA HIS C 824 -31.12 12.58 43.84
C HIS C 824 -31.13 13.55 45.01
N GLY C 825 -30.82 13.06 46.19
CA GLY C 825 -30.75 13.90 47.38
C GLY C 825 -29.82 13.34 48.42
N VAL C 826 -29.11 14.23 49.11
CA VAL C 826 -28.28 13.83 50.23
C VAL C 826 -28.68 14.62 51.46
N SER C 827 -28.86 13.91 52.56
CA SER C 827 -29.34 14.47 53.80
C SER C 827 -28.27 14.33 54.88
N VAL C 828 -27.95 15.44 55.55
CA VAL C 828 -26.88 15.44 56.55
C VAL C 828 -27.42 15.97 57.87
N GLU C 829 -27.44 15.10 58.88
CA GLU C 829 -27.88 15.52 60.21
C GLU C 829 -26.93 15.13 61.32
N LYS C 830 -26.95 15.91 62.40
CA LYS C 830 -26.14 15.66 63.59
C LYS C 830 -26.53 14.33 64.20
N GLY C 831 -25.59 13.74 64.94
CA GLY C 831 -25.80 12.44 65.54
C GLY C 831 -26.86 12.44 66.61
N SER C 832 -27.56 11.32 66.73
CA SER C 832 -28.51 11.13 67.80
C SER C 832 -27.94 10.14 68.83
N ASN C 833 -28.60 9.01 69.02
CA ASN C 833 -28.29 8.06 70.11
C ASN C 833 -26.87 7.49 70.20
N GLY C 834 -25.89 8.35 70.54
CA GLY C 834 -24.49 7.92 70.61
C GLY C 834 -23.79 8.13 69.28
N SER C 835 -24.60 8.46 68.29
CA SER C 835 -24.18 8.68 66.93
C SER C 835 -23.42 10.01 66.79
N LEU C 836 -22.44 10.05 65.90
CA LEU C 836 -21.73 11.30 65.60
C LEU C 836 -22.47 12.11 64.53
N ALA C 837 -22.97 11.42 63.50
CA ALA C 837 -23.66 12.03 62.39
C ALA C 837 -24.46 10.98 61.65
N VAL C 838 -25.47 11.41 60.91
CA VAL C 838 -26.19 10.53 60.00
C VAL C 838 -26.22 11.17 58.61
N VAL C 839 -25.64 10.47 57.64
CA VAL C 839 -25.68 10.92 56.25
C VAL C 839 -26.53 9.94 55.47
N THR C 840 -27.59 10.44 54.85
CA THR C 840 -28.51 9.60 54.09
C THR C 840 -28.48 9.99 52.62
N VAL C 841 -28.27 9.01 51.76
CA VAL C 841 -28.13 9.24 50.31
C VAL C 841 -29.27 8.59 49.55
N ASN C 842 -30.04 9.40 48.81
CA ASN C 842 -31.14 8.90 47.98
C ASN C 842 -30.74 8.96 46.52
N SER C 843 -30.91 7.84 45.82
CA SER C 843 -30.45 7.73 44.43
C SER C 843 -31.22 6.67 43.64
N ARG C 844 -31.07 6.71 42.32
CA ARG C 844 -31.54 5.63 41.48
C ARG C 844 -30.34 4.90 40.89
N ILE C 845 -30.32 3.59 41.06
CA ILE C 845 -29.26 2.78 40.48
C ILE C 845 -29.84 1.99 39.32
N SER C 846 -29.45 2.39 38.11
CA SER C 846 -30.06 1.94 36.86
C SER C 846 -29.02 1.99 35.75
N PRO C 847 -29.04 1.02 34.81
CA PRO C 847 -28.08 1.08 33.72
C PRO C 847 -28.52 2.00 32.59
N VAL C 848 -27.55 2.53 31.83
CA VAL C 848 -27.86 3.30 30.64
C VAL C 848 -28.71 2.46 29.67
N VAL C 849 -29.53 3.14 28.87
CA VAL C 849 -30.42 2.49 27.90
C VAL C 849 -31.76 2.07 28.49
N PHE C 850 -31.82 1.84 29.81
CA PHE C 850 -32.94 1.12 30.43
C PHE C 850 -33.81 1.87 31.43
N TYR C 851 -35.04 1.39 31.60
CA TYR C 851 -35.98 1.92 32.60
C TYR C 851 -35.72 1.33 33.98
N TYR C 852 -35.52 0.02 34.03
CA TYR C 852 -35.45 -0.70 35.29
C TYR C 852 -34.25 -0.26 36.13
N GLY C 853 -34.38 -0.35 37.44
CA GLY C 853 -33.35 0.10 38.36
C GLY C 853 -33.88 0.08 39.77
N PHE C 854 -33.06 0.54 40.71
CA PHE C 854 -33.42 0.49 42.13
C PHE C 854 -33.53 1.89 42.70
N GLU C 855 -34.68 2.19 43.31
CA GLU C 855 -34.81 3.37 44.15
C GLU C 855 -34.07 3.04 45.44
N THR C 856 -32.94 3.72 45.64
CA THR C 856 -31.99 3.31 46.65
C THR C 856 -31.84 4.33 47.76
N VAL C 857 -31.76 3.83 48.99
CA VAL C 857 -31.47 4.64 50.15
C VAL C 857 -30.28 4.03 50.87
N GLN C 858 -29.24 4.83 51.04
CA GLN C 858 -28.06 4.42 51.78
C GLN C 858 -27.90 5.30 53.01
N LYS C 859 -28.11 4.72 54.18
CA LYS C 859 -28.01 5.47 55.43
C LYS C 859 -26.71 5.13 56.14
N TYR C 860 -25.84 6.12 56.24
CA TYR C 860 -24.58 5.97 56.93
C TYR C 860 -24.73 6.55 58.33
N THR C 861 -24.78 5.69 59.33
CA THR C 861 -24.79 6.14 60.72
C THR C 861 -23.37 6.01 61.27
N ILE C 862 -22.78 7.15 61.57
CA ILE C 862 -21.36 7.25 61.89
C ILE C 862 -21.15 7.33 63.41
N PHE C 863 -20.43 6.35 63.93
CA PHE C 863 -19.96 6.34 65.33
C PHE C 863 -18.45 6.50 65.32
N ALA C 864 -17.87 6.79 66.49
CA ALA C 864 -16.43 7.01 66.62
C ALA C 864 -15.55 5.84 66.16
N ASN C 865 -16.02 4.63 66.37
CA ASN C 865 -15.24 3.44 66.04
C ASN C 865 -16.00 2.47 65.14
N LYS C 866 -17.13 2.91 64.59
CA LYS C 866 -17.98 2.05 63.77
C LYS C 866 -18.80 2.84 62.78
N ILE C 867 -19.07 2.23 61.63
CA ILE C 867 -19.98 2.81 60.65
C ILE C 867 -21.03 1.81 60.22
N ASN C 868 -22.28 2.13 60.56
CA ASN C 868 -23.43 1.33 60.20
C ASN C 868 -23.94 1.78 58.85
N LEU C 869 -24.02 0.84 57.92
CA LEU C 869 -24.47 1.11 56.57
C LEU C 869 -25.75 0.33 56.26
N ASN C 870 -26.86 1.04 56.21
CA ASN C 870 -28.13 0.43 55.87
C ASN C 870 -28.48 0.69 54.42
N THR C 871 -28.72 -0.39 53.70
CA THR C 871 -29.01 -0.29 52.27
C THR C 871 -30.41 -0.81 51.95
N SER C 872 -31.18 0.04 51.29
CA SER C 872 -32.53 -0.25 50.88
C SER C 872 -32.62 -0.07 49.36
N MET C 873 -32.96 -1.14 48.65
CA MET C 873 -32.96 -1.14 47.20
C MET C 873 -34.27 -1.64 46.59
N LYS C 874 -35.05 -0.71 46.07
CA LYS C 874 -36.40 -0.99 45.62
C LYS C 874 -36.45 -1.15 44.09
N LEU C 875 -36.73 -2.37 43.63
CA LEU C 875 -36.73 -2.67 42.19
C LEU C 875 -37.94 -2.10 41.46
N THR C 876 -37.65 -1.22 40.51
CA THR C 876 -38.67 -0.40 39.87
C THR C 876 -38.48 -0.41 38.36
N GLY C 877 -39.57 -0.31 37.63
CA GLY C 877 -39.52 -0.10 36.19
C GLY C 877 -39.81 -1.30 35.33
N GLU C 878 -40.13 -1.04 34.07
CA GLU C 878 -40.47 -2.07 33.12
C GLU C 878 -39.26 -2.67 32.43
N TYR C 879 -39.40 -3.91 31.99
CA TYR C 879 -38.39 -4.64 31.21
C TYR C 879 -37.16 -4.94 32.02
N GLN C 880 -37.35 -5.80 33.01
CA GLN C 880 -36.32 -6.13 33.96
C GLN C 880 -35.60 -7.42 33.55
N PRO C 881 -34.37 -7.61 34.04
CA PRO C 881 -33.66 -8.89 33.92
C PRO C 881 -34.28 -9.94 34.82
N PRO C 882 -34.02 -11.23 34.54
CA PRO C 882 -34.55 -12.28 35.42
C PRO C 882 -33.76 -12.37 36.72
N ASP C 883 -32.46 -12.14 36.65
CA ASP C 883 -31.54 -12.36 37.75
C ASP C 883 -30.32 -11.47 37.59
N PHE C 884 -29.52 -11.39 38.65
CA PHE C 884 -28.24 -10.66 38.64
C PHE C 884 -27.09 -11.60 38.98
N PRO C 885 -25.86 -11.24 38.56
CA PRO C 885 -24.71 -12.05 38.95
C PRO C 885 -24.37 -11.95 40.43
N ARG C 886 -24.74 -10.85 41.07
CA ARG C 886 -24.08 -10.42 42.28
C ARG C 886 -24.71 -9.10 42.68
N VAL C 887 -24.59 -8.72 43.95
CA VAL C 887 -25.00 -7.38 44.41
C VAL C 887 -24.23 -7.02 45.66
N GLY C 888 -23.53 -5.88 45.60
CA GLY C 888 -22.81 -5.39 46.77
C GLY C 888 -21.87 -4.24 46.52
N TYR C 889 -21.07 -3.93 47.53
CA TYR C 889 -20.14 -2.83 47.49
C TYR C 889 -18.74 -3.28 47.05
N GLU C 890 -17.97 -2.32 46.51
CA GLU C 890 -16.57 -2.52 46.21
C GLU C 890 -15.76 -1.42 46.89
N PHE C 891 -14.79 -1.82 47.70
CA PHE C 891 -13.97 -0.88 48.46
C PHE C 891 -12.50 -1.06 48.18
N TRP C 892 -11.79 0.04 47.94
CA TRP C 892 -10.32 0.01 47.93
C TRP C 892 -9.83 -0.12 49.37
N LEU C 893 -8.84 -0.98 49.58
CA LEU C 893 -8.23 -1.10 50.90
C LEU C 893 -7.00 -0.19 50.99
N GLY C 894 -6.78 0.39 52.17
CA GLY C 894 -5.65 1.28 52.40
C GLY C 894 -4.29 0.63 52.19
N ASP C 895 -3.25 1.46 52.03
CA ASP C 895 -1.88 0.98 51.81
C ASP C 895 -1.41 0.04 52.93
N SER C 896 -1.90 0.29 54.15
CA SER C 896 -1.64 -0.54 55.32
C SER C 896 -2.08 -2.01 55.22
N TYR C 897 -3.06 -2.30 54.37
CA TYR C 897 -3.63 -3.64 54.28
C TYR C 897 -2.55 -4.71 54.09
N GLU C 898 -2.63 -5.78 54.90
CA GLU C 898 -1.70 -6.90 54.71
C GLU C 898 -2.34 -8.27 54.54
N SER C 899 -3.41 -8.54 55.30
CA SER C 899 -4.08 -9.84 55.23
C SER C 899 -5.52 -9.81 55.77
N PHE C 900 -6.20 -10.95 55.68
CA PHE C 900 -7.54 -11.08 56.24
C PHE C 900 -7.80 -12.42 56.91
N GLU C 901 -8.89 -12.44 57.65
CA GLU C 901 -9.31 -13.61 58.41
C GLU C 901 -10.84 -13.58 58.47
N TRP C 902 -11.47 -14.74 58.39
CA TRP C 902 -12.92 -14.79 58.42
C TRP C 902 -13.50 -15.99 59.17
N LEU C 903 -14.71 -15.81 59.69
CA LEU C 903 -15.48 -16.92 60.22
C LEU C 903 -16.55 -17.23 59.20
N GLY C 904 -16.54 -18.46 58.71
CA GLY C 904 -17.45 -18.88 57.66
C GLY C 904 -16.93 -20.12 56.96
N ARG C 905 -17.19 -20.21 55.66
CA ARG C 905 -16.83 -21.40 54.91
C ARG C 905 -15.42 -21.23 54.36
N GLY C 906 -14.68 -22.33 54.35
CA GLY C 906 -13.28 -22.33 53.86
C GLY C 906 -12.67 -23.72 53.94
N PRO C 907 -11.37 -23.83 53.64
CA PRO C 907 -10.46 -22.72 53.35
C PRO C 907 -10.62 -22.09 51.97
N GLY C 908 -11.17 -22.83 51.02
CA GLY C 908 -11.28 -22.34 49.64
C GLY C 908 -12.55 -21.54 49.36
N GLU C 909 -12.78 -21.28 48.08
CA GLU C 909 -13.94 -20.49 47.64
C GLU C 909 -15.23 -21.28 47.83
N SER C 910 -16.37 -20.58 47.82
CA SER C 910 -17.68 -21.23 47.91
C SER C 910 -18.78 -20.40 47.25
N TYR C 911 -19.74 -21.10 46.65
CA TYR C 911 -20.86 -20.49 45.95
C TYR C 911 -22.16 -21.18 46.35
N PRO C 912 -23.32 -20.50 46.21
CA PRO C 912 -24.60 -21.05 46.68
C PRO C 912 -24.82 -22.54 46.40
N ASP C 913 -24.53 -22.99 45.18
CA ASP C 913 -24.69 -24.40 44.82
C ASP C 913 -23.35 -25.17 44.73
N LYS C 914 -22.33 -24.64 45.41
CA LYS C 914 -21.00 -25.25 45.42
C LYS C 914 -20.29 -24.77 46.69
N LYS C 915 -20.73 -25.27 47.84
CA LYS C 915 -20.25 -24.71 49.12
C LYS C 915 -20.04 -25.73 50.24
N GLU C 916 -20.70 -26.88 50.14
CA GLU C 916 -20.79 -27.77 51.29
C GLU C 916 -19.49 -28.49 51.67
N SER C 917 -18.56 -28.61 50.73
CA SER C 917 -17.24 -29.17 51.03
C SER C 917 -16.41 -28.21 51.88
N GLN C 918 -16.75 -26.93 51.82
CA GLN C 918 -16.06 -25.91 52.59
C GLN C 918 -16.73 -25.73 53.95
N ARG C 919 -16.24 -26.48 54.93
CA ARG C 919 -16.79 -26.51 56.28
C ARG C 919 -16.61 -25.16 56.99
N PHE C 920 -17.39 -24.95 58.04
CA PHE C 920 -17.26 -23.75 58.85
C PHE C 920 -16.04 -23.81 59.76
N GLY C 921 -15.46 -22.63 60.02
CA GLY C 921 -14.29 -22.51 60.86
C GLY C 921 -13.75 -21.11 60.75
N LEU C 922 -12.68 -20.85 61.49
CA LEU C 922 -11.98 -19.57 61.40
C LEU C 922 -10.80 -19.74 60.47
N TYR C 923 -10.77 -18.96 59.39
CA TYR C 923 -9.75 -19.10 58.37
C TYR C 923 -8.88 -17.86 58.22
N ASP C 924 -7.61 -18.10 57.89
CA ASP C 924 -6.64 -17.03 57.70
C ASP C 924 -6.14 -17.06 56.27
N SER C 925 -6.18 -15.90 55.60
CA SER C 925 -5.80 -15.81 54.19
C SER C 925 -4.38 -16.28 53.92
N LYS C 926 -3.52 -16.16 54.94
CA LYS C 926 -2.13 -16.62 54.87
C LYS C 926 -1.96 -18.12 54.76
N ASP C 927 -2.97 -18.90 55.18
CA ASP C 927 -2.92 -20.37 55.15
C ASP C 927 -3.44 -20.96 53.84
N VAL C 928 -3.92 -20.11 52.94
CA VAL C 928 -4.64 -20.58 51.77
C VAL C 928 -3.90 -20.20 50.49
N GLU C 929 -3.63 -21.19 49.64
CA GLU C 929 -3.24 -20.91 48.26
C GLU C 929 -4.52 -20.75 47.44
N GLU C 930 -4.81 -19.51 47.04
CA GLU C 930 -6.05 -19.24 46.28
C GLU C 930 -5.95 -19.81 44.87
N PHE C 931 -7.03 -20.46 44.45
CA PHE C 931 -7.00 -21.22 43.21
C PHE C 931 -6.95 -20.33 41.97
N VAL C 932 -6.03 -20.69 41.07
CA VAL C 932 -5.89 -20.04 39.76
C VAL C 932 -6.54 -20.88 38.65
N TYR C 933 -7.61 -20.38 38.07
CA TYR C 933 -8.29 -21.08 36.96
C TYR C 933 -7.47 -21.01 35.68
N ASP C 934 -7.46 -22.11 34.94
CA ASP C 934 -6.77 -22.15 33.63
C ASP C 934 -7.41 -21.16 32.66
N TYR C 935 -8.73 -21.00 32.76
CA TYR C 935 -9.47 -19.97 32.04
C TYR C 935 -9.99 -18.96 33.07
N PRO C 936 -9.50 -17.70 32.99
CA PRO C 936 -9.88 -16.70 34.00
C PRO C 936 -11.38 -16.45 34.02
N GLN C 937 -11.96 -16.42 35.22
CA GLN C 937 -13.39 -16.22 35.43
C GLN C 937 -13.69 -15.97 36.90
N GLU C 938 -14.97 -15.71 37.22
CA GLU C 938 -15.41 -15.53 38.59
C GLU C 938 -14.77 -16.57 39.53
N ASN C 939 -14.12 -16.08 40.58
CA ASN C 939 -13.39 -16.92 41.53
C ASN C 939 -13.27 -16.21 42.87
N GLY C 940 -12.99 -16.97 43.92
CA GLY C 940 -12.52 -16.42 45.18
C GLY C 940 -13.59 -15.89 46.12
N ASN C 941 -14.85 -16.15 45.80
CA ASN C 941 -15.94 -15.76 46.67
C ASN C 941 -15.99 -16.69 47.87
N HIS C 942 -16.40 -16.13 49.01
CA HIS C 942 -16.64 -16.92 50.20
C HIS C 942 -18.07 -16.69 50.64
N THR C 943 -18.89 -17.74 50.57
CA THR C 943 -20.30 -17.63 50.91
C THR C 943 -20.54 -18.05 52.35
N ASP C 944 -21.70 -17.67 52.88
CA ASP C 944 -22.08 -17.93 54.27
C ASP C 944 -21.02 -17.42 55.26
N THR C 945 -20.56 -16.19 55.03
CA THR C 945 -19.57 -15.57 55.89
C THR C 945 -20.23 -14.90 57.09
N HIS C 946 -19.84 -15.33 58.28
CA HIS C 946 -20.35 -14.77 59.52
C HIS C 946 -19.76 -13.42 59.82
N PHE C 947 -18.43 -13.33 59.86
CA PHE C 947 -17.72 -12.06 59.94
C PHE C 947 -16.37 -12.09 59.24
N LEU C 948 -15.89 -10.91 58.87
CA LEU C 948 -14.64 -10.76 58.15
C LEU C 948 -13.76 -9.74 58.85
N ASN C 949 -12.53 -10.14 59.20
CA ASN C 949 -11.55 -9.24 59.79
C ASN C 949 -10.48 -8.87 58.79
N ILE C 950 -10.33 -7.59 58.51
CA ILE C 950 -9.29 -7.13 57.61
C ILE C 950 -8.16 -6.50 58.43
N LYS C 951 -6.97 -7.08 58.33
CA LYS C 951 -5.82 -6.64 59.13
C LYS C 951 -4.99 -5.59 58.41
N PHE C 952 -4.79 -4.46 59.07
CA PHE C 952 -3.95 -3.39 58.57
C PHE C 952 -2.71 -3.35 59.43
N GLU C 953 -1.54 -3.29 58.79
CA GLU C 953 -0.27 -3.23 59.49
C GLU C 953 -0.25 -2.06 60.47
N GLY C 954 0.13 -2.34 61.71
CA GLY C 954 0.31 -1.34 62.74
C GLY C 954 -0.97 -0.67 63.24
N ALA C 955 -2.12 -1.17 62.82
CA ALA C 955 -3.38 -0.54 63.19
C ALA C 955 -4.51 -1.52 63.54
N GLY C 956 -4.16 -2.79 63.68
CA GLY C 956 -5.13 -3.81 64.05
C GLY C 956 -6.07 -4.20 62.91
N LYS C 957 -7.34 -4.42 63.25
CA LYS C 957 -8.31 -4.99 62.31
C LYS C 957 -9.55 -4.12 62.11
N LEU C 958 -10.15 -4.27 60.93
CA LEU C 958 -11.50 -3.80 60.67
C LEU C 958 -12.40 -5.02 60.57
N SER C 959 -13.39 -5.10 61.45
CA SER C 959 -14.34 -6.21 61.46
C SER C 959 -15.59 -5.82 60.70
N ILE C 960 -16.07 -6.74 59.86
CA ILE C 960 -17.22 -6.49 59.02
C ILE C 960 -18.21 -7.63 59.17
N PHE C 961 -19.46 -7.27 59.44
CA PHE C 961 -20.53 -8.27 59.56
C PHE C 961 -21.86 -7.73 59.07
N GLN C 962 -22.63 -8.61 58.45
CA GLN C 962 -23.98 -8.29 57.99
C GLN C 962 -25.00 -8.70 59.04
N LYS C 963 -26.02 -7.89 59.20
CA LYS C 963 -27.02 -8.13 60.22
C LYS C 963 -27.98 -9.25 59.82
N GLU C 964 -28.16 -10.19 60.73
CA GLU C 964 -29.15 -11.28 60.63
C GLU C 964 -28.98 -12.35 59.54
N LYS C 965 -28.03 -12.14 58.63
CA LYS C 965 -27.73 -13.14 57.61
C LYS C 965 -26.24 -13.17 57.33
N PRO C 966 -25.71 -14.37 57.02
CA PRO C 966 -24.33 -14.42 56.55
C PRO C 966 -24.21 -13.78 55.18
N PHE C 967 -23.01 -13.32 54.82
CA PHE C 967 -22.81 -12.59 53.58
C PHE C 967 -21.76 -13.24 52.68
N ASN C 968 -21.45 -12.59 51.56
CA ASN C 968 -20.44 -13.04 50.61
C ASN C 968 -19.33 -12.01 50.47
N PHE C 969 -18.10 -12.48 50.28
CA PHE C 969 -16.97 -11.56 50.08
C PHE C 969 -15.83 -12.13 49.22
N LYS C 970 -15.10 -11.22 48.60
CA LYS C 970 -13.90 -11.53 47.83
C LYS C 970 -12.86 -10.42 48.06
N ILE C 971 -11.63 -10.81 48.39
CA ILE C 971 -10.55 -9.83 48.50
C ILE C 971 -9.47 -10.18 47.50
N SER C 972 -9.22 -9.25 46.59
CA SER C 972 -8.28 -9.49 45.53
C SER C 972 -7.63 -8.24 44.97
N ASP C 973 -6.94 -8.46 43.86
CA ASP C 973 -5.89 -7.67 43.34
C ASP C 973 -6.20 -7.40 41.87
N GLU C 974 -7.10 -8.22 41.34
CA GLU C 974 -7.19 -8.53 39.93
C GLU C 974 -8.29 -7.77 39.18
N TYR C 975 -8.05 -7.57 37.88
CA TYR C 975 -9.08 -7.08 36.96
C TYR C 975 -8.71 -7.50 35.55
N GLY C 976 -9.55 -7.12 34.59
CA GLY C 976 -9.40 -7.56 33.21
C GLY C 976 -9.62 -9.05 33.10
N VAL C 977 -10.42 -9.59 34.02
CA VAL C 977 -10.65 -11.04 34.11
C VAL C 977 -11.56 -11.51 32.99
N ASP C 978 -12.57 -10.70 32.64
CA ASP C 978 -13.51 -11.04 31.56
C ASP C 978 -12.79 -11.37 30.27
N GLU C 979 -11.79 -10.57 29.92
CA GLU C 979 -11.19 -10.65 28.60
C GLU C 979 -9.80 -11.30 28.58
N ALA C 980 -9.27 -11.65 29.75
CA ALA C 980 -8.02 -12.42 29.83
C ALA C 980 -8.22 -13.86 29.34
N ALA C 981 -7.46 -14.24 28.34
CA ALA C 981 -7.57 -15.57 27.76
C ALA C 981 -6.93 -16.66 28.64
N HIS C 982 -5.89 -16.30 29.37
CA HIS C 982 -5.14 -17.23 30.23
C HIS C 982 -4.73 -16.57 31.55
N ALA C 983 -4.34 -17.37 32.54
CA ALA C 983 -4.00 -16.84 33.87
C ALA C 983 -3.00 -15.69 33.82
N CYS C 984 -2.06 -15.76 32.87
CA CYS C 984 -1.01 -14.75 32.73
C CYS C 984 -1.51 -13.45 32.10
N ASP C 985 -2.75 -13.45 31.61
CA ASP C 985 -3.35 -12.27 30.97
C ASP C 985 -4.12 -11.42 31.96
N VAL C 986 -4.21 -11.90 33.21
CA VAL C 986 -4.94 -11.20 34.27
C VAL C 986 -4.15 -10.00 34.76
N LYS C 987 -4.79 -8.84 34.78
CA LYS C 987 -4.15 -7.59 35.19
C LYS C 987 -4.22 -7.44 36.70
N ARG C 988 -3.33 -6.61 37.25
CA ARG C 988 -3.31 -6.40 38.69
C ARG C 988 -3.13 -4.94 39.13
N TYR C 989 -4.04 -4.47 39.98
CA TYR C 989 -3.95 -3.12 40.56
C TYR C 989 -2.76 -3.00 41.51
N GLY C 990 -2.38 -1.77 41.84
CA GLY C 990 -1.35 -1.52 42.85
C GLY C 990 -1.82 -1.61 44.29
N ARG C 991 -3.10 -1.96 44.49
CA ARG C 991 -3.73 -2.10 45.81
C ARG C 991 -4.82 -3.16 45.74
N HIS C 992 -5.22 -3.68 46.91
CA HIS C 992 -6.31 -4.64 46.99
C HIS C 992 -7.67 -3.98 47.16
N TYR C 993 -8.73 -4.71 46.80
CA TYR C 993 -10.08 -4.24 47.02
C TYR C 993 -10.86 -5.29 47.79
N LEU C 994 -11.93 -4.85 48.45
CA LEU C 994 -12.90 -5.76 48.99
C LEU C 994 -14.19 -5.69 48.18
N ARG C 995 -14.62 -6.85 47.68
CA ARG C 995 -15.94 -7.00 47.11
C ARG C 995 -16.85 -7.54 48.21
N LEU C 996 -17.72 -6.68 48.74
CA LEU C 996 -18.59 -7.01 49.86
C LEU C 996 -20.03 -7.19 49.40
N ASP C 997 -20.51 -8.43 49.40
CA ASP C 997 -21.76 -8.78 48.72
C ASP C 997 -22.88 -9.28 49.61
N HIS C 998 -24.07 -8.73 49.40
CA HIS C 998 -25.26 -9.23 50.05
C HIS C 998 -25.62 -10.60 49.53
N ALA C 999 -25.53 -10.77 48.21
CA ALA C 999 -25.94 -12.02 47.56
C ALA C 999 -25.16 -12.28 46.27
N ILE C 1000 -25.16 -13.54 45.82
CA ILE C 1000 -24.46 -13.93 44.61
C ILE C 1000 -25.20 -15.04 43.88
N HIS C 1001 -25.17 -15.00 42.54
CA HIS C 1001 -25.82 -16.00 41.69
C HIS C 1001 -25.09 -17.32 41.82
N GLY C 1002 -25.84 -18.42 41.76
CA GLY C 1002 -25.24 -19.74 41.80
C GLY C 1002 -24.38 -19.99 40.58
N VAL C 1003 -23.88 -21.21 40.46
CA VAL C 1003 -22.89 -21.53 39.46
C VAL C 1003 -23.37 -22.55 38.42
N GLY C 1004 -24.10 -23.56 38.86
CA GLY C 1004 -24.73 -24.54 37.96
C GLY C 1004 -23.78 -25.34 37.09
N SER C 1005 -24.29 -25.82 35.96
CA SER C 1005 -23.47 -26.54 34.99
C SER C 1005 -23.98 -26.33 33.55
N GLU C 1006 -24.41 -25.11 33.25
CA GLU C 1006 -25.11 -24.82 31.99
C GLU C 1006 -24.25 -24.80 30.72
N ALA C 1007 -22.91 -24.76 30.88
CA ALA C 1007 -22.04 -24.88 29.71
C ALA C 1007 -22.35 -26.19 28.98
N CYS C 1008 -22.74 -27.21 29.74
CA CYS C 1008 -23.26 -28.46 29.19
C CYS C 1008 -24.03 -29.22 30.27
N GLY C 1009 -25.31 -28.90 30.39
CA GLY C 1009 -26.16 -29.47 31.44
C GLY C 1009 -27.14 -28.44 31.96
N PRO C 1010 -27.77 -28.72 33.11
CA PRO C 1010 -28.84 -27.84 33.62
C PRO C 1010 -28.37 -26.45 34.06
N ALA C 1011 -29.25 -25.49 33.86
CA ALA C 1011 -29.09 -24.13 34.40
C ALA C 1011 -29.00 -24.18 35.92
N VAL C 1012 -28.41 -23.14 36.52
CA VAL C 1012 -28.44 -22.96 37.96
C VAL C 1012 -29.86 -23.20 38.46
N LEU C 1013 -30.01 -24.09 39.43
CA LEU C 1013 -31.33 -24.41 39.97
C LEU C 1013 -31.99 -23.20 40.62
N ASP C 1014 -33.32 -23.20 40.58
CA ASP C 1014 -34.13 -22.10 41.06
C ASP C 1014 -33.71 -21.51 42.41
N GLN C 1015 -33.56 -22.37 43.42
CA GLN C 1015 -33.24 -21.92 44.78
C GLN C 1015 -31.84 -21.31 44.91
N TYR C 1016 -31.04 -21.38 43.85
CA TYR C 1016 -29.70 -20.83 43.89
C TYR C 1016 -29.53 -19.64 42.96
N ARG C 1017 -30.59 -19.30 42.23
CA ARG C 1017 -30.57 -18.15 41.33
C ARG C 1017 -30.76 -16.87 42.12
N LEU C 1018 -29.99 -15.84 41.77
CA LEU C 1018 -30.17 -14.53 42.37
C LEU C 1018 -31.25 -13.77 41.60
N LYS C 1019 -32.50 -14.11 41.89
CA LYS C 1019 -33.66 -13.52 41.22
C LYS C 1019 -33.75 -12.01 41.44
N ALA C 1020 -34.20 -11.31 40.40
CA ALA C 1020 -34.51 -9.88 40.49
C ALA C 1020 -35.60 -9.64 41.53
N GLN C 1021 -35.29 -8.76 42.50
CA GLN C 1021 -36.14 -8.51 43.66
C GLN C 1021 -35.60 -7.29 44.41
N ASP C 1022 -36.35 -6.81 45.40
CA ASP C 1022 -35.86 -5.77 46.29
C ASP C 1022 -34.69 -6.30 47.11
N PHE C 1023 -33.74 -5.43 47.43
CA PHE C 1023 -32.66 -5.80 48.34
C PHE C 1023 -32.62 -4.90 49.56
N ASN C 1024 -32.60 -5.51 50.73
CA ASN C 1024 -32.47 -4.80 51.98
C ASN C 1024 -31.45 -5.52 52.86
N PHE C 1025 -30.39 -4.81 53.24
CA PHE C 1025 -29.33 -5.38 54.05
C PHE C 1025 -28.54 -4.30 54.78
N GLU C 1026 -28.06 -4.67 55.98
CA GLU C 1026 -27.35 -3.76 56.87
C GLU C 1026 -25.97 -4.33 57.21
N PHE C 1027 -24.94 -3.50 57.03
CA PHE C 1027 -23.56 -3.87 57.36
C PHE C 1027 -22.99 -2.98 58.45
N ASP C 1028 -22.09 -3.54 59.26
CA ASP C 1028 -21.33 -2.77 60.22
C ASP C 1028 -19.86 -2.82 59.86
N LEU C 1029 -19.23 -1.65 59.85
CA LEU C 1029 -17.80 -1.55 59.66
C LEU C 1029 -17.20 -1.16 61.00
N ALA C 1030 -16.76 -2.17 61.74
CA ALA C 1030 -16.29 -1.99 63.10
C ALA C 1030 -14.77 -1.87 63.13
N PHE C 1031 -14.27 -0.75 63.63
CA PHE C 1031 -12.82 -0.51 63.66
C PHE C 1031 -12.26 -0.71 65.07
N GLU C 1032 -11.26 -1.59 65.20
CA GLU C 1032 -10.62 -1.94 66.47
C GLU C 1032 -9.99 -0.73 67.19
N SER D 9 -35.83 15.68 43.66
CA SER D 9 -34.38 15.55 43.35
C SER D 9 -33.70 16.92 43.43
N CYS D 10 -33.13 17.23 44.59
CA CYS D 10 -32.45 18.50 44.76
C CYS D 10 -30.98 18.50 44.29
N LEU D 11 -30.46 17.36 43.85
CA LEU D 11 -29.10 17.30 43.27
C LEU D 11 -29.11 17.48 41.76
N ILE D 12 -30.31 17.58 41.20
CA ILE D 12 -30.52 17.92 39.80
C ILE D 12 -31.37 19.18 39.78
N PRO D 13 -30.86 20.27 39.19
CA PRO D 13 -31.62 21.52 39.08
C PRO D 13 -32.99 21.30 38.47
N GLU D 14 -33.96 22.08 38.94
CA GLU D 14 -35.36 21.93 38.57
C GLU D 14 -35.63 22.07 37.06
N ASN D 15 -34.90 22.98 36.40
CA ASN D 15 -35.16 23.28 34.98
C ASN D 15 -34.61 22.24 34.01
N LEU D 16 -33.75 21.36 34.49
CA LEU D 16 -33.22 20.28 33.67
C LEU D 16 -34.07 19.01 33.78
N ARG D 17 -35.10 19.06 34.64
CA ARG D 17 -35.99 17.93 34.83
C ARG D 17 -37.45 18.37 34.84
N ASN D 18 -37.74 19.41 34.07
CA ASN D 18 -39.09 19.91 33.89
C ASN D 18 -39.41 19.99 32.41
N PRO D 19 -40.22 19.03 31.91
CA PRO D 19 -40.61 18.99 30.50
C PRO D 19 -41.38 20.23 30.04
N LYS D 20 -42.00 20.93 30.98
CA LYS D 20 -42.80 22.11 30.65
C LYS D 20 -41.94 23.37 30.56
N LYS D 21 -40.79 23.37 31.23
CA LYS D 21 -39.82 24.48 31.15
C LYS D 21 -39.09 24.45 29.82
N VAL D 22 -39.82 24.74 28.76
CA VAL D 22 -39.31 24.78 27.41
C VAL D 22 -38.37 25.98 27.19
N HIS D 23 -38.66 27.08 27.87
CA HIS D 23 -37.83 28.27 27.86
C HIS D 23 -38.24 29.17 29.01
N GLU D 24 -37.43 30.17 29.29
CA GLU D 24 -37.86 31.28 30.14
C GLU D 24 -37.43 32.58 29.48
N ASN D 25 -38.41 33.44 29.22
CA ASN D 25 -38.20 34.76 28.59
C ASN D 25 -37.77 34.77 27.11
N ARG D 26 -37.88 33.65 26.42
CA ARG D 26 -37.61 33.63 24.98
C ARG D 26 -38.69 34.42 24.25
N LEU D 27 -38.28 35.24 23.31
CA LEU D 27 -39.22 35.96 22.47
C LEU D 27 -40.01 34.98 21.58
N PRO D 28 -41.22 35.38 21.14
CA PRO D 28 -41.97 34.54 20.22
C PRO D 28 -41.20 34.34 18.92
N THR D 29 -41.28 33.13 18.36
CA THR D 29 -40.63 32.81 17.10
C THR D 29 -41.21 33.68 15.99
N ARG D 30 -40.32 34.18 15.13
CA ARG D 30 -40.70 34.98 13.98
C ARG D 30 -39.99 34.46 12.72
N ALA D 31 -40.45 34.88 11.55
CA ALA D 31 -39.80 34.50 10.29
C ALA D 31 -38.36 35.01 10.29
N TYR D 32 -37.43 34.15 9.89
CA TYR D 32 -36.01 34.50 9.89
C TYR D 32 -35.62 35.32 8.65
N TYR D 33 -34.99 36.46 8.91
CA TYR D 33 -34.34 37.24 7.86
C TYR D 33 -33.01 37.71 8.39
N TYR D 34 -31.94 37.40 7.67
CA TYR D 34 -30.63 37.96 8.00
C TYR D 34 -30.48 39.38 7.45
N ASP D 35 -30.10 40.30 8.33
CA ASP D 35 -29.87 41.68 7.94
C ASP D 35 -28.54 42.15 8.50
N GLN D 36 -27.61 42.47 7.60
CA GLN D 36 -26.25 42.87 7.96
C GLN D 36 -26.22 44.06 8.91
N ASP D 37 -27.13 45.01 8.72
CA ASP D 37 -27.22 46.23 9.54
C ASP D 37 -27.77 45.96 10.93
N ILE D 38 -28.52 44.86 11.07
CA ILE D 38 -29.10 44.49 12.36
C ILE D 38 -28.26 43.44 13.09
N PHE D 39 -27.77 42.44 12.35
CA PHE D 39 -27.00 41.32 12.92
C PHE D 39 -25.53 41.67 13.11
N GLU D 40 -25.04 41.45 14.31
CA GLU D 40 -23.66 41.68 14.66
C GLU D 40 -23.13 40.37 15.27
N SER D 41 -22.15 39.76 14.63
CA SER D 41 -21.66 38.45 15.05
C SER D 41 -20.91 38.49 16.37
N LEU D 42 -21.21 37.53 17.24
CA LEU D 42 -20.46 37.36 18.48
C LEU D 42 -19.65 36.07 18.46
N ASN D 43 -19.48 35.52 17.25
CA ASN D 43 -18.66 34.34 17.04
C ASN D 43 -17.21 34.66 17.34
N GLY D 44 -16.42 33.64 17.65
CA GLY D 44 -15.00 33.82 17.94
C GLY D 44 -14.64 33.16 19.25
N PRO D 45 -13.50 33.57 19.84
CA PRO D 45 -13.06 32.94 21.08
C PRO D 45 -13.81 33.46 22.31
N TRP D 46 -14.36 32.53 23.08
CA TRP D 46 -15.01 32.83 24.35
C TRP D 46 -14.26 32.15 25.48
N ALA D 47 -14.23 32.78 26.65
CA ALA D 47 -13.78 32.12 27.87
C ALA D 47 -14.69 30.92 28.13
N PHE D 48 -14.09 29.78 28.48
CA PHE D 48 -14.84 28.55 28.64
C PHE D 48 -14.25 27.66 29.72
N ALA D 49 -15.13 27.11 30.56
CA ALA D 49 -14.74 26.10 31.54
C ALA D 49 -15.79 24.99 31.59
N LEU D 50 -15.33 23.74 31.71
CA LEU D 50 -16.22 22.59 31.80
C LEU D 50 -16.25 22.04 33.21
N PHE D 51 -17.45 21.72 33.68
CA PHE D 51 -17.65 21.22 35.04
C PHE D 51 -18.39 19.88 35.03
N ASP D 52 -18.12 19.05 36.04
CA ASP D 52 -18.70 17.71 36.14
C ASP D 52 -20.23 17.69 36.15
N ALA D 53 -20.82 18.68 36.81
CA ALA D 53 -22.26 18.79 36.97
C ALA D 53 -22.62 20.22 37.36
N PRO D 54 -23.90 20.61 37.20
CA PRO D 54 -24.35 21.97 37.54
C PRO D 54 -23.83 22.51 38.88
N LEU D 55 -23.79 21.68 39.91
CA LEU D 55 -23.41 22.13 41.26
C LEU D 55 -21.94 22.57 41.39
N ASP D 56 -21.10 22.21 40.42
CA ASP D 56 -19.69 22.60 40.43
C ASP D 56 -19.48 23.88 39.64
N ALA D 57 -20.45 24.25 38.83
CA ALA D 57 -20.36 25.48 38.05
C ALA D 57 -20.56 26.71 38.94
N PRO D 58 -19.86 27.81 38.62
CA PRO D 58 -20.03 29.02 39.43
C PRO D 58 -21.43 29.62 39.30
N ASP D 59 -21.83 30.41 40.29
CA ASP D 59 -23.03 31.22 40.21
C ASP D 59 -22.74 32.37 39.24
N ALA D 60 -23.48 32.39 38.13
CA ALA D 60 -23.26 33.39 37.08
C ALA D 60 -23.68 34.81 37.49
N LYS D 61 -24.48 34.90 38.55
CA LYS D 61 -24.84 36.19 39.12
C LYS D 61 -23.64 36.84 39.84
N ASN D 62 -22.59 36.06 40.07
CA ASN D 62 -21.38 36.55 40.74
C ASN D 62 -20.09 36.40 39.94
N LEU D 63 -20.21 35.97 38.68
CA LEU D 63 -19.03 35.79 37.85
C LEU D 63 -18.59 37.11 37.20
N ASP D 64 -17.40 37.57 37.60
CA ASP D 64 -16.72 38.72 36.99
C ASP D 64 -16.16 38.34 35.64
N TRP D 65 -15.96 39.33 34.77
CA TRP D 65 -15.12 39.15 33.60
C TRP D 65 -13.66 39.00 34.03
N GLU D 66 -13.30 39.65 35.14
CA GLU D 66 -11.96 39.57 35.71
C GLU D 66 -11.61 38.14 36.12
N THR D 67 -12.63 37.37 36.54
CA THR D 67 -12.47 35.95 36.86
C THR D 67 -12.45 35.07 35.60
N ALA D 68 -13.41 35.29 34.70
CA ALA D 68 -13.55 34.50 33.48
C ALA D 68 -12.40 34.72 32.48
N LYS D 69 -11.83 35.93 32.49
CA LYS D 69 -10.65 36.25 31.69
C LYS D 69 -9.55 35.20 31.79
N LYS D 70 -9.45 34.57 32.95
CA LYS D 70 -8.35 33.67 33.26
C LYS D 70 -8.55 32.26 32.72
N TRP D 71 -9.75 31.95 32.26
CA TRP D 71 -10.03 30.63 31.70
C TRP D 71 -9.43 30.44 30.31
N SER D 72 -9.28 29.18 29.90
CA SER D 72 -8.99 28.85 28.51
C SER D 72 -10.12 29.34 27.62
N THR D 73 -9.85 29.45 26.32
CA THR D 73 -10.87 29.86 25.38
C THR D 73 -11.32 28.71 24.50
N ILE D 74 -12.55 28.79 24.02
CA ILE D 74 -13.07 27.86 23.03
C ILE D 74 -13.68 28.73 21.92
N SER D 75 -13.70 28.24 20.69
CA SER D 75 -14.22 29.08 19.62
C SER D 75 -15.69 28.76 19.34
N VAL D 76 -16.48 29.82 19.26
CA VAL D 76 -17.91 29.72 18.95
C VAL D 76 -18.11 30.12 17.49
N PRO D 77 -18.78 29.26 16.69
CA PRO D 77 -19.43 28.02 17.11
C PRO D 77 -18.55 26.77 16.97
N SER D 78 -18.75 25.82 17.88
CA SER D 78 -18.13 24.49 17.81
C SER D 78 -18.68 23.59 18.90
N HIS D 79 -18.62 22.28 18.67
CA HIS D 79 -18.96 21.30 19.70
C HIS D 79 -17.77 21.12 20.60
N TRP D 80 -18.01 20.86 21.88
CA TRP D 80 -16.90 20.71 22.77
C TRP D 80 -16.27 19.31 22.78
N GLU D 81 -16.93 18.36 22.12
CA GLU D 81 -16.35 17.02 21.91
C GLU D 81 -15.51 16.95 20.64
N LEU D 82 -15.30 18.09 19.98
CA LEU D 82 -14.51 18.14 18.75
C LEU D 82 -13.40 19.19 18.79
N GLN D 83 -12.63 19.16 19.87
CA GLN D 83 -11.54 20.12 20.08
C GLN D 83 -10.18 19.46 19.88
N GLU D 84 -9.17 20.28 19.58
CA GLU D 84 -7.77 19.84 19.58
C GLU D 84 -7.50 18.91 20.75
N ASP D 85 -6.97 17.72 20.44
CA ASP D 85 -6.58 16.72 21.44
C ASP D 85 -7.73 16.19 22.31
N TRP D 86 -8.96 16.30 21.81
CA TRP D 86 -10.15 15.77 22.51
C TRP D 86 -10.20 16.30 23.94
N LYS D 87 -9.90 17.58 24.08
CA LYS D 87 -9.71 18.23 25.37
C LYS D 87 -10.91 18.10 26.30
N TYR D 88 -12.11 18.16 25.72
CA TYR D 88 -13.34 18.14 26.51
C TYR D 88 -14.19 16.91 26.20
N GLY D 89 -13.52 15.81 25.90
CA GLY D 89 -14.21 14.56 25.62
C GLY D 89 -14.26 14.20 24.15
N LYS D 90 -14.87 13.06 23.87
CA LYS D 90 -15.02 12.56 22.52
C LYS D 90 -16.51 12.35 22.17
N PRO D 91 -16.85 12.36 20.87
CA PRO D 91 -18.22 12.10 20.42
C PRO D 91 -18.72 10.72 20.82
N ILE D 92 -20.03 10.59 21.01
CA ILE D 92 -20.66 9.31 21.31
C ILE D 92 -21.70 9.02 20.22
N TYR D 93 -21.61 7.83 19.62
CA TYR D 93 -22.60 7.41 18.65
C TYR D 93 -23.57 6.38 19.23
N THR D 94 -24.85 6.74 19.30
CA THR D 94 -25.87 5.71 19.46
C THR D 94 -26.92 5.89 18.37
N ASN D 95 -27.51 4.77 17.96
CA ASN D 95 -28.56 4.79 16.98
C ASN D 95 -29.94 4.90 17.64
N VAL D 96 -30.42 3.79 18.22
CA VAL D 96 -31.72 3.74 18.89
C VAL D 96 -31.55 4.01 20.38
N GLN D 97 -30.73 3.19 21.03
CA GLN D 97 -30.55 3.23 22.48
C GLN D 97 -30.17 4.61 23.03
N TYR D 98 -30.82 5.00 24.13
CA TYR D 98 -30.39 6.18 24.88
C TYR D 98 -29.04 5.90 25.53
N PRO D 99 -28.14 6.91 25.57
CA PRO D 99 -26.86 6.76 26.24
C PRO D 99 -26.96 7.08 27.74
N ILE D 100 -28.17 7.31 28.22
CA ILE D 100 -28.42 7.58 29.64
C ILE D 100 -29.41 6.52 30.13
N PRO D 101 -29.57 6.38 31.46
CA PRO D 101 -30.67 5.54 31.96
C PRO D 101 -32.00 6.24 31.70
N ILE D 102 -33.07 5.48 31.48
CA ILE D 102 -34.40 6.07 31.29
C ILE D 102 -35.11 6.21 32.62
N ASP D 103 -35.21 7.45 33.09
CA ASP D 103 -35.94 7.80 34.32
C ASP D 103 -36.68 9.12 34.09
N ILE D 104 -37.60 9.10 33.14
CA ILE D 104 -38.33 10.30 32.69
C ILE D 104 -38.98 11.02 33.88
N PRO D 105 -38.71 12.34 34.03
CA PRO D 105 -37.95 13.19 33.11
C PRO D 105 -36.55 13.56 33.57
N ASN D 106 -35.98 12.78 34.49
CA ASN D 106 -34.65 13.10 35.03
C ASN D 106 -33.51 12.82 34.05
N PRO D 107 -32.59 13.77 33.90
CA PRO D 107 -31.30 13.54 33.28
C PRO D 107 -30.35 12.89 34.28
N PRO D 108 -29.18 12.42 33.86
CA PRO D 108 -28.26 11.91 34.86
C PRO D 108 -27.79 13.02 35.79
N THR D 109 -27.43 12.65 37.02
CA THR D 109 -26.94 13.62 37.98
C THR D 109 -25.59 14.20 37.55
N VAL D 110 -24.68 13.34 37.13
CA VAL D 110 -23.42 13.79 36.54
C VAL D 110 -23.73 14.22 35.12
N ASN D 111 -23.74 15.54 34.92
CA ASN D 111 -24.26 16.17 33.72
C ASN D 111 -23.29 17.27 33.31
N PRO D 112 -22.41 16.97 32.33
CA PRO D 112 -21.39 17.92 31.88
C PRO D 112 -21.98 19.31 31.63
N THR D 113 -21.39 20.30 32.30
CA THR D 113 -21.88 21.67 32.27
C THR D 113 -20.78 22.60 31.81
N GLY D 114 -21.01 23.28 30.69
CA GLY D 114 -20.02 24.18 30.12
C GLY D 114 -20.43 25.62 30.28
N VAL D 115 -19.55 26.42 30.87
CA VAL D 115 -19.84 27.84 31.07
C VAL D 115 -19.03 28.68 30.09
N TYR D 116 -19.75 29.43 29.24
CA TYR D 116 -19.15 30.32 28.25
C TYR D 116 -19.22 31.74 28.75
N ALA D 117 -18.21 32.54 28.43
CA ALA D 117 -18.23 33.97 28.76
C ALA D 117 -17.43 34.80 27.77
N ARG D 118 -18.00 35.95 27.39
CA ARG D 118 -17.28 36.93 26.59
C ARG D 118 -17.89 38.31 26.84
N THR D 119 -17.23 39.34 26.33
CA THR D 119 -17.73 40.71 26.46
C THR D 119 -18.00 41.34 25.10
N PHE D 120 -18.79 42.41 25.10
CA PHE D 120 -18.96 43.26 23.92
C PHE D 120 -19.17 44.72 24.31
N GLU D 121 -18.81 45.63 23.40
CA GLU D 121 -18.83 47.07 23.66
C GLU D 121 -20.16 47.70 23.25
N LEU D 122 -20.65 48.62 24.09
CA LEU D 122 -21.84 49.39 23.73
C LEU D 122 -21.67 50.89 23.90
N ASP D 123 -22.09 51.59 22.85
CA ASP D 123 -22.00 53.05 22.74
C ASP D 123 -23.06 53.75 23.56
N SER D 124 -22.84 55.04 23.79
CA SER D 124 -23.88 55.91 24.35
C SER D 124 -25.08 56.01 23.39
N LYS D 125 -24.80 56.25 22.11
CA LYS D 125 -25.83 56.36 21.07
C LYS D 125 -26.56 55.04 20.83
N SER D 126 -25.84 53.93 20.95
CA SER D 126 -26.39 52.60 20.67
C SER D 126 -27.62 52.27 21.52
N ILE D 127 -27.52 52.48 22.84
CA ILE D 127 -28.60 52.13 23.76
C ILE D 127 -29.82 53.01 23.52
N GLU D 128 -29.56 54.25 23.07
CA GLU D 128 -30.60 55.21 22.76
C GLU D 128 -31.28 54.90 21.43
N SER D 129 -30.49 54.48 20.44
CA SER D 129 -31.00 54.26 19.08
C SER D 129 -31.68 52.91 18.86
N PHE D 130 -31.27 51.89 19.60
CA PHE D 130 -31.66 50.51 19.27
C PHE D 130 -32.27 49.68 20.41
N GLU D 131 -33.08 48.70 20.01
CA GLU D 131 -33.49 47.60 20.86
C GLU D 131 -32.47 46.47 20.71
N HIS D 132 -31.93 46.00 21.83
CA HIS D 132 -30.85 45.02 21.80
C HIS D 132 -31.34 43.62 22.16
N ARG D 133 -31.03 42.66 21.30
CA ARG D 133 -31.35 41.25 21.52
C ARG D 133 -30.13 40.37 21.33
N LEU D 134 -30.17 39.18 21.95
CA LEU D 134 -29.24 38.11 21.63
C LEU D 134 -29.99 36.98 20.92
N ARG D 135 -29.45 36.54 19.78
CA ARG D 135 -30.02 35.43 19.02
C ARG D 135 -29.02 34.29 18.91
N PHE D 136 -29.44 33.12 19.41
CA PHE D 136 -28.62 31.92 19.39
C PHE D 136 -29.23 30.97 18.37
N GLU D 137 -28.46 30.62 17.34
CA GLU D 137 -28.98 29.79 16.26
C GLU D 137 -29.12 28.31 16.63
N GLY D 138 -28.35 27.88 17.63
CA GLY D 138 -28.37 26.49 18.08
C GLY D 138 -27.39 26.21 19.21
N VAL D 139 -27.91 25.63 20.29
CA VAL D 139 -27.14 25.23 21.47
C VAL D 139 -27.67 23.90 22.01
N ASP D 140 -26.76 22.95 22.23
CA ASP D 140 -27.09 21.56 22.58
C ASP D 140 -26.50 21.26 23.99
N ASN D 141 -27.32 20.87 24.98
CA ASN D 141 -28.75 20.52 24.87
C ASN D 141 -29.67 21.68 25.24
N CYS D 142 -29.24 22.46 26.23
CA CYS D 142 -30.02 23.60 26.72
C CYS D 142 -29.13 24.52 27.54
N TYR D 143 -29.64 25.71 27.86
CA TYR D 143 -28.80 26.73 28.48
C TYR D 143 -29.57 27.80 29.25
N GLU D 144 -28.92 28.35 30.27
CA GLU D 144 -29.38 29.60 30.85
C GLU D 144 -28.45 30.75 30.47
N LEU D 145 -29.02 31.95 30.35
CA LEU D 145 -28.32 33.11 29.80
C LEU D 145 -28.27 34.27 30.80
N TYR D 146 -27.08 34.88 30.91
CA TYR D 146 -26.84 35.98 31.85
C TYR D 146 -26.15 37.13 31.16
N VAL D 147 -26.59 38.34 31.46
CA VAL D 147 -25.95 39.56 30.98
C VAL D 147 -25.65 40.47 32.16
N ASN D 148 -24.39 40.90 32.25
CA ASN D 148 -23.90 41.73 33.35
C ASN D 148 -24.28 41.23 34.74
N GLY D 149 -24.16 39.91 34.94
CA GLY D 149 -24.47 39.28 36.23
C GLY D 149 -25.95 39.15 36.54
N GLN D 150 -26.80 39.32 35.54
CA GLN D 150 -28.25 39.22 35.73
C GLN D 150 -28.84 38.15 34.84
N TYR D 151 -29.67 37.30 35.45
CA TYR D 151 -30.35 36.23 34.73
C TYR D 151 -31.26 36.80 33.66
N VAL D 152 -31.09 36.33 32.42
CA VAL D 152 -31.95 36.79 31.34
C VAL D 152 -33.01 35.74 31.09
N GLY D 153 -32.61 34.49 30.93
CA GLY D 153 -33.56 33.42 30.65
C GLY D 153 -32.99 32.05 30.39
N PHE D 154 -33.84 31.17 29.88
CA PHE D 154 -33.54 29.75 29.71
C PHE D 154 -34.08 29.29 28.37
N ASN D 155 -33.52 28.22 27.81
CA ASN D 155 -33.97 27.72 26.52
C ASN D 155 -33.66 26.23 26.30
N LYS D 156 -34.62 25.52 25.72
CA LYS D 156 -34.45 24.15 25.26
C LYS D 156 -34.82 24.06 23.77
N GLY D 157 -34.29 23.04 23.09
CA GLY D 157 -34.53 22.83 21.66
C GLY D 157 -33.27 23.08 20.85
N SER D 158 -32.45 22.05 20.74
CA SER D 158 -31.05 22.17 20.27
C SER D 158 -30.88 22.68 18.85
N ARG D 159 -31.77 22.30 17.95
CA ARG D 159 -31.64 22.68 16.55
C ARG D 159 -32.58 23.85 16.18
N ASN D 160 -33.21 24.42 17.21
CA ASN D 160 -34.07 25.57 17.06
C ASN D 160 -33.33 26.83 17.47
N GLY D 161 -33.85 27.99 17.09
CA GLY D 161 -33.26 29.27 17.44
C GLY D 161 -33.85 29.82 18.71
N ALA D 162 -33.38 30.99 19.13
CA ALA D 162 -33.89 31.67 20.32
C ALA D 162 -33.40 33.11 20.35
N GLU D 163 -34.32 34.03 20.63
CA GLU D 163 -33.99 35.44 20.81
C GLU D 163 -34.41 35.88 22.20
N PHE D 164 -33.58 36.72 22.82
CA PHE D 164 -33.88 37.25 24.14
C PHE D 164 -33.70 38.76 24.14
N ASP D 165 -34.66 39.47 24.74
CA ASP D 165 -34.55 40.91 24.90
C ASP D 165 -33.54 41.24 25.99
N ILE D 166 -32.59 42.10 25.65
CA ILE D 166 -31.38 42.34 26.44
C ILE D 166 -31.32 43.79 26.93
N GLN D 167 -32.27 44.60 26.46
CA GLN D 167 -32.31 46.05 26.71
C GLN D 167 -32.22 46.49 28.17
N LYS D 168 -32.94 45.79 29.04
CA LYS D 168 -32.92 46.09 30.47
C LYS D 168 -31.55 45.94 31.12
N TYR D 169 -30.71 45.09 30.54
CA TYR D 169 -29.52 44.62 31.22
C TYR D 169 -28.23 45.28 30.78
N VAL D 170 -28.26 45.97 29.64
CA VAL D 170 -27.03 46.45 29.03
C VAL D 170 -26.56 47.79 29.61
N SER D 171 -25.24 47.97 29.65
CA SER D 171 -24.62 49.22 30.10
C SER D 171 -23.76 49.81 28.99
N GLU D 172 -23.45 51.10 29.13
CA GLU D 172 -22.45 51.74 28.31
C GLU D 172 -21.08 51.16 28.68
N GLY D 173 -20.22 50.95 27.69
CA GLY D 173 -18.92 50.31 27.91
C GLY D 173 -18.99 48.80 27.72
N GLU D 174 -18.24 48.08 28.55
CA GLU D 174 -18.18 46.62 28.52
C GLU D 174 -19.47 45.97 28.96
N ASN D 175 -19.91 44.95 28.23
CA ASN D 175 -21.03 44.11 28.66
C ASN D 175 -20.61 42.65 28.71
N LEU D 176 -21.03 41.95 29.77
CA LEU D 176 -20.67 40.55 29.98
C LEU D 176 -21.80 39.58 29.65
N VAL D 177 -21.54 38.68 28.71
CA VAL D 177 -22.47 37.60 28.40
C VAL D 177 -21.93 36.32 28.97
N VAL D 178 -22.75 35.65 29.76
CA VAL D 178 -22.40 34.34 30.29
C VAL D 178 -23.49 33.33 29.91
N VAL D 179 -23.09 32.25 29.26
CA VAL D 179 -24.00 31.17 28.90
C VAL D 179 -23.61 29.90 29.66
N LYS D 180 -24.56 29.35 30.42
CA LYS D 180 -24.40 28.06 31.05
C LYS D 180 -25.06 26.99 30.20
N VAL D 181 -24.27 26.11 29.59
CA VAL D 181 -24.79 25.06 28.71
C VAL D 181 -24.72 23.68 29.37
N PHE D 182 -25.82 22.93 29.25
CA PHE D 182 -25.95 21.62 29.90
C PHE D 182 -26.08 20.55 28.84
N LYS D 183 -25.43 19.41 29.07
CA LYS D 183 -25.40 18.33 28.09
C LYS D 183 -26.71 17.55 28.06
N TRP D 184 -27.28 17.28 29.24
CA TRP D 184 -28.50 16.48 29.35
C TRP D 184 -29.63 17.28 30.00
N SER D 185 -30.87 16.90 29.68
CA SER D 185 -32.06 17.40 30.36
C SER D 185 -33.25 16.56 29.95
N ASP D 186 -34.42 16.86 30.51
CA ASP D 186 -35.67 16.16 30.15
C ASP D 186 -35.88 16.22 28.66
N SER D 187 -35.25 17.20 28.02
CA SER D 187 -35.28 17.40 26.59
C SER D 187 -34.51 16.31 25.81
N THR D 188 -33.49 15.74 26.44
CA THR D 188 -32.72 14.65 25.85
C THR D 188 -33.63 13.53 25.37
N TYR D 189 -34.67 13.25 26.15
CA TYR D 189 -35.62 12.19 25.83
C TYR D 189 -36.29 12.34 24.46
N ILE D 190 -36.42 13.58 23.99
CA ILE D 190 -37.05 13.84 22.70
C ILE D 190 -36.02 14.26 21.62
N GLU D 191 -34.74 14.06 21.93
CA GLU D 191 -33.67 14.41 20.99
C GLU D 191 -32.78 13.19 20.70
N ASP D 192 -33.42 12.05 20.45
CA ASP D 192 -32.72 10.79 20.29
C ASP D 192 -32.54 10.36 18.82
N GLN D 193 -32.13 11.29 17.96
CA GLN D 193 -31.82 10.99 16.58
C GLN D 193 -30.63 10.04 16.44
N ASP D 194 -30.67 9.17 15.43
CA ASP D 194 -29.58 8.25 15.13
C ASP D 194 -28.43 9.05 14.54
N GLN D 195 -27.56 9.54 15.42
CA GLN D 195 -26.47 10.46 15.07
C GLN D 195 -25.47 10.56 16.22
N TRP D 196 -24.45 11.42 16.08
CA TRP D 196 -23.47 11.66 17.14
C TRP D 196 -24.08 12.52 18.23
N TRP D 197 -23.83 12.15 19.48
CA TRP D 197 -24.11 13.05 20.61
C TRP D 197 -22.98 14.07 20.71
N LEU D 198 -23.33 15.33 20.49
CA LEU D 198 -22.37 16.44 20.55
C LEU D 198 -22.99 17.64 21.26
N SER D 199 -22.20 18.33 22.06
CA SER D 199 -22.72 19.41 22.91
C SER D 199 -22.11 20.77 22.57
N GLY D 200 -22.71 21.83 23.12
CA GLY D 200 -22.14 23.17 23.03
C GLY D 200 -22.89 24.16 22.18
N ILE D 201 -22.34 25.36 22.08
CA ILE D 201 -22.86 26.39 21.18
C ILE D 201 -22.27 26.09 19.82
N TYR D 202 -23.00 25.30 19.03
CA TYR D 202 -22.52 24.79 17.75
C TYR D 202 -23.02 25.61 16.54
N ARG D 203 -23.88 26.60 16.79
CA ARG D 203 -24.29 27.54 15.73
C ARG D 203 -24.03 29.00 16.12
N ASP D 204 -24.25 29.90 15.17
CA ASP D 204 -23.96 31.34 15.33
C ASP D 204 -24.61 31.95 16.56
N VAL D 205 -23.91 32.93 17.14
CA VAL D 205 -24.49 33.81 18.16
C VAL D 205 -24.39 35.25 17.63
N SER D 206 -25.47 36.02 17.79
CA SER D 206 -25.53 37.37 17.28
C SER D 206 -26.07 38.35 18.29
N LEU D 207 -25.62 39.60 18.19
CA LEU D 207 -26.23 40.72 18.86
C LEU D 207 -27.06 41.47 17.82
N LEU D 208 -28.38 41.54 18.05
CA LEU D 208 -29.28 42.25 17.15
C LEU D 208 -29.55 43.65 17.62
N LYS D 209 -29.44 44.60 16.70
CA LYS D 209 -29.78 46.00 16.98
C LYS D 209 -30.92 46.43 16.07
N LEU D 210 -32.12 46.41 16.64
CA LEU D 210 -33.34 46.81 15.92
C LEU D 210 -33.66 48.27 16.20
N PRO D 211 -34.20 49.00 15.20
CA PRO D 211 -34.60 50.40 15.42
C PRO D 211 -35.58 50.49 16.58
N LYS D 212 -35.33 51.43 17.49
CA LYS D 212 -35.96 51.41 18.81
C LYS D 212 -37.45 51.79 18.85
N LYS D 213 -37.80 52.92 18.24
CA LYS D 213 -39.15 53.46 18.36
C LYS D 213 -40.17 52.64 17.53
N ALA D 214 -39.71 52.09 16.42
CA ALA D 214 -40.52 51.17 15.61
C ALA D 214 -39.64 50.27 14.73
N HIS D 215 -40.05 49.01 14.59
CA HIS D 215 -39.34 48.03 13.77
C HIS D 215 -40.27 46.91 13.27
N ILE D 216 -39.84 46.22 12.22
CA ILE D 216 -40.58 45.06 11.72
C ILE D 216 -40.21 43.83 12.55
N GLU D 217 -41.22 43.23 13.17
CA GLU D 217 -41.01 42.05 13.98
C GLU D 217 -41.17 40.77 13.16
N ASP D 218 -42.24 40.70 12.38
CA ASP D 218 -42.56 39.48 11.65
C ASP D 218 -43.22 39.77 10.32
N VAL D 219 -43.05 38.87 9.38
CA VAL D 219 -43.65 38.97 8.06
C VAL D 219 -44.25 37.63 7.67
N ARG D 220 -45.43 37.66 7.07
CA ARG D 220 -46.01 36.46 6.47
C ARG D 220 -46.29 36.70 5.00
N VAL D 221 -45.77 35.82 4.15
CA VAL D 221 -45.97 35.89 2.71
C VAL D 221 -46.61 34.60 2.23
N THR D 222 -47.77 34.72 1.58
CA THR D 222 -48.43 33.57 0.97
C THR D 222 -48.79 33.85 -0.48
N THR D 223 -48.74 32.81 -1.32
CA THR D 223 -49.16 32.91 -2.70
C THR D 223 -50.22 31.86 -2.96
N THR D 224 -51.45 32.31 -3.21
CA THR D 224 -52.55 31.40 -3.53
C THR D 224 -53.07 31.69 -4.93
N PHE D 225 -53.13 30.65 -5.76
CA PHE D 225 -53.71 30.79 -7.09
C PHE D 225 -55.22 30.97 -6.94
N VAL D 226 -55.78 31.88 -7.74
CA VAL D 226 -57.19 32.22 -7.62
C VAL D 226 -58.05 31.18 -8.33
N ASP D 227 -57.39 30.37 -9.16
CA ASP D 227 -58.06 29.61 -10.20
C ASP D 227 -57.56 28.17 -10.29
N SER D 228 -58.40 27.30 -10.83
CA SER D 228 -58.04 25.90 -11.04
C SER D 228 -57.10 25.70 -12.23
N GLN D 229 -56.84 26.76 -13.00
CA GLN D 229 -55.89 26.67 -14.12
C GLN D 229 -54.54 27.28 -13.77
N TYR D 230 -54.41 27.69 -12.51
CA TYR D 230 -53.15 28.17 -11.95
C TYR D 230 -52.49 29.23 -12.82
N GLN D 231 -53.22 30.32 -13.03
CA GLN D 231 -52.70 31.46 -13.76
C GLN D 231 -52.53 32.66 -12.85
N ASP D 232 -53.61 33.40 -12.62
CA ASP D 232 -53.57 34.56 -11.73
C ASP D 232 -53.45 34.10 -10.28
N ALA D 233 -52.71 34.85 -9.48
CA ALA D 233 -52.51 34.50 -8.08
C ALA D 233 -52.64 35.69 -7.15
N GLU D 234 -53.12 35.42 -5.94
CA GLU D 234 -53.16 36.44 -4.90
C GLU D 234 -51.90 36.37 -4.04
N LEU D 235 -51.17 37.48 -4.00
CA LEU D 235 -50.01 37.63 -3.14
C LEU D 235 -50.45 38.33 -1.86
N SER D 236 -50.33 37.62 -0.73
CA SER D 236 -50.70 38.17 0.56
C SER D 236 -49.46 38.43 1.42
N VAL D 237 -49.26 39.70 1.78
CA VAL D 237 -48.16 40.10 2.64
C VAL D 237 -48.70 40.72 3.92
N LYS D 238 -48.50 40.04 5.04
CA LYS D 238 -48.91 40.56 6.34
C LYS D 238 -47.69 40.89 7.20
N VAL D 239 -47.65 42.11 7.73
CA VAL D 239 -46.51 42.58 8.53
C VAL D 239 -46.92 42.88 9.98
N ASP D 240 -46.11 42.42 10.92
CA ASP D 240 -46.27 42.77 12.32
C ASP D 240 -45.23 43.82 12.70
N VAL D 241 -45.69 45.05 12.89
CA VAL D 241 -44.82 46.16 13.26
C VAL D 241 -44.96 46.44 14.74
N GLN D 242 -43.82 46.59 15.42
CA GLN D 242 -43.80 46.78 16.86
C GLN D 242 -43.37 48.22 17.17
N GLY D 243 -44.21 48.93 17.93
CA GLY D 243 -43.97 50.33 18.26
C GLY D 243 -44.94 51.28 17.58
N SER D 244 -44.94 52.54 18.01
CA SER D 244 -45.90 53.54 17.53
C SER D 244 -45.36 54.44 16.41
N SER D 245 -44.08 54.77 16.50
CA SER D 245 -43.49 55.84 15.67
C SER D 245 -43.18 55.39 14.24
N TYR D 246 -44.24 55.14 13.48
CA TYR D 246 -44.14 54.87 12.05
C TYR D 246 -45.38 55.42 11.34
N ASP D 247 -45.26 55.64 10.03
CA ASP D 247 -46.40 56.11 9.25
C ASP D 247 -47.10 54.96 8.53
N HIS D 248 -46.36 54.27 7.66
CA HIS D 248 -46.92 53.20 6.84
C HIS D 248 -45.82 52.27 6.34
N ILE D 249 -46.21 51.28 5.52
CA ILE D 249 -45.25 50.41 4.85
C ILE D 249 -45.34 50.53 3.33
N ASN D 250 -44.19 50.45 2.67
CA ASN D 250 -44.13 50.32 1.22
C ASN D 250 -43.73 48.91 0.84
N PHE D 251 -44.15 48.49 -0.35
CA PHE D 251 -43.80 47.18 -0.86
C PHE D 251 -43.56 47.23 -2.36
N THR D 252 -42.43 46.68 -2.77
CA THR D 252 -42.07 46.63 -4.17
C THR D 252 -41.71 45.20 -4.55
N LEU D 253 -42.43 44.67 -5.53
CA LEU D 253 -42.12 43.40 -6.13
C LEU D 253 -41.38 43.67 -7.44
N TYR D 254 -40.30 42.94 -7.67
CA TYR D 254 -39.49 43.15 -8.87
C TYR D 254 -39.77 42.08 -9.92
N GLU D 255 -39.41 42.38 -11.17
CA GLU D 255 -39.55 41.43 -12.28
C GLU D 255 -38.79 40.14 -11.95
N PRO D 256 -39.37 38.98 -12.33
CA PRO D 256 -38.80 37.69 -11.95
C PRO D 256 -37.44 37.40 -12.58
N GLU D 257 -36.62 36.66 -11.85
CA GLU D 257 -35.40 36.08 -12.39
C GLU D 257 -35.65 34.59 -12.54
N ASP D 258 -35.60 34.11 -13.78
CA ASP D 258 -35.85 32.70 -14.10
C ASP D 258 -34.98 31.75 -13.27
N GLY D 259 -35.54 30.60 -12.93
CA GLY D 259 -34.83 29.58 -12.17
C GLY D 259 -33.56 29.04 -12.83
N SER D 260 -33.39 29.33 -14.10
CA SER D 260 -32.19 28.94 -14.84
C SER D 260 -31.00 29.83 -14.50
N LYS D 261 -31.21 30.73 -13.54
CA LYS D 261 -30.18 31.65 -13.07
C LYS D 261 -28.90 30.93 -12.64
N VAL D 262 -27.75 31.48 -13.01
CA VAL D 262 -26.47 30.89 -12.66
C VAL D 262 -26.00 31.38 -11.30
N TYR D 263 -25.63 30.43 -10.43
CA TYR D 263 -25.12 30.73 -9.10
C TYR D 263 -23.80 30.04 -8.89
N ASP D 264 -23.01 30.53 -7.94
CA ASP D 264 -21.91 29.75 -7.34
C ASP D 264 -21.88 29.99 -5.83
N ALA D 265 -20.96 29.36 -5.14
CA ALA D 265 -20.87 29.46 -3.68
C ALA D 265 -20.79 30.91 -3.22
N SER D 266 -19.98 31.69 -3.92
CA SER D 266 -19.79 33.08 -3.60
C SER D 266 -21.08 33.92 -3.69
N SER D 267 -21.81 33.79 -4.78
CA SER D 267 -23.04 34.57 -4.99
C SER D 267 -24.23 34.06 -4.15
N LEU D 268 -24.24 32.76 -3.85
CA LEU D 268 -25.25 32.19 -2.98
C LEU D 268 -25.08 32.66 -1.54
N LEU D 269 -23.83 32.87 -1.14
CA LEU D 269 -23.50 33.22 0.24
C LEU D 269 -23.27 34.71 0.50
N ASN D 270 -23.21 35.50 -0.57
CA ASN D 270 -23.07 36.95 -0.45
C ASN D 270 -24.18 37.53 0.44
N GLU D 271 -23.77 38.22 1.50
CA GLU D 271 -24.70 38.71 2.52
C GLU D 271 -24.95 40.22 2.49
N GLU D 272 -24.25 40.91 1.60
CA GLU D 272 -24.30 42.37 1.47
C GLU D 272 -25.67 42.85 0.94
N ASN D 273 -26.14 44.06 1.30
CA ASN D 273 -25.45 45.10 2.08
C ASN D 273 -26.38 46.32 2.28
N GLY D 274 -25.96 47.27 3.12
CA GLY D 274 -26.74 48.48 3.41
C GLY D 274 -26.99 49.40 2.22
N ASN D 275 -25.91 49.88 1.60
CA ASN D 275 -25.99 50.81 0.45
C ASN D 275 -26.22 50.13 -0.90
N THR D 276 -26.23 48.80 -0.89
CA THR D 276 -26.48 47.98 -2.08
C THR D 276 -27.93 48.10 -2.52
N THR D 277 -28.13 48.48 -3.78
CA THR D 277 -29.47 48.62 -4.36
C THR D 277 -30.00 47.24 -4.77
N PHE D 278 -30.93 46.71 -3.96
CA PHE D 278 -31.44 45.33 -4.13
C PHE D 278 -31.80 45.02 -5.58
N SER D 279 -32.74 45.78 -6.13
CA SER D 279 -33.13 45.66 -7.53
C SER D 279 -33.77 46.97 -7.99
N THR D 280 -33.97 47.12 -9.29
CA THR D 280 -34.66 48.32 -9.82
C THR D 280 -35.64 48.03 -10.96
N LYS D 281 -35.83 46.75 -11.25
CA LYS D 281 -36.75 46.33 -12.31
C LYS D 281 -38.13 46.14 -11.73
N GLU D 282 -38.76 47.26 -11.39
CA GLU D 282 -40.05 47.26 -10.68
C GLU D 282 -41.16 46.62 -11.48
N PHE D 283 -42.03 45.92 -10.76
CA PHE D 283 -43.14 45.20 -11.34
C PHE D 283 -44.45 45.65 -10.71
N ILE D 284 -44.53 45.57 -9.39
CA ILE D 284 -45.68 46.04 -8.64
C ILE D 284 -45.23 46.89 -7.45
N SER D 285 -45.99 47.94 -7.17
CA SER D 285 -45.76 48.77 -5.97
C SER D 285 -47.04 48.97 -5.17
N PHE D 286 -46.91 48.92 -3.85
CA PHE D 286 -48.04 49.15 -2.97
C PHE D 286 -47.59 49.97 -1.79
N SER D 287 -48.45 50.89 -1.37
CA SER D 287 -48.23 51.65 -0.14
C SER D 287 -49.43 51.49 0.77
N THR D 288 -49.16 51.41 2.07
CA THR D 288 -50.19 51.41 3.09
C THR D 288 -50.48 52.86 3.46
N LYS D 289 -51.63 53.12 4.08
CA LYS D 289 -51.95 54.47 4.54
C LYS D 289 -51.82 54.58 6.05
N LYS D 290 -51.46 55.77 6.52
CA LYS D 290 -51.37 56.08 7.94
C LYS D 290 -52.59 55.57 8.72
N ASN D 291 -52.32 54.90 9.84
CA ASN D 291 -53.34 54.34 10.75
C ASN D 291 -54.14 53.16 10.22
N GLU D 292 -53.69 52.59 9.11
CA GLU D 292 -54.35 51.42 8.54
C GLU D 292 -53.50 50.17 8.69
N GLU D 293 -54.18 49.03 8.72
CA GLU D 293 -53.58 47.70 8.75
C GLU D 293 -52.28 47.62 7.93
N THR D 294 -51.21 47.14 8.56
CA THR D 294 -49.93 46.95 7.88
C THR D 294 -49.88 45.58 7.20
N ALA D 295 -50.84 45.37 6.30
CA ALA D 295 -51.00 44.13 5.55
C ALA D 295 -51.75 44.45 4.26
N PHE D 296 -51.69 43.55 3.28
CA PHE D 296 -52.44 43.72 2.03
C PHE D 296 -52.51 42.46 1.17
N LYS D 297 -53.47 42.46 0.25
CA LYS D 297 -53.62 41.40 -0.74
C LYS D 297 -53.59 42.00 -2.15
N ILE D 298 -52.74 41.45 -3.01
CA ILE D 298 -52.53 41.97 -4.35
C ILE D 298 -52.89 40.89 -5.37
N ASN D 299 -53.61 41.27 -6.43
CA ASN D 299 -53.77 40.36 -7.56
C ASN D 299 -52.59 40.46 -8.52
N VAL D 300 -52.02 39.30 -8.86
CA VAL D 300 -50.85 39.26 -9.72
C VAL D 300 -51.17 38.50 -11.01
N LYS D 301 -51.06 39.20 -12.14
CA LYS D 301 -51.35 38.63 -13.45
C LYS D 301 -50.35 37.55 -13.84
N ALA D 302 -50.87 36.34 -14.05
CA ALA D 302 -50.10 35.19 -14.56
C ALA D 302 -48.61 35.20 -14.23
N PRO D 303 -48.27 35.10 -12.93
CA PRO D 303 -46.86 35.10 -12.54
C PRO D 303 -46.15 33.83 -12.94
N GLU D 304 -44.82 33.89 -13.03
CA GLU D 304 -43.96 32.73 -13.25
C GLU D 304 -43.99 31.82 -12.02
N HIS D 305 -44.20 30.54 -12.25
CA HIS D 305 -44.32 29.56 -11.16
C HIS D 305 -42.96 29.24 -10.56
N TRP D 306 -42.92 29.05 -9.23
CA TRP D 306 -41.74 28.50 -8.58
C TRP D 306 -41.91 27.00 -8.52
N THR D 307 -40.89 26.30 -8.99
CA THR D 307 -40.86 24.86 -9.03
C THR D 307 -39.44 24.42 -8.67
N ALA D 308 -39.26 23.21 -8.15
CA ALA D 308 -37.93 22.70 -7.83
C ALA D 308 -37.06 22.50 -9.07
N GLU D 309 -37.70 22.18 -10.19
CA GLU D 309 -37.03 22.04 -11.48
C GLU D 309 -36.68 23.38 -12.10
N ASN D 310 -37.43 24.42 -11.72
CA ASN D 310 -37.20 25.79 -12.18
C ASN D 310 -37.54 26.78 -11.07
N PRO D 311 -36.56 27.05 -10.18
CA PRO D 311 -36.82 27.87 -8.98
C PRO D 311 -36.90 29.38 -9.26
N THR D 312 -37.90 29.79 -10.04
CA THR D 312 -38.06 31.19 -10.42
C THR D 312 -38.50 32.03 -9.24
N LEU D 313 -37.78 33.12 -9.00
CA LEU D 313 -38.07 33.97 -7.85
C LEU D 313 -38.32 35.44 -8.22
N TYR D 314 -39.28 36.03 -7.53
CA TYR D 314 -39.50 37.47 -7.59
C TYR D 314 -38.88 38.05 -6.34
N LYS D 315 -37.88 38.91 -6.52
CA LYS D 315 -37.32 39.64 -5.40
C LYS D 315 -38.33 40.68 -4.95
N TYR D 316 -38.31 41.00 -3.67
CA TYR D 316 -39.13 42.09 -3.16
C TYR D 316 -38.41 42.93 -2.10
N GLN D 317 -38.86 44.16 -1.93
CA GLN D 317 -38.37 44.99 -0.83
C GLN D 317 -39.54 45.55 -0.05
N LEU D 318 -39.51 45.33 1.27
CA LEU D 318 -40.52 45.83 2.17
C LEU D 318 -39.89 46.91 3.02
N ASP D 319 -40.48 48.11 2.98
CA ASP D 319 -39.96 49.28 3.72
C ASP D 319 -40.90 49.78 4.81
N LEU D 320 -40.36 49.94 6.02
CA LEU D 320 -41.08 50.64 7.08
C LEU D 320 -40.71 52.13 7.03
N ILE D 321 -41.74 52.97 7.05
CA ILE D 321 -41.54 54.40 6.77
C ILE D 321 -42.11 55.31 7.87
N GLY D 322 -41.28 56.25 8.32
CA GLY D 322 -41.66 57.17 9.40
C GLY D 322 -42.48 58.34 8.91
N SER D 323 -42.71 59.30 9.81
CA SER D 323 -43.51 60.48 9.48
C SER D 323 -42.79 61.38 8.47
N ASP D 324 -41.49 61.56 8.66
CA ASP D 324 -40.67 62.37 7.76
C ASP D 324 -40.41 61.68 6.41
N GLY D 325 -41.05 60.54 6.19
CA GLY D 325 -40.95 59.79 4.94
C GLY D 325 -39.65 59.03 4.72
N SER D 326 -38.84 58.92 5.78
CA SER D 326 -37.57 58.19 5.70
C SER D 326 -37.76 56.71 6.00
N VAL D 327 -36.82 55.90 5.52
CA VAL D 327 -36.86 54.44 5.69
C VAL D 327 -36.30 54.06 7.06
N ILE D 328 -37.17 53.53 7.92
CA ILE D 328 -36.78 53.05 9.25
C ILE D 328 -36.08 51.68 9.18
N GLN D 329 -36.63 50.78 8.37
CA GLN D 329 -36.11 49.43 8.23
C GLN D 329 -36.52 48.84 6.88
N SER D 330 -35.66 48.02 6.30
CA SER D 330 -35.97 47.32 5.06
C SER D 330 -35.84 45.82 5.20
N ILE D 331 -36.73 45.09 4.53
CA ILE D 331 -36.52 43.65 4.36
C ILE D 331 -36.39 43.40 2.87
N LYS D 332 -35.28 42.78 2.49
CA LYS D 332 -35.06 42.38 1.12
C LYS D 332 -35.08 40.86 1.06
N HIS D 333 -36.11 40.30 0.45
CA HIS D 333 -36.23 38.85 0.30
C HIS D 333 -36.85 38.50 -1.06
N HIS D 334 -37.46 37.33 -1.16
CA HIS D 334 -38.02 36.87 -2.43
C HIS D 334 -39.39 36.20 -2.24
N VAL D 335 -40.14 36.11 -3.33
CA VAL D 335 -41.40 35.38 -3.37
C VAL D 335 -41.31 34.28 -4.43
N GLY D 336 -41.76 33.10 -4.08
CA GLY D 336 -41.84 32.01 -5.03
C GLY D 336 -43.30 31.68 -5.21
N PHE D 337 -43.81 31.88 -6.42
CA PHE D 337 -45.23 31.62 -6.71
C PHE D 337 -45.51 30.14 -6.86
N ARG D 338 -46.08 29.57 -5.81
CA ARG D 338 -46.25 28.12 -5.68
C ARG D 338 -47.41 27.83 -4.72
N GLN D 339 -48.20 26.81 -5.06
CA GLN D 339 -49.23 26.34 -4.14
C GLN D 339 -49.21 24.82 -3.98
N VAL D 340 -49.09 24.37 -2.74
CA VAL D 340 -49.16 22.96 -2.42
C VAL D 340 -50.55 22.59 -1.88
N GLU D 341 -51.08 21.47 -2.38
CA GLU D 341 -52.39 20.98 -1.97
C GLU D 341 -52.39 19.47 -1.86
N LEU D 342 -53.37 18.95 -1.13
CA LEU D 342 -53.73 17.55 -1.20
C LEU D 342 -54.93 17.50 -2.13
N LYS D 343 -54.72 16.98 -3.34
CA LYS D 343 -55.72 17.07 -4.39
C LYS D 343 -55.94 15.73 -5.10
N ASP D 344 -57.16 15.20 -4.97
CA ASP D 344 -57.52 13.89 -5.49
C ASP D 344 -56.57 12.80 -5.00
N GLY D 345 -56.17 12.94 -3.74
CA GLY D 345 -55.31 11.94 -3.08
C GLY D 345 -53.82 12.09 -3.32
N ASN D 346 -53.39 13.15 -3.98
CA ASN D 346 -51.96 13.38 -4.25
C ASN D 346 -51.41 14.68 -3.67
N ILE D 347 -50.15 14.65 -3.29
CA ILE D 347 -49.42 15.88 -2.96
C ILE D 347 -49.25 16.62 -4.27
N THR D 348 -49.79 17.82 -4.31
CA THR D 348 -49.88 18.56 -5.54
C THR D 348 -49.18 19.91 -5.36
N VAL D 349 -48.35 20.27 -6.34
CA VAL D 349 -47.77 21.61 -6.39
C VAL D 349 -48.20 22.22 -7.72
N ASN D 350 -48.88 23.37 -7.63
CA ASN D 350 -49.41 24.04 -8.82
C ASN D 350 -50.28 23.11 -9.65
N GLY D 351 -50.98 22.22 -8.99
CA GLY D 351 -51.91 21.31 -9.65
C GLY D 351 -51.29 20.01 -10.09
N LYS D 352 -49.96 19.94 -10.04
CA LYS D 352 -49.24 18.79 -10.48
C LYS D 352 -48.83 17.91 -9.33
N ASP D 353 -49.19 16.65 -9.47
CA ASP D 353 -48.74 15.56 -8.64
C ASP D 353 -47.25 15.23 -8.87
N ILE D 354 -46.43 15.72 -7.94
CA ILE D 354 -44.97 15.67 -8.08
C ILE D 354 -44.33 14.35 -7.68
N LEU D 355 -43.10 14.14 -8.12
CA LEU D 355 -42.33 12.97 -7.74
C LEU D 355 -41.08 13.38 -6.98
N PHE D 356 -40.94 12.83 -5.78
CA PHE D 356 -39.76 13.07 -4.97
C PHE D 356 -38.58 12.22 -5.43
N ARG D 357 -37.52 12.89 -5.84
CA ARG D 357 -36.24 12.29 -6.15
C ARG D 357 -35.29 12.76 -5.03
N GLY D 358 -35.43 12.17 -3.85
CA GLY D 358 -34.90 12.79 -2.64
C GLY D 358 -33.83 12.06 -1.84
N VAL D 359 -33.27 12.78 -0.87
CA VAL D 359 -32.42 12.21 0.17
C VAL D 359 -32.77 12.81 1.52
N ASN D 360 -32.41 12.09 2.58
CA ASN D 360 -32.32 12.66 3.91
C ASN D 360 -30.93 13.30 4.07
N ARG D 361 -30.89 14.54 4.51
CA ARG D 361 -29.61 15.16 4.81
C ARG D 361 -29.53 15.61 6.26
N HIS D 362 -28.67 14.94 7.02
CA HIS D 362 -28.29 15.43 8.35
C HIS D 362 -27.31 16.58 8.22
N ASP D 363 -27.19 17.39 9.28
CA ASP D 363 -26.06 18.29 9.41
C ASP D 363 -24.85 17.46 9.86
N HIS D 364 -23.82 17.42 9.02
CA HIS D 364 -22.59 16.73 9.37
C HIS D 364 -21.40 17.24 8.59
N HIS D 365 -20.29 17.38 9.30
CA HIS D 365 -19.00 17.72 8.72
C HIS D 365 -17.97 16.81 9.42
N PRO D 366 -17.00 16.26 8.66
CA PRO D 366 -16.09 15.25 9.24
C PRO D 366 -15.15 15.78 10.33
N ARG D 367 -15.03 17.10 10.44
CA ARG D 367 -14.21 17.70 11.48
C ARG D 367 -15.01 18.55 12.46
N PHE D 368 -16.05 19.24 11.98
CA PHE D 368 -16.77 20.19 12.82
C PHE D 368 -18.09 19.66 13.38
N GLY D 369 -18.52 18.50 12.88
CA GLY D 369 -19.75 17.88 13.33
C GLY D 369 -20.99 18.55 12.79
N ARG D 370 -21.82 19.05 13.70
CA ARG D 370 -23.12 19.63 13.36
C ARG D 370 -22.96 21.13 13.16
N ALA D 371 -21.77 21.64 13.49
CA ALA D 371 -21.40 23.03 13.27
C ALA D 371 -20.87 23.21 11.83
N VAL D 372 -21.77 23.09 10.86
CA VAL D 372 -21.39 23.03 9.46
C VAL D 372 -21.25 24.41 8.84
N PRO D 373 -20.07 24.72 8.29
CA PRO D 373 -19.93 25.95 7.54
C PRO D 373 -20.90 25.98 6.36
N LEU D 374 -21.54 27.12 6.13
CA LEU D 374 -22.51 27.26 5.04
C LEU D 374 -21.92 26.89 3.69
N ASP D 375 -20.68 27.31 3.47
CA ASP D 375 -19.86 26.87 2.35
C ASP D 375 -19.98 25.35 2.09
N PHE D 376 -19.93 24.56 3.15
CA PHE D 376 -20.00 23.10 3.05
C PHE D 376 -21.41 22.63 2.70
N VAL D 377 -22.43 23.29 3.25
CA VAL D 377 -23.81 22.97 2.90
C VAL D 377 -24.06 23.20 1.40
N VAL D 378 -23.58 24.33 0.89
CA VAL D 378 -23.68 24.67 -0.51
C VAL D 378 -23.06 23.55 -1.34
N ARG D 379 -21.87 23.12 -0.94
CA ARG D 379 -21.19 22.01 -1.57
C ARG D 379 -22.12 20.79 -1.69
N ASP D 380 -22.80 20.45 -0.59
CA ASP D 380 -23.75 19.34 -0.56
C ASP D 380 -24.82 19.45 -1.64
N LEU D 381 -25.46 20.62 -1.70
CA LEU D 381 -26.60 20.86 -2.57
C LEU D 381 -26.22 20.91 -4.05
N ILE D 382 -25.06 21.49 -4.35
CA ILE D 382 -24.54 21.49 -5.73
C ILE D 382 -24.34 20.04 -6.20
N LEU D 383 -23.77 19.23 -5.34
CA LEU D 383 -23.55 17.82 -5.62
C LEU D 383 -24.88 17.11 -5.84
N MET D 384 -25.88 17.42 -5.01
CA MET D 384 -27.21 16.83 -5.16
C MET D 384 -27.80 17.13 -6.53
N LYS D 385 -27.74 18.40 -6.90
CA LYS D 385 -28.21 18.86 -8.21
C LYS D 385 -27.45 18.21 -9.36
N LYS D 386 -26.13 18.06 -9.20
CA LYS D 386 -25.28 17.38 -10.17
C LYS D 386 -25.65 15.89 -10.31
N PHE D 387 -26.45 15.37 -9.38
CA PHE D 387 -26.79 13.95 -9.40
C PHE D 387 -28.31 13.69 -9.49
N ASN D 388 -29.04 14.64 -10.07
CA ASN D 388 -30.48 14.50 -10.38
C ASN D 388 -31.45 14.49 -9.19
N ILE D 389 -30.95 14.81 -8.00
CA ILE D 389 -31.80 14.92 -6.82
C ILE D 389 -32.65 16.19 -6.89
N ASN D 390 -33.93 16.09 -6.53
CA ASN D 390 -34.86 17.23 -6.55
C ASN D 390 -35.52 17.56 -5.22
N ALA D 391 -35.16 16.83 -4.17
CA ALA D 391 -35.82 17.00 -2.88
C ALA D 391 -34.90 16.62 -1.75
N VAL D 392 -35.05 17.30 -0.61
CA VAL D 392 -34.37 16.88 0.61
C VAL D 392 -35.28 16.91 1.84
N ARG D 393 -35.11 15.89 2.68
CA ARG D 393 -35.75 15.84 3.99
C ARG D 393 -34.74 16.28 5.04
N ASN D 394 -35.13 17.22 5.88
CA ASN D 394 -34.27 17.71 6.95
C ASN D 394 -34.27 16.76 8.13
N SER D 395 -33.70 15.59 7.92
CA SER D 395 -33.62 14.57 8.96
C SER D 395 -32.62 14.99 10.03
N HIS D 396 -33.04 15.08 11.30
CA HIS D 396 -34.44 15.05 11.73
C HIS D 396 -34.66 16.28 12.61
N TYR D 397 -34.50 17.46 12.01
CA TYR D 397 -34.51 18.74 12.73
C TYR D 397 -34.32 19.86 11.72
N PRO D 398 -34.68 21.11 12.09
CA PRO D 398 -34.37 22.21 11.17
C PRO D 398 -32.87 22.46 11.13
N ASN D 399 -32.36 22.89 9.97
CA ASN D 399 -30.96 23.24 9.83
C ASN D 399 -30.72 24.70 10.24
N HIS D 400 -29.49 25.18 10.02
CA HIS D 400 -29.18 26.60 10.19
C HIS D 400 -30.17 27.39 9.32
N PRO D 401 -30.72 28.49 9.87
CA PRO D 401 -31.80 29.23 9.16
C PRO D 401 -31.42 29.77 7.78
N LYS D 402 -30.14 30.04 7.55
CA LYS D 402 -29.66 30.55 6.27
C LYS D 402 -29.71 29.55 5.12
N VAL D 403 -29.89 28.27 5.46
CA VAL D 403 -29.83 27.17 4.49
C VAL D 403 -31.05 27.18 3.57
N TYR D 404 -32.14 27.75 4.05
CA TYR D 404 -33.44 27.63 3.38
C TYR D 404 -33.56 28.50 2.14
N ASP D 405 -32.83 29.61 2.12
CA ASP D 405 -32.68 30.40 0.91
C ASP D 405 -31.95 29.60 -0.16
N LEU D 406 -31.06 28.71 0.27
CA LEU D 406 -30.30 27.88 -0.65
C LEU D 406 -31.22 26.92 -1.36
N PHE D 407 -32.17 26.35 -0.60
CA PHE D 407 -33.20 25.49 -1.18
C PHE D 407 -34.08 26.30 -2.13
N ASP D 408 -34.52 27.47 -1.66
CA ASP D 408 -35.31 28.41 -2.48
C ASP D 408 -34.67 28.73 -3.83
N LYS D 409 -33.36 28.97 -3.82
CA LYS D 409 -32.67 29.46 -5.02
C LYS D 409 -32.23 28.35 -5.96
N LEU D 410 -31.84 27.21 -5.41
CA LEU D 410 -31.39 26.08 -6.22
C LEU D 410 -32.55 25.19 -6.66
N GLY D 411 -33.62 25.16 -5.87
CA GLY D 411 -34.81 24.39 -6.22
C GLY D 411 -34.80 22.98 -5.70
N PHE D 412 -35.31 22.80 -4.48
CA PHE D 412 -35.53 21.50 -3.89
C PHE D 412 -36.91 21.47 -3.26
N TRP D 413 -37.62 20.36 -3.41
CA TRP D 413 -38.79 20.10 -2.58
C TRP D 413 -38.29 19.76 -1.17
N VAL D 414 -38.69 20.54 -0.17
CA VAL D 414 -38.14 20.35 1.16
C VAL D 414 -39.17 19.89 2.16
N ILE D 415 -38.83 18.85 2.91
CA ILE D 415 -39.56 18.48 4.12
C ILE D 415 -38.80 19.06 5.32
N ASP D 416 -39.35 20.09 5.94
CA ASP D 416 -38.74 20.68 7.12
C ASP D 416 -39.32 19.96 8.32
N GLU D 417 -38.45 19.47 9.20
CA GLU D 417 -38.86 18.49 10.20
C GLU D 417 -38.59 18.98 11.62
N ALA D 418 -39.56 18.76 12.51
CA ALA D 418 -39.41 19.13 13.91
C ALA D 418 -38.27 18.36 14.57
N ASP D 419 -37.58 19.04 15.49
CA ASP D 419 -36.51 18.43 16.28
C ASP D 419 -37.10 17.55 17.37
N LEU D 420 -37.53 16.34 17.00
CA LEU D 420 -38.21 15.45 17.96
C LEU D 420 -38.10 13.98 17.60
N GLU D 421 -37.22 13.25 18.29
CA GLU D 421 -37.14 11.80 18.16
C GLU D 421 -37.15 11.12 19.52
N THR D 422 -37.86 10.00 19.60
CA THR D 422 -38.13 9.34 20.86
C THR D 422 -37.72 7.87 20.81
N HIS D 423 -37.12 7.47 19.69
CA HIS D 423 -36.84 6.06 19.35
C HIS D 423 -36.43 5.16 20.52
N GLY D 424 -35.54 5.68 21.37
CA GLY D 424 -34.94 4.90 22.45
C GLY D 424 -35.86 4.24 23.46
N VAL D 425 -37.12 4.69 23.52
CA VAL D 425 -38.12 4.07 24.40
C VAL D 425 -38.37 2.60 24.03
N GLN D 426 -38.06 2.26 22.78
CA GLN D 426 -38.27 0.91 22.24
C GLN D 426 -37.18 -0.09 22.58
N GLU D 427 -35.96 0.39 22.79
CA GLU D 427 -34.82 -0.51 22.96
C GLU D 427 -34.97 -1.56 24.07
N PRO D 428 -35.35 -1.14 25.30
CA PRO D 428 -35.55 -2.16 26.33
C PRO D 428 -36.64 -3.16 25.95
N PHE D 429 -37.70 -2.67 25.32
CA PHE D 429 -38.80 -3.51 24.83
C PHE D 429 -38.30 -4.51 23.79
N ASN D 430 -37.51 -4.03 22.82
CA ASN D 430 -36.96 -4.89 21.77
C ASN D 430 -36.11 -6.04 22.33
N ARG D 431 -35.29 -5.71 23.31
CA ARG D 431 -34.41 -6.68 23.93
C ARG D 431 -35.17 -7.66 24.83
N HIS D 432 -36.14 -7.15 25.58
CA HIS D 432 -36.93 -7.97 26.51
C HIS D 432 -37.80 -9.00 25.78
N THR D 433 -38.29 -8.63 24.60
CA THR D 433 -39.18 -9.50 23.82
C THR D 433 -38.43 -10.24 22.71
N ASN D 434 -37.12 -10.00 22.62
CA ASN D 434 -36.26 -10.59 21.58
C ASN D 434 -36.75 -10.35 20.15
N LEU D 435 -37.23 -9.13 19.90
CA LEU D 435 -37.77 -8.74 18.60
C LEU D 435 -36.71 -8.81 17.52
N GLU D 436 -37.03 -9.52 16.44
CA GLU D 436 -36.11 -9.73 15.32
C GLU D 436 -36.30 -8.70 14.21
N ALA D 437 -37.55 -8.36 13.90
CA ALA D 437 -37.85 -7.48 12.78
C ALA D 437 -39.08 -6.58 12.95
N GLU D 438 -38.98 -5.38 12.39
CA GLU D 438 -40.10 -4.44 12.30
C GLU D 438 -40.50 -4.24 10.84
N TYR D 439 -41.80 -4.20 10.59
CA TYR D 439 -42.31 -4.02 9.23
C TYR D 439 -43.24 -2.82 9.17
N PRO D 440 -43.13 -2.00 8.10
CA PRO D 440 -43.84 -0.73 8.02
C PRO D 440 -45.35 -0.83 8.25
N ASP D 441 -45.94 -1.97 7.87
CA ASP D 441 -47.38 -2.18 7.99
C ASP D 441 -47.86 -2.60 9.37
N THR D 442 -46.95 -3.13 10.20
CA THR D 442 -47.33 -3.67 11.52
C THR D 442 -46.58 -3.10 12.73
N LYS D 443 -45.44 -2.46 12.50
CA LYS D 443 -44.56 -2.02 13.60
C LYS D 443 -45.17 -1.00 14.55
N ASN D 444 -46.19 -0.28 14.09
CA ASN D 444 -46.85 0.73 14.92
C ASN D 444 -47.46 0.17 16.22
N LYS D 445 -47.90 -1.08 16.18
CA LYS D 445 -48.45 -1.78 17.36
C LYS D 445 -47.39 -2.01 18.44
N LEU D 446 -46.13 -2.12 18.02
CA LEU D 446 -44.99 -2.24 18.93
C LEU D 446 -44.66 -0.92 19.61
N TYR D 447 -44.74 0.17 18.85
CA TYR D 447 -44.47 1.51 19.37
C TYR D 447 -45.61 2.00 20.26
N ASP D 448 -46.85 1.57 19.94
CA ASP D 448 -48.03 1.89 20.73
C ASP D 448 -47.87 1.53 22.22
N VAL D 449 -47.10 0.47 22.48
CA VAL D 449 -46.86 -0.05 23.84
C VAL D 449 -46.14 0.96 24.73
N ASN D 450 -45.26 1.75 24.12
CA ASN D 450 -44.43 2.68 24.89
C ASN D 450 -44.70 4.16 24.65
N ALA D 451 -45.70 4.46 23.83
CA ALA D 451 -46.05 5.84 23.52
C ALA D 451 -46.37 6.67 24.76
N HIS D 452 -46.93 6.01 25.79
CA HIS D 452 -47.37 6.67 27.02
C HIS D 452 -46.26 7.37 27.78
N TYR D 453 -45.02 6.96 27.55
CA TYR D 453 -43.85 7.54 28.20
C TYR D 453 -43.59 8.98 27.79
N LEU D 454 -43.80 9.29 26.51
CA LEU D 454 -43.48 10.62 25.97
C LEU D 454 -44.51 11.21 25.02
N SER D 455 -44.79 10.51 23.91
CA SER D 455 -45.66 11.07 22.89
C SER D 455 -47.14 11.04 23.28
N ASP D 456 -47.48 10.14 24.19
CA ASP D 456 -48.82 10.10 24.76
C ASP D 456 -48.77 10.52 26.23
N ASN D 457 -47.72 11.26 26.59
CA ASN D 457 -47.53 11.80 27.94
C ASN D 457 -47.91 13.29 28.00
N PRO D 458 -49.00 13.63 28.72
CA PRO D 458 -49.50 15.01 28.83
C PRO D 458 -48.44 16.01 29.31
N GLU D 459 -47.50 15.54 30.13
CA GLU D 459 -46.42 16.40 30.68
C GLU D 459 -45.52 16.95 29.59
N TYR D 460 -45.50 16.29 28.43
CA TYR D 460 -44.67 16.68 27.32
C TYR D 460 -45.37 17.51 26.23
N GLU D 461 -46.69 17.66 26.33
CA GLU D 461 -47.45 18.43 25.33
C GLU D 461 -46.80 19.79 25.03
N VAL D 462 -46.48 20.55 26.08
CA VAL D 462 -45.92 21.89 25.92
C VAL D 462 -44.62 21.82 25.11
N ALA D 463 -43.80 20.81 25.42
CA ALA D 463 -42.53 20.62 24.72
C ALA D 463 -42.75 20.29 23.24
N TYR D 464 -43.69 19.39 22.97
CA TYR D 464 -43.98 18.93 21.61
C TYR D 464 -44.53 20.07 20.76
N LEU D 465 -45.38 20.90 21.36
CA LEU D 465 -45.99 22.02 20.66
C LEU D 465 -44.93 23.05 20.32
N ASP D 466 -44.02 23.26 21.27
CA ASP D 466 -42.92 24.17 21.10
C ASP D 466 -42.03 23.78 19.94
N ARG D 467 -41.76 22.48 19.79
CA ARG D 467 -41.00 21.99 18.64
C ARG D 467 -41.71 22.31 17.33
N ALA D 468 -43.03 22.20 17.32
CA ALA D 468 -43.85 22.48 16.14
C ALA D 468 -43.86 23.97 15.83
N SER D 469 -44.17 24.76 16.86
CA SER D 469 -44.29 26.21 16.74
C SER D 469 -42.98 26.81 16.25
N GLN D 470 -41.89 26.36 16.86
CA GLN D 470 -40.55 26.81 16.50
C GLN D 470 -40.20 26.44 15.06
N LEU D 471 -40.50 25.19 14.67
CA LEU D 471 -40.26 24.72 13.31
C LEU D 471 -40.93 25.62 12.27
N VAL D 472 -42.23 25.81 12.43
CA VAL D 472 -43.05 26.45 11.40
C VAL D 472 -42.78 27.95 11.32
N LEU D 473 -42.74 28.61 12.48
CA LEU D 473 -42.70 30.06 12.50
C LEU D 473 -41.36 30.63 12.06
N ARG D 474 -40.28 29.84 12.16
CA ARG D 474 -38.99 30.34 11.73
C ARG D 474 -38.88 30.31 10.19
N ASP D 475 -39.49 29.30 9.58
CA ASP D 475 -39.26 29.04 8.16
C ASP D 475 -40.48 29.17 7.23
N VAL D 476 -41.59 29.71 7.74
CA VAL D 476 -42.87 29.84 6.97
C VAL D 476 -42.80 30.41 5.57
N ASN D 477 -41.81 31.27 5.29
CA ASN D 477 -41.79 32.04 4.04
C ASN D 477 -40.92 31.49 2.91
N HIS D 478 -40.46 30.25 3.04
CA HIS D 478 -39.61 29.64 2.03
C HIS D 478 -40.43 28.75 1.09
N PRO D 479 -40.59 29.17 -0.18
CA PRO D 479 -41.33 28.39 -1.17
C PRO D 479 -40.83 26.95 -1.30
N SER D 480 -39.55 26.71 -1.05
CA SER D 480 -38.98 25.36 -1.16
C SER D 480 -39.61 24.37 -0.18
N ILE D 481 -39.97 24.84 1.01
CA ILE D 481 -40.64 24.00 1.99
C ILE D 481 -42.11 23.77 1.61
N ILE D 482 -42.45 22.52 1.31
CA ILE D 482 -43.84 22.17 0.97
C ILE D 482 -44.51 21.30 2.06
N ILE D 483 -43.69 20.69 2.93
CA ILE D 483 -44.21 19.78 3.96
C ILE D 483 -43.53 20.01 5.30
N TRP D 484 -44.34 20.09 6.35
CA TRP D 484 -43.84 20.11 7.71
C TRP D 484 -43.93 18.69 8.27
N SER D 485 -42.87 18.23 8.92
CA SER D 485 -42.91 16.93 9.57
C SER D 485 -42.82 17.03 11.09
N LEU D 486 -43.64 16.22 11.76
CA LEU D 486 -43.81 16.32 13.21
C LEU D 486 -42.62 15.76 14.00
N GLY D 487 -41.62 15.28 13.28
CA GLY D 487 -40.45 14.67 13.91
C GLY D 487 -40.17 13.32 13.29
N ASN D 488 -39.61 12.42 14.08
CA ASN D 488 -39.24 11.09 13.57
C ASN D 488 -39.20 10.03 14.66
N GLU D 489 -39.76 8.87 14.33
CA GLU D 489 -39.72 7.67 15.20
C GLU D 489 -39.91 8.02 16.68
N ALA D 490 -41.02 8.68 16.98
CA ALA D 490 -41.34 9.10 18.33
C ALA D 490 -42.60 8.40 18.85
N CYS D 491 -42.97 7.27 18.23
CA CYS D 491 -44.26 6.60 18.49
C CYS D 491 -45.44 7.45 18.02
N TYR D 492 -46.64 7.15 18.50
CA TYR D 492 -47.79 7.98 18.19
C TYR D 492 -48.64 8.25 19.41
N GLY D 493 -48.97 9.50 19.65
CA GLY D 493 -49.77 9.88 20.82
C GLY D 493 -50.52 11.20 20.65
N ARG D 494 -51.24 11.59 21.71
CA ARG D 494 -52.05 12.82 21.71
C ARG D 494 -51.24 14.07 21.39
N ASN D 495 -49.99 14.09 21.84
CA ASN D 495 -49.09 15.20 21.54
C ASN D 495 -48.90 15.44 20.04
N HIS D 496 -48.84 14.36 19.26
CA HIS D 496 -48.79 14.49 17.81
C HIS D 496 -50.05 15.11 17.22
N LYS D 497 -51.22 14.70 17.74
CA LYS D 497 -52.49 15.30 17.34
C LYS D 497 -52.49 16.79 17.63
N ALA D 498 -51.99 17.16 18.81
CA ALA D 498 -51.90 18.56 19.22
C ALA D 498 -50.98 19.36 18.29
N MET D 499 -49.85 18.76 17.93
CA MET D 499 -48.92 19.39 16.99
C MET D 499 -49.60 19.63 15.64
N TYR D 500 -50.38 18.64 15.18
CA TYR D 500 -51.08 18.74 13.90
C TYR D 500 -52.10 19.90 13.90
N LYS D 501 -52.95 19.98 14.93
CA LYS D 501 -53.90 21.08 15.04
C LYS D 501 -53.18 22.43 15.01
N LEU D 502 -52.09 22.55 15.76
CA LEU D 502 -51.36 23.82 15.88
C LEU D 502 -50.76 24.24 14.54
N ILE D 503 -50.14 23.30 13.84
CA ILE D 503 -49.46 23.60 12.58
C ILE D 503 -50.45 24.06 11.52
N LYS D 504 -51.61 23.41 11.46
CA LYS D 504 -52.70 23.82 10.57
C LYS D 504 -53.28 25.22 10.90
N GLN D 505 -53.30 25.57 12.19
CA GLN D 505 -53.70 26.92 12.62
C GLN D 505 -52.65 27.94 12.23
N LEU D 506 -51.39 27.63 12.50
CA LEU D 506 -50.27 28.51 12.20
C LEU D 506 -50.06 28.72 10.71
N ASP D 507 -50.09 27.63 9.94
CA ASP D 507 -49.78 27.69 8.52
C ASP D 507 -50.65 26.74 7.70
N PRO D 508 -51.83 27.21 7.26
CA PRO D 508 -52.74 26.39 6.46
C PRO D 508 -52.23 26.04 5.07
N THR D 509 -51.13 26.64 4.63
CA THR D 509 -50.69 26.50 3.24
C THR D 509 -49.90 25.22 2.91
N ARG D 510 -49.42 24.51 3.92
CA ARG D 510 -48.61 23.32 3.68
C ARG D 510 -49.22 22.03 4.25
N LEU D 511 -48.64 20.89 3.87
CA LEU D 511 -49.10 19.59 4.33
C LEU D 511 -48.24 19.06 5.48
N VAL D 512 -48.80 18.15 6.27
CA VAL D 512 -48.11 17.62 7.46
C VAL D 512 -47.75 16.15 7.28
N HIS D 513 -46.50 15.81 7.61
CA HIS D 513 -46.00 14.45 7.52
C HIS D 513 -45.63 13.95 8.91
N TYR D 514 -45.95 12.69 9.19
CA TYR D 514 -45.39 11.99 10.34
C TYR D 514 -45.50 10.47 10.23
N GLU D 515 -44.36 9.84 9.96
CA GLU D 515 -44.28 8.41 9.65
C GLU D 515 -44.74 7.52 10.81
N GLY D 516 -44.54 7.99 12.04
CA GLY D 516 -44.96 7.26 13.24
C GLY D 516 -46.47 7.09 13.32
N ASP D 517 -47.18 7.91 12.55
CA ASP D 517 -48.64 7.89 12.45
C ASP D 517 -49.03 7.08 11.21
N LEU D 518 -49.08 5.76 11.37
CA LEU D 518 -49.33 4.85 10.26
C LEU D 518 -50.57 5.20 9.44
N ASN D 519 -51.68 5.44 10.14
CA ASN D 519 -52.95 5.69 9.47
C ASN D 519 -53.22 7.17 9.18
N ALA D 520 -52.22 8.01 9.43
CA ALA D 520 -52.31 9.46 9.18
C ALA D 520 -53.59 10.07 9.77
N LEU D 521 -53.89 9.71 11.02
CA LEU D 521 -55.02 10.30 11.74
C LEU D 521 -54.79 11.79 11.97
N SER D 522 -53.52 12.17 12.12
CA SER D 522 -53.14 13.58 12.20
C SER D 522 -51.94 13.87 11.30
N ALA D 523 -52.05 13.41 10.05
CA ALA D 523 -51.14 13.77 8.97
C ALA D 523 -51.92 13.76 7.64
N ASP D 524 -51.37 14.40 6.62
CA ASP D 524 -52.06 14.53 5.33
C ASP D 524 -51.53 13.54 4.29
N ILE D 525 -50.54 12.75 4.68
CA ILE D 525 -49.74 11.92 3.76
C ILE D 525 -49.50 10.57 4.44
N PHE D 526 -49.39 9.51 3.66
CA PHE D 526 -48.89 8.23 4.19
C PHE D 526 -47.38 8.17 3.98
N SER D 527 -46.69 7.47 4.86
CA SER D 527 -45.24 7.35 4.77
C SER D 527 -44.72 6.03 5.30
N PHE D 528 -43.90 5.36 4.49
CA PHE D 528 -43.19 4.17 4.91
C PHE D 528 -41.70 4.40 4.97
N MET D 529 -41.01 3.60 5.77
CA MET D 529 -39.56 3.51 5.66
C MET D 529 -39.07 2.08 5.41
N TYR D 530 -38.19 1.95 4.42
CA TYR D 530 -37.59 0.67 3.99
C TYR D 530 -38.61 -0.44 3.68
N PRO D 531 -39.72 -0.10 2.99
CA PRO D 531 -40.72 -1.13 2.78
C PRO D 531 -40.37 -2.08 1.65
N THR D 532 -40.91 -3.28 1.77
CA THR D 532 -40.84 -4.27 0.72
C THR D 532 -41.86 -3.89 -0.35
N PHE D 533 -41.65 -4.32 -1.60
CA PHE D 533 -42.63 -4.01 -2.66
C PHE D 533 -44.00 -4.56 -2.32
N GLU D 534 -44.03 -5.81 -1.84
CA GLU D 534 -45.26 -6.45 -1.39
C GLU D 534 -45.99 -5.59 -0.36
N ILE D 535 -45.25 -4.98 0.57
CA ILE D 535 -45.83 -4.18 1.64
C ILE D 535 -46.39 -2.87 1.09
N MET D 536 -45.67 -2.28 0.14
CA MET D 536 -46.12 -1.08 -0.57
C MET D 536 -47.45 -1.36 -1.29
N GLU D 537 -47.46 -2.48 -1.99
CA GLU D 537 -48.59 -2.93 -2.79
C GLU D 537 -49.85 -3.30 -1.97
N ARG D 538 -49.66 -3.98 -0.83
CA ARG D 538 -50.75 -4.21 0.13
C ARG D 538 -51.39 -2.88 0.53
N TRP D 539 -50.55 -1.91 0.85
CA TRP D 539 -51.01 -0.63 1.36
C TRP D 539 -51.79 0.11 0.29
N ARG D 540 -51.20 0.20 -0.91
CA ARG D 540 -51.85 0.81 -2.06
C ARG D 540 -53.26 0.25 -2.24
N LYS D 541 -53.35 -1.07 -2.33
CA LYS D 541 -54.62 -1.75 -2.60
C LYS D 541 -55.65 -1.55 -1.50
N ASN D 542 -55.20 -1.52 -0.23
CA ASN D 542 -56.10 -1.32 0.90
C ASN D 542 -56.53 0.14 1.09
N HIS D 543 -55.99 1.04 0.26
CA HIS D 543 -56.31 2.47 0.40
C HIS D 543 -56.83 3.09 -0.89
N THR D 544 -56.90 2.27 -1.94
CA THR D 544 -57.55 2.62 -3.18
C THR D 544 -58.92 1.96 -3.15
N ASP D 545 -59.97 2.74 -3.34
CA ASP D 545 -61.32 2.19 -3.36
C ASP D 545 -61.66 1.56 -4.74
N GLU D 546 -62.84 0.98 -4.85
CA GLU D 546 -63.26 0.27 -6.05
C GLU D 546 -63.22 1.15 -7.31
N ASN D 547 -63.46 2.45 -7.13
CA ASN D 547 -63.43 3.43 -8.22
C ASN D 547 -62.01 3.79 -8.69
N GLY D 548 -61.01 3.43 -7.90
CA GLY D 548 -59.61 3.80 -8.19
C GLY D 548 -59.16 5.07 -7.46
N LYS D 549 -60.03 5.62 -6.62
CA LYS D 549 -59.70 6.83 -5.86
C LYS D 549 -58.97 6.49 -4.57
N PHE D 550 -57.96 7.28 -4.25
CA PHE D 550 -57.32 7.24 -2.93
C PHE D 550 -57.42 8.60 -2.28
N GLU D 551 -57.48 8.61 -0.96
CA GLU D 551 -57.68 9.83 -0.20
C GLU D 551 -56.33 10.52 0.09
N LYS D 552 -55.28 9.72 0.28
CA LYS D 552 -53.92 10.20 0.57
C LYS D 552 -52.88 9.33 -0.15
N PRO D 553 -51.69 9.89 -0.48
CA PRO D 553 -50.69 9.12 -1.22
C PRO D 553 -49.62 8.48 -0.33
N LEU D 554 -48.66 7.79 -0.95
CA LEU D 554 -47.57 7.22 -0.19
C LEU D 554 -46.19 7.71 -0.63
N ILE D 555 -45.41 8.20 0.32
CA ILE D 555 -44.01 8.48 0.06
C ILE D 555 -43.12 7.53 0.87
N LEU D 556 -41.86 7.40 0.47
CA LEU D 556 -40.92 6.66 1.27
C LEU D 556 -39.95 7.66 1.89
N CYS D 557 -40.26 8.12 3.10
CA CYS D 557 -39.42 9.11 3.76
C CYS D 557 -37.99 8.60 3.97
N GLU D 558 -37.84 7.29 4.12
CA GLU D 558 -36.53 6.64 4.12
C GLU D 558 -36.62 5.33 3.34
N TYR D 559 -35.70 5.11 2.41
CA TYR D 559 -35.63 3.84 1.67
C TYR D 559 -34.25 3.70 1.04
N GLY D 560 -33.97 2.52 0.49
CA GLY D 560 -32.69 2.24 -0.19
C GLY D 560 -31.49 2.59 0.68
N HIS D 561 -31.50 2.08 1.91
CA HIS D 561 -30.42 2.29 2.86
C HIS D 561 -29.07 2.21 2.16
N ALA D 562 -28.33 3.33 2.19
CA ALA D 562 -27.14 3.50 1.38
C ALA D 562 -25.83 3.05 2.02
N MET D 563 -25.91 2.24 3.08
CA MET D 563 -24.74 1.82 3.85
C MET D 563 -23.80 0.93 3.04
N GLY D 564 -22.56 1.39 2.89
CA GLY D 564 -21.51 0.63 2.21
C GLY D 564 -21.87 0.24 0.78
N ASN D 565 -21.36 -0.91 0.34
CA ASN D 565 -21.62 -1.40 -1.00
C ASN D 565 -23.11 -1.63 -1.19
N GLY D 566 -23.71 -0.74 -1.97
CA GLY D 566 -25.16 -0.67 -2.15
C GLY D 566 -25.61 0.77 -2.33
N PRO D 567 -26.93 1.01 -2.32
CA PRO D 567 -27.98 0.00 -2.18
C PRO D 567 -28.30 -0.69 -3.51
N GLY D 568 -28.66 -1.97 -3.42
CA GLY D 568 -29.13 -2.72 -4.57
C GLY D 568 -30.61 -2.46 -4.79
N SER D 569 -31.05 -2.68 -6.03
CA SER D 569 -32.47 -2.67 -6.45
C SER D 569 -33.19 -1.31 -6.37
N LEU D 570 -32.44 -0.23 -6.48
CA LEU D 570 -33.02 1.10 -6.65
C LEU D 570 -33.88 1.13 -7.90
N LYS D 571 -33.47 0.34 -8.88
CA LYS D 571 -34.19 0.15 -10.13
C LYS D 571 -35.64 -0.29 -9.91
N GLU D 572 -35.81 -1.33 -9.09
CA GLU D 572 -37.11 -1.95 -8.88
C GLU D 572 -38.07 -1.01 -8.11
N TYR D 573 -37.53 -0.25 -7.16
CA TYR D 573 -38.28 0.78 -6.46
C TYR D 573 -38.78 1.86 -7.44
N GLN D 574 -37.91 2.25 -8.37
CA GLN D 574 -38.24 3.29 -9.32
C GLN D 574 -39.35 2.86 -10.28
N GLU D 575 -39.23 1.65 -10.82
CA GLU D 575 -40.26 1.09 -11.68
C GLU D 575 -41.62 1.19 -11.00
N LEU D 576 -41.64 0.86 -9.71
CA LEU D 576 -42.85 0.95 -8.91
C LEU D 576 -43.34 2.40 -8.81
N PHE D 577 -42.42 3.34 -8.56
CA PHE D 577 -42.79 4.76 -8.45
C PHE D 577 -43.50 5.29 -9.70
N TYR D 578 -42.95 4.97 -10.86
CA TYR D 578 -43.51 5.42 -12.13
C TYR D 578 -44.83 4.75 -12.52
N LYS D 579 -45.06 3.55 -12.00
CA LYS D 579 -46.22 2.77 -12.39
C LYS D 579 -47.51 3.21 -11.73
N GLU D 580 -47.42 3.72 -10.51
CA GLU D 580 -48.62 4.08 -9.74
C GLU D 580 -48.64 5.54 -9.30
N LYS D 581 -49.72 6.23 -9.65
CA LYS D 581 -49.94 7.61 -9.26
C LYS D 581 -49.94 7.72 -7.72
N PHE D 582 -50.38 6.66 -7.05
CA PHE D 582 -50.44 6.60 -5.59
C PHE D 582 -49.08 6.75 -4.89
N TYR D 583 -48.02 6.23 -5.52
CA TYR D 583 -46.67 6.44 -5.04
C TYR D 583 -46.12 7.74 -5.60
N GLN D 584 -45.51 8.55 -4.74
CA GLN D 584 -44.95 9.82 -5.17
C GLN D 584 -43.45 9.94 -4.89
N GLY D 585 -42.78 8.80 -4.84
CA GLY D 585 -41.34 8.77 -4.72
C GLY D 585 -40.83 8.51 -3.32
N GLY D 586 -39.59 8.92 -3.07
CA GLY D 586 -38.93 8.67 -1.81
C GLY D 586 -37.69 9.49 -1.55
N PHE D 587 -37.18 9.34 -0.34
CA PHE D 587 -35.95 9.99 0.07
C PHE D 587 -35.03 8.89 0.56
N ILE D 588 -33.92 8.66 -0.13
CA ILE D 588 -33.03 7.61 0.33
C ILE D 588 -32.32 8.02 1.62
N TRP D 589 -32.01 7.03 2.45
CA TRP D 589 -31.23 7.23 3.65
C TRP D 589 -29.84 6.68 3.40
N GLU D 590 -28.78 7.49 3.44
CA GLU D 590 -28.76 8.88 3.87
C GLU D 590 -27.90 9.66 2.84
N TRP D 591 -27.74 10.97 3.01
CA TRP D 591 -26.89 11.73 2.08
C TRP D 591 -25.41 11.37 2.19
N ALA D 592 -24.89 11.36 3.42
CA ALA D 592 -23.46 11.14 3.64
C ALA D 592 -23.16 10.40 4.94
N ASN D 593 -22.10 9.58 4.90
CA ASN D 593 -21.53 8.98 6.10
C ASN D 593 -21.23 10.04 7.17
N HIS D 594 -21.45 9.69 8.43
CA HIS D 594 -21.23 10.61 9.55
C HIS D 594 -19.83 10.49 10.15
N GLY D 595 -18.86 10.02 9.37
CA GLY D 595 -17.54 9.78 9.89
C GLY D 595 -16.85 11.01 10.42
N ILE D 596 -16.20 10.87 11.57
CA ILE D 596 -15.40 11.93 12.16
C ILE D 596 -13.93 11.62 11.92
N GLU D 597 -13.17 12.61 11.45
CA GLU D 597 -11.74 12.42 11.20
C GLU D 597 -10.97 12.26 12.51
N PHE D 598 -10.07 11.28 12.53
CA PHE D 598 -9.28 10.97 13.72
C PHE D 598 -8.02 10.18 13.33
N GLU D 599 -7.10 10.08 14.29
CA GLU D 599 -5.87 9.33 14.06
C GLU D 599 -6.05 7.88 14.51
N ASP D 600 -5.82 6.96 13.58
CA ASP D 600 -6.05 5.54 13.77
C ASP D 600 -4.70 4.81 13.78
N VAL D 601 -4.58 3.79 14.62
CA VAL D 601 -3.41 2.90 14.54
C VAL D 601 -3.71 1.78 13.57
N SER D 602 -2.83 1.61 12.60
CA SER D 602 -3.06 0.68 11.51
C SER D 602 -2.78 -0.76 11.89
N THR D 603 -3.70 -1.61 11.50
CA THR D 603 -3.59 -3.05 11.65
C THR D 603 -2.68 -3.66 10.58
N ALA D 604 -2.49 -2.93 9.48
CA ALA D 604 -1.62 -3.36 8.39
C ALA D 604 -0.17 -2.93 8.63
N ASP D 605 -0.01 -1.80 9.28
CA ASP D 605 1.21 -1.00 9.25
C ASP D 605 1.92 -0.98 10.60
N GLY D 606 1.13 -0.92 11.67
CA GLY D 606 1.62 -0.65 13.00
C GLY D 606 1.86 0.83 13.20
N LYS D 607 1.40 1.65 12.26
CA LYS D 607 1.67 3.09 12.26
C LYS D 607 0.38 3.91 12.31
N LEU D 608 0.52 5.22 12.52
CA LEU D 608 -0.63 6.10 12.69
C LEU D 608 -1.07 6.68 11.35
N HIS D 609 -2.39 6.67 11.11
CA HIS D 609 -2.96 7.14 9.85
C HIS D 609 -4.26 7.87 10.09
N LYS D 610 -4.59 8.80 9.20
CA LYS D 610 -5.88 9.49 9.20
C LYS D 610 -6.98 8.48 8.81
N ALA D 611 -8.07 8.47 9.58
CA ALA D 611 -9.22 7.61 9.29
C ALA D 611 -10.54 8.30 9.65
N TYR D 612 -11.66 7.62 9.40
CA TYR D 612 -12.96 8.18 9.73
C TYR D 612 -13.69 7.30 10.72
N ALA D 613 -13.98 7.87 11.88
CA ALA D 613 -14.50 7.14 13.02
C ALA D 613 -15.98 6.82 12.92
N TYR D 614 -16.35 5.62 13.35
CA TYR D 614 -17.73 5.27 13.60
C TYR D 614 -17.80 4.72 15.03
N GLY D 615 -18.96 4.24 15.43
CA GLY D 615 -19.16 3.76 16.80
C GLY D 615 -18.05 2.83 17.24
N GLY D 616 -17.54 3.04 18.44
CA GLY D 616 -16.52 2.17 19.01
C GLY D 616 -15.13 2.79 19.00
N ASP D 617 -14.85 3.58 17.96
CA ASP D 617 -13.54 4.21 17.80
C ASP D 617 -13.23 5.23 18.90
N PHE D 618 -14.27 5.86 19.43
CA PHE D 618 -14.12 6.78 20.56
C PHE D 618 -14.41 6.11 21.90
N LYS D 619 -14.49 4.78 21.89
CA LYS D 619 -14.58 3.94 23.09
C LYS D 619 -15.78 4.26 23.97
N GLU D 620 -16.96 4.28 23.36
CA GLU D 620 -18.21 4.49 24.07
C GLU D 620 -18.55 3.22 24.85
N GLU D 621 -19.20 3.39 26.00
CA GLU D 621 -19.75 2.26 26.76
C GLU D 621 -20.74 1.51 25.90
N VAL D 622 -21.68 2.27 25.33
CA VAL D 622 -22.66 1.73 24.39
C VAL D 622 -22.59 2.55 23.10
N HIS D 623 -22.62 1.84 21.98
CA HIS D 623 -22.57 2.48 20.67
C HIS D 623 -23.18 1.55 19.63
N ASP D 624 -23.37 2.07 18.42
CA ASP D 624 -23.96 1.27 17.35
C ASP D 624 -23.05 1.12 16.13
N GLY D 625 -21.74 1.14 16.39
CA GLY D 625 -20.73 0.71 15.44
C GLY D 625 -20.76 1.44 14.11
N VAL D 626 -20.79 0.65 13.05
CA VAL D 626 -20.58 1.13 11.69
C VAL D 626 -21.85 1.69 11.02
N PHE D 627 -22.97 1.71 11.76
CA PHE D 627 -24.21 2.30 11.23
C PHE D 627 -24.14 3.80 11.00
N ILE D 628 -23.02 4.40 11.43
CA ILE D 628 -22.66 5.78 11.15
C ILE D 628 -22.43 5.98 9.65
N MET D 629 -21.91 4.94 9.00
CA MET D 629 -21.46 5.00 7.63
C MET D 629 -22.53 4.54 6.63
N ASP D 630 -23.62 5.31 6.54
CA ASP D 630 -24.78 4.88 5.75
C ASP D 630 -25.20 5.87 4.67
N GLY D 631 -24.24 6.58 4.08
CA GLY D 631 -24.54 7.59 3.05
C GLY D 631 -24.27 7.20 1.61
N LEU D 632 -24.90 7.95 0.71
CA LEU D 632 -24.60 7.91 -0.72
C LEU D 632 -23.25 8.55 -0.97
N CYS D 633 -22.88 9.51 -0.11
CA CYS D 633 -21.54 10.09 -0.11
C CYS D 633 -20.76 9.61 1.12
N ASN D 634 -19.43 9.58 1.00
CA ASN D 634 -18.58 9.20 2.12
C ASN D 634 -18.50 10.30 3.17
N SER D 635 -17.66 10.08 4.19
CA SER D 635 -17.55 11.02 5.33
C SER D 635 -17.01 12.38 4.91
N GLU D 636 -16.26 12.39 3.82
CA GLU D 636 -15.72 13.61 3.28
C GLU D 636 -16.74 14.25 2.30
N HIS D 637 -17.95 13.68 2.29
CA HIS D 637 -19.07 14.16 1.47
C HIS D 637 -18.76 14.12 -0.03
N ASN D 638 -18.06 13.07 -0.46
CA ASN D 638 -17.81 12.81 -1.87
C ASN D 638 -18.58 11.59 -2.33
N PRO D 639 -18.99 11.56 -3.62
CA PRO D 639 -19.86 10.49 -4.14
C PRO D 639 -19.29 9.09 -4.01
N THR D 640 -20.12 8.14 -3.57
CA THR D 640 -19.80 6.72 -3.65
C THR D 640 -20.46 6.14 -4.92
N PRO D 641 -20.23 4.84 -5.21
CA PRO D 641 -21.00 4.20 -6.28
C PRO D 641 -22.52 4.22 -6.04
N GLY D 642 -22.94 4.30 -4.78
CA GLY D 642 -24.34 4.48 -4.44
C GLY D 642 -24.94 5.71 -5.10
N LEU D 643 -24.28 6.85 -4.94
CA LEU D 643 -24.79 8.09 -5.50
C LEU D 643 -24.79 8.02 -7.03
N VAL D 644 -23.74 7.40 -7.59
CA VAL D 644 -23.61 7.28 -9.04
C VAL D 644 -24.77 6.47 -9.61
N GLU D 645 -25.17 5.41 -8.90
CA GLU D 645 -26.28 4.56 -9.31
C GLU D 645 -27.61 5.32 -9.20
N TYR D 646 -27.80 6.01 -8.08
CA TYR D 646 -29.04 6.73 -7.82
C TYR D 646 -29.32 7.77 -8.90
N LYS D 647 -28.29 8.49 -9.34
CA LYS D 647 -28.43 9.49 -10.38
C LYS D 647 -29.01 8.88 -11.64
N LYS D 648 -28.57 7.67 -11.98
CA LYS D 648 -29.05 7.01 -13.16
C LYS D 648 -30.48 6.51 -13.03
N VAL D 649 -30.83 5.87 -11.91
CA VAL D 649 -32.19 5.33 -11.80
C VAL D 649 -33.25 6.44 -11.76
N ILE D 650 -32.89 7.62 -11.25
CA ILE D 650 -33.83 8.73 -11.13
C ILE D 650 -33.78 9.72 -12.29
N GLU D 651 -32.91 9.49 -13.26
CA GLU D 651 -32.78 10.42 -14.40
C GLU D 651 -34.14 10.85 -14.95
N PRO D 652 -34.36 12.18 -15.08
CA PRO D 652 -35.68 12.70 -15.44
C PRO D 652 -36.02 12.63 -16.95
N VAL D 653 -35.23 11.90 -17.73
CA VAL D 653 -35.51 11.63 -19.14
C VAL D 653 -35.15 10.18 -19.43
N HIS D 654 -36.07 9.44 -20.06
CA HIS D 654 -35.78 8.06 -20.45
C HIS D 654 -35.35 8.01 -21.91
N ILE D 655 -34.25 7.30 -22.17
CA ILE D 655 -33.74 7.12 -23.53
C ILE D 655 -33.61 5.62 -23.81
N LYS D 656 -34.49 5.11 -24.67
CA LYS D 656 -34.53 3.69 -25.00
C LYS D 656 -34.18 3.48 -26.45
N ILE D 657 -33.20 2.62 -26.69
CA ILE D 657 -32.75 2.34 -28.04
C ILE D 657 -32.96 0.88 -28.41
N ALA D 658 -33.87 0.66 -29.35
CA ALA D 658 -34.20 -0.66 -29.85
C ALA D 658 -34.82 -0.59 -31.24
N HIS D 659 -34.56 -1.62 -32.03
CA HIS D 659 -35.11 -1.78 -33.40
C HIS D 659 -34.94 -0.54 -34.26
N GLY D 660 -33.70 -0.04 -34.36
CA GLY D 660 -33.43 1.13 -35.20
C GLY D 660 -34.19 2.39 -34.78
N SER D 661 -34.59 2.45 -33.51
CA SER D 661 -35.34 3.58 -32.96
C SER D 661 -34.80 4.03 -31.62
N VAL D 662 -34.81 5.34 -31.43
CA VAL D 662 -34.57 5.95 -30.12
C VAL D 662 -35.89 6.52 -29.60
N THR D 663 -36.36 6.00 -28.47
CA THR D 663 -37.53 6.56 -27.82
C THR D 663 -37.10 7.39 -26.61
N ILE D 664 -37.51 8.66 -26.61
CA ILE D 664 -37.18 9.60 -25.55
C ILE D 664 -38.46 10.03 -24.85
N THR D 665 -38.54 9.79 -23.55
CA THR D 665 -39.72 10.19 -22.74
C THR D 665 -39.32 11.20 -21.67
N ASN D 666 -40.06 12.31 -21.60
CA ASN D 666 -39.79 13.31 -20.57
C ASN D 666 -40.40 12.87 -19.26
N LYS D 667 -39.55 12.69 -18.24
CA LYS D 667 -40.02 12.26 -16.94
C LYS D 667 -39.93 13.34 -15.87
N HIS D 668 -39.77 14.60 -16.27
CA HIS D 668 -39.86 15.73 -15.34
C HIS D 668 -41.30 15.92 -14.88
N ASP D 669 -41.48 16.69 -13.81
CA ASP D 669 -42.82 17.03 -13.35
C ASP D 669 -43.35 18.28 -14.04
N PHE D 670 -42.45 19.18 -14.45
CA PHE D 670 -42.86 20.49 -14.93
C PHE D 670 -42.15 20.92 -16.19
N ILE D 671 -40.82 20.81 -16.21
CA ILE D 671 -40.04 21.42 -17.28
C ILE D 671 -40.01 20.58 -18.55
N THR D 672 -39.72 21.27 -19.64
CA THR D 672 -39.61 20.72 -20.96
C THR D 672 -38.19 20.14 -21.16
N THR D 673 -37.93 19.54 -22.32
CA THR D 673 -36.60 19.03 -22.65
C THR D 673 -35.75 20.05 -23.43
N ASP D 674 -36.28 21.26 -23.63
CA ASP D 674 -35.65 22.29 -24.48
C ASP D 674 -34.24 22.66 -24.06
N HIS D 675 -34.00 22.61 -22.75
CA HIS D 675 -32.69 22.94 -22.17
C HIS D 675 -31.64 21.88 -22.45
N LEU D 676 -32.07 20.77 -23.05
CA LEU D 676 -31.19 19.62 -23.27
C LEU D 676 -30.73 19.46 -24.71
N LEU D 677 -29.44 19.14 -24.84
CA LEU D 677 -28.84 18.78 -26.11
C LEU D 677 -28.70 17.27 -26.16
N PHE D 678 -29.27 16.66 -27.19
CA PHE D 678 -29.16 15.22 -27.39
C PHE D 678 -28.07 14.89 -28.42
N ILE D 679 -27.05 14.14 -27.99
CA ILE D 679 -25.94 13.77 -28.87
C ILE D 679 -25.96 12.28 -29.20
N ASP D 680 -25.85 11.97 -30.49
CA ASP D 680 -25.63 10.61 -30.95
C ASP D 680 -24.14 10.32 -30.76
N LYS D 681 -23.85 9.53 -29.73
CA LYS D 681 -22.46 9.27 -29.34
C LYS D 681 -21.66 8.47 -30.36
N ASP D 682 -22.35 7.72 -31.21
CA ASP D 682 -21.70 6.92 -32.25
C ASP D 682 -21.14 7.79 -33.37
N THR D 683 -21.77 8.93 -33.61
CA THR D 683 -21.36 9.84 -34.69
C THR D 683 -20.82 11.20 -34.18
N GLY D 684 -21.28 11.62 -33.00
CA GLY D 684 -20.89 12.92 -32.46
C GLY D 684 -21.80 14.05 -32.89
N LYS D 685 -22.64 13.81 -33.90
CA LYS D 685 -23.60 14.81 -34.33
C LYS D 685 -24.85 14.79 -33.45
N THR D 686 -25.47 15.96 -33.29
CA THR D 686 -26.61 16.11 -32.39
C THR D 686 -27.90 15.61 -33.04
N ILE D 687 -28.87 15.27 -32.20
CA ILE D 687 -30.17 14.78 -32.68
C ILE D 687 -31.24 15.83 -32.42
N ASP D 688 -31.99 16.16 -33.46
CA ASP D 688 -33.11 17.10 -33.36
C ASP D 688 -34.25 16.45 -32.60
N VAL D 689 -34.41 16.84 -31.34
CA VAL D 689 -35.48 16.31 -30.52
C VAL D 689 -36.52 17.37 -30.25
N PRO D 690 -37.79 17.10 -30.63
CA PRO D 690 -38.94 17.98 -30.41
C PRO D 690 -39.11 18.35 -28.95
N SER D 691 -39.62 19.54 -28.70
CA SER D 691 -39.82 20.00 -27.33
C SER D 691 -40.86 19.11 -26.64
N LEU D 692 -40.42 18.34 -25.65
CA LEU D 692 -41.31 17.38 -24.98
C LEU D 692 -41.82 17.89 -23.63
N LYS D 693 -43.13 17.85 -23.45
CA LYS D 693 -43.75 18.20 -22.18
C LYS D 693 -43.64 17.02 -21.21
N PRO D 694 -43.87 17.26 -19.90
CA PRO D 694 -43.89 16.14 -18.96
C PRO D 694 -44.77 14.98 -19.43
N GLU D 695 -44.18 13.79 -19.45
CA GLU D 695 -44.82 12.53 -19.88
C GLU D 695 -44.95 12.31 -21.39
N GLU D 696 -44.65 13.33 -22.19
CA GLU D 696 -44.66 13.18 -23.65
C GLU D 696 -43.45 12.37 -24.10
N SER D 697 -43.60 11.63 -25.19
CA SER D 697 -42.47 10.91 -25.77
C SER D 697 -42.44 10.95 -27.29
N VAL D 698 -41.30 10.55 -27.86
CA VAL D 698 -41.07 10.60 -29.30
C VAL D 698 -40.17 9.44 -29.69
N THR D 699 -40.48 8.83 -30.83
CA THR D 699 -39.63 7.79 -31.41
C THR D 699 -38.94 8.36 -32.65
N ILE D 700 -37.62 8.28 -32.68
CA ILE D 700 -36.84 8.78 -33.83
C ILE D 700 -36.00 7.67 -34.42
N PRO D 701 -36.19 7.39 -35.74
CA PRO D 701 -35.42 6.34 -36.41
C PRO D 701 -33.94 6.70 -36.41
N SER D 702 -33.09 5.72 -36.08
CA SER D 702 -31.66 5.96 -35.94
C SER D 702 -30.88 4.66 -35.89
N ASP D 703 -29.65 4.70 -36.35
CA ASP D 703 -28.74 3.56 -36.28
C ASP D 703 -27.85 3.60 -35.04
N THR D 704 -28.17 4.52 -34.14
CA THR D 704 -27.32 4.76 -32.96
C THR D 704 -27.38 3.66 -31.89
N THR D 705 -26.30 3.59 -31.11
CA THR D 705 -26.12 2.59 -30.09
C THR D 705 -26.20 3.25 -28.73
N TYR D 706 -25.97 4.55 -28.70
CA TYR D 706 -25.62 5.26 -27.48
C TYR D 706 -25.98 6.72 -27.66
N VAL D 707 -26.96 7.17 -26.87
CA VAL D 707 -27.43 8.55 -26.91
C VAL D 707 -27.31 9.21 -25.54
N VAL D 708 -26.80 10.44 -25.54
CA VAL D 708 -26.59 11.19 -24.32
C VAL D 708 -27.46 12.45 -24.29
N ALA D 709 -28.04 12.74 -23.13
CA ALA D 709 -28.78 13.98 -22.91
C ALA D 709 -27.97 14.89 -21.99
N VAL D 710 -27.68 16.07 -22.50
CA VAL D 710 -26.71 16.97 -21.89
C VAL D 710 -27.24 18.40 -21.80
N LEU D 711 -26.74 19.17 -20.84
CA LEU D 711 -27.17 20.56 -20.66
C LEU D 711 -26.57 21.51 -21.70
N LYS D 712 -27.43 22.27 -22.38
CA LYS D 712 -27.01 23.22 -23.43
C LYS D 712 -26.17 24.38 -22.90
N ASP D 713 -26.60 24.96 -21.78
CA ASP D 713 -25.94 26.13 -21.20
C ASP D 713 -25.78 26.01 -19.70
N ASP D 714 -24.82 26.74 -19.14
CA ASP D 714 -24.73 26.88 -17.69
C ASP D 714 -26.11 27.31 -17.19
N ALA D 715 -26.65 26.57 -16.25
CA ALA D 715 -27.94 26.91 -15.62
C ALA D 715 -27.95 26.43 -14.18
N GLY D 716 -28.37 27.29 -13.26
CA GLY D 716 -28.28 26.98 -11.83
C GLY D 716 -26.84 26.83 -11.40
N VAL D 717 -26.53 25.67 -10.83
CA VAL D 717 -25.16 25.36 -10.41
C VAL D 717 -24.52 24.30 -11.31
N LEU D 718 -25.19 24.03 -12.44
CA LEU D 718 -24.72 23.05 -13.43
C LEU D 718 -24.10 23.72 -14.65
N LYS D 719 -23.09 23.06 -15.22
CA LYS D 719 -22.36 23.57 -16.38
C LYS D 719 -22.88 23.02 -17.70
N ALA D 720 -22.69 23.78 -18.77
CA ALA D 720 -22.99 23.32 -20.11
C ALA D 720 -22.26 22.01 -20.32
N GLY D 721 -22.95 21.02 -20.88
CA GLY D 721 -22.34 19.72 -21.18
C GLY D 721 -22.51 18.70 -20.06
N HIS D 722 -23.08 19.12 -18.95
CA HIS D 722 -23.36 18.22 -17.84
C HIS D 722 -24.41 17.20 -18.26
N GLU D 723 -24.14 15.93 -17.95
CA GLU D 723 -24.99 14.82 -18.34
C GLU D 723 -26.18 14.69 -17.38
N ILE D 724 -27.38 14.67 -17.95
CA ILE D 724 -28.62 14.52 -17.19
C ILE D 724 -29.17 13.09 -17.34
N ALA D 725 -29.14 12.59 -18.56
CA ALA D 725 -29.66 11.26 -18.86
C ALA D 725 -28.91 10.65 -20.04
N TRP D 726 -29.03 9.34 -20.20
CA TRP D 726 -28.44 8.62 -21.33
C TRP D 726 -29.11 7.26 -21.53
N GLY D 727 -28.91 6.69 -22.71
CA GLY D 727 -29.39 5.36 -23.03
C GLY D 727 -28.44 4.65 -23.97
N GLN D 728 -28.48 3.32 -23.92
CA GLN D 728 -27.71 2.50 -24.85
C GLN D 728 -28.56 1.39 -25.39
N ALA D 729 -28.29 0.98 -26.62
CA ALA D 729 -28.81 -0.28 -27.17
C ALA D 729 -28.09 -1.40 -26.47
N GLU D 730 -28.78 -2.51 -26.21
CA GLU D 730 -28.12 -3.62 -25.54
C GLU D 730 -27.06 -4.22 -26.45
N LEU D 731 -25.94 -4.61 -25.86
CA LEU D 731 -24.75 -4.98 -26.60
C LEU D 731 -24.58 -6.52 -26.59
N PRO D 732 -24.70 -7.15 -27.79
CA PRO D 732 -24.54 -8.60 -27.88
C PRO D 732 -23.12 -9.00 -27.56
N LEU D 733 -22.94 -10.18 -26.96
CA LEU D 733 -21.62 -10.69 -26.66
C LEU D 733 -20.95 -11.24 -27.92
N LYS D 734 -19.88 -10.57 -28.33
CA LYS D 734 -19.13 -10.97 -29.51
C LYS D 734 -17.81 -11.64 -29.06
N VAL D 735 -17.51 -12.80 -29.65
CA VAL D 735 -16.23 -13.48 -29.42
C VAL D 735 -15.14 -12.67 -30.11
N PRO D 736 -14.04 -12.34 -29.38
CA PRO D 736 -12.96 -11.62 -30.05
C PRO D 736 -12.40 -12.45 -31.20
N ASP D 737 -11.77 -11.77 -32.15
CA ASP D 737 -11.24 -12.42 -33.34
C ASP D 737 -9.81 -12.91 -33.09
N PHE D 738 -9.60 -13.55 -31.95
CA PHE D 738 -8.30 -14.12 -31.61
C PHE D 738 -8.05 -15.39 -32.42
N VAL D 739 -6.88 -15.49 -33.01
CA VAL D 739 -6.50 -16.66 -33.80
C VAL D 739 -5.68 -17.62 -32.93
N THR D 740 -6.31 -18.74 -32.58
CA THR D 740 -5.66 -19.79 -31.83
C THR D 740 -4.68 -20.53 -32.74
N GLU D 741 -3.45 -20.71 -32.27
CA GLU D 741 -2.43 -21.43 -33.03
C GLU D 741 -2.66 -22.94 -32.94
N THR D 742 -3.21 -23.50 -34.01
CA THR D 742 -3.54 -24.93 -34.09
C THR D 742 -2.54 -25.70 -34.95
N ALA D 743 -1.49 -25.01 -35.38
CA ALA D 743 -0.40 -25.66 -36.14
C ALA D 743 0.32 -26.66 -35.24
N GLU D 744 0.90 -27.69 -35.85
CA GLU D 744 1.55 -28.72 -35.07
C GLU D 744 2.95 -28.33 -34.60
N LYS D 745 3.07 -28.10 -33.30
CA LYS D 745 4.33 -27.84 -32.66
C LYS D 745 4.72 -29.05 -31.82
N ALA D 746 5.99 -29.42 -31.85
CA ALA D 746 6.51 -30.45 -30.97
C ALA D 746 6.42 -29.97 -29.51
N ALA D 747 5.87 -30.80 -28.63
CA ALA D 747 5.67 -30.43 -27.23
C ALA D 747 6.13 -31.53 -26.28
N LYS D 748 6.94 -31.16 -25.30
CA LYS D 748 7.42 -32.10 -24.30
C LYS D 748 6.45 -32.18 -23.12
N ILE D 749 5.89 -33.37 -22.91
CA ILE D 749 4.98 -33.61 -21.80
C ILE D 749 5.66 -34.49 -20.75
N ASN D 750 5.81 -33.94 -19.54
CA ASN D 750 6.44 -34.65 -18.44
C ASN D 750 5.47 -34.87 -17.28
N ASP D 751 4.90 -36.07 -17.21
CA ASP D 751 3.91 -36.41 -16.18
C ASP D 751 4.60 -37.10 -15.01
N GLY D 752 5.11 -36.30 -14.06
CA GLY D 752 5.84 -36.82 -12.91
C GLY D 752 4.94 -37.39 -11.83
N LYS D 753 5.54 -37.70 -10.68
CA LYS D 753 4.81 -38.28 -9.55
C LYS D 753 3.82 -37.30 -8.95
N ARG D 754 4.24 -36.05 -8.78
CA ARG D 754 3.39 -34.99 -8.25
C ARG D 754 3.07 -33.92 -9.28
N TYR D 755 4.07 -33.54 -10.09
CA TYR D 755 3.93 -32.41 -11.00
C TYR D 755 3.82 -32.83 -12.46
N VAL D 756 2.97 -32.13 -13.21
CA VAL D 756 2.89 -32.33 -14.67
C VAL D 756 3.36 -31.09 -15.46
N SER D 757 4.33 -31.30 -16.36
CA SER D 757 4.88 -30.24 -17.19
C SER D 757 4.44 -30.35 -18.64
N VAL D 758 4.06 -29.22 -19.22
CA VAL D 758 3.85 -29.13 -20.66
C VAL D 758 4.70 -27.99 -21.19
N GLU D 759 5.71 -28.32 -21.98
CA GLU D 759 6.64 -27.35 -22.53
C GLU D 759 6.61 -27.34 -24.05
N SER D 760 6.54 -26.14 -24.60
CA SER D 760 6.63 -25.94 -26.04
C SER D 760 7.29 -24.59 -26.29
N SER D 761 7.55 -24.28 -27.55
CA SER D 761 8.10 -22.98 -27.92
C SER D 761 7.16 -21.88 -27.41
N GLY D 762 7.68 -21.05 -26.51
CA GLY D 762 6.92 -19.92 -25.96
C GLY D 762 5.90 -20.28 -24.90
N LEU D 763 5.94 -21.51 -24.42
CA LEU D 763 4.92 -22.01 -23.49
C LEU D 763 5.48 -22.91 -22.41
N HIS D 764 4.98 -22.70 -21.20
CA HIS D 764 5.39 -23.44 -20.02
C HIS D 764 4.18 -23.57 -19.08
N PHE D 765 3.74 -24.80 -18.87
CA PHE D 765 2.58 -25.06 -18.04
C PHE D 765 2.93 -26.12 -17.01
N ILE D 766 2.89 -25.74 -15.73
CA ILE D 766 3.15 -26.67 -14.65
C ILE D 766 1.96 -26.73 -13.69
N LEU D 767 1.48 -27.94 -13.44
CA LEU D 767 0.39 -28.16 -12.49
C LEU D 767 0.79 -29.11 -11.39
N ASP D 768 0.51 -28.71 -10.15
CA ASP D 768 0.64 -29.59 -8.99
C ASP D 768 -0.58 -30.51 -8.94
N LYS D 769 -0.36 -31.80 -9.17
CA LYS D 769 -1.47 -32.76 -9.26
C LYS D 769 -2.09 -33.06 -7.89
N LEU D 770 -1.30 -32.91 -6.84
CA LEU D 770 -1.78 -33.11 -5.48
C LEU D 770 -2.77 -32.03 -5.08
N LEU D 771 -2.51 -30.80 -5.50
CA LEU D 771 -3.31 -29.64 -5.08
C LEU D 771 -4.34 -29.19 -6.10
N GLY D 772 -4.05 -29.42 -7.37
CA GLY D 772 -4.88 -28.89 -8.46
C GLY D 772 -4.49 -27.45 -8.74
N LYS D 773 -3.27 -27.13 -8.35
CA LYS D 773 -2.73 -25.78 -8.38
C LYS D 773 -1.91 -25.61 -9.65
N ILE D 774 -2.08 -24.47 -10.32
CA ILE D 774 -1.15 -24.08 -11.37
C ILE D 774 0.06 -23.43 -10.70
N GLU D 775 1.20 -24.14 -10.75
CA GLU D 775 2.45 -23.63 -10.19
C GLU D 775 2.93 -22.45 -10.98
N SER D 776 2.84 -22.56 -12.30
CA SER D 776 3.28 -21.54 -13.22
C SER D 776 2.67 -21.75 -14.59
N LEU D 777 2.17 -20.68 -15.18
CA LEU D 777 1.78 -20.67 -16.57
C LEU D 777 2.44 -19.46 -17.24
N LYS D 778 3.47 -19.72 -18.04
CA LYS D 778 4.18 -18.67 -18.74
C LYS D 778 4.03 -18.87 -20.26
N VAL D 779 3.34 -17.95 -20.91
CA VAL D 779 3.16 -17.99 -22.35
C VAL D 779 3.59 -16.66 -22.96
N LYS D 780 4.58 -16.73 -23.85
CA LYS D 780 5.12 -15.55 -24.55
C LYS D 780 5.49 -14.37 -23.62
N GLY D 781 6.27 -14.67 -22.59
CA GLY D 781 6.72 -13.65 -21.62
C GLY D 781 5.71 -13.22 -20.57
N LYS D 782 4.49 -13.76 -20.65
CA LYS D 782 3.43 -13.40 -19.72
C LYS D 782 3.12 -14.56 -18.77
N GLU D 783 3.24 -14.32 -17.47
CA GLU D 783 3.07 -15.38 -16.48
C GLU D 783 1.91 -15.15 -15.51
N ILE D 784 1.12 -16.20 -15.32
CA ILE D 784 0.18 -16.25 -14.20
C ILE D 784 0.37 -17.56 -13.45
N SER D 785 -0.20 -17.63 -12.24
CA SER D 785 -0.25 -18.84 -11.44
C SER D 785 -1.44 -18.73 -10.50
N SER D 786 -1.91 -19.85 -9.96
CA SER D 786 -3.08 -19.78 -9.08
C SER D 786 -2.74 -19.23 -7.70
N LYS D 787 -3.56 -18.27 -7.28
CA LYS D 787 -3.51 -17.77 -5.92
C LYS D 787 -4.27 -18.80 -5.09
N PHE D 788 -3.49 -19.66 -4.43
CA PHE D 788 -4.04 -20.88 -3.87
C PHE D 788 -4.01 -20.93 -2.35
N GLU D 789 -5.16 -21.14 -1.76
CA GLU D 789 -5.27 -21.44 -0.35
C GLU D 789 -6.44 -22.41 -0.19
N GLY D 790 -6.13 -23.70 -0.22
CA GLY D 790 -7.16 -24.73 -0.11
C GLY D 790 -7.83 -25.15 -1.40
N SER D 791 -8.11 -24.18 -2.28
CA SER D 791 -8.85 -24.44 -3.51
C SER D 791 -8.46 -23.53 -4.67
N SER D 792 -8.57 -24.05 -5.89
CA SER D 792 -8.31 -23.27 -7.10
C SER D 792 -9.56 -22.53 -7.56
N ILE D 793 -10.70 -22.95 -7.03
CA ILE D 793 -11.97 -22.24 -7.22
C ILE D 793 -12.47 -21.81 -5.84
N THR D 794 -12.73 -20.52 -5.69
CA THR D 794 -13.06 -19.97 -4.38
C THR D 794 -14.43 -19.32 -4.42
N PHE D 795 -14.97 -18.98 -3.26
CA PHE D 795 -16.38 -18.58 -3.13
C PHE D 795 -16.62 -17.38 -2.25
N TRP D 796 -15.63 -17.05 -1.42
CA TRP D 796 -15.76 -16.01 -0.41
C TRP D 796 -15.61 -14.59 -0.97
N ARG D 797 -16.21 -13.64 -0.25
CA ARG D 797 -15.93 -12.23 -0.45
C ARG D 797 -15.94 -11.55 0.90
N PRO D 798 -15.16 -10.47 1.08
CA PRO D 798 -15.26 -9.71 2.32
C PRO D 798 -16.67 -9.15 2.46
N PRO D 799 -17.39 -9.54 3.53
CA PRO D 799 -18.82 -9.22 3.64
C PRO D 799 -19.08 -7.72 3.55
N THR D 800 -20.08 -7.33 2.77
CA THR D 800 -20.54 -5.95 2.75
C THR D 800 -21.33 -5.68 4.03
N ASN D 801 -21.62 -4.40 4.28
CA ASN D 801 -22.48 -4.05 5.40
C ASN D 801 -23.83 -4.76 5.28
N ASN D 802 -24.34 -4.85 4.05
CA ASN D 802 -25.60 -5.55 3.77
C ASN D 802 -25.52 -7.05 3.98
N ASP D 803 -24.37 -7.65 3.68
CA ASP D 803 -24.14 -9.07 3.87
C ASP D 803 -24.21 -9.47 5.35
N GLU D 804 -23.76 -8.58 6.23
CA GLU D 804 -23.55 -8.86 7.66
C GLU D 804 -24.75 -9.49 8.41
N PRO D 805 -25.94 -8.87 8.34
CA PRO D 805 -27.03 -9.37 9.19
C PRO D 805 -27.55 -10.76 8.89
N ARG D 806 -27.39 -11.25 7.66
CA ARG D 806 -27.97 -12.56 7.33
C ARG D 806 -27.13 -13.44 6.39
N ASP D 807 -26.85 -12.93 5.19
CA ASP D 807 -26.10 -13.69 4.19
C ASP D 807 -24.73 -14.15 4.68
N PHE D 808 -23.99 -13.23 5.30
CA PHE D 808 -22.72 -13.55 5.95
C PHE D 808 -22.87 -14.62 7.03
N LYS D 809 -23.92 -14.53 7.83
CA LYS D 809 -24.16 -15.48 8.91
C LYS D 809 -24.33 -16.89 8.34
N ASN D 810 -25.05 -16.95 7.23
CA ASN D 810 -25.22 -18.21 6.50
C ASN D 810 -23.92 -18.71 5.88
N TRP D 811 -23.19 -17.82 5.21
CA TRP D 811 -21.96 -18.21 4.53
C TRP D 811 -20.89 -18.69 5.50
N LYS D 812 -20.82 -18.04 6.66
CA LYS D 812 -19.89 -18.45 7.71
C LYS D 812 -20.32 -19.78 8.31
N LYS D 813 -21.63 -19.92 8.56
CA LYS D 813 -22.21 -21.12 9.15
C LYS D 813 -21.91 -22.36 8.33
N TYR D 814 -21.92 -22.22 7.00
CA TYR D 814 -21.67 -23.31 6.08
C TYR D 814 -20.21 -23.40 5.65
N ASN D 815 -19.33 -22.68 6.35
CA ASN D 815 -17.88 -22.71 6.11
C ASN D 815 -17.43 -22.45 4.67
N ILE D 816 -18.18 -21.61 3.96
CA ILE D 816 -17.84 -21.26 2.58
C ILE D 816 -16.45 -20.64 2.46
N ASP D 817 -15.98 -20.03 3.54
CA ASP D 817 -14.63 -19.45 3.55
C ASP D 817 -13.56 -20.53 3.69
N LEU D 818 -13.99 -21.75 3.98
CA LEU D 818 -13.05 -22.85 4.20
C LEU D 818 -13.25 -23.98 3.19
N MET D 819 -13.74 -23.61 2.03
CA MET D 819 -13.90 -24.54 0.91
C MET D 819 -12.56 -25.15 0.49
N LYS D 820 -12.52 -26.47 0.38
CA LYS D 820 -11.27 -27.18 0.05
C LYS D 820 -11.40 -27.97 -1.24
N GLN D 821 -10.32 -28.02 -2.02
CA GLN D 821 -10.27 -28.85 -3.20
C GLN D 821 -9.47 -30.09 -2.89
N ASN D 822 -10.14 -31.24 -3.01
CA ASN D 822 -9.52 -32.54 -2.81
C ASN D 822 -9.43 -33.31 -4.11
N ILE D 823 -8.22 -33.47 -4.62
CA ILE D 823 -8.01 -34.04 -5.95
C ILE D 823 -8.24 -35.55 -5.90
N HIS D 824 -8.98 -36.06 -6.87
CA HIS D 824 -9.22 -37.49 -6.95
C HIS D 824 -8.43 -38.17 -8.05
N GLY D 825 -8.38 -37.55 -9.22
CA GLY D 825 -7.63 -38.09 -10.35
C GLY D 825 -7.20 -37.02 -11.32
N VAL D 826 -6.01 -37.19 -11.89
CA VAL D 826 -5.53 -36.30 -12.94
C VAL D 826 -5.16 -37.12 -14.17
N SER D 827 -5.64 -36.65 -15.31
CA SER D 827 -5.51 -37.34 -16.57
C SER D 827 -4.66 -36.47 -17.51
N VAL D 828 -3.62 -37.06 -18.08
CA VAL D 828 -2.74 -36.33 -18.98
C VAL D 828 -2.66 -37.03 -20.34
N GLU D 829 -3.11 -36.36 -21.40
CA GLU D 829 -3.04 -36.91 -22.73
C GLU D 829 -2.45 -35.93 -23.74
N LYS D 830 -1.84 -36.49 -24.79
CA LYS D 830 -1.29 -35.70 -25.90
C LYS D 830 -2.37 -34.93 -26.64
N GLY D 831 -1.98 -33.85 -27.29
CA GLY D 831 -2.91 -32.96 -27.97
C GLY D 831 -3.59 -33.61 -29.13
N SER D 832 -4.84 -33.23 -29.36
CA SER D 832 -5.57 -33.67 -30.54
C SER D 832 -5.66 -32.50 -31.53
N ASN D 833 -6.88 -32.05 -31.86
CA ASN D 833 -7.14 -31.09 -32.94
C ASN D 833 -6.41 -29.74 -32.91
N GLY D 834 -5.10 -29.74 -33.11
CA GLY D 834 -4.29 -28.53 -33.01
C GLY D 834 -3.79 -28.28 -31.60
N SER D 835 -4.28 -29.09 -30.68
CA SER D 835 -3.98 -29.02 -29.26
C SER D 835 -2.57 -29.52 -28.99
N LEU D 836 -1.90 -28.95 -27.98
CA LEU D 836 -0.59 -29.45 -27.55
C LEU D 836 -0.73 -30.57 -26.54
N ALA D 837 -1.67 -30.42 -25.61
CA ALA D 837 -1.92 -31.40 -24.55
C ALA D 837 -3.28 -31.14 -23.93
N VAL D 838 -3.85 -32.18 -23.32
CA VAL D 838 -5.07 -32.02 -22.53
C VAL D 838 -4.83 -32.58 -21.13
N VAL D 839 -4.95 -31.72 -20.13
CA VAL D 839 -4.84 -32.13 -18.73
C VAL D 839 -6.19 -31.99 -18.07
N THR D 840 -6.74 -33.11 -17.61
CA THR D 840 -8.05 -33.11 -16.96
C THR D 840 -7.93 -33.45 -15.47
N VAL D 841 -8.51 -32.59 -14.63
CA VAL D 841 -8.42 -32.74 -13.18
C VAL D 841 -9.80 -33.03 -12.59
N ASN D 842 -9.92 -34.18 -11.92
CA ASN D 842 -11.15 -34.56 -11.22
C ASN D 842 -10.97 -34.38 -9.71
N SER D 843 -11.89 -33.66 -9.08
CA SER D 843 -11.79 -33.37 -7.66
C SER D 843 -13.15 -33.11 -7.00
N ARG D 844 -13.15 -33.09 -5.67
CA ARG D 844 -14.31 -32.63 -4.91
C ARG D 844 -13.97 -31.33 -4.19
N ILE D 845 -14.79 -30.31 -4.43
CA ILE D 845 -14.58 -29.02 -3.78
C ILE D 845 -15.67 -28.87 -2.73
N SER D 846 -15.24 -28.97 -1.47
CA SER D 846 -16.13 -29.07 -0.32
C SER D 846 -15.44 -28.52 0.92
N PRO D 847 -16.19 -27.84 1.81
CA PRO D 847 -15.54 -27.28 2.98
C PRO D 847 -15.38 -28.30 4.10
N VAL D 848 -14.39 -28.11 4.97
CA VAL D 848 -14.24 -28.93 6.17
C VAL D 848 -15.55 -28.88 6.97
N VAL D 849 -15.82 -29.95 7.72
CA VAL D 849 -17.01 -30.10 8.56
C VAL D 849 -18.22 -30.66 7.79
N PHE D 850 -18.25 -30.46 6.48
CA PHE D 850 -19.50 -30.63 5.72
C PHE D 850 -19.55 -31.73 4.66
N TYR D 851 -20.77 -32.16 4.34
CA TYR D 851 -21.02 -33.13 3.26
C TYR D 851 -21.08 -32.45 1.89
N TYR D 852 -21.80 -31.33 1.81
CA TYR D 852 -22.06 -30.66 0.54
C TYR D 852 -20.78 -30.20 -0.14
N GLY D 853 -20.81 -30.15 -1.46
CA GLY D 853 -19.64 -29.78 -2.24
C GLY D 853 -19.88 -30.04 -3.71
N PHE D 854 -18.85 -29.83 -4.53
CA PHE D 854 -18.99 -29.95 -5.98
C PHE D 854 -18.09 -31.04 -6.54
N GLU D 855 -18.71 -32.02 -7.23
CA GLU D 855 -17.95 -32.94 -8.04
C GLU D 855 -17.46 -32.15 -9.24
N THR D 856 -16.16 -31.90 -9.28
CA THR D 856 -15.58 -30.93 -10.21
C THR D 856 -14.69 -31.58 -11.25
N VAL D 857 -14.80 -31.08 -12.48
CA VAL D 857 -13.95 -31.47 -13.58
C VAL D 857 -13.38 -30.19 -14.18
N GLN D 858 -12.07 -30.09 -14.20
CA GLN D 858 -11.39 -28.95 -14.81
C GLN D 858 -10.57 -29.51 -15.97
N LYS D 859 -10.99 -29.17 -17.19
CA LYS D 859 -10.27 -29.60 -18.38
C LYS D 859 -9.42 -28.47 -18.96
N TYR D 860 -8.10 -28.65 -18.93
CA TYR D 860 -7.16 -27.69 -19.48
C TYR D 860 -6.74 -28.15 -20.87
N THR D 861 -7.28 -27.50 -21.90
CA THR D 861 -6.83 -27.75 -23.26
C THR D 861 -5.80 -26.70 -23.64
N ILE D 862 -4.56 -27.17 -23.82
CA ILE D 862 -3.40 -26.30 -23.99
C ILE D 862 -3.03 -26.16 -25.47
N PHE D 863 -3.07 -24.92 -25.95
CA PHE D 863 -2.56 -24.56 -27.27
C PHE D 863 -1.31 -23.69 -27.10
N ALA D 864 -0.58 -23.46 -28.18
CA ALA D 864 0.67 -22.70 -28.14
C ALA D 864 0.52 -21.27 -27.62
N ASN D 865 -0.60 -20.64 -27.97
CA ASN D 865 -0.85 -19.25 -27.59
C ASN D 865 -2.16 -19.04 -26.82
N LYS D 866 -2.78 -20.14 -26.40
CA LYS D 866 -4.05 -20.08 -25.70
C LYS D 866 -4.25 -21.27 -24.78
N ILE D 867 -4.97 -21.02 -23.69
CA ILE D 867 -5.39 -22.09 -22.78
C ILE D 867 -6.89 -22.04 -22.55
N ASN D 868 -7.56 -23.09 -22.98
CA ASN D 868 -8.99 -23.23 -22.80
C ASN D 868 -9.22 -23.96 -21.48
N LEU D 869 -10.00 -23.35 -20.60
CA LEU D 869 -10.32 -23.92 -19.31
C LEU D 869 -11.81 -24.17 -19.19
N ASN D 870 -12.18 -25.44 -19.25
CA ASN D 870 -13.58 -25.85 -19.06
C ASN D 870 -13.84 -26.32 -17.63
N THR D 871 -14.80 -25.68 -16.98
CA THR D 871 -15.12 -26.01 -15.60
C THR D 871 -16.53 -26.55 -15.48
N SER D 872 -16.63 -27.70 -14.82
CA SER D 872 -17.89 -28.39 -14.61
C SER D 872 -18.01 -28.68 -13.11
N MET D 873 -19.04 -28.11 -12.47
CA MET D 873 -19.19 -28.18 -11.02
C MET D 873 -20.57 -28.68 -10.60
N LYS D 874 -20.60 -29.92 -10.12
CA LYS D 874 -21.85 -30.59 -9.83
C LYS D 874 -22.13 -30.58 -8.32
N LEU D 875 -23.19 -29.87 -7.92
CA LEU D 875 -23.53 -29.71 -6.51
C LEU D 875 -24.15 -30.97 -5.90
N THR D 876 -23.48 -31.48 -4.88
CA THR D 876 -23.80 -32.79 -4.34
C THR D 876 -23.80 -32.73 -2.84
N GLY D 877 -24.66 -33.55 -2.23
CA GLY D 877 -24.61 -33.74 -0.79
C GLY D 877 -25.73 -33.06 -0.03
N GLU D 878 -25.93 -33.52 1.20
CA GLU D 878 -26.95 -32.99 2.08
C GLU D 878 -26.50 -31.78 2.87
N TYR D 879 -27.48 -30.99 3.30
CA TYR D 879 -27.28 -29.79 4.12
C TYR D 879 -26.46 -28.73 3.42
N GLN D 880 -27.05 -28.16 2.39
CA GLN D 880 -26.42 -27.18 1.54
C GLN D 880 -26.77 -25.77 1.96
N PRO D 881 -25.92 -24.79 1.62
CA PRO D 881 -26.22 -23.39 1.79
C PRO D 881 -27.28 -22.94 0.80
N PRO D 882 -27.94 -21.79 1.06
CA PRO D 882 -28.91 -21.30 0.07
C PRO D 882 -28.25 -20.65 -1.14
N ASP D 883 -27.11 -20.01 -0.92
CA ASP D 883 -26.45 -19.18 -1.90
C ASP D 883 -24.97 -19.07 -1.59
N PHE D 884 -24.20 -18.54 -2.54
CA PHE D 884 -22.77 -18.27 -2.37
C PHE D 884 -22.49 -16.78 -2.61
N PRO D 885 -21.39 -16.27 -2.03
CA PRO D 885 -21.02 -14.88 -2.32
C PRO D 885 -20.55 -14.68 -3.77
N ARG D 886 -20.07 -15.74 -4.40
CA ARG D 886 -19.13 -15.59 -5.51
C ARG D 886 -18.70 -16.99 -5.94
N VAL D 887 -18.22 -17.14 -7.17
CA VAL D 887 -17.60 -18.38 -7.61
C VAL D 887 -16.63 -18.11 -8.76
N GLY D 888 -15.39 -18.51 -8.59
CA GLY D 888 -14.41 -18.34 -9.65
C GLY D 888 -12.98 -18.61 -9.25
N TYR D 889 -12.06 -18.28 -10.16
CA TYR D 889 -10.64 -18.52 -9.96
C TYR D 889 -9.93 -17.31 -9.36
N GLU D 890 -8.81 -17.56 -8.71
CA GLU D 890 -7.91 -16.51 -8.26
C GLU D 890 -6.51 -16.79 -8.81
N PHE D 891 -5.96 -15.81 -9.53
CA PHE D 891 -4.65 -15.93 -10.15
C PHE D 891 -3.68 -14.85 -9.70
N TRP D 892 -2.46 -15.24 -9.36
CA TRP D 892 -1.37 -14.27 -9.20
C TRP D 892 -0.91 -13.80 -10.57
N LEU D 893 -0.73 -12.49 -10.72
CA LEU D 893 -0.21 -11.93 -11.96
C LEU D 893 1.31 -11.80 -11.86
N GLY D 894 2.00 -12.04 -12.97
CA GLY D 894 3.46 -11.95 -13.02
C GLY D 894 4.00 -10.58 -12.66
N ASP D 895 5.31 -10.52 -12.38
CA ASP D 895 5.98 -9.26 -12.04
C ASP D 895 5.82 -8.21 -13.14
N SER D 896 5.75 -8.68 -14.40
CA SER D 896 5.54 -7.84 -15.58
C SER D 896 4.27 -7.00 -15.58
N TYR D 897 3.26 -7.43 -14.82
CA TYR D 897 1.95 -6.81 -14.85
C TYR D 897 2.01 -5.32 -14.61
N GLU D 898 1.38 -4.53 -15.47
CA GLU D 898 1.30 -3.10 -15.24
C GLU D 898 -0.11 -2.51 -15.18
N SER D 899 -0.98 -2.93 -16.08
CA SER D 899 -2.34 -2.39 -16.13
C SER D 899 -3.34 -3.34 -16.81
N PHE D 900 -4.60 -2.91 -16.86
CA PHE D 900 -5.62 -3.68 -17.56
C PHE D 900 -6.63 -2.81 -18.30
N GLU D 901 -7.40 -3.46 -19.17
CA GLU D 901 -8.39 -2.81 -20.00
C GLU D 901 -9.50 -3.82 -20.23
N TRP D 902 -10.74 -3.36 -20.27
CA TRP D 902 -11.85 -4.28 -20.46
C TRP D 902 -12.99 -3.72 -21.33
N LEU D 903 -13.71 -4.62 -21.99
CA LEU D 903 -14.95 -4.27 -22.62
C LEU D 903 -16.06 -4.79 -21.73
N GLY D 904 -16.92 -3.87 -21.29
CA GLY D 904 -17.99 -4.20 -20.36
C GLY D 904 -18.50 -2.95 -19.68
N ARG D 905 -18.94 -3.09 -18.44
CA ARG D 905 -19.49 -1.99 -17.67
C ARG D 905 -18.39 -1.20 -16.97
N GLY D 906 -18.54 0.12 -16.95
CA GLY D 906 -17.55 1.01 -16.35
C GLY D 906 -18.02 2.46 -16.35
N PRO D 907 -17.15 3.38 -15.90
CA PRO D 907 -15.76 3.12 -15.48
C PRO D 907 -15.60 2.46 -14.09
N GLY D 908 -16.62 2.61 -13.23
CA GLY D 908 -16.54 2.12 -11.86
C GLY D 908 -16.93 0.68 -11.69
N GLU D 909 -17.08 0.25 -10.43
CA GLU D 909 -17.50 -1.12 -10.10
C GLU D 909 -18.96 -1.37 -10.47
N SER D 910 -19.36 -2.64 -10.56
CA SER D 910 -20.75 -2.99 -10.82
C SER D 910 -21.10 -4.37 -10.28
N TYR D 911 -22.34 -4.49 -9.81
CA TYR D 911 -22.87 -5.71 -9.19
C TYR D 911 -24.26 -6.01 -9.75
N PRO D 912 -24.68 -7.30 -9.73
CA PRO D 912 -25.96 -7.69 -10.34
C PRO D 912 -27.11 -6.71 -10.15
N ASP D 913 -27.33 -6.23 -8.92
CA ASP D 913 -28.41 -5.29 -8.63
C ASP D 913 -27.92 -3.85 -8.43
N LYS D 914 -26.74 -3.56 -8.96
CA LYS D 914 -26.14 -2.22 -8.85
C LYS D 914 -25.15 -2.07 -9.99
N LYS D 915 -25.66 -1.91 -11.22
CA LYS D 915 -24.82 -1.95 -12.42
C LYS D 915 -25.21 -1.00 -13.55
N GLU D 916 -26.45 -0.54 -13.55
CA GLU D 916 -26.99 0.10 -14.76
C GLU D 916 -26.43 1.49 -15.03
N SER D 917 -25.93 2.15 -13.99
CA SER D 917 -25.29 3.46 -14.16
C SER D 917 -23.95 3.32 -14.88
N GLN D 918 -23.39 2.11 -14.83
CA GLN D 918 -22.12 1.82 -15.47
C GLN D 918 -22.36 1.30 -16.87
N ARG D 919 -22.36 2.24 -17.82
CA ARG D 919 -22.64 1.96 -19.23
C ARG D 919 -21.55 1.09 -19.84
N PHE D 920 -21.87 0.48 -20.98
CA PHE D 920 -20.90 -0.32 -21.74
C PHE D 920 -19.94 0.54 -22.51
N GLY D 921 -18.71 0.06 -22.64
CA GLY D 921 -17.66 0.77 -23.35
C GLY D 921 -16.34 0.07 -23.13
N LEU D 922 -15.28 0.61 -23.73
CA LEU D 922 -13.96 0.08 -23.52
C LEU D 922 -13.29 0.94 -22.44
N TYR D 923 -12.84 0.30 -21.37
CA TYR D 923 -12.29 1.02 -20.22
C TYR D 923 -10.84 0.65 -19.94
N ASP D 924 -10.07 1.63 -19.49
CA ASP D 924 -8.67 1.45 -19.15
C ASP D 924 -8.50 1.74 -17.65
N SER D 925 -7.87 0.81 -16.94
CA SER D 925 -7.65 0.95 -15.50
C SER D 925 -6.94 2.26 -15.13
N LYS D 926 -6.11 2.76 -16.04
CA LYS D 926 -5.38 4.00 -15.84
C LYS D 926 -6.26 5.26 -15.76
N ASP D 927 -7.47 5.18 -16.30
CA ASP D 927 -8.37 6.34 -16.33
C ASP D 927 -9.30 6.38 -15.13
N VAL D 928 -9.20 5.38 -14.24
CA VAL D 928 -10.18 5.21 -13.18
C VAL D 928 -9.54 5.31 -11.80
N GLU D 929 -10.07 6.19 -10.96
CA GLU D 929 -9.74 6.20 -9.54
C GLU D 929 -10.68 5.21 -8.85
N GLU D 930 -10.14 4.05 -8.46
CA GLU D 930 -10.97 3.02 -7.84
C GLU D 930 -11.43 3.44 -6.45
N PHE D 931 -12.68 3.16 -6.17
CA PHE D 931 -13.32 3.68 -4.97
C PHE D 931 -12.84 3.03 -3.67
N VAL D 932 -12.49 3.86 -2.69
CA VAL D 932 -12.08 3.42 -1.37
C VAL D 932 -13.25 3.61 -0.40
N TYR D 933 -13.75 2.50 0.14
CA TYR D 933 -14.83 2.54 1.12
C TYR D 933 -14.31 2.97 2.50
N ASP D 934 -15.08 3.80 3.19
CA ASP D 934 -14.75 4.21 4.55
C ASP D 934 -14.70 2.99 5.49
N TYR D 935 -15.56 2.01 5.25
CA TYR D 935 -15.50 0.73 5.94
C TYR D 935 -15.15 -0.37 4.94
N PRO D 936 -13.96 -0.99 5.08
CA PRO D 936 -13.48 -1.93 4.08
C PRO D 936 -14.44 -3.10 3.89
N GLN D 937 -14.74 -3.40 2.63
CA GLN D 937 -15.66 -4.48 2.25
C GLN D 937 -15.55 -4.81 0.77
N GLU D 938 -16.29 -5.82 0.33
CA GLU D 938 -16.35 -6.20 -1.08
C GLU D 938 -16.42 -4.96 -1.98
N ASN D 939 -15.52 -4.89 -2.95
CA ASN D 939 -15.42 -3.74 -3.83
C ASN D 939 -14.70 -4.12 -5.11
N GLY D 940 -14.85 -3.28 -6.13
CA GLY D 940 -14.02 -3.37 -7.34
C GLY D 940 -14.39 -4.42 -8.36
N ASN D 941 -15.55 -5.06 -8.18
CA ASN D 941 -16.01 -6.02 -9.18
C ASN D 941 -16.52 -5.32 -10.42
N HIS D 942 -16.36 -5.97 -11.56
CA HIS D 942 -16.92 -5.46 -12.82
C HIS D 942 -17.79 -6.54 -13.41
N THR D 943 -19.09 -6.28 -13.49
CA THR D 943 -20.04 -7.28 -13.96
C THR D 943 -20.35 -7.07 -15.43
N ASP D 944 -20.91 -8.10 -16.07
CA ASP D 944 -21.22 -8.06 -17.50
C ASP D 944 -19.97 -7.73 -18.36
N THR D 945 -18.86 -8.36 -18.01
CA THR D 945 -17.62 -8.15 -18.72
C THR D 945 -17.55 -9.04 -19.96
N HIS D 946 -17.41 -8.41 -21.11
CA HIS D 946 -17.29 -9.10 -22.40
C HIS D 946 -15.92 -9.73 -22.59
N PHE D 947 -14.87 -8.92 -22.44
CA PHE D 947 -13.49 -9.43 -22.41
C PHE D 947 -12.60 -8.55 -21.57
N LEU D 948 -11.49 -9.14 -21.11
CA LEU D 948 -10.54 -8.45 -20.25
C LEU D 948 -9.12 -8.63 -20.81
N ASN D 949 -8.44 -7.51 -21.04
CA ASN D 949 -7.04 -7.52 -21.46
C ASN D 949 -6.13 -7.13 -20.31
N ILE D 950 -5.19 -7.99 -19.97
CA ILE D 950 -4.21 -7.70 -18.94
C ILE D 950 -2.87 -7.40 -19.59
N LYS D 951 -2.36 -6.19 -19.38
CA LYS D 951 -1.13 -5.76 -20.03
C LYS D 951 0.09 -6.06 -19.18
N PHE D 952 1.05 -6.77 -19.78
CA PHE D 952 2.34 -7.04 -19.16
C PHE D 952 3.41 -6.23 -19.87
N GLU D 953 4.26 -5.58 -19.10
CA GLU D 953 5.34 -4.77 -19.64
C GLU D 953 6.21 -5.60 -20.56
N GLY D 954 6.48 -5.07 -21.74
CA GLY D 954 7.39 -5.69 -22.70
C GLY D 954 6.92 -6.99 -23.31
N ALA D 955 5.66 -7.37 -23.08
CA ALA D 955 5.16 -8.64 -23.59
C ALA D 955 3.72 -8.62 -24.11
N GLY D 956 3.15 -7.43 -24.26
CA GLY D 956 1.78 -7.30 -24.77
C GLY D 956 0.71 -7.68 -23.76
N LYS D 957 -0.36 -8.28 -24.25
CA LYS D 957 -1.56 -8.51 -23.44
C LYS D 957 -1.94 -9.98 -23.32
N LEU D 958 -2.64 -10.29 -22.25
CA LEU D 958 -3.36 -11.55 -22.11
C LEU D 958 -4.84 -11.24 -22.16
N SER D 959 -5.52 -11.79 -23.15
CA SER D 959 -6.97 -11.59 -23.32
C SER D 959 -7.76 -12.73 -22.67
N ILE D 960 -8.80 -12.37 -21.94
CA ILE D 960 -9.59 -13.34 -21.22
C ILE D 960 -11.07 -13.10 -21.52
N PHE D 961 -11.75 -14.18 -21.92
CA PHE D 961 -13.18 -14.13 -22.20
C PHE D 961 -13.87 -15.43 -21.85
N GLN D 962 -15.10 -15.30 -21.35
CA GLN D 962 -15.93 -16.44 -21.02
C GLN D 962 -16.85 -16.75 -22.18
N LYS D 963 -17.06 -18.03 -22.44
CA LYS D 963 -17.86 -18.44 -23.56
C LYS D 963 -19.35 -18.25 -23.30
N GLU D 964 -20.01 -17.63 -24.28
CA GLU D 964 -21.46 -17.44 -24.35
C GLU D 964 -22.13 -16.54 -23.31
N LYS D 965 -21.41 -16.13 -22.28
CA LYS D 965 -21.94 -15.23 -21.25
C LYS D 965 -20.89 -14.24 -20.80
N PRO D 966 -21.30 -13.01 -20.48
CA PRO D 966 -20.36 -12.07 -19.86
C PRO D 966 -20.00 -12.54 -18.44
N PHE D 967 -18.83 -12.15 -17.96
CA PHE D 967 -18.33 -12.62 -16.67
C PHE D 967 -18.06 -11.48 -15.70
N ASN D 968 -17.54 -11.83 -14.52
CA ASN D 968 -17.18 -10.87 -13.48
C ASN D 968 -15.68 -10.91 -13.21
N PHE D 969 -15.08 -9.75 -12.92
CA PHE D 969 -13.67 -9.72 -12.54
C PHE D 969 -13.29 -8.61 -11.57
N LYS D 970 -12.21 -8.84 -10.83
CA LYS D 970 -11.60 -7.84 -9.95
C LYS D 970 -10.08 -7.99 -10.04
N ILE D 971 -9.38 -6.88 -10.23
CA ILE D 971 -7.92 -6.90 -10.18
C ILE D 971 -7.43 -5.97 -9.08
N SER D 972 -6.75 -6.56 -8.10
CA SER D 972 -6.30 -5.80 -6.94
C SER D 972 -5.08 -6.39 -6.26
N ASP D 973 -4.84 -5.84 -5.09
CA ASP D 973 -3.56 -5.76 -4.44
C ASP D 973 -3.80 -6.25 -3.01
N GLU D 974 -5.06 -6.25 -2.63
CA GLU D 974 -5.48 -6.11 -1.25
C GLU D 974 -5.88 -7.43 -0.58
N TYR D 975 -5.70 -7.50 0.73
CA TYR D 975 -6.25 -8.56 1.55
C TYR D 975 -6.39 -8.06 2.98
N GLY D 976 -6.92 -8.92 3.85
CA GLY D 976 -7.24 -8.55 5.22
C GLY D 976 -8.40 -7.60 5.26
N VAL D 977 -9.25 -7.67 4.23
CA VAL D 977 -10.35 -6.72 4.07
C VAL D 977 -11.48 -7.00 5.06
N ASP D 978 -11.74 -8.28 5.32
CA ASP D 978 -12.78 -8.68 6.28
C ASP D 978 -12.60 -8.01 7.64
N GLU D 979 -11.35 -7.96 8.11
CA GLU D 979 -11.09 -7.57 9.48
C GLU D 979 -10.47 -6.17 9.65
N ALA D 980 -10.20 -5.50 8.53
CA ALA D 980 -9.72 -4.12 8.55
C ALA D 980 -10.84 -3.20 8.96
N ALA D 981 -10.65 -2.44 10.03
CA ALA D 981 -11.68 -1.54 10.53
C ALA D 981 -11.82 -0.28 9.68
N HIS D 982 -10.71 0.17 9.10
CA HIS D 982 -10.69 1.39 8.30
C HIS D 982 -9.80 1.20 7.07
N ALA D 983 -9.91 2.11 6.09
CA ALA D 983 -9.16 1.98 4.84
C ALA D 983 -7.65 1.75 5.06
N CYS D 984 -7.11 2.38 6.09
CA CYS D 984 -5.67 2.30 6.36
C CYS D 984 -5.26 0.98 6.98
N ASP D 985 -6.25 0.15 7.34
CA ASP D 985 -6.00 -1.14 7.96
C ASP D 985 -5.91 -2.26 6.92
N VAL D 986 -6.17 -1.92 5.66
CA VAL D 986 -6.16 -2.87 4.56
C VAL D 986 -4.73 -3.23 4.22
N LYS D 987 -4.46 -4.54 4.18
CA LYS D 987 -3.13 -5.06 3.83
C LYS D 987 -2.93 -5.18 2.33
N ARG D 988 -1.66 -5.17 1.91
CA ARG D 988 -1.35 -5.25 0.48
C ARG D 988 -0.21 -6.20 0.15
N TYR D 989 -0.47 -7.12 -0.77
CA TYR D 989 0.55 -8.04 -1.29
C TYR D 989 1.62 -7.33 -2.14
N GLY D 990 2.72 -8.01 -2.38
CA GLY D 990 3.78 -7.48 -3.23
C GLY D 990 3.53 -7.68 -4.72
N ARG D 991 2.35 -8.19 -5.06
CA ARG D 991 1.93 -8.43 -6.43
C ARG D 991 0.42 -8.42 -6.53
N HIS D 992 -0.11 -8.22 -7.73
CA HIS D 992 -1.54 -8.15 -7.97
C HIS D 992 -2.12 -9.52 -8.24
N TYR D 993 -3.41 -9.66 -8.04
CA TYR D 993 -4.10 -10.89 -8.42
C TYR D 993 -5.29 -10.58 -9.31
N LEU D 994 -5.73 -11.59 -10.06
CA LEU D 994 -6.98 -11.53 -10.77
C LEU D 994 -7.99 -12.45 -10.10
N ARG D 995 -9.11 -11.87 -9.72
CA ARG D 995 -10.26 -12.65 -9.28
C ARG D 995 -11.19 -12.79 -10.48
N LEU D 996 -11.22 -13.97 -11.07
CA LEU D 996 -11.97 -14.23 -12.31
C LEU D 996 -13.21 -15.04 -12.02
N ASP D 997 -14.37 -14.41 -12.10
CA ASP D 997 -15.61 -15.02 -11.59
C ASP D 997 -16.69 -15.35 -12.61
N HIS D 998 -17.25 -16.53 -12.50
CA HIS D 998 -18.40 -16.92 -13.30
C HIS D 998 -19.62 -16.14 -12.85
N ALA D 999 -19.79 -16.01 -11.55
CA ALA D 999 -20.98 -15.35 -11.01
C ALA D 999 -20.70 -14.71 -9.66
N ILE D 1000 -21.56 -13.78 -9.25
CA ILE D 1000 -21.43 -13.08 -7.98
C ILE D 1000 -22.82 -12.77 -7.39
N HIS D 1001 -22.91 -12.86 -6.07
CA HIS D 1001 -24.15 -12.55 -5.37
C HIS D 1001 -24.44 -11.06 -5.50
N GLY D 1002 -25.72 -10.71 -5.53
CA GLY D 1002 -26.14 -9.30 -5.52
C GLY D 1002 -25.80 -8.61 -4.23
N VAL D 1003 -26.21 -7.36 -4.09
CA VAL D 1003 -25.78 -6.50 -3.00
C VAL D 1003 -26.91 -6.09 -2.04
N GLY D 1004 -28.09 -5.81 -2.59
CA GLY D 1004 -29.30 -5.54 -1.82
C GLY D 1004 -29.21 -4.32 -0.91
N SER D 1005 -30.00 -4.34 0.16
CA SER D 1005 -29.96 -3.29 1.19
C SER D 1005 -30.35 -3.85 2.56
N GLU D 1006 -29.91 -5.07 2.85
CA GLU D 1006 -30.39 -5.80 4.03
C GLU D 1006 -29.90 -5.28 5.38
N ALA D 1007 -28.86 -4.46 5.38
CA ALA D 1007 -28.40 -3.85 6.63
C ALA D 1007 -29.56 -3.09 7.29
N CYS D 1008 -30.46 -2.56 6.46
CA CYS D 1008 -31.72 -1.95 6.91
C CYS D 1008 -32.66 -1.83 5.71
N GLY D 1009 -33.39 -2.91 5.45
CA GLY D 1009 -34.26 -2.99 4.28
C GLY D 1009 -34.30 -4.40 3.72
N PRO D 1010 -34.84 -4.54 2.49
CA PRO D 1010 -35.02 -5.88 1.92
C PRO D 1010 -33.72 -6.60 1.56
N ALA D 1011 -33.75 -7.92 1.72
CA ALA D 1011 -32.71 -8.82 1.25
C ALA D 1011 -32.49 -8.67 -0.27
N VAL D 1012 -31.31 -9.02 -0.75
CA VAL D 1012 -31.05 -9.12 -2.18
C VAL D 1012 -32.22 -9.84 -2.83
N LEU D 1013 -32.80 -9.23 -3.86
CA LEU D 1013 -33.94 -9.83 -4.57
C LEU D 1013 -33.57 -11.11 -5.27
N ASP D 1014 -34.56 -11.98 -5.39
CA ASP D 1014 -34.40 -13.34 -5.89
C ASP D 1014 -33.58 -13.47 -7.16
N GLN D 1015 -33.89 -12.65 -8.16
CA GLN D 1015 -33.22 -12.72 -9.46
C GLN D 1015 -31.77 -12.28 -9.42
N TYR D 1016 -31.33 -11.74 -8.29
CA TYR D 1016 -29.95 -11.30 -8.15
C TYR D 1016 -29.15 -12.14 -7.16
N ARG D 1017 -29.80 -13.12 -6.53
CA ARG D 1017 -29.13 -14.00 -5.57
C ARG D 1017 -28.35 -15.08 -6.30
N LEU D 1018 -27.13 -15.37 -5.84
CA LEU D 1018 -26.36 -16.44 -6.43
C LEU D 1018 -26.76 -17.77 -5.79
N LYS D 1019 -27.89 -18.30 -6.23
CA LYS D 1019 -28.44 -19.53 -5.66
C LYS D 1019 -27.54 -20.74 -5.83
N ALA D 1020 -27.54 -21.61 -4.82
CA ALA D 1020 -26.80 -22.86 -4.87
C ALA D 1020 -27.34 -23.73 -6.02
N GLN D 1021 -26.43 -24.15 -6.91
CA GLN D 1021 -26.78 -24.85 -8.15
C GLN D 1021 -25.50 -25.38 -8.80
N ASP D 1022 -25.63 -26.18 -9.85
CA ASP D 1022 -24.47 -26.60 -10.64
C ASP D 1022 -23.85 -25.40 -11.35
N PHE D 1023 -22.54 -25.41 -11.50
CA PHE D 1023 -21.89 -24.40 -12.30
C PHE D 1023 -21.14 -25.02 -13.47
N ASN D 1024 -21.36 -24.48 -14.66
CA ASN D 1024 -20.64 -24.89 -15.86
C ASN D 1024 -20.26 -23.65 -16.64
N PHE D 1025 -18.96 -23.49 -16.89
CA PHE D 1025 -18.48 -22.32 -17.59
C PHE D 1025 -17.10 -22.57 -18.20
N GLU D 1026 -16.85 -21.91 -19.34
CA GLU D 1026 -15.63 -22.09 -20.11
C GLU D 1026 -14.91 -20.76 -20.30
N PHE D 1027 -13.62 -20.74 -19.98
CA PHE D 1027 -12.79 -19.54 -20.17
C PHE D 1027 -11.67 -19.78 -21.16
N ASP D 1028 -11.29 -18.73 -21.87
CA ASP D 1028 -10.10 -18.78 -22.71
C ASP D 1028 -9.06 -17.81 -22.18
N LEU D 1029 -7.83 -18.29 -22.06
CA LEU D 1029 -6.71 -17.43 -21.72
C LEU D 1029 -5.85 -17.28 -22.97
N ALA D 1030 -6.12 -16.22 -23.73
CA ALA D 1030 -5.50 -15.97 -25.02
C ALA D 1030 -4.28 -15.05 -24.86
N PHE D 1031 -3.11 -15.54 -25.27
CA PHE D 1031 -1.87 -14.78 -25.13
C PHE D 1031 -1.41 -14.21 -26.48
N GLU D 1032 -1.21 -12.89 -26.49
CA GLU D 1032 -0.84 -12.16 -27.70
C GLU D 1032 0.46 -12.69 -28.31
#